data_3S2I
#
_entry.id   3S2I
#
_cell.length_a   68.277
_cell.length_b   93.043
_cell.length_c   117.749
_cell.angle_alpha   106.330
_cell.angle_beta   90.070
_cell.angle_gamma   90.000
#
_symmetry.space_group_name_H-M   'P 1'
#
loop_
_entity.id
_entity.type
_entity.pdbx_description
1 polymer 'Zinc-containing alcohol dehydrogenase superfamily'
2 non-polymer 'ZINC ION'
3 non-polymer FURFURAL
4 non-polymer 'SULFATE ION'
5 non-polymer NICOTINAMIDE-ADENINE-DINUCLEOTIDE
6 water water
#
_entity_poly.entity_id   1
_entity_poly.type   'polypeptide(L)'
_entity_poly.pdbx_seq_one_letter_code
;AMMKAAVVRAFGAPLTIDEVPVPQPGPGQVQVKIEASGVCHTDLHAADGDWPVKPTLPFIPGHEGVGYVSAVGSGVSRVK
EGDRVGVPWLYSACGYCEHCLQGWETLCEKQQNTGYSVNGGYGEYVVADPNYVGLLPDKVGFVEIAPILCAGVTVYKGLK
VTDTRPGQWVVISGIGGLGHVAVQYARAMGLRVAAVDIDDAKLNLARRLGAEVAVNARDTDPAAWLQKEIGGAHGVLVTA
VSPKAFSQAIGMVRRGGTIALNGLPPGDFGTPIFDVVLKGITIRGSIVGTRSDLQESLDFAAHGDVKATVSTAKLDDVND
VFGRLREGKVEGRVVLDFSR
;
_entity_poly.pdbx_strand_id   A,B,C,D,E,F,G,H
#
# COMPACT_ATOMS: atom_id res chain seq x y z
N ALA A 1 -24.90 -28.56 -32.16
CA ALA A 1 -25.66 -29.58 -31.45
C ALA A 1 -24.81 -30.33 -30.45
N MET A 2 -23.54 -30.57 -30.79
CA MET A 2 -22.67 -31.41 -29.95
C MET A 2 -21.50 -30.65 -29.34
N MET A 3 -20.99 -31.18 -28.22
CA MET A 3 -19.88 -30.56 -27.52
C MET A 3 -19.08 -31.61 -26.76
N LYS A 4 -17.87 -31.23 -26.35
CA LYS A 4 -17.05 -32.08 -25.50
C LYS A 4 -17.31 -31.76 -24.03
N ALA A 5 -17.32 -32.79 -23.20
CA ALA A 5 -17.51 -32.62 -21.77
C ALA A 5 -16.89 -33.80 -21.04
N ALA A 6 -16.32 -33.54 -19.87
CA ALA A 6 -15.79 -34.61 -19.03
C ALA A 6 -16.93 -35.22 -18.24
N VAL A 7 -17.14 -36.53 -18.42
CA VAL A 7 -18.30 -37.20 -17.86
C VAL A 7 -17.90 -38.26 -16.85
N VAL A 8 -18.64 -38.32 -15.75
CA VAL A 8 -18.49 -39.42 -14.80
C VAL A 8 -19.59 -40.43 -15.05
N ARG A 9 -19.21 -41.63 -15.45
CA ARG A 9 -20.18 -42.66 -15.81
C ARG A 9 -20.21 -43.79 -14.79
N ALA A 10 -19.19 -43.87 -13.96
CA ALA A 10 -19.15 -44.84 -12.88
C ALA A 10 -18.32 -44.26 -11.74
N PHE A 11 -18.93 -44.19 -10.56
CA PHE A 11 -18.27 -43.62 -9.39
C PHE A 11 -16.86 -44.18 -9.21
N GLY A 12 -15.89 -43.28 -9.07
CA GLY A 12 -14.53 -43.67 -8.79
C GLY A 12 -13.67 -43.96 -10.02
N ALA A 13 -14.32 -44.11 -11.17
CA ALA A 13 -13.61 -44.38 -12.41
C ALA A 13 -12.99 -43.10 -12.93
N PRO A 14 -12.00 -43.21 -13.83
CA PRO A 14 -11.50 -42.02 -14.50
C PRO A 14 -12.62 -41.39 -15.33
N LEU A 15 -12.56 -40.09 -15.52
CA LEU A 15 -13.53 -39.42 -16.39
C LEU A 15 -13.13 -39.65 -17.83
N THR A 16 -14.12 -39.66 -18.72
CA THR A 16 -13.85 -39.72 -20.14
C THR A 16 -14.36 -38.45 -20.78
N ILE A 17 -13.58 -37.87 -21.68
CA ILE A 17 -14.04 -36.71 -22.43
C ILE A 17 -14.89 -37.21 -23.60
N ASP A 18 -16.19 -36.97 -23.52
CA ASP A 18 -17.12 -37.49 -24.52
C ASP A 18 -17.75 -36.38 -25.34
N GLU A 19 -18.26 -36.76 -26.52
CA GLU A 19 -19.09 -35.87 -27.31
C GLU A 19 -20.54 -36.07 -26.87
N VAL A 20 -21.14 -35.02 -26.33
CA VAL A 20 -22.53 -35.09 -25.89
C VAL A 20 -23.29 -33.88 -26.43
N PRO A 21 -24.62 -33.90 -26.36
CA PRO A 21 -25.38 -32.77 -26.89
C PRO A 21 -25.14 -31.48 -26.09
N VAL A 22 -25.20 -30.36 -26.78
CA VAL A 22 -25.17 -29.05 -26.13
C VAL A 22 -26.54 -28.82 -25.49
N PRO A 23 -26.54 -28.61 -24.17
CA PRO A 23 -27.79 -28.33 -23.46
C PRO A 23 -28.40 -27.04 -23.96
N GLN A 24 -29.68 -27.08 -24.31
CA GLN A 24 -30.39 -25.91 -24.80
C GLN A 24 -31.38 -25.46 -23.75
N PRO A 25 -31.44 -24.14 -23.49
CA PRO A 25 -32.33 -23.62 -22.44
C PRO A 25 -33.77 -23.44 -22.91
N GLY A 26 -34.71 -23.79 -22.03
CA GLY A 26 -36.11 -23.49 -22.25
C GLY A 26 -36.49 -22.24 -21.47
N PRO A 27 -37.79 -22.04 -21.23
CA PRO A 27 -38.28 -20.89 -20.47
C PRO A 27 -37.60 -20.73 -19.11
N GLY A 28 -37.06 -19.54 -18.84
CA GLY A 28 -36.48 -19.23 -17.55
C GLY A 28 -35.05 -19.71 -17.39
N GLN A 29 -34.47 -20.21 -18.47
CA GLN A 29 -33.11 -20.73 -18.44
C GLN A 29 -32.19 -19.96 -19.37
N VAL A 30 -30.90 -19.93 -19.03
CA VAL A 30 -29.90 -19.39 -19.94
C VAL A 30 -28.89 -20.48 -20.30
N GLN A 31 -28.18 -20.28 -21.41
CA GLN A 31 -27.09 -21.17 -21.78
C GLN A 31 -25.80 -20.39 -21.58
N VAL A 32 -24.80 -21.05 -21.01
CA VAL A 32 -23.51 -20.41 -20.80
C VAL A 32 -22.40 -21.14 -21.56
N LYS A 33 -21.64 -20.39 -22.35
CA LYS A 33 -20.48 -20.97 -23.01
C LYS A 33 -19.28 -20.82 -22.10
N ILE A 34 -18.72 -21.94 -21.68
CA ILE A 34 -17.64 -21.96 -20.70
C ILE A 34 -16.31 -21.46 -21.27
N GLU A 35 -15.69 -20.52 -20.55
CA GLU A 35 -14.37 -20.03 -20.91
C GLU A 35 -13.33 -20.57 -19.94
N ALA A 36 -13.77 -20.80 -18.70
CA ALA A 36 -12.92 -21.43 -17.69
C ALA A 36 -13.78 -22.16 -16.67
N SER A 37 -13.25 -23.23 -16.10
CA SER A 37 -13.99 -24.01 -15.11
C SER A 37 -13.07 -24.50 -14.00
N GLY A 38 -13.21 -23.92 -12.82
CA GLY A 38 -12.36 -24.25 -11.69
C GLY A 38 -12.60 -25.65 -11.16
N VAL A 39 -11.55 -26.23 -10.60
CA VAL A 39 -11.63 -27.57 -10.02
C VAL A 39 -11.32 -27.53 -8.53
N CYS A 40 -12.05 -28.32 -7.75
CA CYS A 40 -11.78 -28.41 -6.32
C CYS A 40 -12.16 -29.77 -5.77
N HIS A 41 -11.79 -30.01 -4.51
CA HIS A 41 -11.95 -31.33 -3.88
C HIS A 41 -13.38 -31.85 -3.89
N THR A 42 -14.34 -30.93 -3.97
CA THR A 42 -15.74 -31.32 -4.05
C THR A 42 -16.00 -32.16 -5.29
N ASP A 43 -15.28 -31.86 -6.36
CA ASP A 43 -15.41 -32.59 -7.62
C ASP A 43 -14.91 -34.03 -7.45
N LEU A 44 -13.92 -34.23 -6.58
CA LEU A 44 -13.42 -35.58 -6.32
C LEU A 44 -14.47 -36.42 -5.61
N HIS A 45 -15.13 -35.84 -4.62
CA HIS A 45 -16.16 -36.56 -3.88
C HIS A 45 -17.38 -36.82 -4.76
N ALA A 46 -17.65 -35.89 -5.68
CA ALA A 46 -18.74 -36.07 -6.64
C ALA A 46 -18.43 -37.27 -7.54
N ALA A 47 -17.19 -37.32 -8.04
CA ALA A 47 -16.80 -38.38 -8.97
C ALA A 47 -16.66 -39.73 -8.27
N ASP A 48 -16.30 -39.71 -6.99
CA ASP A 48 -16.15 -40.93 -6.22
C ASP A 48 -17.48 -41.38 -5.61
N GLY A 49 -18.43 -40.45 -5.54
CA GLY A 49 -19.74 -40.73 -4.98
C GLY A 49 -19.67 -41.23 -3.56
N ASP A 50 -18.77 -40.65 -2.77
CA ASP A 50 -18.53 -41.13 -1.42
C ASP A 50 -19.22 -40.33 -0.31
N TRP A 51 -20.08 -39.38 -0.70
CA TRP A 51 -20.85 -38.63 0.28
C TRP A 51 -22.21 -39.30 0.52
N PRO A 52 -22.88 -38.96 1.62
CA PRO A 52 -24.14 -39.62 1.99
C PRO A 52 -25.18 -39.56 0.87
N VAL A 53 -25.34 -38.38 0.27
CA VAL A 53 -26.23 -38.22 -0.88
C VAL A 53 -25.40 -38.13 -2.15
N LYS A 54 -25.65 -39.02 -3.10
CA LYS A 54 -24.81 -39.15 -4.28
C LYS A 54 -25.39 -38.48 -5.50
N PRO A 55 -24.51 -38.11 -6.46
CA PRO A 55 -24.96 -37.61 -7.75
C PRO A 55 -25.60 -38.76 -8.53
N THR A 56 -26.52 -38.44 -9.44
CA THR A 56 -27.09 -39.45 -10.33
C THR A 56 -26.17 -39.63 -11.53
N LEU A 57 -25.94 -40.89 -11.91
CA LEU A 57 -25.06 -41.20 -13.02
C LEU A 57 -25.84 -41.37 -14.33
N PRO A 58 -25.27 -40.93 -15.45
CA PRO A 58 -23.98 -40.23 -15.54
C PRO A 58 -24.17 -38.72 -15.31
N PHE A 59 -23.09 -38.00 -15.06
CA PHE A 59 -23.19 -36.55 -14.88
C PHE A 59 -21.87 -35.85 -15.20
N ILE A 60 -21.97 -34.55 -15.49
CA ILE A 60 -20.80 -33.71 -15.71
C ILE A 60 -20.57 -32.84 -14.48
N PRO A 61 -19.37 -32.96 -13.87
CA PRO A 61 -19.06 -32.16 -12.67
C PRO A 61 -18.77 -30.71 -13.02
N GLY A 62 -18.40 -29.92 -12.02
CA GLY A 62 -18.02 -28.53 -12.25
C GLY A 62 -19.02 -27.50 -11.76
N HIS A 63 -18.71 -26.89 -10.61
CA HIS A 63 -19.56 -25.84 -10.05
C HIS A 63 -18.77 -24.54 -9.98
N GLU A 64 -17.75 -24.42 -10.82
CA GLU A 64 -16.93 -23.21 -10.87
C GLU A 64 -16.78 -22.74 -12.31
N GLY A 65 -17.78 -23.03 -13.14
CA GLY A 65 -17.73 -22.65 -14.54
C GLY A 65 -18.06 -21.20 -14.77
N VAL A 66 -17.22 -20.51 -15.54
CA VAL A 66 -17.45 -19.12 -15.90
C VAL A 66 -17.39 -18.93 -17.41
N GLY A 67 -18.15 -17.97 -17.94
CA GLY A 67 -18.14 -17.71 -19.37
C GLY A 67 -19.12 -16.66 -19.83
N TYR A 68 -19.58 -16.79 -21.07
CA TYR A 68 -20.52 -15.84 -21.65
C TYR A 68 -21.89 -16.46 -21.83
N VAL A 69 -22.93 -15.68 -21.52
CA VAL A 69 -24.28 -16.08 -21.86
C VAL A 69 -24.37 -16.21 -23.37
N SER A 70 -24.57 -17.42 -23.87
CA SER A 70 -24.57 -17.70 -25.30
C SER A 70 -25.99 -17.80 -25.86
N ALA A 71 -26.98 -17.92 -24.98
CA ALA A 71 -28.37 -17.99 -25.39
C ALA A 71 -29.26 -17.86 -24.16
N VAL A 72 -30.49 -17.38 -24.38
CA VAL A 72 -31.45 -17.24 -23.30
C VAL A 72 -32.82 -17.77 -23.73
N GLY A 73 -33.56 -18.30 -22.78
CA GLY A 73 -34.93 -18.70 -23.01
C GLY A 73 -35.84 -17.51 -22.78
N SER A 74 -37.14 -17.72 -22.92
CA SER A 74 -38.10 -16.65 -22.69
C SER A 74 -38.12 -16.27 -21.22
N GLY A 75 -38.63 -15.07 -20.95
CA GLY A 75 -38.85 -14.62 -19.58
C GLY A 75 -37.59 -14.54 -18.74
N VAL A 76 -36.53 -13.98 -19.31
CA VAL A 76 -35.27 -13.79 -18.60
C VAL A 76 -34.88 -12.32 -18.58
N SER A 77 -34.74 -11.75 -17.39
CA SER A 77 -34.44 -10.32 -17.26
C SER A 77 -33.10 -10.03 -16.60
N ARG A 78 -32.65 -10.92 -15.72
CA ARG A 78 -31.44 -10.66 -14.94
C ARG A 78 -30.17 -10.61 -15.78
N VAL A 79 -30.10 -11.43 -16.83
CA VAL A 79 -28.95 -11.43 -17.72
C VAL A 79 -29.37 -11.45 -19.17
N LYS A 80 -28.43 -11.16 -20.06
CA LYS A 80 -28.68 -11.15 -21.49
C LYS A 80 -27.51 -11.79 -22.22
N GLU A 81 -27.73 -12.20 -23.46
CA GLU A 81 -26.65 -12.77 -24.25
C GLU A 81 -25.42 -11.86 -24.20
N GLY A 82 -24.24 -12.45 -24.01
CA GLY A 82 -23.01 -11.68 -23.94
C GLY A 82 -22.55 -11.38 -22.53
N ASP A 83 -23.46 -11.50 -21.56
CA ASP A 83 -23.13 -11.25 -20.17
C ASP A 83 -22.14 -12.28 -19.63
N ARG A 84 -21.17 -11.80 -18.85
CA ARG A 84 -20.18 -12.69 -18.25
C ARG A 84 -20.69 -13.22 -16.90
N VAL A 85 -20.87 -14.54 -16.82
CA VAL A 85 -21.47 -15.15 -15.64
C VAL A 85 -20.79 -16.45 -15.26
N GLY A 86 -20.96 -16.85 -14.00
CA GLY A 86 -20.48 -18.13 -13.51
C GLY A 86 -21.64 -18.95 -12.97
N VAL A 87 -21.52 -20.27 -12.99
CA VAL A 87 -22.58 -21.15 -12.53
C VAL A 87 -22.13 -21.90 -11.28
N PRO A 88 -22.44 -21.34 -10.09
CA PRO A 88 -21.87 -21.85 -8.84
C PRO A 88 -22.63 -23.06 -8.28
N TRP A 89 -22.13 -23.55 -7.15
CA TRP A 89 -22.69 -24.72 -6.47
C TRP A 89 -24.20 -24.67 -6.33
N LEU A 90 -24.73 -23.52 -5.92
CA LEU A 90 -26.18 -23.38 -5.79
C LEU A 90 -26.81 -23.11 -7.14
N TYR A 91 -27.20 -24.18 -7.83
CA TYR A 91 -27.79 -24.07 -9.15
C TYR A 91 -29.14 -23.37 -9.09
N SER A 92 -29.92 -23.69 -8.07
CA SER A 92 -31.23 -23.09 -7.88
C SER A 92 -31.78 -23.47 -6.52
N ALA A 93 -32.62 -22.59 -5.98
CA ALA A 93 -33.39 -22.88 -4.78
C ALA A 93 -34.86 -22.64 -5.09
N CYS A 94 -35.74 -23.07 -4.19
CA CYS A 94 -37.17 -23.00 -4.47
C CYS A 94 -37.71 -21.57 -4.44
N GLY A 95 -37.14 -20.75 -3.56
CA GLY A 95 -37.52 -19.35 -3.46
C GLY A 95 -38.75 -19.09 -2.62
N TYR A 96 -39.39 -20.14 -2.13
CA TYR A 96 -40.65 -20.02 -1.41
C TYR A 96 -40.54 -20.34 0.08
N CYS A 97 -39.59 -21.21 0.41
CA CYS A 97 -39.53 -21.79 1.75
C CYS A 97 -39.02 -20.83 2.82
N GLU A 98 -39.11 -21.28 4.08
CA GLU A 98 -38.61 -20.53 5.22
C GLU A 98 -37.19 -20.04 4.97
N HIS A 99 -36.32 -20.96 4.58
CA HIS A 99 -34.91 -20.63 4.36
C HIS A 99 -34.73 -19.62 3.23
N CYS A 100 -35.40 -19.87 2.11
CA CYS A 100 -35.30 -19.01 0.93
C CYS A 100 -35.77 -17.57 1.18
N LEU A 101 -36.78 -17.43 2.04
CA LEU A 101 -37.34 -16.11 2.32
C LEU A 101 -36.55 -15.37 3.39
N GLN A 102 -35.70 -16.09 4.12
CA GLN A 102 -34.91 -15.46 5.18
C GLN A 102 -33.46 -15.24 4.76
N GLY A 103 -33.22 -15.20 3.44
CA GLY A 103 -31.90 -14.95 2.91
C GLY A 103 -30.92 -16.08 3.20
N TRP A 104 -31.44 -17.29 3.32
CA TRP A 104 -30.61 -18.46 3.53
C TRP A 104 -30.89 -19.54 2.48
N GLU A 105 -30.86 -19.17 1.21
CA GLU A 105 -31.19 -20.10 0.13
C GLU A 105 -30.22 -21.27 0.06
N THR A 106 -29.04 -21.10 0.67
CA THR A 106 -28.05 -22.16 0.72
C THR A 106 -28.56 -23.36 1.51
N LEU A 107 -29.60 -23.13 2.30
CA LEU A 107 -30.14 -24.17 3.17
C LEU A 107 -31.43 -24.77 2.62
N CYS A 108 -31.83 -24.32 1.44
CA CYS A 108 -33.07 -24.80 0.84
C CYS A 108 -33.05 -26.30 0.64
N GLU A 109 -34.06 -26.97 1.19
CA GLU A 109 -34.19 -28.42 1.11
C GLU A 109 -34.36 -28.88 -0.34
N LYS A 110 -34.86 -27.97 -1.18
CA LYS A 110 -35.16 -28.30 -2.57
C LYS A 110 -34.09 -27.81 -3.56
N GLN A 111 -32.96 -27.36 -3.03
CA GLN A 111 -31.91 -26.81 -3.89
C GLN A 111 -31.38 -27.86 -4.87
N GLN A 112 -30.84 -27.40 -5.99
CA GLN A 112 -30.13 -28.26 -6.91
C GLN A 112 -28.67 -27.82 -6.95
N ASN A 113 -27.76 -28.78 -7.14
CA ASN A 113 -26.34 -28.45 -7.09
C ASN A 113 -25.58 -28.69 -8.39
N THR A 114 -24.93 -27.64 -8.86
CA THR A 114 -24.24 -27.64 -10.14
C THR A 114 -23.09 -28.63 -10.17
N GLY A 115 -23.07 -29.49 -11.18
CA GLY A 115 -22.03 -30.48 -11.32
C GLY A 115 -22.13 -31.56 -10.26
N TYR A 116 -23.32 -31.73 -9.71
CA TYR A 116 -23.56 -32.76 -8.70
C TYR A 116 -24.91 -33.41 -8.90
N SER A 117 -25.98 -32.63 -8.76
CA SER A 117 -27.33 -33.14 -8.97
C SER A 117 -27.86 -32.73 -10.34
N VAL A 118 -27.21 -31.75 -10.95
CA VAL A 118 -27.47 -31.37 -12.33
C VAL A 118 -26.12 -31.18 -13.01
N ASN A 119 -26.09 -31.23 -14.34
CA ASN A 119 -24.83 -31.11 -15.05
C ASN A 119 -24.12 -29.78 -14.80
N GLY A 120 -22.79 -29.82 -14.85
CA GLY A 120 -21.99 -28.66 -14.51
C GLY A 120 -21.04 -28.18 -15.59
N GLY A 121 -19.94 -27.56 -15.16
CA GLY A 121 -19.10 -26.80 -16.06
C GLY A 121 -17.87 -27.47 -16.63
N TYR A 122 -17.74 -28.78 -16.45
CA TYR A 122 -16.67 -29.53 -17.11
C TYR A 122 -17.04 -29.80 -18.57
N GLY A 123 -17.63 -28.80 -19.22
CA GLY A 123 -18.06 -28.95 -20.60
C GLY A 123 -18.04 -27.62 -21.33
N GLU A 124 -18.22 -27.65 -22.65
CA GLU A 124 -18.13 -26.43 -23.45
C GLU A 124 -19.30 -25.49 -23.18
N TYR A 125 -20.47 -26.05 -22.90
CA TYR A 125 -21.64 -25.26 -22.55
C TYR A 125 -22.34 -25.86 -21.35
N VAL A 126 -23.09 -25.03 -20.63
CA VAL A 126 -23.92 -25.51 -19.54
C VAL A 126 -25.19 -24.67 -19.44
N VAL A 127 -26.30 -25.32 -19.14
CA VAL A 127 -27.56 -24.62 -18.91
C VAL A 127 -27.65 -24.22 -17.45
N ALA A 128 -28.17 -23.02 -17.19
CA ALA A 128 -28.21 -22.49 -15.82
C ALA A 128 -29.52 -21.77 -15.54
N ASP A 129 -29.75 -21.50 -14.25
CA ASP A 129 -30.87 -20.66 -13.84
C ASP A 129 -30.36 -19.24 -13.64
N PRO A 130 -30.79 -18.31 -14.51
CA PRO A 130 -30.29 -16.93 -14.49
C PRO A 130 -30.49 -16.23 -13.16
N ASN A 131 -31.46 -16.68 -12.36
CA ASN A 131 -31.69 -16.10 -11.05
C ASN A 131 -30.64 -16.47 -10.02
N TYR A 132 -29.72 -17.37 -10.38
CA TYR A 132 -28.77 -17.92 -9.41
C TYR A 132 -27.31 -17.87 -9.84
N VAL A 133 -27.06 -17.58 -11.12
CA VAL A 133 -25.68 -17.47 -11.59
C VAL A 133 -24.99 -16.32 -10.89
N GLY A 134 -23.66 -16.32 -10.94
CA GLY A 134 -22.87 -15.21 -10.47
C GLY A 134 -22.66 -14.22 -11.60
N LEU A 135 -22.80 -12.94 -11.30
CA LEU A 135 -22.54 -11.90 -12.29
C LEU A 135 -21.10 -11.43 -12.09
N LEU A 136 -20.24 -11.73 -13.06
CA LEU A 136 -18.81 -11.54 -12.91
C LEU A 136 -18.37 -10.12 -13.20
N PRO A 137 -17.34 -9.65 -12.47
CA PRO A 137 -16.80 -8.31 -12.71
C PRO A 137 -16.12 -8.24 -14.07
N ASP A 138 -16.25 -7.09 -14.73
CA ASP A 138 -15.65 -6.88 -16.05
C ASP A 138 -14.13 -7.04 -16.04
N LYS A 139 -13.51 -6.55 -14.98
CA LYS A 139 -12.07 -6.31 -14.97
C LYS A 139 -11.21 -7.51 -14.57
N VAL A 140 -11.83 -8.66 -14.32
CA VAL A 140 -11.08 -9.85 -13.94
C VAL A 140 -11.24 -10.98 -14.96
N GLY A 141 -10.14 -11.60 -15.34
CA GLY A 141 -10.17 -12.68 -16.31
C GLY A 141 -10.96 -13.89 -15.84
N PHE A 142 -11.36 -14.74 -16.79
CA PHE A 142 -12.15 -15.92 -16.46
C PHE A 142 -11.39 -16.92 -15.60
N VAL A 143 -10.13 -17.14 -15.92
CA VAL A 143 -9.32 -18.09 -15.17
C VAL A 143 -9.19 -17.63 -13.72
N GLU A 144 -8.84 -16.36 -13.55
CA GLU A 144 -8.61 -15.77 -12.24
C GLU A 144 -9.87 -15.76 -11.37
N ILE A 145 -11.03 -15.58 -11.97
CA ILE A 145 -12.26 -15.40 -11.21
C ILE A 145 -12.96 -16.72 -10.83
N ALA A 146 -12.69 -17.78 -11.58
CA ALA A 146 -13.40 -19.04 -11.40
C ALA A 146 -13.44 -19.53 -9.95
N PRO A 147 -12.27 -19.54 -9.27
CA PRO A 147 -12.23 -20.05 -7.90
C PRO A 147 -13.07 -19.23 -6.91
N ILE A 148 -13.33 -17.98 -7.22
CA ILE A 148 -14.09 -17.13 -6.31
C ILE A 148 -15.51 -17.67 -6.15
N LEU A 149 -15.98 -18.41 -7.15
CA LEU A 149 -17.32 -18.99 -7.12
C LEU A 149 -17.48 -20.06 -6.05
N CYS A 150 -16.37 -20.64 -5.63
CA CYS A 150 -16.40 -21.71 -4.63
C CYS A 150 -15.52 -21.39 -3.42
N ALA A 151 -14.21 -21.34 -3.65
CA ALA A 151 -13.27 -21.03 -2.57
C ALA A 151 -13.50 -19.64 -2.02
N GLY A 152 -13.66 -18.68 -2.92
CA GLY A 152 -13.86 -17.29 -2.50
C GLY A 152 -15.04 -17.10 -1.58
N VAL A 153 -16.25 -17.35 -2.09
CA VAL A 153 -17.45 -17.08 -1.33
C VAL A 153 -17.50 -17.89 -0.04
N THR A 154 -16.96 -19.10 -0.07
CA THR A 154 -16.89 -19.96 1.12
C THR A 154 -16.15 -19.31 2.29
N VAL A 155 -14.90 -18.90 2.05
CA VAL A 155 -14.09 -18.29 3.10
C VAL A 155 -14.59 -16.90 3.47
N TYR A 156 -15.27 -16.25 2.53
CA TYR A 156 -15.82 -14.92 2.79
C TYR A 156 -17.02 -15.01 3.71
N LYS A 157 -18.01 -15.81 3.34
CA LYS A 157 -19.16 -16.05 4.20
C LYS A 157 -18.70 -16.63 5.53
N GLY A 158 -17.74 -17.54 5.46
CA GLY A 158 -17.18 -18.14 6.65
C GLY A 158 -16.64 -17.07 7.57
N LEU A 159 -15.87 -16.13 7.00
CA LEU A 159 -15.31 -15.04 7.79
C LEU A 159 -16.42 -14.15 8.36
N LYS A 160 -17.45 -13.88 7.55
CA LYS A 160 -18.58 -13.09 8.04
C LYS A 160 -19.21 -13.73 9.26
N VAL A 161 -19.36 -15.06 9.25
CA VAL A 161 -20.03 -15.73 10.36
C VAL A 161 -19.15 -15.99 11.58
N THR A 162 -17.89 -15.54 11.54
CA THR A 162 -17.10 -15.53 12.76
C THR A 162 -17.56 -14.37 13.63
N ASP A 163 -18.42 -13.53 13.06
CA ASP A 163 -18.94 -12.36 13.76
C ASP A 163 -17.83 -11.52 14.37
N THR A 164 -16.78 -11.31 13.57
CA THR A 164 -15.66 -10.47 13.98
C THR A 164 -15.82 -9.08 13.38
N ARG A 165 -15.04 -8.13 13.89
CA ARG A 165 -15.12 -6.74 13.44
C ARG A 165 -13.74 -6.25 13.06
N PRO A 166 -13.66 -5.24 12.19
CA PRO A 166 -12.36 -4.65 11.85
C PRO A 166 -11.58 -4.34 13.13
N GLY A 167 -10.30 -4.70 13.16
CA GLY A 167 -9.47 -4.45 14.31
C GLY A 167 -9.29 -5.67 15.17
N GLN A 168 -10.22 -6.62 15.07
CA GLN A 168 -10.15 -7.84 15.86
C GLN A 168 -9.26 -8.89 15.19
N TRP A 169 -8.88 -9.90 15.98
CA TRP A 169 -8.03 -10.98 15.50
C TRP A 169 -8.84 -12.13 14.93
N VAL A 170 -8.39 -12.65 13.79
CA VAL A 170 -8.92 -13.92 13.30
C VAL A 170 -7.76 -14.85 12.98
N VAL A 171 -7.93 -16.13 13.31
CA VAL A 171 -6.98 -17.14 12.88
C VAL A 171 -7.47 -17.80 11.60
N ILE A 172 -6.61 -17.86 10.60
CA ILE A 172 -6.87 -18.69 9.44
C ILE A 172 -6.11 -19.99 9.63
N SER A 173 -6.84 -21.06 9.91
CA SER A 173 -6.22 -22.36 10.11
C SER A 173 -6.21 -23.13 8.80
N GLY A 174 -5.01 -23.41 8.29
CA GLY A 174 -4.87 -24.00 6.99
C GLY A 174 -4.76 -22.92 5.93
N ILE A 175 -3.58 -22.82 5.32
CA ILE A 175 -3.35 -21.84 4.27
C ILE A 175 -3.16 -22.57 2.94
N GLY A 176 -4.16 -23.35 2.55
CA GLY A 176 -4.10 -24.11 1.32
C GLY A 176 -4.97 -23.48 0.24
N GLY A 177 -5.70 -24.31 -0.50
CA GLY A 177 -6.57 -23.83 -1.55
C GLY A 177 -7.48 -22.72 -1.06
N LEU A 178 -8.24 -23.02 0.00
CA LEU A 178 -9.15 -22.06 0.60
C LEU A 178 -8.40 -20.99 1.39
N GLY A 179 -7.54 -21.45 2.28
CA GLY A 179 -6.85 -20.59 3.23
C GLY A 179 -6.12 -19.40 2.64
N HIS A 180 -5.45 -19.60 1.51
CA HIS A 180 -4.66 -18.52 0.93
C HIS A 180 -5.59 -17.42 0.39
N VAL A 181 -6.83 -17.80 0.08
CA VAL A 181 -7.84 -16.84 -0.33
C VAL A 181 -8.46 -16.18 0.90
N ALA A 182 -8.54 -16.94 1.98
CA ALA A 182 -9.16 -16.46 3.21
C ALA A 182 -8.34 -15.35 3.87
N VAL A 183 -7.02 -15.53 3.89
CA VAL A 183 -6.14 -14.49 4.41
C VAL A 183 -6.46 -13.17 3.75
N GLN A 184 -6.67 -13.20 2.44
CA GLN A 184 -6.91 -11.99 1.66
C GLN A 184 -8.24 -11.32 1.99
N TYR A 185 -9.31 -12.11 2.11
CA TYR A 185 -10.59 -11.54 2.51
C TYR A 185 -10.52 -10.94 3.91
N ALA A 186 -9.84 -11.64 4.81
CA ALA A 186 -9.70 -11.18 6.19
C ALA A 186 -9.04 -9.80 6.27
N ARG A 187 -7.97 -9.60 5.51
CA ARG A 187 -7.28 -8.31 5.49
C ARG A 187 -8.19 -7.25 4.87
N ALA A 188 -8.84 -7.60 3.77
CA ALA A 188 -9.79 -6.69 3.13
C ALA A 188 -10.92 -6.32 4.08
N MET A 189 -11.21 -7.21 5.03
CA MET A 189 -12.27 -6.98 6.00
C MET A 189 -11.76 -6.28 7.25
N GLY A 190 -10.49 -5.87 7.21
CA GLY A 190 -9.91 -5.09 8.29
C GLY A 190 -9.58 -5.89 9.54
N LEU A 191 -9.42 -7.20 9.37
CA LEU A 191 -9.06 -8.05 10.50
C LEU A 191 -7.55 -8.21 10.58
N ARG A 192 -7.05 -8.46 11.78
CA ARG A 192 -5.66 -8.82 11.97
C ARG A 192 -5.57 -10.33 11.85
N VAL A 193 -4.69 -10.80 10.99
CA VAL A 193 -4.67 -12.22 10.63
C VAL A 193 -3.53 -12.99 11.25
N ALA A 194 -3.87 -14.12 11.88
CA ALA A 194 -2.88 -15.06 12.37
C ALA A 194 -3.00 -16.35 11.57
N ALA A 195 -1.93 -16.72 10.89
CA ALA A 195 -1.94 -17.94 10.09
C ALA A 195 -1.37 -19.11 10.90
N VAL A 196 -2.05 -20.25 10.80
CA VAL A 196 -1.61 -21.47 11.47
C VAL A 196 -1.63 -22.62 10.47
N ASP A 197 -0.58 -23.43 10.48
CA ASP A 197 -0.44 -24.54 9.55
C ASP A 197 0.76 -25.37 9.97
N ILE A 198 1.00 -26.48 9.27
CA ILE A 198 2.15 -27.33 9.55
C ILE A 198 3.17 -27.23 8.43
N ASP A 199 2.72 -26.75 7.27
CA ASP A 199 3.56 -26.58 6.11
C ASP A 199 4.20 -25.20 6.13
N ASP A 200 5.52 -25.13 6.06
CA ASP A 200 6.22 -23.86 6.16
C ASP A 200 6.05 -22.98 4.91
N ALA A 201 5.83 -23.62 3.77
CA ALA A 201 5.60 -22.89 2.53
C ALA A 201 4.29 -22.10 2.62
N LYS A 202 3.24 -22.77 3.10
CA LYS A 202 1.92 -22.17 3.20
C LYS A 202 1.92 -21.00 4.19
N LEU A 203 2.80 -21.06 5.17
CA LEU A 203 2.90 -20.01 6.18
C LEU A 203 3.68 -18.80 5.67
N ASN A 204 4.73 -19.06 4.89
CA ASN A 204 5.46 -17.98 4.24
C ASN A 204 4.55 -17.22 3.29
N LEU A 205 3.62 -17.94 2.69
CA LEU A 205 2.66 -17.35 1.78
C LEU A 205 1.67 -16.46 2.54
N ALA A 206 1.20 -16.96 3.67
CA ALA A 206 0.33 -16.18 4.54
C ALA A 206 0.98 -14.84 4.91
N ARG A 207 2.26 -14.89 5.27
CA ARG A 207 2.99 -13.68 5.59
C ARG A 207 3.05 -12.73 4.38
N ARG A 208 3.26 -13.31 3.19
CA ARG A 208 3.27 -12.52 1.97
C ARG A 208 1.91 -11.89 1.71
N LEU A 209 0.86 -12.54 2.22
CA LEU A 209 -0.51 -12.08 1.98
C LEU A 209 -0.98 -11.09 3.04
N GLY A 210 -0.13 -10.82 4.02
CA GLY A 210 -0.44 -9.81 5.01
C GLY A 210 -0.71 -10.34 6.41
N ALA A 211 -0.56 -11.64 6.59
CA ALA A 211 -0.70 -12.24 7.91
C ALA A 211 0.31 -11.61 8.86
N GLU A 212 -0.19 -10.95 9.90
CA GLU A 212 0.69 -10.28 10.85
C GLU A 212 1.48 -11.29 11.67
N VAL A 213 0.89 -12.47 11.86
CA VAL A 213 1.52 -13.52 12.65
C VAL A 213 1.31 -14.90 12.02
N ALA A 214 2.29 -15.78 12.21
CA ALA A 214 2.21 -17.13 11.68
C ALA A 214 2.90 -18.09 12.64
N VAL A 215 2.25 -19.23 12.89
CA VAL A 215 2.83 -20.23 13.77
C VAL A 215 2.73 -21.63 13.18
N ASN A 216 3.85 -22.35 13.16
CA ASN A 216 3.84 -23.72 12.68
C ASN A 216 3.49 -24.66 13.83
N ALA A 217 2.39 -25.38 13.67
CA ALA A 217 1.88 -26.25 14.73
C ALA A 217 2.76 -27.47 14.96
N ARG A 218 3.66 -27.75 14.02
CA ARG A 218 4.61 -28.84 14.17
C ARG A 218 5.62 -28.52 15.27
N ASP A 219 6.05 -27.27 15.32
CA ASP A 219 7.08 -26.84 16.26
C ASP A 219 6.50 -26.43 17.60
N THR A 220 5.35 -25.77 17.58
CA THR A 220 4.80 -25.15 18.78
C THR A 220 3.30 -25.31 18.89
N ASP A 221 2.82 -25.40 20.13
CA ASP A 221 1.40 -25.44 20.42
C ASP A 221 0.79 -24.09 20.05
N PRO A 222 0.04 -24.05 18.93
CA PRO A 222 -0.53 -22.79 18.44
C PRO A 222 -1.51 -22.16 19.43
N ALA A 223 -2.23 -22.98 20.18
CA ALA A 223 -3.14 -22.49 21.20
C ALA A 223 -2.38 -21.73 22.29
N ALA A 224 -1.50 -22.44 22.98
CA ALA A 224 -0.71 -21.83 24.05
C ALA A 224 0.02 -20.59 23.55
N TRP A 225 0.61 -20.68 22.35
CA TRP A 225 1.35 -19.56 21.80
C TRP A 225 0.45 -18.34 21.57
N LEU A 226 -0.69 -18.56 20.93
CA LEU A 226 -1.60 -17.47 20.59
C LEU A 226 -2.28 -16.86 21.82
N GLN A 227 -2.66 -17.69 22.78
CA GLN A 227 -3.24 -17.18 24.02
C GLN A 227 -2.27 -16.24 24.72
N LYS A 228 -0.98 -16.58 24.65
CA LYS A 228 0.05 -15.78 25.29
C LYS A 228 0.44 -14.59 24.42
N GLU A 229 0.47 -14.82 23.11
CA GLU A 229 0.98 -13.81 22.17
C GLU A 229 -0.02 -12.70 21.83
N ILE A 230 -1.30 -13.04 21.77
CA ILE A 230 -2.32 -12.04 21.43
C ILE A 230 -3.56 -12.12 22.31
N GLY A 231 -3.59 -13.08 23.22
CA GLY A 231 -4.74 -13.26 24.09
C GLY A 231 -5.82 -14.13 23.47
N GLY A 232 -5.46 -14.84 22.40
CA GLY A 232 -6.42 -15.65 21.68
C GLY A 232 -7.11 -14.85 20.59
N ALA A 233 -7.67 -15.55 19.61
CA ALA A 233 -8.31 -14.90 18.48
C ALA A 233 -9.80 -14.71 18.71
N HIS A 234 -10.32 -13.59 18.19
CA HIS A 234 -11.75 -13.32 18.29
C HIS A 234 -12.53 -14.30 17.44
N GLY A 235 -11.93 -14.71 16.33
CA GLY A 235 -12.54 -15.69 15.45
C GLY A 235 -11.49 -16.63 14.88
N VAL A 236 -11.94 -17.80 14.44
CA VAL A 236 -11.07 -18.77 13.80
C VAL A 236 -11.78 -19.35 12.59
N LEU A 237 -11.11 -19.30 11.44
CA LEU A 237 -11.65 -19.95 10.25
C LEU A 237 -10.86 -21.22 9.98
N VAL A 238 -11.48 -22.36 10.20
CA VAL A 238 -10.85 -23.64 9.95
C VAL A 238 -11.15 -24.10 8.53
N THR A 239 -10.17 -23.97 7.63
CA THR A 239 -10.37 -24.32 6.23
C THR A 239 -9.95 -25.76 5.95
N ALA A 240 -9.03 -26.26 6.77
CA ALA A 240 -8.63 -27.66 6.70
C ALA A 240 -9.08 -28.37 7.96
N VAL A 241 -10.24 -29.01 7.90
CA VAL A 241 -10.86 -29.55 9.11
C VAL A 241 -10.43 -30.98 9.42
N SER A 242 -9.45 -31.10 10.30
CA SER A 242 -9.02 -32.38 10.86
C SER A 242 -9.21 -32.28 12.36
N PRO A 243 -9.41 -33.42 13.03
CA PRO A 243 -9.63 -33.41 14.48
C PRO A 243 -8.61 -32.54 15.22
N LYS A 244 -7.34 -32.60 14.83
CA LYS A 244 -6.31 -31.79 15.48
C LYS A 244 -6.58 -30.30 15.25
N ALA A 245 -6.86 -29.94 14.00
CA ALA A 245 -7.17 -28.55 13.67
C ALA A 245 -8.38 -28.06 14.46
N PHE A 246 -9.40 -28.91 14.52
CA PHE A 246 -10.61 -28.59 15.28
C PHE A 246 -10.30 -28.39 16.77
N SER A 247 -9.63 -29.37 17.38
CA SER A 247 -9.27 -29.28 18.79
C SER A 247 -8.48 -28.01 19.09
N GLN A 248 -7.43 -27.77 18.30
CA GLN A 248 -6.57 -26.62 18.53
C GLN A 248 -7.33 -25.31 18.33
N ALA A 249 -8.30 -25.33 17.42
CA ALA A 249 -9.16 -24.18 17.19
C ALA A 249 -9.85 -23.78 18.49
N ILE A 250 -10.41 -24.77 19.19
CA ILE A 250 -11.06 -24.53 20.47
C ILE A 250 -10.10 -23.92 21.48
N GLY A 251 -8.83 -24.28 21.38
CA GLY A 251 -7.82 -23.73 22.26
C GLY A 251 -7.34 -22.35 21.85
N MET A 252 -7.32 -22.09 20.54
CA MET A 252 -6.79 -20.82 20.02
C MET A 252 -7.74 -19.65 20.22
N VAL A 253 -9.02 -19.93 20.39
CA VAL A 253 -10.03 -18.87 20.37
C VAL A 253 -10.13 -18.12 21.70
N ARG A 254 -10.33 -16.82 21.62
CA ARG A 254 -10.56 -15.97 22.78
C ARG A 254 -11.89 -16.39 23.39
N ARG A 255 -12.05 -16.23 24.69
CA ARG A 255 -13.34 -16.53 25.30
C ARG A 255 -14.43 -15.75 24.59
N GLY A 256 -15.59 -16.37 24.40
CA GLY A 256 -16.72 -15.73 23.72
C GLY A 256 -16.50 -15.60 22.23
N GLY A 257 -15.41 -16.17 21.73
CA GLY A 257 -15.10 -16.12 20.32
C GLY A 257 -15.84 -17.14 19.49
N THR A 258 -15.60 -17.10 18.17
CA THR A 258 -16.36 -17.93 17.25
C THR A 258 -15.47 -18.68 16.26
N ILE A 259 -15.71 -19.98 16.13
CA ILE A 259 -14.95 -20.84 15.23
C ILE A 259 -15.86 -21.25 14.07
N ALA A 260 -15.50 -20.83 12.86
CA ALA A 260 -16.24 -21.23 11.67
C ALA A 260 -15.52 -22.37 10.95
N LEU A 261 -16.27 -23.39 10.56
CA LEU A 261 -15.70 -24.56 9.91
C LEU A 261 -16.09 -24.60 8.44
N ASN A 262 -15.09 -24.59 7.57
CA ASN A 262 -15.35 -24.62 6.12
C ASN A 262 -15.31 -26.03 5.51
N GLY A 263 -14.75 -26.99 6.25
CA GLY A 263 -14.49 -28.32 5.70
C GLY A 263 -15.60 -29.35 5.86
N LEU A 264 -15.53 -30.40 5.04
CA LEU A 264 -16.51 -31.48 5.09
C LEU A 264 -15.89 -32.85 5.37
N PRO A 265 -15.11 -32.96 6.46
CA PRO A 265 -14.50 -34.25 6.79
C PRO A 265 -15.54 -35.21 7.35
N PRO A 266 -15.24 -36.52 7.35
CA PRO A 266 -16.17 -37.53 7.86
C PRO A 266 -15.95 -37.81 9.34
N GLY A 267 -16.90 -38.52 9.94
CA GLY A 267 -16.77 -38.93 11.33
C GLY A 267 -17.18 -37.85 12.32
N ASP A 268 -17.38 -38.26 13.56
CA ASP A 268 -17.69 -37.34 14.65
C ASP A 268 -16.40 -36.88 15.31
N PHE A 269 -16.32 -35.59 15.61
CA PHE A 269 -15.14 -35.04 16.28
C PHE A 269 -15.41 -34.86 17.77
N GLY A 270 -14.41 -35.18 18.59
CA GLY A 270 -14.52 -34.99 20.02
C GLY A 270 -14.49 -33.51 20.36
N THR A 271 -15.54 -33.06 21.04
CA THR A 271 -15.68 -31.66 21.42
C THR A 271 -15.75 -31.55 22.94
N PRO A 272 -14.77 -30.85 23.55
CA PRO A 272 -14.71 -30.80 25.01
C PRO A 272 -15.79 -29.88 25.58
N ILE A 273 -16.72 -30.45 26.33
CA ILE A 273 -17.86 -29.72 26.84
C ILE A 273 -17.46 -28.60 27.79
N PHE A 274 -16.62 -28.93 28.75
CA PHE A 274 -16.15 -27.94 29.72
C PHE A 274 -15.65 -26.68 29.03
N ASP A 275 -14.78 -26.86 28.04
CA ASP A 275 -14.14 -25.73 27.37
C ASP A 275 -15.12 -24.86 26.58
N VAL A 276 -15.99 -25.50 25.81
CA VAL A 276 -16.95 -24.76 25.00
C VAL A 276 -17.91 -23.98 25.88
N VAL A 277 -18.37 -24.60 26.96
CA VAL A 277 -19.35 -23.98 27.83
C VAL A 277 -18.76 -22.83 28.66
N LEU A 278 -17.70 -23.12 29.42
CA LEU A 278 -17.08 -22.09 30.25
C LEU A 278 -16.44 -20.95 29.47
N LYS A 279 -15.84 -21.26 28.32
CA LYS A 279 -15.22 -20.21 27.50
C LYS A 279 -16.27 -19.52 26.63
N GLY A 280 -17.50 -20.04 26.67
CA GLY A 280 -18.59 -19.44 25.92
C GLY A 280 -18.35 -19.41 24.43
N ILE A 281 -17.79 -20.49 23.90
CA ILE A 281 -17.35 -20.55 22.51
C ILE A 281 -18.49 -20.90 21.57
N THR A 282 -18.52 -20.25 20.41
CA THR A 282 -19.44 -20.61 19.34
C THR A 282 -18.72 -21.40 18.25
N ILE A 283 -19.30 -22.54 17.87
CA ILE A 283 -18.78 -23.35 16.78
C ILE A 283 -19.81 -23.37 15.66
N ARG A 284 -19.39 -23.02 14.45
CA ARG A 284 -20.32 -22.74 13.37
C ARG A 284 -19.89 -23.35 12.04
N GLY A 285 -20.81 -24.06 11.39
CA GLY A 285 -20.54 -24.65 10.10
C GLY A 285 -20.89 -23.70 8.99
N SER A 286 -20.06 -23.66 7.95
CA SER A 286 -20.30 -22.76 6.83
C SER A 286 -19.58 -23.19 5.57
N ILE A 287 -20.34 -23.37 4.50
CA ILE A 287 -19.78 -23.67 3.18
C ILE A 287 -20.57 -22.93 2.11
N VAL A 288 -19.88 -22.55 1.03
CA VAL A 288 -20.42 -21.63 0.01
C VAL A 288 -21.06 -20.39 0.61
N GLY A 289 -22.10 -19.88 -0.05
CA GLY A 289 -22.79 -18.70 0.42
C GLY A 289 -23.99 -18.36 -0.43
N THR A 290 -24.80 -17.41 0.03
CA THR A 290 -25.97 -16.98 -0.73
C THR A 290 -25.56 -16.21 -1.98
N ARG A 291 -26.53 -15.95 -2.84
CA ARG A 291 -26.28 -15.15 -4.03
C ARG A 291 -25.70 -13.80 -3.63
N SER A 292 -26.17 -13.28 -2.50
CA SER A 292 -25.67 -12.01 -1.95
C SER A 292 -24.20 -12.17 -1.54
N ASP A 293 -23.92 -13.25 -0.81
CA ASP A 293 -22.55 -13.56 -0.40
C ASP A 293 -21.63 -13.61 -1.60
N LEU A 294 -22.12 -14.21 -2.69
CA LEU A 294 -21.30 -14.39 -3.87
C LEU A 294 -20.97 -13.06 -4.54
N GLN A 295 -21.99 -12.24 -4.73
CA GLN A 295 -21.79 -10.93 -5.34
C GLN A 295 -20.78 -10.11 -4.57
N GLU A 296 -20.91 -10.11 -3.25
CA GLU A 296 -19.97 -9.39 -2.39
C GLU A 296 -18.55 -9.92 -2.53
N SER A 297 -18.41 -11.24 -2.57
CA SER A 297 -17.08 -11.84 -2.68
C SER A 297 -16.43 -11.49 -4.00
N LEU A 298 -17.23 -11.45 -5.07
CA LEU A 298 -16.76 -11.08 -6.39
C LEU A 298 -16.27 -9.62 -6.43
N ASP A 299 -16.98 -8.75 -5.73
CA ASP A 299 -16.61 -7.34 -5.66
C ASP A 299 -15.22 -7.15 -5.07
N PHE A 300 -14.89 -7.92 -4.04
CA PHE A 300 -13.56 -7.86 -3.43
C PHE A 300 -12.51 -8.27 -4.44
N ALA A 301 -12.81 -9.30 -5.23
CA ALA A 301 -11.92 -9.73 -6.28
C ALA A 301 -11.82 -8.64 -7.34
N ALA A 302 -12.95 -8.01 -7.65
CA ALA A 302 -13.02 -6.97 -8.66
C ALA A 302 -12.18 -5.76 -8.30
N HIS A 303 -12.04 -5.51 -6.99
CA HIS A 303 -11.34 -4.33 -6.51
C HIS A 303 -9.85 -4.61 -6.28
N GLY A 304 -9.43 -5.83 -6.62
CA GLY A 304 -8.04 -6.21 -6.51
C GLY A 304 -7.61 -6.59 -5.11
N ASP A 305 -8.57 -6.69 -4.19
CA ASP A 305 -8.25 -7.05 -2.82
C ASP A 305 -7.97 -8.54 -2.67
N VAL A 306 -8.48 -9.33 -3.61
CA VAL A 306 -8.31 -10.78 -3.54
C VAL A 306 -7.92 -11.36 -4.90
N LYS A 307 -6.86 -12.15 -4.91
CA LYS A 307 -6.46 -12.86 -6.12
C LYS A 307 -6.05 -14.29 -5.75
N ALA A 308 -6.71 -15.28 -6.33
CA ALA A 308 -6.37 -16.67 -6.05
C ALA A 308 -5.14 -17.10 -6.84
N THR A 309 -4.35 -17.97 -6.24
CA THR A 309 -3.26 -18.60 -6.97
C THR A 309 -3.89 -19.64 -7.88
N VAL A 310 -3.70 -19.49 -9.18
CA VAL A 310 -4.33 -20.39 -10.13
C VAL A 310 -3.34 -21.08 -11.06
N SER A 311 -3.52 -22.38 -11.23
CA SER A 311 -2.82 -23.15 -12.24
C SER A 311 -3.86 -23.55 -13.27
N THR A 312 -3.49 -23.51 -14.55
CA THR A 312 -4.42 -23.93 -15.60
C THR A 312 -4.10 -25.31 -16.14
N ALA A 313 -5.13 -25.98 -16.63
CA ALA A 313 -4.99 -27.27 -17.30
C ALA A 313 -6.08 -27.35 -18.35
N LYS A 314 -5.93 -28.29 -19.28
CA LYS A 314 -6.92 -28.48 -20.33
C LYS A 314 -7.99 -29.47 -19.89
N LEU A 315 -9.10 -29.48 -20.61
CA LEU A 315 -10.20 -30.38 -20.28
C LEU A 315 -9.74 -31.83 -20.34
N ASP A 316 -9.00 -32.18 -21.38
CA ASP A 316 -8.58 -33.56 -21.61
C ASP A 316 -7.62 -34.09 -20.55
N ASP A 317 -7.08 -33.19 -19.74
CA ASP A 317 -6.13 -33.60 -18.69
C ASP A 317 -6.78 -33.60 -17.31
N VAL A 318 -8.11 -33.68 -17.27
CA VAL A 318 -8.86 -33.60 -16.02
C VAL A 318 -8.47 -34.70 -15.02
N ASN A 319 -8.27 -35.91 -15.52
CA ASN A 319 -7.87 -37.02 -14.66
C ASN A 319 -6.51 -36.75 -14.05
N ASP A 320 -5.56 -36.32 -14.89
CA ASP A 320 -4.24 -35.93 -14.41
C ASP A 320 -4.39 -34.88 -13.32
N VAL A 321 -5.31 -33.95 -13.52
CA VAL A 321 -5.60 -32.92 -12.52
C VAL A 321 -6.12 -33.55 -11.24
N PHE A 322 -7.11 -34.43 -11.36
CA PHE A 322 -7.66 -35.12 -10.19
C PHE A 322 -6.56 -35.82 -9.40
N GLY A 323 -5.66 -36.49 -10.12
CA GLY A 323 -4.55 -37.16 -9.48
C GLY A 323 -3.70 -36.20 -8.66
N ARG A 324 -3.38 -35.06 -9.25
CA ARG A 324 -2.62 -34.01 -8.56
C ARG A 324 -3.31 -33.56 -7.28
N LEU A 325 -4.62 -33.33 -7.37
CA LEU A 325 -5.40 -32.93 -6.20
C LEU A 325 -5.37 -34.00 -5.11
N ARG A 326 -5.52 -35.25 -5.52
CA ARG A 326 -5.55 -36.37 -4.57
C ARG A 326 -4.21 -36.49 -3.83
N GLU A 327 -3.12 -36.42 -4.58
CA GLU A 327 -1.79 -36.56 -4.00
C GLU A 327 -1.34 -35.29 -3.28
N GLY A 328 -2.26 -34.33 -3.16
CA GLY A 328 -1.96 -33.07 -2.50
C GLY A 328 -0.77 -32.34 -3.09
N LYS A 329 -0.65 -32.37 -4.41
CA LYS A 329 0.47 -31.74 -5.10
C LYS A 329 0.07 -30.44 -5.80
N VAL A 330 -1.06 -29.89 -5.40
CA VAL A 330 -1.56 -28.67 -6.02
C VAL A 330 -1.30 -27.43 -5.17
N GLU A 331 -0.64 -26.44 -5.77
CA GLU A 331 -0.51 -25.14 -5.16
C GLU A 331 -1.61 -24.22 -5.69
N GLY A 332 -2.45 -23.73 -4.79
CA GLY A 332 -3.54 -22.84 -5.15
C GLY A 332 -4.75 -23.58 -5.69
N ARG A 333 -5.33 -23.05 -6.76
CA ARG A 333 -6.46 -23.69 -7.40
C ARG A 333 -6.16 -24.01 -8.85
N VAL A 334 -6.64 -25.17 -9.29
CA VAL A 334 -6.53 -25.55 -10.69
C VAL A 334 -7.80 -25.13 -11.42
N VAL A 335 -7.63 -24.54 -12.60
CA VAL A 335 -8.77 -24.14 -13.42
C VAL A 335 -8.61 -24.64 -14.84
N LEU A 336 -9.66 -25.27 -15.35
CA LEU A 336 -9.67 -25.74 -16.73
C LEU A 336 -9.83 -24.53 -17.64
N ASP A 337 -8.97 -24.44 -18.65
CA ASP A 337 -8.99 -23.29 -19.56
C ASP A 337 -9.56 -23.69 -20.92
N PHE A 338 -10.76 -23.18 -21.22
CA PHE A 338 -11.42 -23.48 -22.49
C PHE A 338 -11.14 -22.39 -23.53
N SER A 339 -10.26 -21.46 -23.22
CA SER A 339 -9.99 -20.35 -24.15
C SER A 339 -9.21 -20.83 -25.37
N ARG A 340 -9.10 -19.96 -26.37
CA ARG A 340 -8.46 -20.30 -27.64
C ARG A 340 -6.93 -20.37 -27.49
N ALA B 1 36.76 -20.10 26.53
CA ALA B 1 37.90 -20.41 25.68
C ALA B 1 37.48 -21.21 24.45
N MET B 2 36.51 -22.10 24.62
CA MET B 2 36.10 -23.00 23.53
C MET B 2 34.69 -22.72 23.01
N MET B 3 34.42 -23.16 21.78
CA MET B 3 33.12 -22.97 21.16
C MET B 3 32.84 -24.10 20.18
N LYS B 4 31.57 -24.27 19.82
CA LYS B 4 31.17 -25.23 18.79
C LYS B 4 31.22 -24.55 17.43
N ALA B 5 31.65 -25.29 16.41
CA ALA B 5 31.70 -24.75 15.06
C ALA B 5 31.66 -25.87 14.02
N ALA B 6 30.96 -25.62 12.92
CA ALA B 6 30.92 -26.57 11.81
C ALA B 6 32.18 -26.42 10.96
N VAL B 7 32.99 -27.47 10.95
CA VAL B 7 34.31 -27.40 10.33
C VAL B 7 34.38 -28.24 9.07
N VAL B 8 35.03 -27.71 8.05
CA VAL B 8 35.34 -28.49 6.86
C VAL B 8 36.78 -28.96 6.96
N ARG B 9 36.98 -30.28 7.03
CA ARG B 9 38.32 -30.83 7.20
C ARG B 9 38.84 -31.53 5.95
N ALA B 10 37.93 -31.95 5.09
CA ALA B 10 38.30 -32.52 3.81
C ALA B 10 37.26 -32.13 2.78
N PHE B 11 37.71 -31.66 1.63
CA PHE B 11 36.80 -31.21 0.58
C PHE B 11 35.78 -32.28 0.22
N GLY B 12 34.52 -31.89 0.14
CA GLY B 12 33.46 -32.80 -0.26
C GLY B 12 32.93 -33.70 0.85
N ALA B 13 33.61 -33.67 1.99
CA ALA B 13 33.20 -34.50 3.12
C ALA B 13 32.06 -33.84 3.88
N PRO B 14 31.28 -34.64 4.63
CA PRO B 14 30.34 -34.03 5.56
C PRO B 14 31.11 -33.17 6.55
N LEU B 15 30.47 -32.12 7.05
CA LEU B 15 31.08 -31.29 8.09
C LEU B 15 30.88 -31.95 9.44
N THR B 16 31.80 -31.70 10.36
CA THR B 16 31.65 -32.15 11.73
C THR B 16 31.53 -30.95 12.65
N ILE B 17 30.68 -31.08 13.67
CA ILE B 17 30.57 -30.03 14.67
C ILE B 17 31.64 -30.28 15.73
N ASP B 18 32.59 -29.36 15.83
CA ASP B 18 33.75 -29.58 16.70
C ASP B 18 33.85 -28.57 17.82
N GLU B 19 34.61 -28.93 18.84
CA GLU B 19 35.00 -28.00 19.90
C GLU B 19 36.32 -27.37 19.50
N VAL B 20 36.31 -26.07 19.27
CA VAL B 20 37.51 -25.35 18.85
C VAL B 20 37.69 -24.09 19.69
N PRO B 21 38.89 -23.51 19.68
CA PRO B 21 39.12 -22.30 20.48
C PRO B 21 38.28 -21.13 19.96
N VAL B 22 37.80 -20.30 20.88
CA VAL B 22 37.11 -19.08 20.49
C VAL B 22 38.15 -18.09 19.98
N PRO B 23 37.98 -17.60 18.74
CA PRO B 23 38.95 -16.65 18.19
C PRO B 23 38.92 -15.34 18.95
N GLN B 24 40.09 -14.85 19.34
CA GLN B 24 40.19 -13.65 20.15
C GLN B 24 40.77 -12.50 19.31
N PRO B 25 40.13 -11.33 19.38
CA PRO B 25 40.56 -10.19 18.56
C PRO B 25 41.82 -9.50 19.07
N GLY B 26 42.74 -9.22 18.17
CA GLY B 26 43.91 -8.41 18.49
C GLY B 26 43.64 -6.97 18.07
N PRO B 27 44.70 -6.15 17.97
CA PRO B 27 44.54 -4.75 17.58
C PRO B 27 43.79 -4.62 16.26
N GLY B 28 42.82 -3.72 16.21
CA GLY B 28 42.07 -3.45 14.99
C GLY B 28 41.06 -4.52 14.63
N GLN B 29 40.85 -5.48 15.54
CA GLN B 29 39.89 -6.55 15.31
C GLN B 29 38.79 -6.51 16.35
N VAL B 30 37.63 -7.04 15.97
CA VAL B 30 36.54 -7.21 16.93
C VAL B 30 36.07 -8.65 16.95
N GLN B 31 35.32 -9.00 17.97
CA GLN B 31 34.78 -10.35 18.10
C GLN B 31 33.28 -10.28 18.01
N VAL B 32 32.69 -11.16 17.20
CA VAL B 32 31.25 -11.22 17.08
C VAL B 32 30.72 -12.52 17.62
N LYS B 33 29.76 -12.43 18.55
CA LYS B 33 29.06 -13.60 19.01
C LYS B 33 27.86 -13.84 18.10
N ILE B 34 27.88 -14.95 17.38
CA ILE B 34 26.88 -15.25 16.36
C ILE B 34 25.51 -15.58 16.95
N GLU B 35 24.47 -14.92 16.43
CA GLU B 35 23.10 -15.20 16.82
C GLU B 35 22.36 -15.90 15.69
N ALA B 36 22.78 -15.61 14.46
CA ALA B 36 22.24 -16.26 13.28
C ALA B 36 23.31 -16.27 12.19
N SER B 37 23.27 -17.28 11.32
CA SER B 37 24.27 -17.41 10.29
C SER B 37 23.65 -18.01 9.04
N GLY B 38 23.48 -17.19 8.01
CA GLY B 38 22.83 -17.61 6.78
C GLY B 38 23.62 -18.64 5.98
N VAL B 39 22.89 -19.49 5.26
CA VAL B 39 23.51 -20.54 4.45
C VAL B 39 23.18 -20.34 2.97
N CYS B 40 24.13 -20.65 2.09
CA CYS B 40 23.88 -20.50 0.66
C CYS B 40 24.84 -21.33 -0.19
N HIS B 41 24.58 -21.35 -1.50
CA HIS B 41 25.32 -22.21 -2.43
C HIS B 41 26.83 -21.96 -2.44
N THR B 42 27.25 -20.74 -2.16
CA THR B 42 28.68 -20.46 -2.05
C THR B 42 29.32 -21.36 -1.01
N ASP B 43 28.59 -21.61 0.07
CA ASP B 43 29.08 -22.47 1.14
C ASP B 43 29.29 -23.91 0.67
N LEU B 44 28.48 -24.35 -0.28
CA LEU B 44 28.66 -25.69 -0.87
C LEU B 44 29.96 -25.77 -1.65
N HIS B 45 30.22 -24.77 -2.48
CA HIS B 45 31.43 -24.76 -3.29
C HIS B 45 32.68 -24.62 -2.42
N ALA B 46 32.55 -23.92 -1.29
CA ALA B 46 33.63 -23.85 -0.31
C ALA B 46 33.93 -25.24 0.23
N ALA B 47 32.89 -25.90 0.73
CA ALA B 47 33.04 -27.22 1.33
C ALA B 47 33.56 -28.26 0.34
N ASP B 48 33.14 -28.15 -0.91
CA ASP B 48 33.56 -29.09 -1.95
C ASP B 48 34.88 -28.67 -2.59
N GLY B 49 35.25 -27.41 -2.39
CA GLY B 49 36.47 -26.86 -2.95
C GLY B 49 36.56 -27.06 -4.45
N ASP B 50 35.45 -26.89 -5.14
CA ASP B 50 35.42 -27.12 -6.58
C ASP B 50 35.57 -25.85 -7.43
N TRP B 51 35.97 -24.75 -6.79
CA TRP B 51 36.27 -23.52 -7.53
C TRP B 51 37.77 -23.43 -7.80
N PRO B 52 38.16 -22.63 -8.81
CA PRO B 52 39.57 -22.53 -9.23
C PRO B 52 40.51 -22.20 -8.08
N VAL B 53 40.12 -21.26 -7.22
CA VAL B 53 40.88 -20.95 -6.02
C VAL B 53 40.15 -21.51 -4.80
N LYS B 54 40.84 -22.34 -4.03
CA LYS B 54 40.18 -23.09 -2.97
C LYS B 54 40.50 -22.55 -1.59
N PRO B 55 39.59 -22.80 -0.63
CA PRO B 55 39.89 -22.51 0.77
C PRO B 55 41.09 -23.33 1.20
N THR B 56 41.85 -22.85 2.19
CA THR B 56 42.87 -23.68 2.80
C THR B 56 42.20 -24.49 3.90
N LEU B 57 42.52 -25.78 3.97
CA LEU B 57 41.94 -26.66 4.97
C LEU B 57 42.79 -26.67 6.23
N PRO B 58 42.14 -26.76 7.41
CA PRO B 58 40.68 -26.81 7.60
C PRO B 58 40.12 -25.40 7.79
N PHE B 59 38.81 -25.23 7.62
CA PHE B 59 38.20 -23.92 7.82
C PHE B 59 36.74 -24.01 8.27
N ILE B 60 36.22 -22.88 8.74
CA ILE B 60 34.82 -22.77 9.12
C ILE B 60 34.11 -21.88 8.09
N PRO B 61 33.11 -22.43 7.39
CA PRO B 61 32.41 -21.64 6.36
C PRO B 61 31.51 -20.59 6.99
N GLY B 62 30.74 -19.89 6.15
CA GLY B 62 29.76 -18.93 6.63
C GLY B 62 30.14 -17.48 6.45
N HIS B 63 29.52 -16.84 5.46
CA HIS B 63 29.76 -15.42 5.20
C HIS B 63 28.46 -14.63 5.39
N GLU B 64 27.51 -15.22 6.10
CA GLU B 64 26.25 -14.54 6.42
C GLU B 64 26.03 -14.53 7.92
N GLY B 65 27.11 -14.47 8.68
CA GLY B 65 27.01 -14.47 10.13
C GLY B 65 26.59 -13.12 10.68
N VAL B 66 25.59 -13.12 11.55
CA VAL B 66 25.15 -11.88 12.21
C VAL B 66 25.05 -12.10 13.71
N GLY B 67 25.41 -11.08 14.47
CA GLY B 67 25.33 -11.16 15.92
C GLY B 67 25.74 -9.90 16.64
N TYR B 68 26.28 -10.06 17.85
CA TYR B 68 26.67 -8.94 18.69
C TYR B 68 28.18 -8.83 18.81
N VAL B 69 28.70 -7.61 18.76
CA VAL B 69 30.09 -7.38 19.10
C VAL B 69 30.26 -7.75 20.57
N SER B 70 31.07 -8.76 20.84
CA SER B 70 31.24 -9.30 22.18
C SER B 70 32.58 -8.89 22.79
N ALA B 71 33.49 -8.42 21.94
CA ALA B 71 34.77 -7.90 22.40
C ALA B 71 35.41 -7.08 21.29
N VAL B 72 36.37 -6.23 21.65
CA VAL B 72 37.09 -5.44 20.67
C VAL B 72 38.56 -5.32 21.05
N GLY B 73 39.42 -5.26 20.05
CA GLY B 73 40.83 -4.99 20.27
C GLY B 73 41.07 -3.50 20.34
N SER B 74 42.33 -3.12 20.46
CA SER B 74 42.69 -1.71 20.53
C SER B 74 42.43 -1.00 19.20
N GLY B 75 42.23 0.31 19.26
CA GLY B 75 42.12 1.14 18.07
C GLY B 75 40.95 0.81 17.17
N VAL B 76 39.78 0.58 17.78
CA VAL B 76 38.56 0.36 17.01
C VAL B 76 37.54 1.46 17.34
N SER B 77 37.04 2.12 16.30
CA SER B 77 36.11 3.24 16.51
C SER B 77 34.77 3.05 15.80
N ARG B 78 34.75 2.27 14.72
CA ARG B 78 33.52 2.11 13.94
C ARG B 78 32.42 1.33 14.66
N VAL B 79 32.81 0.45 15.58
CA VAL B 79 31.83 -0.28 16.37
C VAL B 79 32.29 -0.42 17.82
N LYS B 80 31.36 -0.79 18.68
CA LYS B 80 31.64 -0.99 20.10
C LYS B 80 30.93 -2.25 20.57
N GLU B 81 31.42 -2.84 21.65
CA GLU B 81 30.78 -4.00 22.24
C GLU B 81 29.27 -3.78 22.38
N GLY B 82 28.49 -4.78 22.00
CA GLY B 82 27.04 -4.68 22.06
C GLY B 82 26.41 -4.34 20.72
N ASP B 83 27.22 -3.81 19.81
CA ASP B 83 26.73 -3.42 18.49
C ASP B 83 26.28 -4.62 17.65
N ARG B 84 25.16 -4.46 16.96
CA ARG B 84 24.63 -5.51 16.10
C ARG B 84 25.27 -5.42 14.71
N VAL B 85 26.01 -6.46 14.34
CA VAL B 85 26.75 -6.46 13.08
C VAL B 85 26.70 -7.83 12.39
N GLY B 86 27.03 -7.81 11.09
CA GLY B 86 27.21 -9.02 10.32
C GLY B 86 28.60 -9.07 9.71
N VAL B 87 29.08 -10.27 9.40
CA VAL B 87 30.40 -10.45 8.82
C VAL B 87 30.27 -11.03 7.41
N PRO B 88 30.26 -10.16 6.38
CA PRO B 88 29.93 -10.57 5.02
C PRO B 88 31.12 -11.15 4.24
N TRP B 89 30.85 -11.55 3.00
CA TRP B 89 31.83 -12.19 2.13
C TRP B 89 33.16 -11.43 2.11
N LEU B 90 33.10 -10.11 1.97
CA LEU B 90 34.29 -9.29 2.00
C LEU B 90 34.78 -9.12 3.44
N TYR B 91 35.65 -10.01 3.87
CA TYR B 91 36.20 -9.93 5.22
C TYR B 91 37.01 -8.65 5.38
N SER B 92 37.85 -8.36 4.39
CA SER B 92 38.64 -7.15 4.36
C SER B 92 39.19 -6.91 2.97
N ALA B 93 39.65 -5.69 2.74
CA ALA B 93 40.36 -5.32 1.52
C ALA B 93 41.57 -4.51 1.95
N CYS B 94 42.45 -4.19 1.00
CA CYS B 94 43.71 -3.52 1.35
C CYS B 94 43.50 -2.04 1.68
N GLY B 95 42.56 -1.40 0.99
CA GLY B 95 42.25 -0.01 1.24
C GLY B 95 43.15 0.99 0.55
N TYR B 96 44.21 0.51 -0.08
CA TYR B 96 45.21 1.40 -0.69
C TYR B 96 45.21 1.34 -2.21
N CYS B 97 44.75 0.22 -2.76
CA CYS B 97 44.92 -0.05 -4.18
C CYS B 97 43.99 0.77 -5.07
N GLU B 98 44.21 0.63 -6.38
CA GLU B 98 43.41 1.32 -7.38
C GLU B 98 41.92 1.05 -7.18
N HIS B 99 41.58 -0.22 -6.98
CA HIS B 99 40.18 -0.61 -6.84
C HIS B 99 39.58 -0.08 -5.54
N CYS B 100 40.31 -0.20 -4.44
CA CYS B 100 39.84 0.25 -3.14
C CYS B 100 39.59 1.74 -3.08
N LEU B 101 40.48 2.51 -3.70
CA LEU B 101 40.34 3.97 -3.71
C LEU B 101 39.17 4.42 -4.57
N GLN B 102 38.89 3.67 -5.63
CA GLN B 102 37.81 4.04 -6.54
C GLN B 102 36.47 3.40 -6.14
N GLY B 103 36.37 3.00 -4.88
CA GLY B 103 35.12 2.50 -4.33
C GLY B 103 34.73 1.11 -4.81
N TRP B 104 35.68 0.40 -5.41
CA TRP B 104 35.44 -0.96 -5.85
C TRP B 104 36.28 -1.97 -5.05
N GLU B 105 36.19 -1.90 -3.72
CA GLU B 105 36.96 -2.79 -2.87
C GLU B 105 36.58 -4.26 -3.09
N THR B 106 35.44 -4.48 -3.73
CA THR B 106 35.00 -5.84 -4.05
C THR B 106 35.96 -6.49 -5.04
N LEU B 107 36.77 -5.67 -5.70
CA LEU B 107 37.69 -6.15 -6.73
C LEU B 107 39.12 -6.14 -6.23
N CYS B 108 39.31 -5.87 -4.94
CA CYS B 108 40.65 -5.85 -4.36
C CYS B 108 41.32 -7.21 -4.46
N GLU B 109 42.50 -7.24 -5.07
CA GLU B 109 43.24 -8.49 -5.27
C GLU B 109 43.92 -8.97 -3.99
N LYS B 110 43.85 -8.17 -2.93
CA LYS B 110 44.36 -8.54 -1.61
C LYS B 110 43.22 -8.86 -0.65
N GLN B 111 42.00 -8.94 -1.17
CA GLN B 111 40.83 -9.16 -0.31
C GLN B 111 40.86 -10.54 0.36
N GLN B 112 40.23 -10.62 1.54
CA GLN B 112 40.01 -11.91 2.20
C GLN B 112 38.52 -12.19 2.22
N ASN B 113 38.13 -13.46 2.21
CA ASN B 113 36.73 -13.81 2.15
C ASN B 113 36.25 -14.68 3.32
N THR B 114 35.29 -14.15 4.07
CA THR B 114 34.73 -14.78 5.26
C THR B 114 34.14 -16.15 4.97
N GLY B 115 34.55 -17.15 5.74
CA GLY B 115 34.05 -18.51 5.55
C GLY B 115 34.63 -19.12 4.29
N TYR B 116 35.79 -18.64 3.88
CA TYR B 116 36.44 -19.14 2.67
C TYR B 116 37.95 -19.11 2.84
N SER B 117 38.52 -17.90 2.86
CA SER B 117 39.96 -17.74 3.04
C SER B 117 40.32 -17.48 4.50
N VAL B 118 39.33 -17.05 5.28
CA VAL B 118 39.45 -16.96 6.73
C VAL B 118 38.21 -17.62 7.33
N ASN B 119 38.25 -17.93 8.62
CA ASN B 119 37.12 -18.59 9.25
C ASN B 119 35.87 -17.72 9.32
N GLY B 120 34.70 -18.35 9.24
CA GLY B 120 33.44 -17.64 9.10
C GLY B 120 32.45 -17.84 10.24
N GLY B 121 31.16 -17.80 9.89
CA GLY B 121 30.10 -17.73 10.87
C GLY B 121 29.36 -19.01 11.23
N TYR B 122 29.81 -20.14 10.72
CA TYR B 122 29.24 -21.42 11.14
C TYR B 122 29.84 -21.80 12.49
N GLY B 123 29.98 -20.83 13.38
CA GLY B 123 30.53 -21.05 14.70
C GLY B 123 29.91 -20.10 15.70
N GLU B 124 30.11 -20.36 17.00
CA GLU B 124 29.50 -19.53 18.03
C GLU B 124 30.06 -18.12 18.06
N TYR B 125 31.34 -17.98 17.72
CA TYR B 125 32.00 -16.67 17.64
C TYR B 125 32.83 -16.57 16.37
N VAL B 126 33.08 -15.34 15.92
CA VAL B 126 33.98 -15.14 14.80
C VAL B 126 34.71 -13.81 14.94
N VAL B 127 35.98 -13.79 14.53
CA VAL B 127 36.76 -12.56 14.52
C VAL B 127 36.59 -11.85 13.18
N ALA B 128 36.37 -10.54 13.22
CA ALA B 128 36.08 -9.77 12.02
C ALA B 128 36.89 -8.48 11.97
N ASP B 129 36.85 -7.81 10.81
CA ASP B 129 37.48 -6.49 10.67
C ASP B 129 36.38 -5.44 10.75
N PRO B 130 36.40 -4.63 11.83
CA PRO B 130 35.33 -3.64 12.07
C PRO B 130 35.14 -2.65 10.92
N ASN B 131 36.19 -2.42 10.15
CA ASN B 131 36.09 -1.53 8.99
C ASN B 131 35.24 -2.13 7.87
N TYR B 132 34.89 -3.40 8.00
CA TYR B 132 34.25 -4.13 6.90
C TYR B 132 32.97 -4.86 7.25
N VAL B 133 32.65 -4.94 8.54
CA VAL B 133 31.40 -5.59 8.94
C VAL B 133 30.21 -4.79 8.45
N GLY B 134 29.06 -5.44 8.37
CA GLY B 134 27.81 -4.75 8.08
C GLY B 134 27.23 -4.24 9.38
N LEU B 135 26.71 -3.02 9.35
CA LEU B 135 26.06 -2.45 10.52
C LEU B 135 24.56 -2.67 10.41
N LEU B 136 24.03 -3.53 11.27
CA LEU B 136 22.66 -3.99 11.15
C LEU B 136 21.66 -3.01 11.78
N PRO B 137 20.48 -2.89 11.16
CA PRO B 137 19.40 -2.05 11.70
C PRO B 137 18.79 -2.70 12.92
N ASP B 138 18.37 -1.88 13.88
CA ASP B 138 17.73 -2.38 15.10
C ASP B 138 16.40 -3.06 14.77
N LYS B 139 15.71 -2.53 13.77
CA LYS B 139 14.33 -2.94 13.47
C LYS B 139 14.16 -4.42 13.10
N VAL B 140 15.19 -5.03 12.52
CA VAL B 140 15.04 -6.37 11.95
C VAL B 140 15.72 -7.46 12.78
N GLY B 141 15.11 -8.63 12.83
CA GLY B 141 15.65 -9.74 13.57
C GLY B 141 16.90 -10.34 12.93
N PHE B 142 17.70 -11.02 13.74
CA PHE B 142 18.94 -11.62 13.26
C PHE B 142 18.69 -12.62 12.14
N VAL B 143 17.69 -13.47 12.31
CA VAL B 143 17.38 -14.49 11.33
C VAL B 143 17.00 -13.88 9.98
N GLU B 144 16.09 -12.91 10.01
CA GLU B 144 15.60 -12.29 8.78
C GLU B 144 16.63 -11.40 8.08
N ILE B 145 17.57 -10.84 8.82
CA ILE B 145 18.54 -9.92 8.22
C ILE B 145 19.74 -10.63 7.60
N ALA B 146 20.04 -11.83 8.10
CA ALA B 146 21.23 -12.55 7.66
C ALA B 146 21.39 -12.64 6.14
N PRO B 147 20.35 -13.10 5.44
CA PRO B 147 20.46 -13.30 3.99
C PRO B 147 20.73 -12.00 3.23
N ILE B 148 20.45 -10.86 3.83
CA ILE B 148 20.70 -9.58 3.17
C ILE B 148 22.20 -9.37 2.98
N LEU B 149 22.99 -10.01 3.84
CA LEU B 149 24.45 -9.92 3.78
C LEU B 149 25.02 -10.51 2.51
N CYS B 150 24.29 -11.43 1.90
CA CYS B 150 24.77 -12.10 0.69
C CYS B 150 23.79 -11.92 -0.46
N ALA B 151 22.66 -12.61 -0.37
CA ALA B 151 21.62 -12.53 -1.38
C ALA B 151 21.14 -11.10 -1.60
N GLY B 152 20.91 -10.38 -0.50
CA GLY B 152 20.35 -9.04 -0.58
C GLY B 152 21.25 -8.06 -1.32
N VAL B 153 22.48 -7.92 -0.84
CA VAL B 153 23.41 -6.98 -1.44
C VAL B 153 23.73 -7.36 -2.89
N THR B 154 23.82 -8.67 -3.16
CA THR B 154 24.11 -9.14 -4.51
C THR B 154 23.06 -8.69 -5.55
N VAL B 155 21.79 -8.92 -5.25
CA VAL B 155 20.74 -8.55 -6.19
C VAL B 155 20.53 -7.03 -6.21
N TYR B 156 20.85 -6.36 -5.11
CA TYR B 156 20.73 -4.91 -5.05
C TYR B 156 21.77 -4.22 -5.93
N LYS B 157 23.03 -4.59 -5.76
CA LYS B 157 24.09 -4.05 -6.58
C LYS B 157 23.93 -4.53 -8.02
N GLY B 158 23.48 -5.77 -8.17
CA GLY B 158 23.17 -6.29 -9.48
C GLY B 158 22.18 -5.37 -10.17
N LEU B 159 21.13 -5.00 -9.46
CA LEU B 159 20.11 -4.11 -10.01
C LEU B 159 20.66 -2.72 -10.33
N LYS B 160 21.47 -2.16 -9.42
CA LYS B 160 22.06 -0.85 -9.69
C LYS B 160 22.87 -0.83 -10.98
N VAL B 161 23.65 -1.89 -11.22
CA VAL B 161 24.51 -1.91 -12.41
C VAL B 161 23.77 -2.27 -13.70
N THR B 162 22.46 -2.46 -13.64
CA THR B 162 21.68 -2.59 -14.86
C THR B 162 21.46 -1.21 -15.45
N ASP B 163 21.87 -0.19 -14.70
CA ASP B 163 21.75 1.20 -15.13
C ASP B 163 20.33 1.49 -15.59
N THR B 164 19.36 0.93 -14.88
CA THR B 164 17.97 1.25 -15.10
C THR B 164 17.58 2.35 -14.12
N ARG B 165 16.45 3.00 -14.36
CA ARG B 165 15.95 4.01 -13.45
C ARG B 165 14.45 3.87 -13.28
N PRO B 166 13.90 4.49 -12.21
CA PRO B 166 12.48 4.37 -11.90
C PRO B 166 11.60 4.55 -13.13
N GLY B 167 10.62 3.67 -13.29
CA GLY B 167 9.70 3.75 -14.41
C GLY B 167 10.02 2.78 -15.52
N GLN B 168 11.27 2.32 -15.56
CA GLN B 168 11.71 1.40 -16.60
C GLN B 168 11.46 -0.06 -16.24
N TRP B 169 11.52 -0.93 -17.26
CA TRP B 169 11.29 -2.35 -17.09
C TRP B 169 12.55 -3.11 -16.72
N VAL B 170 12.42 -4.01 -15.75
CA VAL B 170 13.50 -4.93 -15.43
C VAL B 170 12.95 -6.35 -15.40
N VAL B 171 13.68 -7.26 -16.02
CA VAL B 171 13.34 -8.67 -15.91
C VAL B 171 14.18 -9.30 -14.82
N ILE B 172 13.51 -9.98 -13.89
CA ILE B 172 14.20 -10.83 -12.94
C ILE B 172 14.11 -12.26 -13.45
N SER B 173 15.24 -12.79 -13.92
CA SER B 173 15.28 -14.16 -14.43
C SER B 173 15.68 -15.11 -13.31
N GLY B 174 14.76 -15.99 -12.93
CA GLY B 174 14.95 -16.89 -11.81
C GLY B 174 14.45 -16.25 -10.53
N ILE B 175 13.35 -16.77 -10.00
CA ILE B 175 12.78 -16.26 -8.75
C ILE B 175 13.03 -17.23 -7.61
N GLY B 176 14.29 -17.64 -7.44
CA GLY B 176 14.67 -18.56 -6.39
C GLY B 176 15.21 -17.84 -5.18
N GLY B 177 16.29 -18.38 -4.61
CA GLY B 177 16.90 -17.80 -3.44
C GLY B 177 17.19 -16.31 -3.61
N LEU B 178 17.91 -15.98 -4.69
CA LEU B 178 18.24 -14.60 -4.99
C LEU B 178 17.05 -13.85 -5.56
N GLY B 179 16.39 -14.47 -6.54
CA GLY B 179 15.33 -13.84 -7.29
C GLY B 179 14.18 -13.25 -6.50
N HIS B 180 13.70 -13.99 -5.50
CA HIS B 180 12.55 -13.53 -4.71
C HIS B 180 12.93 -12.27 -3.93
N VAL B 181 14.21 -12.16 -3.58
CA VAL B 181 14.72 -10.97 -2.93
C VAL B 181 14.87 -9.85 -3.96
N ALA B 182 15.31 -10.21 -5.17
CA ALA B 182 15.53 -9.23 -6.23
C ALA B 182 14.25 -8.54 -6.67
N VAL B 183 13.18 -9.31 -6.81
CA VAL B 183 11.89 -8.72 -7.16
C VAL B 183 11.55 -7.59 -6.19
N GLN B 184 11.86 -7.80 -4.92
CA GLN B 184 11.54 -6.81 -3.89
C GLN B 184 12.38 -5.54 -3.98
N TYR B 185 13.70 -5.70 -4.19
CA TYR B 185 14.55 -4.52 -4.36
C TYR B 185 14.16 -3.73 -5.60
N ALA B 186 13.84 -4.44 -6.67
CA ALA B 186 13.49 -3.80 -7.93
C ALA B 186 12.24 -2.92 -7.77
N ARG B 187 11.26 -3.43 -7.04
CA ARG B 187 10.06 -2.66 -6.79
C ARG B 187 10.39 -1.44 -5.94
N ALA B 188 11.18 -1.65 -4.89
CA ALA B 188 11.59 -0.55 -4.02
C ALA B 188 12.36 0.53 -4.80
N MET B 189 13.02 0.12 -5.88
CA MET B 189 13.80 1.05 -6.69
C MET B 189 12.94 1.68 -7.79
N GLY B 190 11.64 1.42 -7.75
CA GLY B 190 10.70 2.04 -8.66
C GLY B 190 10.66 1.45 -10.06
N LEU B 191 11.19 0.24 -10.19
CA LEU B 191 11.20 -0.46 -11.48
C LEU B 191 9.92 -1.25 -11.68
N ARG B 192 9.53 -1.41 -12.95
CA ARG B 192 8.46 -2.33 -13.29
C ARG B 192 9.08 -3.69 -13.50
N VAL B 193 8.60 -4.70 -12.77
CA VAL B 193 9.24 -6.00 -12.78
C VAL B 193 8.50 -7.05 -13.60
N ALA B 194 9.22 -7.66 -14.53
CA ALA B 194 8.73 -8.85 -15.23
C ALA B 194 9.51 -10.07 -14.74
N ALA B 195 8.80 -11.08 -14.27
CA ALA B 195 9.43 -12.29 -13.74
C ALA B 195 9.45 -13.39 -14.79
N VAL B 196 10.55 -14.15 -14.81
CA VAL B 196 10.72 -15.26 -15.73
C VAL B 196 11.30 -16.47 -15.01
N ASP B 197 10.72 -17.64 -15.26
CA ASP B 197 11.17 -18.88 -14.63
C ASP B 197 10.58 -20.06 -15.39
N ILE B 198 10.80 -21.26 -14.87
CA ILE B 198 10.21 -22.46 -15.45
C ILE B 198 9.30 -23.12 -14.43
N ASP B 199 9.28 -22.54 -13.22
CA ASP B 199 8.53 -23.08 -12.10
C ASP B 199 7.35 -22.18 -11.74
N ASP B 200 6.13 -22.69 -11.91
CA ASP B 200 4.93 -21.91 -11.63
C ASP B 200 4.89 -21.35 -10.22
N ALA B 201 5.39 -22.12 -9.26
CA ALA B 201 5.39 -21.70 -7.86
C ALA B 201 6.20 -20.42 -7.67
N LYS B 202 7.39 -20.39 -8.25
CA LYS B 202 8.28 -19.24 -8.14
C LYS B 202 7.70 -18.03 -8.87
N LEU B 203 6.95 -18.26 -9.93
CA LEU B 203 6.32 -17.17 -10.67
C LEU B 203 5.08 -16.65 -9.96
N ASN B 204 4.44 -17.51 -9.17
CA ASN B 204 3.33 -17.09 -8.33
C ASN B 204 3.83 -16.18 -7.21
N LEU B 205 5.00 -16.52 -6.68
CA LEU B 205 5.61 -15.73 -5.62
C LEU B 205 5.95 -14.34 -6.14
N ALA B 206 6.56 -14.29 -7.31
CA ALA B 206 6.91 -13.02 -7.94
C ALA B 206 5.70 -12.10 -8.05
N ARG B 207 4.58 -12.64 -8.50
CA ARG B 207 3.36 -11.86 -8.60
C ARG B 207 2.91 -11.37 -7.23
N ARG B 208 3.06 -12.22 -6.22
CA ARG B 208 2.73 -11.83 -4.84
C ARG B 208 3.65 -10.70 -4.37
N LEU B 209 4.84 -10.62 -4.97
CA LEU B 209 5.84 -9.64 -4.53
C LEU B 209 5.79 -8.36 -5.37
N GLY B 210 4.84 -8.28 -6.28
CA GLY B 210 4.65 -7.06 -7.05
C GLY B 210 5.07 -7.15 -8.50
N ALA B 211 5.50 -8.33 -8.94
CA ALA B 211 5.81 -8.52 -10.35
C ALA B 211 4.57 -8.17 -11.17
N GLU B 212 4.74 -7.27 -12.12
CA GLU B 212 3.62 -6.79 -12.93
C GLU B 212 3.27 -7.84 -13.98
N VAL B 213 4.30 -8.53 -14.48
CA VAL B 213 4.14 -9.56 -15.49
C VAL B 213 4.98 -10.78 -15.14
N ALA B 214 4.49 -11.96 -15.49
CA ALA B 214 5.21 -13.20 -15.24
C ALA B 214 5.07 -14.14 -16.43
N VAL B 215 6.18 -14.72 -16.85
CA VAL B 215 6.18 -15.62 -17.99
C VAL B 215 6.91 -16.91 -17.67
N ASN B 216 6.27 -18.05 -17.94
CA ASN B 216 6.92 -19.33 -17.76
C ASN B 216 7.61 -19.77 -19.05
N ALA B 217 8.92 -19.93 -18.99
CA ALA B 217 9.71 -20.23 -20.17
C ALA B 217 9.43 -21.63 -20.74
N ARG B 218 8.83 -22.50 -19.94
CA ARG B 218 8.47 -23.83 -20.41
C ARG B 218 7.39 -23.77 -21.48
N ASP B 219 6.38 -22.93 -21.23
CA ASP B 219 5.23 -22.81 -22.13
C ASP B 219 5.52 -21.88 -23.29
N THR B 220 6.30 -20.84 -23.02
CA THR B 220 6.44 -19.76 -23.99
C THR B 220 7.84 -19.16 -24.05
N ASP B 221 8.23 -18.74 -25.25
CA ASP B 221 9.48 -18.04 -25.47
C ASP B 221 9.41 -16.69 -24.78
N PRO B 222 10.16 -16.52 -23.68
CA PRO B 222 10.07 -15.27 -22.91
C PRO B 222 10.61 -14.07 -23.69
N ALA B 223 11.54 -14.31 -24.61
CA ALA B 223 12.09 -13.25 -25.45
C ALA B 223 11.01 -12.69 -26.38
N ALA B 224 10.55 -13.52 -27.30
CA ALA B 224 9.52 -13.11 -28.27
C ALA B 224 8.33 -12.49 -27.56
N TRP B 225 7.95 -13.06 -26.42
CA TRP B 225 6.78 -12.60 -25.69
C TRP B 225 6.98 -11.21 -25.07
N LEU B 226 8.06 -11.05 -24.31
CA LEU B 226 8.35 -9.78 -23.67
C LEU B 226 8.58 -8.65 -24.67
N GLN B 227 9.20 -8.98 -25.81
CA GLN B 227 9.42 -7.99 -26.86
C GLN B 227 8.09 -7.43 -27.37
N LYS B 228 7.13 -8.33 -27.57
CA LYS B 228 5.81 -7.93 -28.04
C LYS B 228 5.01 -7.30 -26.90
N GLU B 229 5.02 -7.95 -25.74
CA GLU B 229 4.20 -7.54 -24.61
C GLU B 229 4.61 -6.20 -23.97
N ILE B 230 5.89 -5.86 -24.04
CA ILE B 230 6.37 -4.64 -23.37
C ILE B 230 7.48 -3.92 -24.13
N GLY B 231 7.95 -4.49 -25.23
CA GLY B 231 9.00 -3.86 -26.01
C GLY B 231 10.40 -4.31 -25.61
N GLY B 232 10.47 -5.31 -24.74
CA GLY B 232 11.74 -5.74 -24.19
C GLY B 232 12.07 -4.97 -22.93
N ALA B 233 12.91 -5.54 -22.08
CA ALA B 233 13.23 -4.92 -20.80
C ALA B 233 14.46 -4.02 -20.90
N HIS B 234 14.41 -2.90 -20.18
CA HIS B 234 15.55 -2.00 -20.10
C HIS B 234 16.72 -2.68 -19.42
N GLY B 235 16.42 -3.52 -18.44
CA GLY B 235 17.44 -4.27 -17.74
C GLY B 235 17.02 -5.71 -17.49
N VAL B 236 18.01 -6.56 -17.25
CA VAL B 236 17.75 -7.95 -16.92
C VAL B 236 18.70 -8.39 -15.82
N LEU B 237 18.15 -8.99 -14.76
CA LEU B 237 18.98 -9.57 -13.72
C LEU B 237 18.86 -11.08 -13.78
N VAL B 238 19.95 -11.74 -14.18
CA VAL B 238 19.96 -13.19 -14.22
C VAL B 238 20.53 -13.71 -12.92
N THR B 239 19.65 -14.31 -12.10
CA THR B 239 20.05 -14.75 -10.76
C THR B 239 20.39 -16.24 -10.78
N ALA B 240 19.88 -16.94 -11.77
CA ALA B 240 20.21 -18.35 -11.98
C ALA B 240 20.83 -18.49 -13.37
N VAL B 241 22.15 -18.39 -13.43
CA VAL B 241 22.84 -18.34 -14.70
C VAL B 241 23.03 -19.71 -15.35
N SER B 242 22.21 -19.99 -16.36
CA SER B 242 22.32 -21.19 -17.16
C SER B 242 22.40 -20.74 -18.62
N PRO B 243 23.06 -21.55 -19.47
CA PRO B 243 23.19 -21.15 -20.88
C PRO B 243 21.87 -20.69 -21.49
N LYS B 244 20.76 -21.35 -21.15
CA LYS B 244 19.47 -20.96 -21.70
C LYS B 244 19.00 -19.61 -21.13
N ALA B 245 19.13 -19.45 -19.82
CA ALA B 245 18.75 -18.21 -19.17
C ALA B 245 19.58 -17.05 -19.72
N PHE B 246 20.86 -17.33 -19.97
CA PHE B 246 21.77 -16.34 -20.51
C PHE B 246 21.39 -15.94 -21.94
N SER B 247 21.13 -16.94 -22.78
CA SER B 247 20.75 -16.68 -24.16
C SER B 247 19.44 -15.91 -24.24
N GLN B 248 18.46 -16.33 -23.45
CA GLN B 248 17.15 -15.68 -23.48
C GLN B 248 17.19 -14.27 -22.93
N ALA B 249 18.08 -14.03 -21.98
CA ALA B 249 18.32 -12.68 -21.48
C ALA B 249 18.70 -11.76 -22.64
N ILE B 250 19.60 -12.22 -23.49
CA ILE B 250 20.02 -11.45 -24.65
C ILE B 250 18.85 -11.17 -25.60
N GLY B 251 17.89 -12.08 -25.63
CA GLY B 251 16.68 -11.89 -26.43
C GLY B 251 15.64 -11.00 -25.77
N MET B 252 15.55 -11.07 -24.44
CA MET B 252 14.51 -10.35 -23.70
C MET B 252 14.82 -8.86 -23.54
N VAL B 253 16.10 -8.51 -23.58
CA VAL B 253 16.52 -7.15 -23.28
C VAL B 253 16.20 -6.21 -24.45
N ARG B 254 15.83 -4.98 -24.13
CA ARG B 254 15.57 -3.97 -25.13
C ARG B 254 16.89 -3.55 -25.75
N ARG B 255 16.84 -2.98 -26.95
CA ARG B 255 18.07 -2.46 -27.58
C ARG B 255 18.70 -1.42 -26.65
N GLY B 256 20.01 -1.49 -26.49
CA GLY B 256 20.74 -0.57 -25.64
C GLY B 256 20.61 -0.91 -24.17
N GLY B 257 19.95 -2.02 -23.88
CA GLY B 257 19.70 -2.43 -22.51
C GLY B 257 20.87 -3.15 -21.85
N THR B 258 20.73 -3.48 -20.57
CA THR B 258 21.83 -4.07 -19.82
C THR B 258 21.43 -5.31 -19.04
N ILE B 259 22.21 -6.37 -19.23
CA ILE B 259 22.03 -7.63 -18.54
C ILE B 259 23.09 -7.76 -17.44
N ALA B 260 22.66 -7.89 -16.20
CA ALA B 260 23.58 -8.12 -15.09
C ALA B 260 23.51 -9.58 -14.65
N LEU B 261 24.66 -10.19 -14.44
CA LEU B 261 24.75 -11.60 -14.10
C LEU B 261 25.16 -11.79 -12.65
N ASN B 262 24.34 -12.49 -11.88
CA ASN B 262 24.65 -12.76 -10.47
C ASN B 262 25.27 -14.14 -10.23
N GLY B 263 25.17 -15.01 -11.22
CA GLY B 263 25.55 -16.41 -11.05
C GLY B 263 27.02 -16.72 -11.27
N LEU B 264 27.45 -17.86 -10.74
CA LEU B 264 28.82 -18.32 -10.89
C LEU B 264 28.89 -19.73 -11.49
N PRO B 265 28.24 -19.92 -12.65
CA PRO B 265 28.26 -21.24 -13.29
C PRO B 265 29.61 -21.50 -13.95
N PRO B 266 29.93 -22.77 -14.21
CA PRO B 266 31.19 -23.13 -14.85
C PRO B 266 31.06 -23.12 -16.37
N GLY B 267 32.19 -23.07 -17.06
CA GLY B 267 32.21 -23.16 -18.51
C GLY B 267 32.02 -21.85 -19.24
N ASP B 268 32.30 -21.87 -20.54
CA ASP B 268 32.10 -20.71 -21.39
C ASP B 268 30.71 -20.77 -22.01
N PHE B 269 30.03 -19.63 -22.07
CA PHE B 269 28.71 -19.57 -22.66
C PHE B 269 28.76 -18.97 -24.06
N GLY B 270 28.02 -19.58 -24.98
CA GLY B 270 27.93 -19.07 -26.34
C GLY B 270 27.23 -17.73 -26.37
N THR B 271 27.89 -16.74 -26.98
CA THR B 271 27.39 -15.37 -26.99
C THR B 271 27.32 -14.85 -28.43
N PRO B 272 26.11 -14.48 -28.89
CA PRO B 272 25.91 -14.10 -30.29
C PRO B 272 26.38 -12.67 -30.59
N ILE B 273 27.45 -12.57 -31.37
CA ILE B 273 28.06 -11.28 -31.68
C ILE B 273 27.10 -10.33 -32.38
N PHE B 274 26.48 -10.81 -33.46
CA PHE B 274 25.57 -9.98 -34.22
C PHE B 274 24.55 -9.30 -33.31
N ASP B 275 23.97 -10.06 -32.38
CA ASP B 275 22.91 -9.54 -31.52
C ASP B 275 23.43 -8.56 -30.47
N VAL B 276 24.53 -8.91 -29.81
CA VAL B 276 25.12 -8.02 -28.81
C VAL B 276 25.51 -6.68 -29.44
N VAL B 277 26.20 -6.74 -30.57
CA VAL B 277 26.66 -5.52 -31.23
C VAL B 277 25.50 -4.70 -31.82
N LEU B 278 24.77 -5.28 -32.77
CA LEU B 278 23.66 -4.57 -33.41
C LEU B 278 22.67 -3.97 -32.41
N LYS B 279 22.33 -4.72 -31.37
CA LYS B 279 21.37 -4.25 -30.38
C LYS B 279 22.02 -3.37 -29.32
N GLY B 280 23.34 -3.23 -29.40
CA GLY B 280 24.08 -2.40 -28.47
C GLY B 280 23.85 -2.81 -27.04
N ILE B 281 24.05 -4.10 -26.77
CA ILE B 281 23.72 -4.68 -25.47
C ILE B 281 24.93 -4.70 -24.53
N THR B 282 24.67 -4.40 -23.27
CA THR B 282 25.70 -4.47 -22.24
C THR B 282 25.48 -5.73 -21.39
N ILE B 283 26.55 -6.51 -21.24
CA ILE B 283 26.53 -7.71 -20.42
C ILE B 283 27.52 -7.51 -19.30
N ARG B 284 27.04 -7.56 -18.07
CA ARG B 284 27.82 -7.14 -16.92
C ARG B 284 27.80 -8.18 -15.80
N GLY B 285 28.98 -8.51 -15.29
CA GLY B 285 29.09 -9.45 -14.18
C GLY B 285 28.99 -8.70 -12.86
N SER B 286 28.36 -9.31 -11.87
CA SER B 286 28.17 -8.64 -10.59
C SER B 286 27.76 -9.59 -9.47
N ILE B 287 28.57 -9.65 -8.42
CA ILE B 287 28.24 -10.44 -7.25
C ILE B 287 28.64 -9.67 -5.97
N VAL B 288 27.93 -9.93 -4.88
CA VAL B 288 28.01 -9.14 -3.64
C VAL B 288 28.01 -7.64 -3.91
N GLY B 289 28.72 -6.88 -3.08
CA GLY B 289 28.77 -5.44 -3.23
C GLY B 289 29.75 -4.76 -2.30
N THR B 290 29.94 -3.46 -2.49
CA THR B 290 30.82 -2.69 -1.62
C THR B 290 30.18 -2.49 -0.26
N ARG B 291 30.93 -1.89 0.66
CA ARG B 291 30.40 -1.61 1.99
C ARG B 291 29.21 -0.66 1.92
N SER B 292 29.29 0.35 1.06
CA SER B 292 28.17 1.26 0.89
C SER B 292 27.00 0.53 0.23
N ASP B 293 27.32 -0.37 -0.70
CA ASP B 293 26.28 -1.21 -1.32
C ASP B 293 25.52 -1.99 -0.26
N LEU B 294 26.24 -2.53 0.71
CA LEU B 294 25.61 -3.33 1.75
C LEU B 294 24.79 -2.49 2.73
N GLN B 295 25.32 -1.33 3.10
CA GLN B 295 24.59 -0.43 3.99
C GLN B 295 23.28 -0.02 3.33
N GLU B 296 23.35 0.31 2.04
CA GLU B 296 22.16 0.65 1.28
C GLU B 296 21.16 -0.50 1.25
N SER B 297 21.64 -1.72 1.00
CA SER B 297 20.75 -2.86 0.91
C SER B 297 20.09 -3.13 2.26
N LEU B 298 20.86 -2.95 3.33
CA LEU B 298 20.34 -3.13 4.69
C LEU B 298 19.25 -2.13 5.01
N ASP B 299 19.43 -0.89 4.56
CA ASP B 299 18.46 0.17 4.82
C ASP B 299 17.10 -0.17 4.19
N PHE B 300 17.12 -0.85 3.06
CA PHE B 300 15.88 -1.25 2.40
C PHE B 300 15.14 -2.30 3.22
N ALA B 301 15.88 -3.23 3.80
CA ALA B 301 15.29 -4.24 4.67
C ALA B 301 14.72 -3.59 5.93
N ALA B 302 15.44 -2.58 6.42
CA ALA B 302 15.06 -1.88 7.64
C ALA B 302 13.79 -1.06 7.46
N HIS B 303 13.52 -0.63 6.24
CA HIS B 303 12.33 0.16 5.94
C HIS B 303 11.16 -0.74 5.58
N GLY B 304 11.38 -2.05 5.63
CA GLY B 304 10.32 -3.01 5.37
C GLY B 304 9.98 -3.23 3.91
N ASP B 305 10.85 -2.77 3.02
CA ASP B 305 10.64 -2.96 1.59
C ASP B 305 11.08 -4.35 1.14
N VAL B 306 11.99 -4.97 1.88
CA VAL B 306 12.53 -6.26 1.52
C VAL B 306 12.54 -7.24 2.69
N LYS B 307 11.93 -8.39 2.50
CA LYS B 307 11.94 -9.44 3.51
C LYS B 307 12.22 -10.78 2.84
N ALA B 308 13.33 -11.39 3.23
CA ALA B 308 13.69 -12.69 2.67
C ALA B 308 12.77 -13.76 3.23
N THR B 309 12.46 -14.76 2.40
CA THR B 309 11.80 -15.95 2.89
C THR B 309 12.86 -16.76 3.62
N VAL B 310 12.66 -17.00 4.90
CA VAL B 310 13.65 -17.68 5.70
C VAL B 310 13.07 -18.85 6.49
N SER B 311 13.78 -19.98 6.44
CA SER B 311 13.52 -21.08 7.35
C SER B 311 14.77 -21.32 8.16
N THR B 312 14.61 -21.77 9.40
CA THR B 312 15.76 -21.95 10.28
C THR B 312 16.20 -23.40 10.38
N ALA B 313 17.44 -23.59 10.82
CA ALA B 313 17.96 -24.91 11.14
C ALA B 313 18.97 -24.72 12.25
N LYS B 314 19.29 -25.79 12.96
CA LYS B 314 20.29 -25.71 14.01
C LYS B 314 21.68 -26.01 13.43
N LEU B 315 22.72 -25.59 14.13
CA LEU B 315 24.09 -25.80 13.67
C LEU B 315 24.30 -27.27 13.31
N ASP B 316 23.76 -28.14 14.16
CA ASP B 316 24.00 -29.58 14.05
C ASP B 316 23.33 -30.19 12.82
N ASP B 317 22.38 -29.46 12.22
CA ASP B 317 21.68 -29.95 11.04
C ASP B 317 22.36 -29.49 9.75
N VAL B 318 23.55 -28.92 9.86
CA VAL B 318 24.19 -28.27 8.71
C VAL B 318 24.29 -29.19 7.48
N ASN B 319 24.67 -30.45 7.70
CA ASN B 319 24.78 -31.40 6.60
C ASN B 319 23.42 -31.69 5.95
N ASP B 320 22.40 -31.87 6.78
CA ASP B 320 21.04 -32.06 6.29
C ASP B 320 20.61 -30.84 5.49
N VAL B 321 21.00 -29.66 5.97
CA VAL B 321 20.71 -28.42 5.25
C VAL B 321 21.43 -28.43 3.91
N PHE B 322 22.71 -28.79 3.92
CA PHE B 322 23.48 -28.88 2.69
C PHE B 322 22.82 -29.81 1.68
N GLY B 323 22.25 -30.91 2.18
CA GLY B 323 21.59 -31.88 1.34
C GLY B 323 20.31 -31.34 0.72
N ARG B 324 19.57 -30.58 1.51
CA ARG B 324 18.35 -29.93 1.02
C ARG B 324 18.69 -28.93 -0.07
N LEU B 325 19.73 -28.13 0.16
CA LEU B 325 20.22 -27.19 -0.84
C LEU B 325 20.63 -27.91 -2.11
N ARG B 326 21.46 -28.94 -1.95
CA ARG B 326 21.96 -29.71 -3.08
C ARG B 326 20.83 -30.30 -3.91
N GLU B 327 19.83 -30.86 -3.23
CA GLU B 327 18.71 -31.50 -3.91
C GLU B 327 17.69 -30.48 -4.41
N GLY B 328 17.99 -29.20 -4.23
CA GLY B 328 17.11 -28.13 -4.66
C GLY B 328 15.77 -28.15 -3.97
N LYS B 329 15.76 -28.53 -2.70
CA LYS B 329 14.51 -28.63 -1.94
C LYS B 329 14.24 -27.40 -1.09
N VAL B 330 15.14 -26.44 -1.11
CA VAL B 330 15.01 -25.25 -0.28
C VAL B 330 14.29 -24.10 -0.99
N GLU B 331 13.17 -23.68 -0.43
CA GLU B 331 12.52 -22.45 -0.86
C GLU B 331 13.02 -21.32 0.03
N GLY B 332 13.48 -20.23 -0.59
CA GLY B 332 13.98 -19.11 0.16
C GLY B 332 15.41 -19.33 0.63
N ARG B 333 15.72 -18.81 1.82
CA ARG B 333 17.05 -18.91 2.37
C ARG B 333 17.04 -19.65 3.70
N VAL B 334 17.98 -20.57 3.87
CA VAL B 334 18.14 -21.27 5.14
C VAL B 334 19.12 -20.53 6.03
N VAL B 335 18.74 -20.34 7.30
CA VAL B 335 19.57 -19.63 8.25
C VAL B 335 19.74 -20.43 9.53
N LEU B 336 21.00 -20.67 9.92
CA LEU B 336 21.30 -21.36 11.16
C LEU B 336 20.96 -20.43 12.33
N ASP B 337 20.21 -20.94 13.29
CA ASP B 337 19.78 -20.14 14.44
C ASP B 337 20.57 -20.50 15.71
N PHE B 338 21.38 -19.56 16.18
CA PHE B 338 22.19 -19.77 17.38
C PHE B 338 21.53 -19.16 18.62
N SER B 339 20.29 -18.71 18.49
CA SER B 339 19.60 -18.09 19.60
C SER B 339 19.10 -19.13 20.59
N ARG B 340 19.39 -18.91 21.87
CA ARG B 340 18.98 -19.81 22.95
C ARG B 340 18.50 -21.18 22.46
N ALA C 1 -14.66 26.95 -39.10
CA ALA C 1 -13.86 27.99 -39.72
C ALA C 1 -13.46 29.06 -38.71
N MET C 2 -14.32 29.28 -37.71
CA MET C 2 -14.03 30.23 -36.65
C MET C 2 -14.10 29.55 -35.29
N MET C 3 -13.45 30.14 -34.30
CA MET C 3 -13.39 29.56 -32.95
C MET C 3 -13.24 30.66 -31.92
N LYS C 4 -13.50 30.32 -30.65
CA LYS C 4 -13.24 31.25 -29.56
C LYS C 4 -11.86 30.97 -28.97
N ALA C 5 -11.19 32.03 -28.52
CA ALA C 5 -9.89 31.88 -27.90
C ALA C 5 -9.57 33.11 -27.07
N ALA C 6 -8.95 32.89 -25.91
CA ALA C 6 -8.48 33.99 -25.08
C ALA C 6 -7.25 34.59 -25.75
N VAL C 7 -7.26 35.90 -25.94
CA VAL C 7 -6.19 36.56 -26.68
C VAL C 7 -5.56 37.70 -25.87
N VAL C 8 -4.23 37.74 -25.86
CA VAL C 8 -3.51 38.87 -25.32
C VAL C 8 -3.22 39.83 -26.46
N ARG C 9 -3.74 41.05 -26.36
CA ARG C 9 -3.51 42.03 -27.42
C ARG C 9 -2.64 43.20 -26.93
N ALA C 10 -2.48 43.28 -25.62
CA ALA C 10 -1.57 44.25 -25.02
C ALA C 10 -1.10 43.73 -23.67
N PHE C 11 0.14 43.99 -23.32
CA PHE C 11 0.73 43.46 -22.10
C PHE C 11 0.14 44.10 -20.85
N GLY C 12 -0.20 43.26 -19.88
CA GLY C 12 -0.79 43.71 -18.63
C GLY C 12 -2.29 43.86 -18.72
N ALA C 13 -2.82 43.78 -19.93
CA ALA C 13 -4.25 43.99 -20.16
C ALA C 13 -5.04 42.69 -20.04
N PRO C 14 -6.28 42.79 -19.55
CA PRO C 14 -7.15 41.61 -19.53
C PRO C 14 -7.17 40.94 -20.89
N LEU C 15 -7.25 39.61 -20.90
CA LEU C 15 -7.39 38.87 -22.14
C LEU C 15 -8.81 39.06 -22.65
N THR C 16 -8.96 39.06 -23.97
CA THR C 16 -10.28 39.14 -24.59
C THR C 16 -10.61 37.83 -25.28
N ILE C 17 -11.79 37.27 -24.99
CA ILE C 17 -12.22 36.04 -25.63
C ILE C 17 -12.86 36.34 -26.98
N ASP C 18 -12.05 36.34 -28.03
CA ASP C 18 -12.51 36.71 -29.36
C ASP C 18 -12.93 35.51 -30.19
N GLU C 19 -13.74 35.78 -31.20
CA GLU C 19 -13.96 34.84 -32.28
C GLU C 19 -12.81 35.01 -33.27
N VAL C 20 -12.05 33.95 -33.50
CA VAL C 20 -10.92 34.00 -34.42
C VAL C 20 -10.94 32.77 -35.32
N PRO C 21 -10.18 32.83 -36.44
CA PRO C 21 -10.21 31.73 -37.41
C PRO C 21 -9.46 30.49 -36.94
N VAL C 22 -10.06 29.33 -37.16
CA VAL C 22 -9.43 28.05 -36.85
C VAL C 22 -8.14 27.88 -37.65
N PRO C 23 -7.02 27.64 -36.96
CA PRO C 23 -5.74 27.43 -37.65
C PRO C 23 -5.76 26.10 -38.41
N GLN C 24 -5.17 26.08 -39.60
CA GLN C 24 -5.19 24.88 -40.44
C GLN C 24 -3.80 24.28 -40.59
N PRO C 25 -3.69 22.96 -40.47
CA PRO C 25 -2.42 22.24 -40.59
C PRO C 25 -1.89 22.18 -42.03
N GLY C 26 -0.68 22.69 -42.23
CA GLY C 26 0.02 22.51 -43.49
C GLY C 26 0.81 21.21 -43.42
N PRO C 27 1.59 20.92 -44.46
CA PRO C 27 2.39 19.70 -44.47
C PRO C 27 3.25 19.60 -43.20
N GLY C 28 3.36 18.40 -42.65
CA GLY C 28 4.18 18.19 -41.47
C GLY C 28 3.61 18.85 -40.24
N GLN C 29 2.32 19.17 -40.28
CA GLN C 29 1.63 19.74 -39.12
C GLN C 29 0.37 18.93 -38.82
N VAL C 30 -0.08 19.03 -37.58
CA VAL C 30 -1.38 18.46 -37.21
C VAL C 30 -2.23 19.56 -36.58
N GLN C 31 -3.52 19.26 -36.43
CA GLN C 31 -4.44 20.17 -35.76
C GLN C 31 -4.95 19.45 -34.53
N VAL C 32 -5.19 20.21 -33.46
CA VAL C 32 -5.67 19.60 -32.23
C VAL C 32 -6.90 20.33 -31.70
N LYS C 33 -7.99 19.59 -31.52
CA LYS C 33 -9.15 20.13 -30.84
C LYS C 33 -8.95 20.04 -29.35
N ILE C 34 -8.84 21.19 -28.70
CA ILE C 34 -8.56 21.25 -27.27
C ILE C 34 -9.76 20.81 -26.42
N GLU C 35 -9.51 19.93 -25.48
CA GLU C 35 -10.55 19.47 -24.56
C GLU C 35 -10.26 19.96 -23.14
N ALA C 36 -8.97 20.13 -22.83
CA ALA C 36 -8.57 20.74 -21.56
C ALA C 36 -7.31 21.56 -21.77
N SER C 37 -7.10 22.54 -20.91
CA SER C 37 -5.95 23.43 -21.06
C SER C 37 -5.48 23.95 -19.72
N GLY C 38 -4.29 23.53 -19.31
CA GLY C 38 -3.75 23.92 -18.02
C GLY C 38 -3.32 25.37 -17.94
N VAL C 39 -3.50 25.97 -16.78
CA VAL C 39 -3.06 27.34 -16.53
C VAL C 39 -2.00 27.34 -15.45
N CYS C 40 -1.00 28.20 -15.60
CA CYS C 40 0.04 28.35 -14.59
C CYS C 40 0.71 29.71 -14.68
N HIS C 41 1.57 30.01 -13.71
CA HIS C 41 2.19 31.33 -13.61
C HIS C 41 2.93 31.76 -14.88
N THR C 42 3.51 30.81 -15.61
CA THR C 42 4.18 31.16 -16.86
C THR C 42 3.25 31.95 -17.77
N ASP C 43 1.97 31.59 -17.76
CA ASP C 43 0.98 32.27 -18.59
C ASP C 43 0.85 33.74 -18.16
N LEU C 44 0.97 33.99 -16.86
CA LEU C 44 0.90 35.36 -16.35
C LEU C 44 2.09 36.17 -16.84
N HIS C 45 3.27 35.55 -16.84
CA HIS C 45 4.47 36.22 -17.31
C HIS C 45 4.41 36.48 -18.81
N ALA C 46 3.73 35.60 -19.53
CA ALA C 46 3.55 35.79 -20.97
C ALA C 46 2.62 36.97 -21.21
N ALA C 47 1.47 36.96 -20.54
CA ALA C 47 0.45 38.00 -20.71
C ALA C 47 0.97 39.37 -20.26
N ASP C 48 1.90 39.38 -19.31
CA ASP C 48 2.45 40.63 -18.80
C ASP C 48 3.68 41.06 -19.60
N GLY C 49 4.27 40.11 -20.32
CA GLY C 49 5.48 40.37 -21.09
C GLY C 49 6.60 40.92 -20.24
N ASP C 50 6.78 40.36 -19.05
CA ASP C 50 7.79 40.87 -18.12
C ASP C 50 9.06 40.02 -18.05
N TRP C 51 9.20 39.08 -18.98
CA TRP C 51 10.44 38.31 -19.09
C TRP C 51 11.34 38.96 -20.15
N PRO C 52 12.65 38.70 -20.08
CA PRO C 52 13.62 39.31 -21.00
C PRO C 52 13.18 39.27 -22.46
N VAL C 53 12.74 38.11 -22.93
CA VAL C 53 12.24 37.98 -24.30
C VAL C 53 10.72 37.86 -24.29
N LYS C 54 10.04 38.92 -24.70
CA LYS C 54 8.58 38.97 -24.68
C LYS C 54 7.98 38.18 -25.83
N PRO C 55 6.71 37.77 -25.67
CA PRO C 55 5.93 37.26 -26.80
C PRO C 55 5.63 38.36 -27.81
N THR C 56 5.28 37.97 -29.03
CA THR C 56 4.83 38.91 -30.05
C THR C 56 3.31 39.04 -29.98
N LEU C 57 2.81 40.27 -29.97
CA LEU C 57 1.38 40.51 -29.89
C LEU C 57 0.78 40.66 -31.29
N PRO C 58 -0.46 40.20 -31.47
CA PRO C 58 -1.26 39.52 -30.44
C PRO C 58 -0.94 38.03 -30.41
N PHE C 59 -1.35 37.32 -29.37
CA PHE C 59 -1.12 35.88 -29.30
C PHE C 59 -2.09 35.18 -28.34
N ILE C 60 -2.18 33.86 -28.50
CA ILE C 60 -3.01 33.02 -27.63
C ILE C 60 -2.10 32.21 -26.72
N PRO C 61 -2.23 32.42 -25.40
CA PRO C 61 -1.40 31.71 -24.42
C PRO C 61 -1.79 30.24 -24.30
N GLY C 62 -1.12 29.51 -23.41
CA GLY C 62 -1.47 28.13 -23.13
C GLY C 62 -0.52 27.11 -23.73
N HIS C 63 0.28 26.50 -22.87
CA HIS C 63 1.28 25.52 -23.28
C HIS C 63 1.00 24.20 -22.56
N GLU C 64 -0.23 24.04 -22.08
CA GLU C 64 -0.65 22.82 -21.42
C GLU C 64 -1.95 22.32 -22.03
N GLY C 65 -2.08 22.47 -23.35
CA GLY C 65 -3.28 22.05 -24.04
C GLY C 65 -3.30 20.57 -24.36
N VAL C 66 -4.45 19.94 -24.14
CA VAL C 66 -4.62 18.53 -24.48
C VAL C 66 -5.95 18.33 -25.21
N GLY C 67 -5.99 17.38 -26.14
CA GLY C 67 -7.20 17.12 -26.90
C GLY C 67 -7.03 16.03 -27.91
N TYR C 68 -7.85 16.05 -28.96
CA TYR C 68 -7.80 15.05 -30.03
C TYR C 68 -7.17 15.65 -31.27
N VAL C 69 -6.35 14.86 -31.95
CA VAL C 69 -5.89 15.25 -33.29
C VAL C 69 -7.11 15.22 -34.21
N SER C 70 -7.42 16.37 -34.79
CA SER C 70 -8.63 16.52 -35.59
C SER C 70 -8.35 16.76 -37.07
N ALA C 71 -7.08 16.97 -37.40
CA ALA C 71 -6.67 17.14 -38.78
C ALA C 71 -5.18 16.84 -38.93
N VAL C 72 -4.80 16.29 -40.08
CA VAL C 72 -3.42 15.90 -40.31
C VAL C 72 -2.90 16.40 -41.65
N GLY C 73 -1.94 17.31 -41.61
CA GLY C 73 -1.26 17.76 -42.81
C GLY C 73 -0.51 16.59 -43.43
N SER C 74 0.07 16.81 -44.61
CA SER C 74 0.77 15.74 -45.30
C SER C 74 2.07 15.37 -44.60
N GLY C 75 2.52 14.14 -44.82
CA GLY C 75 3.79 13.68 -44.29
C GLY C 75 3.85 13.59 -42.78
N VAL C 76 2.78 13.11 -42.17
CA VAL C 76 2.75 12.87 -40.73
C VAL C 76 2.49 11.38 -40.46
N SER C 77 3.25 10.82 -39.52
CA SER C 77 3.17 9.39 -39.26
C SER C 77 3.10 9.08 -37.77
N ARG C 78 3.67 9.95 -36.96
CA ARG C 78 3.74 9.72 -35.52
C ARG C 78 2.36 9.66 -34.89
N VAL C 79 1.47 10.54 -35.35
CA VAL C 79 0.09 10.60 -34.85
C VAL C 79 -0.90 10.58 -36.01
N LYS C 80 -2.16 10.31 -35.69
CA LYS C 80 -3.23 10.27 -36.68
C LYS C 80 -4.50 10.87 -36.07
N GLU C 81 -5.53 11.05 -36.90
CA GLU C 81 -6.78 11.60 -36.38
C GLU C 81 -7.35 10.74 -35.25
N GLY C 82 -7.77 11.39 -34.18
CA GLY C 82 -8.34 10.68 -33.05
C GLY C 82 -7.36 10.43 -31.92
N ASP C 83 -6.06 10.60 -32.20
CA ASP C 83 -5.05 10.42 -31.15
C ASP C 83 -5.20 11.49 -30.07
N ARG C 84 -4.90 11.10 -28.84
CA ARG C 84 -4.97 12.02 -27.71
C ARG C 84 -3.60 12.58 -27.39
N VAL C 85 -3.45 13.89 -27.54
CA VAL C 85 -2.14 14.53 -27.43
C VAL C 85 -2.16 15.83 -26.64
N GLY C 86 -1.00 16.20 -26.12
CA GLY C 86 -0.82 17.52 -25.52
C GLY C 86 0.20 18.31 -26.31
N VAL C 87 0.10 19.63 -26.25
CA VAL C 87 1.01 20.51 -26.95
C VAL C 87 1.81 21.32 -25.94
N PRO C 88 2.95 20.77 -25.50
CA PRO C 88 3.69 21.36 -24.37
C PRO C 88 4.50 22.60 -24.74
N TRP C 89 5.11 23.19 -23.72
CA TRP C 89 5.91 24.40 -23.84
C TRP C 89 6.84 24.39 -25.06
N LEU C 90 7.49 23.25 -25.31
CA LEU C 90 8.39 23.15 -26.44
C LEU C 90 7.62 22.80 -27.71
N TYR C 91 7.27 23.83 -28.48
CA TYR C 91 6.50 23.65 -29.70
C TYR C 91 7.33 22.93 -30.76
N SER C 92 8.60 23.32 -30.88
CA SER C 92 9.51 22.69 -31.83
C SER C 92 10.94 23.11 -31.55
N ALA C 93 11.88 22.37 -32.12
CA ALA C 93 13.30 22.73 -32.10
C ALA C 93 13.84 22.40 -33.49
N CYS C 94 15.07 22.82 -33.77
CA CYS C 94 15.59 22.69 -35.14
C CYS C 94 15.95 21.26 -35.55
N GLY C 95 16.38 20.43 -34.59
CA GLY C 95 16.60 19.01 -34.83
C GLY C 95 17.96 18.59 -35.35
N TYR C 96 18.84 19.55 -35.62
CA TYR C 96 20.15 19.27 -36.19
C TYR C 96 21.30 19.96 -35.43
N CYS C 97 20.97 20.86 -34.51
CA CYS C 97 21.99 21.56 -33.74
C CYS C 97 22.59 20.63 -32.69
N GLU C 98 23.76 21.02 -32.16
CA GLU C 98 24.45 20.19 -31.17
C GLU C 98 23.50 19.70 -30.08
N HIS C 99 22.72 20.63 -29.54
CA HIS C 99 21.80 20.31 -28.45
C HIS C 99 20.73 19.32 -28.87
N CYS C 100 20.05 19.61 -29.97
CA CYS C 100 19.01 18.72 -30.48
C CYS C 100 19.55 17.31 -30.77
N LEU C 101 20.77 17.24 -31.30
CA LEU C 101 21.36 15.96 -31.66
C LEU C 101 21.75 15.12 -30.44
N GLN C 102 21.94 15.78 -29.29
CA GLN C 102 22.34 15.09 -28.09
C GLN C 102 21.16 14.89 -27.13
N GLY C 103 19.95 14.97 -27.67
CA GLY C 103 18.75 14.77 -26.87
C GLY C 103 18.54 15.84 -25.83
N TRP C 104 18.97 17.06 -26.14
CA TRP C 104 18.73 18.21 -25.28
C TRP C 104 18.03 19.32 -26.07
N GLU C 105 16.93 18.96 -26.73
CA GLU C 105 16.23 19.91 -27.58
C GLU C 105 15.69 21.11 -26.80
N THR C 106 15.57 20.97 -25.48
CA THR C 106 15.08 22.07 -24.65
C THR C 106 16.12 23.18 -24.53
N LEU C 107 17.34 22.91 -24.97
CA LEU C 107 18.38 23.92 -24.96
C LEU C 107 18.57 24.50 -26.37
N CYS C 108 17.73 24.07 -27.30
CA CYS C 108 17.82 24.55 -28.68
C CYS C 108 17.55 26.05 -28.75
N GLU C 109 18.50 26.79 -29.31
CA GLU C 109 18.40 28.24 -29.37
C GLU C 109 17.40 28.70 -30.43
N LYS C 110 16.95 27.77 -31.27
CA LYS C 110 15.99 28.09 -32.33
C LYS C 110 14.60 27.51 -32.04
N GLN C 111 14.36 27.14 -30.79
CA GLN C 111 13.09 26.52 -30.41
C GLN C 111 11.95 27.54 -30.43
N GLN C 112 10.73 27.04 -30.67
CA GLN C 112 9.53 27.86 -30.51
C GLN C 112 8.78 27.38 -29.28
N ASN C 113 8.15 28.30 -28.58
CA ASN C 113 7.44 27.94 -27.35
C ASN C 113 5.93 28.19 -27.41
N THR C 114 5.18 27.12 -27.17
CA THR C 114 3.72 27.15 -27.23
C THR C 114 3.11 28.15 -26.26
N GLY C 115 2.16 28.93 -26.74
CA GLY C 115 1.47 29.91 -25.91
C GLY C 115 2.39 31.05 -25.51
N TYR C 116 3.38 31.31 -26.34
CA TYR C 116 4.35 32.36 -26.06
C TYR C 116 4.91 32.98 -27.34
N SER C 117 5.62 32.18 -28.14
CA SER C 117 6.17 32.65 -29.39
C SER C 117 5.29 32.20 -30.56
N VAL C 118 4.49 31.17 -30.30
CA VAL C 118 3.46 30.73 -31.24
C VAL C 118 2.18 30.53 -30.45
N ASN C 119 1.03 30.57 -31.13
CA ASN C 119 -0.25 30.44 -30.46
C ASN C 119 -0.43 29.11 -29.73
N GLY C 120 -1.07 29.16 -28.56
CA GLY C 120 -1.20 28.01 -27.71
C GLY C 120 -2.58 27.42 -27.56
N GLY C 121 -2.82 26.77 -26.43
CA GLY C 121 -4.05 26.01 -26.22
C GLY C 121 -5.16 26.71 -25.48
N TYR C 122 -5.09 28.03 -25.39
CA TYR C 122 -6.20 28.81 -24.84
C TYR C 122 -7.23 29.09 -25.92
N GLY C 123 -7.55 28.05 -26.69
CA GLY C 123 -8.51 28.17 -27.77
C GLY C 123 -9.00 26.78 -28.14
N GLU C 124 -10.06 26.73 -28.94
CA GLU C 124 -10.71 25.47 -29.27
C GLU C 124 -9.84 24.57 -30.13
N TYR C 125 -9.03 25.18 -30.99
CA TYR C 125 -8.11 24.43 -31.83
C TYR C 125 -6.73 25.08 -31.83
N VAL C 126 -5.71 24.28 -32.06
CA VAL C 126 -4.34 24.78 -32.15
C VAL C 126 -3.59 23.92 -33.15
N VAL C 127 -2.76 24.56 -33.98
CA VAL C 127 -1.86 23.81 -34.85
C VAL C 127 -0.59 23.47 -34.08
N ALA C 128 -0.10 22.24 -34.27
CA ALA C 128 1.07 21.78 -33.56
C ALA C 128 2.01 21.01 -34.47
N ASP C 129 3.24 20.80 -34.02
CA ASP C 129 4.23 20.01 -34.74
C ASP C 129 4.17 18.59 -34.20
N PRO C 130 3.80 17.62 -35.06
CA PRO C 130 3.56 16.24 -34.63
C PRO C 130 4.78 15.63 -33.96
N ASN C 131 5.96 16.11 -34.33
CA ASN C 131 7.19 15.58 -33.79
C ASN C 131 7.44 15.97 -32.33
N TYR C 132 6.70 16.96 -31.84
CA TYR C 132 6.96 17.50 -30.52
C TYR C 132 5.77 17.49 -29.55
N VAL C 133 4.62 16.98 -30.01
CA VAL C 133 3.46 16.86 -29.14
C VAL C 133 3.69 15.76 -28.10
N GLY C 134 2.95 15.82 -27.00
CA GLY C 134 2.98 14.76 -26.01
C GLY C 134 1.93 13.72 -26.35
N LEU C 135 2.32 12.45 -26.30
CA LEU C 135 1.36 11.36 -26.54
C LEU C 135 0.76 10.93 -25.20
N LEU C 136 -0.56 11.05 -25.09
CA LEU C 136 -1.24 10.91 -23.80
C LEU C 136 -1.67 9.48 -23.47
N PRO C 137 -1.49 9.08 -22.21
CA PRO C 137 -1.93 7.77 -21.74
C PRO C 137 -3.45 7.66 -21.82
N ASP C 138 -3.94 6.50 -22.27
CA ASP C 138 -5.37 6.27 -22.39
C ASP C 138 -6.08 6.38 -21.05
N LYS C 139 -5.41 5.93 -20.00
CA LYS C 139 -6.03 5.79 -18.68
C LYS C 139 -6.48 7.09 -18.02
N VAL C 140 -5.80 8.19 -18.34
CA VAL C 140 -6.04 9.44 -17.61
C VAL C 140 -6.87 10.45 -18.40
N GLY C 141 -7.82 11.09 -17.72
CA GLY C 141 -8.68 12.08 -18.34
C GLY C 141 -7.93 13.34 -18.74
N PHE C 142 -8.51 14.11 -19.65
CA PHE C 142 -7.87 15.31 -20.17
C PHE C 142 -7.54 16.34 -19.09
N VAL C 143 -8.47 16.57 -18.18
CA VAL C 143 -8.27 17.57 -17.12
C VAL C 143 -7.15 17.15 -16.18
N GLU C 144 -7.17 15.89 -15.77
CA GLU C 144 -6.20 15.35 -14.81
C GLU C 144 -4.77 15.38 -15.37
N ILE C 145 -4.63 15.11 -16.65
CA ILE C 145 -3.32 14.95 -17.27
C ILE C 145 -2.68 16.26 -17.73
N ALA C 146 -3.50 17.27 -17.98
CA ALA C 146 -3.00 18.52 -18.55
C ALA C 146 -1.79 19.10 -17.81
N PRO C 147 -1.86 19.18 -16.47
CA PRO C 147 -0.76 19.76 -15.68
C PRO C 147 0.55 18.96 -15.73
N ILE C 148 0.49 17.72 -16.19
CA ILE C 148 1.69 16.91 -16.30
C ILE C 148 2.60 17.43 -17.42
N LEU C 149 1.99 18.13 -18.38
CA LEU C 149 2.75 18.70 -19.49
C LEU C 149 3.70 19.80 -19.02
N CYS C 150 3.46 20.35 -17.85
CA CYS C 150 4.27 21.46 -17.32
C CYS C 150 4.80 21.19 -15.92
N ALA C 151 3.91 21.21 -14.93
CA ALA C 151 4.29 20.90 -13.56
C ALA C 151 4.93 19.52 -13.48
N GLY C 152 4.30 18.54 -14.11
CA GLY C 152 4.77 17.16 -14.07
C GLY C 152 6.18 17.00 -14.58
N VAL C 153 6.38 17.31 -15.85
CA VAL C 153 7.69 17.13 -16.48
C VAL C 153 8.78 17.99 -15.80
N THR C 154 8.42 19.21 -15.41
CA THR C 154 9.36 20.12 -14.77
C THR C 154 9.97 19.53 -13.50
N VAL C 155 9.12 19.06 -12.58
CA VAL C 155 9.61 18.54 -11.31
C VAL C 155 10.22 17.16 -11.46
N TYR C 156 9.72 16.39 -12.42
CA TYR C 156 10.27 15.06 -12.70
C TYR C 156 11.70 15.16 -13.21
N LYS C 157 11.88 16.01 -14.22
CA LYS C 157 13.20 16.26 -14.79
C LYS C 157 14.12 16.90 -13.76
N GLY C 158 13.54 17.76 -12.93
CA GLY C 158 14.30 18.39 -11.86
C GLY C 158 14.83 17.38 -10.87
N LEU C 159 13.97 16.45 -10.47
CA LEU C 159 14.37 15.39 -9.56
C LEU C 159 15.45 14.51 -10.19
N LYS C 160 15.28 14.18 -11.46
CA LYS C 160 16.28 13.39 -12.17
C LYS C 160 17.67 14.01 -12.10
N VAL C 161 17.76 15.32 -12.37
CA VAL C 161 19.06 15.99 -12.43
C VAL C 161 19.66 16.33 -11.06
N THR C 162 18.96 15.98 -9.99
CA THR C 162 19.56 16.09 -8.65
C THR C 162 20.53 14.92 -8.44
N ASP C 163 20.58 14.02 -9.42
CA ASP C 163 21.48 12.89 -9.39
C ASP C 163 21.36 12.09 -8.10
N THR C 164 20.12 11.88 -7.67
CA THR C 164 19.85 11.04 -6.52
C THR C 164 19.42 9.67 -6.99
N ARG C 165 19.42 8.70 -6.08
CA ARG C 165 18.95 7.37 -6.41
C ARG C 165 18.07 6.81 -5.29
N PRO C 166 17.29 5.77 -5.59
CA PRO C 166 16.39 5.18 -4.60
C PRO C 166 17.08 4.97 -3.25
N GLY C 167 16.38 5.31 -2.17
CA GLY C 167 16.90 5.15 -0.82
C GLY C 167 17.50 6.42 -0.26
N GLN C 168 17.94 7.31 -1.15
CA GLN C 168 18.57 8.56 -0.72
C GLN C 168 17.52 9.61 -0.34
N TRP C 169 17.97 10.70 0.28
CA TRP C 169 17.09 11.76 0.74
C TRP C 169 16.99 12.88 -0.28
N VAL C 170 15.78 13.39 -0.47
CA VAL C 170 15.58 14.60 -1.25
C VAL C 170 14.68 15.56 -0.47
N VAL C 171 15.07 16.82 -0.44
CA VAL C 171 14.23 17.84 0.15
C VAL C 171 13.39 18.47 -0.95
N ILE C 172 12.08 18.49 -0.76
CA ILE C 172 11.23 19.24 -1.67
C ILE C 172 10.91 20.57 -1.01
N SER C 173 11.48 21.64 -1.57
CA SER C 173 11.27 22.98 -1.03
C SER C 173 10.10 23.67 -1.71
N GLY C 174 9.06 23.95 -0.92
CA GLY C 174 7.83 24.49 -1.44
C GLY C 174 6.89 23.38 -1.87
N ILE C 175 5.80 23.21 -1.13
CA ILE C 175 4.81 22.18 -1.44
C ILE C 175 3.54 22.80 -2.01
N GLY C 176 3.71 23.60 -3.07
CA GLY C 176 2.59 24.26 -3.72
C GLY C 176 2.21 23.63 -5.05
N GLY C 177 2.03 24.47 -6.06
CA GLY C 177 1.61 23.98 -7.37
C GLY C 177 2.53 22.92 -7.93
N LEU C 178 3.83 23.21 -7.95
CA LEU C 178 4.82 22.25 -8.40
C LEU C 178 5.12 21.23 -7.32
N GLY C 179 5.35 21.73 -6.11
CA GLY C 179 5.82 20.93 -4.99
C GLY C 179 4.98 19.70 -4.66
N HIS C 180 3.67 19.85 -4.67
CA HIS C 180 2.80 18.73 -4.29
C HIS C 180 2.83 17.63 -5.35
N VAL C 181 3.20 17.99 -6.57
CA VAL C 181 3.40 17.00 -7.63
C VAL C 181 4.80 16.39 -7.48
N ALA C 182 5.78 17.22 -7.14
CA ALA C 182 7.15 16.77 -6.95
C ALA C 182 7.24 15.71 -5.86
N VAL C 183 6.51 15.92 -4.77
CA VAL C 183 6.51 14.96 -3.68
C VAL C 183 6.14 13.57 -4.19
N GLN C 184 5.14 13.52 -5.07
CA GLN C 184 4.64 12.25 -5.59
C GLN C 184 5.61 11.56 -6.56
N TYR C 185 6.21 12.31 -7.46
CA TYR C 185 7.25 11.74 -8.31
C TYR C 185 8.40 11.24 -7.45
N ALA C 186 8.84 12.06 -6.51
CA ALA C 186 9.93 11.68 -5.61
C ALA C 186 9.66 10.32 -4.97
N ARG C 187 8.47 10.14 -4.39
CA ARG C 187 8.09 8.87 -3.80
C ARG C 187 8.19 7.72 -4.81
N ALA C 188 7.63 7.94 -6.00
CA ALA C 188 7.60 6.91 -7.04
C ALA C 188 9.00 6.59 -7.55
N MET C 189 9.94 7.52 -7.35
CA MET C 189 11.32 7.30 -7.76
C MET C 189 12.15 6.70 -6.63
N GLY C 190 11.47 6.19 -5.60
CA GLY C 190 12.10 5.49 -4.51
C GLY C 190 12.88 6.35 -3.55
N LEU C 191 12.56 7.64 -3.54
CA LEU C 191 13.29 8.60 -2.70
C LEU C 191 12.62 8.81 -1.35
N ARG C 192 13.43 9.14 -0.35
CA ARG C 192 12.91 9.56 0.95
C ARG C 192 12.74 11.08 0.93
N VAL C 193 11.52 11.53 1.19
CA VAL C 193 11.19 12.94 1.02
C VAL C 193 11.17 13.70 2.33
N ALA C 194 11.83 14.85 2.34
CA ALA C 194 11.72 15.80 3.43
C ALA C 194 11.08 17.06 2.89
N ALA C 195 9.89 17.38 3.39
CA ALA C 195 9.16 18.54 2.90
C ALA C 195 9.52 19.80 3.67
N VAL C 196 9.69 20.90 2.97
CA VAL C 196 10.01 22.17 3.61
C VAL C 196 9.16 23.32 3.04
N ASP C 197 8.51 24.04 3.94
CA ASP C 197 7.68 25.19 3.57
C ASP C 197 7.46 26.05 4.81
N ILE C 198 6.73 27.15 4.66
CA ILE C 198 6.33 27.96 5.80
C ILE C 198 4.83 27.81 6.06
N ASP C 199 4.14 27.19 5.11
CA ASP C 199 2.70 27.00 5.19
C ASP C 199 2.38 25.63 5.79
N ASP C 200 1.79 25.64 6.98
CA ASP C 200 1.46 24.40 7.69
C ASP C 200 0.53 23.49 6.90
N ALA C 201 -0.44 24.08 6.19
CA ALA C 201 -1.37 23.32 5.37
C ALA C 201 -0.62 22.56 4.28
N LYS C 202 0.28 23.25 3.59
CA LYS C 202 1.08 22.63 2.55
C LYS C 202 1.94 21.51 3.15
N LEU C 203 2.47 21.74 4.34
CA LEU C 203 3.24 20.71 5.02
C LEU C 203 2.40 19.50 5.37
N ASN C 204 1.17 19.73 5.84
CA ASN C 204 0.25 18.62 6.11
C ASN C 204 -0.04 17.80 4.86
N LEU C 205 -0.18 18.48 3.73
CA LEU C 205 -0.40 17.81 2.45
C LEU C 205 0.78 16.90 2.12
N ALA C 206 1.99 17.43 2.28
CA ALA C 206 3.20 16.67 2.01
C ALA C 206 3.20 15.35 2.79
N ARG C 207 2.84 15.43 4.08
CA ARG C 207 2.76 14.24 4.91
C ARG C 207 1.78 13.21 4.35
N ARG C 208 0.58 13.67 3.99
CA ARG C 208 -0.42 12.78 3.41
C ARG C 208 0.12 12.14 2.14
N LEU C 209 0.99 12.87 1.44
CA LEU C 209 1.55 12.41 0.16
C LEU C 209 2.71 11.45 0.31
N GLY C 210 3.19 11.27 1.53
CA GLY C 210 4.24 10.29 1.80
C GLY C 210 5.56 10.86 2.29
N ALA C 211 5.61 12.18 2.50
CA ALA C 211 6.82 12.80 3.04
C ALA C 211 7.15 12.19 4.40
N GLU C 212 8.39 11.77 4.57
CA GLU C 212 8.84 11.13 5.80
C GLU C 212 9.07 12.18 6.89
N VAL C 213 9.47 13.37 6.46
CA VAL C 213 9.69 14.48 7.38
C VAL C 213 9.11 15.77 6.79
N ALA C 214 8.53 16.60 7.65
CA ALA C 214 8.04 17.90 7.23
C ALA C 214 8.56 18.95 8.21
N VAL C 215 9.26 19.96 7.69
CA VAL C 215 9.85 20.99 8.52
C VAL C 215 9.25 22.34 8.15
N ASN C 216 8.82 23.09 9.16
CA ASN C 216 8.34 24.44 8.91
C ASN C 216 9.46 25.46 9.14
N ALA C 217 9.83 26.15 8.07
CA ALA C 217 10.95 27.07 8.11
C ALA C 217 10.72 28.25 9.06
N ARG C 218 9.46 28.52 9.37
CA ARG C 218 9.11 29.60 10.28
C ARG C 218 9.57 29.31 11.70
N ASP C 219 9.33 28.08 12.15
CA ASP C 219 9.62 27.69 13.52
C ASP C 219 11.01 27.08 13.65
N THR C 220 11.51 26.53 12.55
CA THR C 220 12.75 25.77 12.59
C THR C 220 13.69 26.12 11.45
N ASP C 221 14.97 26.30 11.76
CA ASP C 221 16.00 26.44 10.74
C ASP C 221 16.18 25.08 10.10
N PRO C 222 15.62 24.89 8.89
CA PRO C 222 15.65 23.55 8.30
C PRO C 222 17.06 23.10 7.92
N ALA C 223 17.93 24.05 7.59
CA ALA C 223 19.33 23.71 7.31
C ALA C 223 19.95 23.06 8.54
N ALA C 224 19.88 23.74 9.67
CA ALA C 224 20.45 23.23 10.92
C ALA C 224 19.80 21.90 11.29
N TRP C 225 18.47 21.85 11.21
CA TRP C 225 17.72 20.69 11.64
C TRP C 225 18.00 19.45 10.81
N LEU C 226 18.01 19.61 9.48
CA LEU C 226 18.26 18.48 8.58
C LEU C 226 19.71 18.00 8.64
N GLN C 227 20.64 18.94 8.80
CA GLN C 227 22.03 18.57 8.98
C GLN C 227 22.18 17.74 10.25
N LYS C 228 21.37 18.08 11.25
CA LYS C 228 21.42 17.41 12.54
C LYS C 228 20.76 16.04 12.48
N GLU C 229 19.70 15.94 11.68
CA GLU C 229 18.86 14.74 11.67
C GLU C 229 19.27 13.69 10.66
N ILE C 230 19.72 14.11 9.48
CA ILE C 230 20.07 13.17 8.42
C ILE C 230 21.37 13.52 7.72
N GLY C 231 22.19 14.35 8.35
CA GLY C 231 23.44 14.77 7.76
C GLY C 231 23.23 15.45 6.42
N GLY C 232 22.02 15.96 6.21
CA GLY C 232 21.69 16.66 4.97
C GLY C 232 20.95 15.81 3.98
N ALA C 233 20.41 16.44 2.95
CA ALA C 233 19.75 15.72 1.87
C ALA C 233 20.68 15.59 0.66
N HIS C 234 20.65 14.43 0.02
CA HIS C 234 21.48 14.18 -1.15
C HIS C 234 21.06 15.09 -2.31
N GLY C 235 19.77 15.34 -2.39
CA GLY C 235 19.23 16.26 -3.38
C GLY C 235 18.29 17.26 -2.76
N VAL C 236 18.24 18.45 -3.35
CA VAL C 236 17.25 19.46 -2.99
C VAL C 236 16.56 19.96 -4.25
N LEU C 237 15.23 19.84 -4.29
CA LEU C 237 14.47 20.44 -5.37
C LEU C 237 13.77 21.71 -4.90
N VAL C 238 14.22 22.85 -5.41
CA VAL C 238 13.61 24.12 -5.04
C VAL C 238 12.53 24.49 -6.05
N THR C 239 11.27 24.38 -5.64
CA THR C 239 10.14 24.65 -6.53
C THR C 239 9.67 26.10 -6.41
N ALA C 240 10.04 26.75 -5.32
CA ALA C 240 9.75 28.18 -5.15
C ALA C 240 11.06 28.96 -5.07
N VAL C 241 11.62 29.26 -6.22
CA VAL C 241 12.96 29.83 -6.30
C VAL C 241 13.02 31.28 -5.84
N SER C 242 13.54 31.49 -4.64
CA SER C 242 13.72 32.82 -4.08
C SER C 242 15.04 32.84 -3.31
N PRO C 243 15.54 34.03 -2.98
CA PRO C 243 16.79 34.15 -2.22
C PRO C 243 16.80 33.30 -0.95
N LYS C 244 15.78 33.43 -0.12
CA LYS C 244 15.73 32.66 1.12
C LYS C 244 15.71 31.16 0.86
N ALA C 245 15.00 30.75 -0.19
CA ALA C 245 14.90 29.35 -0.54
C ALA C 245 16.23 28.82 -1.07
N PHE C 246 16.89 29.65 -1.88
CA PHE C 246 18.18 29.31 -2.47
C PHE C 246 19.27 29.14 -1.42
N SER C 247 19.37 30.10 -0.49
CA SER C 247 20.36 30.06 0.57
C SER C 247 20.14 28.85 1.46
N GLN C 248 18.88 28.62 1.84
CA GLN C 248 18.56 27.51 2.73
C GLN C 248 18.79 26.16 2.06
N ALA C 249 18.57 26.09 0.76
CA ALA C 249 18.87 24.87 0.01
C ALA C 249 20.34 24.52 0.15
N ILE C 250 21.19 25.53 0.04
CA ILE C 250 22.63 25.36 0.19
C ILE C 250 22.97 24.88 1.61
N GLY C 251 22.13 25.27 2.57
CA GLY C 251 22.32 24.86 3.94
C GLY C 251 21.82 23.46 4.22
N MET C 252 20.76 23.06 3.52
CA MET C 252 20.11 21.78 3.77
C MET C 252 20.79 20.64 3.04
N VAL C 253 21.46 20.96 1.93
CA VAL C 253 22.07 19.92 1.12
C VAL C 253 23.25 19.27 1.86
N ARG C 254 23.38 17.96 1.68
CA ARG C 254 24.49 17.21 2.22
C ARG C 254 25.74 17.56 1.43
N ARG C 255 26.92 17.42 2.05
CA ARG C 255 28.15 17.66 1.32
C ARG C 255 28.19 16.80 0.06
N GLY C 256 28.56 17.39 -1.06
CA GLY C 256 28.62 16.67 -2.32
C GLY C 256 27.26 16.48 -2.96
N GLY C 257 26.23 17.06 -2.34
CA GLY C 257 24.87 16.95 -2.84
C GLY C 257 24.59 17.86 -4.01
N THR C 258 23.40 17.73 -4.59
CA THR C 258 23.00 18.53 -5.75
C THR C 258 21.71 19.29 -5.51
N ILE C 259 21.68 20.55 -5.90
CA ILE C 259 20.49 21.40 -5.79
C ILE C 259 19.94 21.72 -7.17
N ALA C 260 18.67 21.39 -7.40
CA ALA C 260 18.01 21.71 -8.65
C ALA C 260 17.01 22.85 -8.49
N LEU C 261 17.19 23.91 -9.27
CA LEU C 261 16.31 25.07 -9.21
C LEU C 261 15.21 24.98 -10.28
N ASN C 262 13.96 24.99 -9.84
CA ASN C 262 12.83 24.71 -10.73
C ASN C 262 12.12 25.92 -11.33
N GLY C 263 12.49 27.12 -10.92
CA GLY C 263 11.80 28.32 -11.38
C GLY C 263 12.64 29.33 -12.13
N LEU C 264 12.00 30.43 -12.55
CA LEU C 264 12.66 31.50 -13.29
C LEU C 264 12.52 32.84 -12.59
N PRO C 265 13.23 33.03 -11.48
CA PRO C 265 13.09 34.24 -10.65
C PRO C 265 13.90 35.41 -11.20
N PRO C 266 13.50 36.64 -10.89
CA PRO C 266 14.21 37.85 -11.31
C PRO C 266 15.44 38.14 -10.46
N GLY C 267 16.46 38.76 -11.06
CA GLY C 267 17.60 39.26 -10.31
C GLY C 267 18.69 38.26 -9.98
N ASP C 268 19.73 38.74 -9.33
CA ASP C 268 20.87 37.91 -8.94
C ASP C 268 20.75 37.46 -7.49
N PHE C 269 21.01 36.18 -7.25
CA PHE C 269 21.02 35.65 -5.88
C PHE C 269 22.47 35.57 -5.39
N GLY C 270 22.66 35.81 -4.09
CA GLY C 270 23.99 35.76 -3.51
C GLY C 270 24.42 34.33 -3.21
N THR C 271 25.50 33.90 -3.85
CA THR C 271 25.99 32.54 -3.70
C THR C 271 27.28 32.48 -2.89
N PRO C 272 27.26 31.72 -1.79
CA PRO C 272 28.44 31.59 -0.92
C PRO C 272 29.47 30.66 -1.56
N ILE C 273 30.30 31.20 -2.44
CA ILE C 273 31.30 30.40 -3.12
C ILE C 273 32.00 29.49 -2.13
N PHE C 274 32.51 30.09 -1.06
CA PHE C 274 33.29 29.36 -0.06
C PHE C 274 32.62 28.05 0.32
N ASP C 275 31.38 28.13 0.80
CA ASP C 275 30.63 26.95 1.21
C ASP C 275 30.43 25.97 0.05
N VAL C 276 30.07 26.50 -1.11
CA VAL C 276 29.83 25.65 -2.28
C VAL C 276 31.07 24.83 -2.64
N VAL C 277 32.24 25.43 -2.51
CA VAL C 277 33.49 24.76 -2.86
C VAL C 277 33.95 23.74 -1.81
N LEU C 278 34.01 24.17 -0.55
CA LEU C 278 34.42 23.28 0.53
C LEU C 278 33.47 22.09 0.66
N LYS C 279 32.19 22.32 0.40
CA LYS C 279 31.19 21.27 0.56
C LYS C 279 31.00 20.46 -0.74
N GLY C 280 31.60 20.93 -1.82
CA GLY C 280 31.57 20.22 -3.09
C GLY C 280 30.17 20.16 -3.69
N ILE C 281 29.42 21.25 -3.53
CA ILE C 281 28.02 21.28 -3.92
C ILE C 281 27.79 21.58 -5.41
N THR C 282 26.75 20.96 -5.96
CA THR C 282 26.32 21.20 -7.33
C THR C 282 25.03 22.00 -7.34
N ILE C 283 25.00 23.06 -8.14
CA ILE C 283 23.80 23.86 -8.32
C ILE C 283 23.40 23.83 -9.78
N ARG C 284 22.13 23.53 -10.03
CA ARG C 284 21.70 23.15 -11.36
C ARG C 284 20.31 23.69 -11.69
N GLY C 285 20.17 24.24 -12.89
CA GLY C 285 18.89 24.76 -13.33
C GLY C 285 18.12 23.74 -14.14
N SER C 286 16.82 23.66 -13.88
CA SER C 286 15.97 22.70 -14.58
C SER C 286 14.54 23.20 -14.66
N ILE C 287 14.03 23.30 -15.89
CA ILE C 287 12.63 23.65 -16.10
C ILE C 287 12.08 22.87 -17.30
N VAL C 288 10.82 22.47 -17.21
CA VAL C 288 10.22 21.48 -18.12
C VAL C 288 11.20 20.35 -18.43
N GLY C 289 11.07 19.76 -19.61
CA GLY C 289 11.93 18.65 -19.98
C GLY C 289 11.85 18.32 -21.45
N THR C 290 12.59 17.29 -21.87
CA THR C 290 12.61 16.87 -23.26
C THR C 290 11.37 16.04 -23.57
N ARG C 291 11.22 15.66 -24.83
CA ARG C 291 10.12 14.80 -25.24
C ARG C 291 10.20 13.47 -24.50
N SER C 292 11.43 12.96 -24.32
CA SER C 292 11.64 11.73 -23.56
C SER C 292 11.23 11.95 -22.11
N ASP C 293 11.68 13.06 -21.53
CA ASP C 293 11.32 13.42 -20.16
C ASP C 293 9.81 13.43 -20.00
N LEU C 294 9.12 14.11 -20.91
CA LEU C 294 7.66 14.25 -20.86
C LEU C 294 6.95 12.90 -20.91
N GLN C 295 7.33 12.06 -21.86
CA GLN C 295 6.74 10.73 -21.98
C GLN C 295 6.95 9.92 -20.69
N GLU C 296 8.13 10.05 -20.08
CA GLU C 296 8.41 9.36 -18.84
C GLU C 296 7.55 9.90 -17.70
N SER C 297 7.32 11.21 -17.68
CA SER C 297 6.52 11.81 -16.61
C SER C 297 5.05 11.46 -16.81
N LEU C 298 4.63 11.36 -18.07
CA LEU C 298 3.27 10.95 -18.39
C LEU C 298 2.99 9.54 -17.90
N ASP C 299 3.96 8.65 -18.10
CA ASP C 299 3.82 7.26 -17.67
C ASP C 299 3.56 7.13 -16.17
N PHE C 300 4.22 7.96 -15.36
CA PHE C 300 3.98 7.95 -13.91
C PHE C 300 2.55 8.32 -13.60
N ALA C 301 2.00 9.27 -14.35
CA ALA C 301 0.60 9.65 -14.21
C ALA C 301 -0.29 8.47 -14.54
N ALA C 302 0.05 7.75 -15.60
CA ALA C 302 -0.78 6.65 -16.10
C ALA C 302 -0.81 5.45 -15.16
N HIS C 303 0.25 5.27 -14.38
CA HIS C 303 0.32 4.12 -13.47
C HIS C 303 -0.36 4.41 -12.13
N GLY C 304 -0.83 5.64 -11.96
CA GLY C 304 -1.54 6.03 -10.75
C GLY C 304 -0.62 6.52 -9.66
N ASP C 305 0.65 6.70 -9.98
CA ASP C 305 1.64 7.15 -9.01
C ASP C 305 1.52 8.64 -8.70
N VAL C 306 1.07 9.40 -9.69
CA VAL C 306 1.05 10.84 -9.59
C VAL C 306 -0.32 11.42 -9.97
N LYS C 307 -0.89 12.20 -9.07
CA LYS C 307 -2.14 12.87 -9.35
C LYS C 307 -2.07 14.32 -8.91
N ALA C 308 -2.21 15.25 -9.84
CA ALA C 308 -2.19 16.66 -9.51
C ALA C 308 -3.51 17.06 -8.91
N THR C 309 -3.47 17.90 -7.88
CA THR C 309 -4.67 18.55 -7.37
C THR C 309 -5.13 19.51 -8.44
N VAL C 310 -6.36 19.34 -8.91
CA VAL C 310 -6.86 20.14 -10.03
C VAL C 310 -8.27 20.66 -9.82
N SER C 311 -8.50 21.89 -10.27
CA SER C 311 -9.82 22.47 -10.35
C SER C 311 -10.03 22.94 -11.78
N THR C 312 -11.27 23.15 -12.17
CA THR C 312 -11.56 23.56 -13.54
C THR C 312 -12.20 24.95 -13.63
N ALA C 313 -12.18 25.51 -14.82
CA ALA C 313 -12.84 26.78 -15.10
C ALA C 313 -13.11 26.89 -16.59
N LYS C 314 -13.97 27.83 -16.98
CA LYS C 314 -14.29 28.01 -18.38
C LYS C 314 -13.37 29.02 -19.05
N LEU C 315 -13.30 28.97 -20.37
CA LEU C 315 -12.48 29.90 -21.13
C LEU C 315 -12.84 31.33 -20.76
N ASP C 316 -14.15 31.61 -20.76
CA ASP C 316 -14.67 32.94 -20.49
C ASP C 316 -14.18 33.53 -19.17
N ASP C 317 -13.75 32.68 -18.25
CA ASP C 317 -13.36 33.13 -16.93
C ASP C 317 -11.85 33.20 -16.73
N VAL C 318 -11.11 33.14 -17.83
CA VAL C 318 -9.65 33.09 -17.76
C VAL C 318 -9.04 34.23 -16.94
N ASN C 319 -9.61 35.43 -17.06
CA ASN C 319 -9.10 36.57 -16.29
C ASN C 319 -9.28 36.37 -14.79
N ASP C 320 -10.39 35.74 -14.41
CA ASP C 320 -10.63 35.42 -13.02
C ASP C 320 -9.60 34.41 -12.53
N VAL C 321 -9.33 33.39 -13.35
CA VAL C 321 -8.29 32.42 -13.04
C VAL C 321 -6.98 33.14 -12.78
N PHE C 322 -6.60 34.02 -13.71
CA PHE C 322 -5.39 34.83 -13.54
C PHE C 322 -5.39 35.57 -12.21
N GLY C 323 -6.54 36.12 -11.85
CA GLY C 323 -6.68 36.86 -10.60
C GLY C 323 -6.35 36.01 -9.39
N ARG C 324 -6.98 34.85 -9.29
CA ARG C 324 -6.71 33.96 -8.17
C ARG C 324 -5.24 33.54 -8.12
N LEU C 325 -4.66 33.23 -9.26
CA LEU C 325 -3.24 32.89 -9.32
C LEU C 325 -2.38 34.05 -8.82
N ARG C 326 -2.63 35.24 -9.38
CA ARG C 326 -1.85 36.43 -9.05
C ARG C 326 -1.97 36.75 -7.55
N GLU C 327 -3.18 36.59 -7.01
CA GLU C 327 -3.40 36.80 -5.58
C GLU C 327 -2.80 35.67 -4.76
N GLY C 328 -2.63 34.51 -5.37
CA GLY C 328 -2.10 33.35 -4.69
C GLY C 328 -3.20 32.60 -3.93
N LYS C 329 -4.38 32.53 -4.53
CA LYS C 329 -5.51 31.86 -3.91
C LYS C 329 -5.67 30.42 -4.40
N VAL C 330 -4.82 30.03 -5.35
CA VAL C 330 -4.97 28.75 -6.02
C VAL C 330 -4.33 27.57 -5.28
N GLU C 331 -5.14 26.60 -4.89
CA GLU C 331 -4.64 25.36 -4.33
C GLU C 331 -4.45 24.35 -5.45
N GLY C 332 -3.20 24.07 -5.79
CA GLY C 332 -2.90 23.11 -6.84
C GLY C 332 -2.83 23.76 -8.22
N ARG C 333 -3.52 23.15 -9.18
CA ARG C 333 -3.49 23.63 -10.56
C ARG C 333 -4.90 23.89 -11.08
N VAL C 334 -5.06 24.99 -11.81
CA VAL C 334 -6.33 25.29 -12.46
C VAL C 334 -6.26 24.88 -13.93
N VAL C 335 -7.30 24.22 -14.40
CA VAL C 335 -7.34 23.75 -15.77
C VAL C 335 -8.61 24.17 -16.47
N LEU C 336 -8.46 24.82 -17.61
CA LEU C 336 -9.59 25.21 -18.44
C LEU C 336 -10.23 23.97 -19.04
N ASP C 337 -11.54 23.86 -18.90
CA ASP C 337 -12.27 22.70 -19.41
C ASP C 337 -13.13 23.06 -20.61
N PHE C 338 -12.82 22.47 -21.76
CA PHE C 338 -13.55 22.73 -22.98
C PHE C 338 -14.59 21.63 -23.25
N SER C 339 -14.62 20.62 -22.39
CA SER C 339 -15.51 19.48 -22.60
C SER C 339 -16.97 19.90 -22.67
N ARG C 340 -17.73 19.21 -23.53
CA ARG C 340 -19.13 19.52 -23.76
C ARG C 340 -19.96 19.39 -22.49
N ALA D 1 2.82 21.71 45.15
CA ALA D 1 1.48 21.86 45.69
C ALA D 1 0.62 22.75 44.79
N MET D 2 1.29 23.47 43.89
CA MET D 2 0.61 24.43 43.02
C MET D 2 0.87 24.15 41.55
N MET D 3 -0.08 24.54 40.71
CA MET D 3 0.04 24.33 39.26
C MET D 3 -0.66 25.43 38.48
N LYS D 4 -0.36 25.51 37.19
CA LYS D 4 -1.08 26.41 36.30
C LYS D 4 -2.21 25.66 35.62
N ALA D 5 -3.32 26.37 35.38
CA ALA D 5 -4.47 25.78 34.71
C ALA D 5 -5.34 26.87 34.12
N ALA D 6 -5.86 26.63 32.92
CA ALA D 6 -6.81 27.55 32.31
C ALA D 6 -8.14 27.39 33.04
N VAL D 7 -8.75 28.51 33.42
CA VAL D 7 -9.97 28.46 34.20
C VAL D 7 -11.09 29.31 33.63
N VAL D 8 -12.28 28.72 33.52
CA VAL D 8 -13.48 29.47 33.22
C VAL D 8 -14.11 29.89 34.54
N ARG D 9 -14.24 31.20 34.74
CA ARG D 9 -14.83 31.71 35.97
C ARG D 9 -16.16 32.40 35.67
N ALA D 10 -16.38 32.72 34.40
CA ALA D 10 -17.63 33.32 33.96
C ALA D 10 -17.93 32.94 32.51
N PHE D 11 -19.12 32.40 32.27
CA PHE D 11 -19.52 31.98 30.94
C PHE D 11 -19.38 33.12 29.93
N GLY D 12 -18.69 32.84 28.83
CA GLY D 12 -18.50 33.82 27.78
C GLY D 12 -17.20 34.61 27.89
N ALA D 13 -16.58 34.57 29.07
CA ALA D 13 -15.37 35.34 29.32
C ALA D 13 -14.11 34.58 28.92
N PRO D 14 -13.10 35.31 28.43
CA PRO D 14 -11.80 34.69 28.19
C PRO D 14 -11.34 33.94 29.43
N LEU D 15 -10.73 32.78 29.24
CA LEU D 15 -10.22 32.01 30.36
C LEU D 15 -8.98 32.69 30.93
N THR D 16 -8.69 32.41 32.20
CA THR D 16 -7.51 32.97 32.86
C THR D 16 -6.59 31.86 33.34
N ILE D 17 -5.32 31.94 32.95
CA ILE D 17 -4.34 30.96 33.42
C ILE D 17 -3.95 31.31 34.85
N ASP D 18 -4.50 30.57 35.81
CA ASP D 18 -4.28 30.86 37.22
C ASP D 18 -3.37 29.85 37.89
N GLU D 19 -2.78 30.27 39.01
CA GLU D 19 -2.09 29.36 39.90
C GLU D 19 -3.10 28.74 40.84
N VAL D 20 -3.38 27.45 40.65
CA VAL D 20 -4.34 26.75 41.50
C VAL D 20 -3.68 25.54 42.14
N PRO D 21 -4.30 25.00 43.20
CA PRO D 21 -3.72 23.87 43.94
C PRO D 21 -3.76 22.57 43.16
N VAL D 22 -2.68 21.80 43.24
CA VAL D 22 -2.63 20.48 42.60
C VAL D 22 -3.65 19.55 43.25
N PRO D 23 -4.52 18.95 42.43
CA PRO D 23 -5.52 18.00 42.95
C PRO D 23 -4.86 16.72 43.44
N GLN D 24 -5.26 16.25 44.62
CA GLN D 24 -4.72 15.02 45.18
C GLN D 24 -5.73 13.89 45.09
N PRO D 25 -5.26 12.69 44.71
CA PRO D 25 -6.12 11.50 44.60
C PRO D 25 -6.41 10.84 45.94
N GLY D 26 -7.68 10.55 46.19
CA GLY D 26 -8.07 9.75 47.34
C GLY D 26 -8.17 8.30 46.91
N PRO D 27 -8.57 7.42 47.84
CA PRO D 27 -8.73 6.00 47.49
C PRO D 27 -9.59 5.83 46.25
N GLY D 28 -9.21 4.92 45.37
CA GLY D 28 -9.96 4.66 44.16
C GLY D 28 -9.62 5.61 43.03
N GLN D 29 -8.85 6.65 43.34
CA GLN D 29 -8.50 7.66 42.35
C GLN D 29 -7.01 7.62 41.99
N VAL D 30 -6.67 8.17 40.83
CA VAL D 30 -5.28 8.34 40.43
C VAL D 30 -5.04 9.79 40.05
N GLN D 31 -3.77 10.19 39.99
CA GLN D 31 -3.41 11.53 39.56
C GLN D 31 -2.71 11.43 38.21
N VAL D 32 -2.94 12.42 37.35
CA VAL D 32 -2.33 12.42 36.03
C VAL D 32 -1.60 13.71 35.75
N LYS D 33 -0.33 13.61 35.38
CA LYS D 33 0.42 14.78 34.92
C LYS D 33 0.20 14.92 33.42
N ILE D 34 -0.39 16.04 33.02
CA ILE D 34 -0.73 16.27 31.62
C ILE D 34 0.48 16.67 30.78
N GLU D 35 0.66 15.98 29.65
CA GLU D 35 1.74 16.28 28.72
C GLU D 35 1.17 16.92 27.45
N ALA D 36 -0.08 16.59 27.15
CA ALA D 36 -0.77 17.18 26.01
C ALA D 36 -2.27 17.17 26.27
N SER D 37 -2.98 18.18 25.78
CA SER D 37 -4.40 18.30 26.04
C SER D 37 -5.17 18.78 24.82
N GLY D 38 -6.03 17.91 24.29
CA GLY D 38 -6.78 18.23 23.09
C GLY D 38 -7.80 19.33 23.28
N VAL D 39 -7.98 20.14 22.25
CA VAL D 39 -8.99 21.20 22.26
C VAL D 39 -10.00 20.95 21.15
N CYS D 40 -11.26 21.22 21.44
CA CYS D 40 -12.31 21.08 20.43
C CYS D 40 -13.53 21.96 20.76
N HIS D 41 -14.47 22.00 19.83
CA HIS D 41 -15.64 22.87 19.94
C HIS D 41 -16.47 22.66 21.21
N THR D 42 -16.43 21.45 21.76
CA THR D 42 -17.13 21.17 23.01
C THR D 42 -16.63 22.10 24.11
N ASP D 43 -15.34 22.38 24.09
CA ASP D 43 -14.73 23.27 25.06
C ASP D 43 -15.34 24.66 24.97
N LEU D 44 -15.66 25.10 23.76
CA LEU D 44 -16.32 26.39 23.57
C LEU D 44 -17.69 26.40 24.23
N HIS D 45 -18.45 25.32 24.02
CA HIS D 45 -19.79 25.23 24.58
C HIS D 45 -19.76 25.15 26.10
N ALA D 46 -18.69 24.57 26.65
CA ALA D 46 -18.51 24.53 28.10
C ALA D 46 -18.23 25.92 28.63
N ALA D 47 -17.33 26.64 27.96
CA ALA D 47 -16.90 27.96 28.41
C ALA D 47 -17.96 29.03 28.20
N ASP D 48 -18.87 28.79 27.26
CA ASP D 48 -19.92 29.75 26.97
C ASP D 48 -21.19 29.47 27.75
N GLY D 49 -21.26 28.29 28.38
CA GLY D 49 -22.46 27.87 29.07
C GLY D 49 -23.60 27.74 28.07
N ASP D 50 -23.28 27.12 26.94
CA ASP D 50 -24.13 27.09 25.76
C ASP D 50 -25.29 26.10 25.85
N TRP D 51 -25.07 24.98 26.52
CA TRP D 51 -25.98 23.84 26.43
C TRP D 51 -27.05 23.81 27.53
N PRO D 52 -28.08 22.98 27.34
CA PRO D 52 -29.20 22.87 28.29
C PRO D 52 -28.73 22.69 29.73
N VAL D 53 -27.70 21.88 29.93
CA VAL D 53 -27.17 21.66 31.27
C VAL D 53 -25.74 22.18 31.33
N LYS D 54 -25.57 23.33 31.98
CA LYS D 54 -24.29 24.04 31.99
C LYS D 54 -23.36 23.49 33.07
N PRO D 55 -22.06 23.80 32.94
CA PRO D 55 -21.06 23.46 33.95
C PRO D 55 -21.27 24.27 35.22
N THR D 56 -20.70 23.80 36.32
CA THR D 56 -20.67 24.58 37.56
C THR D 56 -19.41 25.41 37.59
N LEU D 57 -19.56 26.72 37.78
CA LEU D 57 -18.42 27.61 37.82
C LEU D 57 -17.85 27.69 39.24
N PRO D 58 -16.52 27.87 39.36
CA PRO D 58 -15.59 27.92 38.22
C PRO D 58 -15.12 26.51 37.89
N PHE D 59 -14.51 26.32 36.72
CA PHE D 59 -14.02 25.00 36.36
C PHE D 59 -12.89 25.00 35.34
N ILE D 60 -12.24 23.86 35.21
CA ILE D 60 -11.15 23.67 34.27
C ILE D 60 -11.61 22.76 33.13
N PRO D 61 -11.71 23.30 31.92
CA PRO D 61 -12.15 22.54 30.74
C PRO D 61 -11.16 21.43 30.38
N GLY D 62 -11.39 20.78 29.24
CA GLY D 62 -10.43 19.80 28.73
C GLY D 62 -10.78 18.36 29.02
N HIS D 63 -11.31 17.67 28.02
CA HIS D 63 -11.68 16.27 28.16
C HIS D 63 -10.85 15.41 27.21
N GLU D 64 -9.73 15.96 26.74
CA GLU D 64 -8.81 15.23 25.88
C GLU D 64 -7.39 15.31 26.45
N GLY D 65 -7.28 15.19 27.76
CA GLY D 65 -5.98 15.27 28.43
C GLY D 65 -5.29 13.92 28.47
N VAL D 66 -4.01 13.91 28.13
CA VAL D 66 -3.23 12.68 28.15
C VAL D 66 -1.91 12.96 28.87
N GLY D 67 -1.38 11.94 29.55
CA GLY D 67 -0.14 12.11 30.29
C GLY D 67 0.28 10.89 31.08
N TYR D 68 1.06 11.10 32.13
CA TYR D 68 1.54 10.02 32.98
C TYR D 68 0.76 9.96 34.29
N VAL D 69 0.52 8.74 34.77
CA VAL D 69 0.02 8.54 36.12
C VAL D 69 1.12 8.94 37.10
N SER D 70 0.87 9.98 37.88
CA SER D 70 1.88 10.54 38.76
C SER D 70 1.66 10.22 40.23
N ALA D 71 0.44 9.79 40.56
CA ALA D 71 0.10 9.39 41.92
C ALA D 71 -1.06 8.40 41.89
N VAL D 72 -1.11 7.52 42.89
CA VAL D 72 -2.11 6.46 42.90
C VAL D 72 -2.72 6.27 44.28
N GLY D 73 -3.98 6.64 44.42
CA GLY D 73 -4.72 6.42 45.64
C GLY D 73 -4.81 4.95 45.97
N SER D 74 -5.39 4.62 47.12
CA SER D 74 -5.49 3.23 47.54
C SER D 74 -6.57 2.47 46.77
N GLY D 75 -6.42 1.15 46.69
CA GLY D 75 -7.40 0.29 46.04
C GLY D 75 -7.42 0.45 44.53
N VAL D 76 -6.25 0.71 43.95
CA VAL D 76 -6.14 0.92 42.51
C VAL D 76 -5.29 -0.17 41.87
N SER D 77 -5.80 -0.78 40.80
CA SER D 77 -5.16 -1.95 40.21
C SER D 77 -4.99 -1.89 38.69
N ARG D 78 -5.92 -1.21 38.03
CA ARG D 78 -5.93 -1.14 36.56
C ARG D 78 -4.69 -0.45 35.98
N VAL D 79 -4.21 0.58 36.66
CA VAL D 79 -3.01 1.31 36.22
C VAL D 79 -2.04 1.47 37.39
N LYS D 80 -0.89 2.06 37.10
CA LYS D 80 0.14 2.30 38.10
C LYS D 80 0.97 3.51 37.67
N GLU D 81 1.75 4.05 38.60
CA GLU D 81 2.56 5.22 38.29
C GLU D 81 3.39 5.00 37.02
N GLY D 82 3.47 6.03 36.18
CA GLY D 82 4.24 5.97 34.97
C GLY D 82 3.45 5.45 33.77
N ASP D 83 2.24 4.97 34.02
CA ASP D 83 1.38 4.53 32.93
C ASP D 83 0.91 5.71 32.10
N ARG D 84 0.83 5.50 30.79
CA ARG D 84 0.39 6.55 29.88
C ARG D 84 -1.10 6.43 29.61
N VAL D 85 -1.86 7.42 30.09
CA VAL D 85 -3.31 7.35 30.09
C VAL D 85 -3.93 8.65 29.60
N GLY D 86 -5.18 8.55 29.15
CA GLY D 86 -5.95 9.73 28.82
C GLY D 86 -7.16 9.82 29.73
N VAL D 87 -7.70 11.03 29.88
CA VAL D 87 -8.86 11.23 30.72
C VAL D 87 -10.00 11.77 29.86
N PRO D 88 -10.76 10.87 29.21
CA PRO D 88 -11.72 11.30 28.20
C PRO D 88 -12.99 11.91 28.79
N TRP D 89 -13.91 12.25 27.91
CA TRP D 89 -15.16 12.93 28.24
C TRP D 89 -15.92 12.23 29.37
N LEU D 90 -16.03 10.91 29.29
CA LEU D 90 -16.71 10.16 30.35
C LEU D 90 -15.77 10.01 31.54
N TYR D 91 -15.96 10.85 32.54
CA TYR D 91 -15.10 10.82 33.72
C TYR D 91 -15.41 9.60 34.57
N SER D 92 -16.69 9.31 34.70
CA SER D 92 -17.15 8.19 35.51
C SER D 92 -18.64 7.95 35.27
N ALA D 93 -19.10 6.76 35.63
CA ALA D 93 -20.51 6.41 35.57
C ALA D 93 -20.80 5.55 36.80
N CYS D 94 -22.07 5.24 37.05
CA CYS D 94 -22.44 4.60 38.32
C CYS D 94 -22.08 3.12 38.41
N GLY D 95 -22.04 2.44 37.28
CA GLY D 95 -21.61 1.05 37.23
C GLY D 95 -22.65 0.00 37.59
N TYR D 96 -23.82 0.43 38.05
CA TYR D 96 -24.84 -0.53 38.47
C TYR D 96 -26.20 -0.33 37.80
N CYS D 97 -26.35 0.74 37.02
CA CYS D 97 -27.62 1.01 36.36
C CYS D 97 -27.79 0.12 35.12
N GLU D 98 -28.97 0.18 34.51
CA GLU D 98 -29.29 -0.64 33.36
C GLU D 98 -28.26 -0.46 32.25
N HIS D 99 -27.96 0.81 31.93
CA HIS D 99 -27.04 1.13 30.84
C HIS D 99 -25.62 0.67 31.14
N CYS D 100 -25.13 1.00 32.33
CA CYS D 100 -23.78 0.60 32.73
C CYS D 100 -23.60 -0.91 32.67
N LEU D 101 -24.59 -1.64 33.16
CA LEU D 101 -24.52 -3.10 33.20
C LEU D 101 -24.64 -3.74 31.81
N GLN D 102 -24.98 -2.94 30.82
CA GLN D 102 -25.16 -3.48 29.47
C GLN D 102 -24.13 -2.93 28.49
N GLY D 103 -23.00 -2.50 29.01
CA GLY D 103 -21.91 -1.99 28.18
C GLY D 103 -22.24 -0.66 27.53
N TRP D 104 -23.23 0.04 28.07
CA TRP D 104 -23.60 1.36 27.58
C TRP D 104 -23.44 2.43 28.65
N GLU D 105 -22.26 2.53 29.24
CA GLU D 105 -22.01 3.49 30.31
C GLU D 105 -22.14 4.94 29.82
N THR D 106 -22.04 5.15 28.52
CA THR D 106 -22.14 6.48 27.93
C THR D 106 -23.57 7.04 28.03
N LEU D 107 -24.51 6.18 28.40
CA LEU D 107 -25.90 6.61 28.56
C LEU D 107 -26.24 6.71 30.05
N CYS D 108 -25.24 6.55 30.90
CA CYS D 108 -25.46 6.64 32.34
C CYS D 108 -26.00 8.02 32.70
N GLU D 109 -27.16 8.05 33.34
CA GLU D 109 -27.77 9.30 33.72
C GLU D 109 -27.06 9.92 34.92
N LYS D 110 -26.10 9.19 35.47
CA LYS D 110 -25.34 9.66 36.64
C LYS D 110 -23.87 9.92 36.33
N GLN D 111 -23.50 9.83 35.06
CA GLN D 111 -22.12 10.04 34.65
C GLN D 111 -21.63 11.44 34.98
N GLN D 112 -20.32 11.55 35.26
CA GLN D 112 -19.67 12.86 35.34
C GLN D 112 -18.89 13.05 34.06
N ASN D 113 -18.75 14.28 33.62
CA ASN D 113 -18.04 14.55 32.37
C ASN D 113 -16.79 15.41 32.57
N THR D 114 -15.65 14.89 32.12
CA THR D 114 -14.37 15.56 32.26
C THR D 114 -14.35 16.90 31.55
N GLY D 115 -13.85 17.92 32.23
CA GLY D 115 -13.74 19.25 31.67
C GLY D 115 -15.11 19.90 31.47
N TYR D 116 -16.08 19.44 32.24
CA TYR D 116 -17.44 20.00 32.15
C TYR D 116 -18.12 20.00 33.51
N SER D 117 -18.32 18.82 34.08
CA SER D 117 -18.95 18.69 35.40
C SER D 117 -17.90 18.47 36.48
N VAL D 118 -16.70 18.10 36.06
CA VAL D 118 -15.54 18.02 36.93
C VAL D 118 -14.37 18.67 36.20
N ASN D 119 -13.34 19.08 36.94
CA ASN D 119 -12.18 19.69 36.33
C ASN D 119 -11.47 18.79 35.33
N GLY D 120 -10.97 19.38 34.25
CA GLY D 120 -10.40 18.61 33.15
C GLY D 120 -8.91 18.78 32.94
N GLY D 121 -8.48 18.65 31.67
CA GLY D 121 -7.07 18.58 31.34
C GLY D 121 -6.40 19.85 30.84
N TYR D 122 -7.04 21.00 31.06
CA TYR D 122 -6.42 22.28 30.76
C TYR D 122 -5.59 22.71 31.96
N GLY D 123 -4.86 21.77 32.54
CA GLY D 123 -4.03 22.06 33.70
C GLY D 123 -2.86 21.09 33.71
N GLU D 124 -1.94 21.28 34.66
CA GLU D 124 -0.74 20.46 34.72
C GLU D 124 -1.02 19.08 35.30
N TYR D 125 -1.97 19.01 36.22
CA TYR D 125 -2.38 17.74 36.80
C TYR D 125 -3.90 17.66 36.87
N VAL D 126 -4.42 16.45 36.70
CA VAL D 126 -5.85 16.21 36.84
C VAL D 126 -6.04 14.93 37.63
N VAL D 127 -7.08 14.89 38.46
CA VAL D 127 -7.44 13.67 39.17
C VAL D 127 -8.50 12.92 38.37
N ALA D 128 -8.36 11.61 38.27
CA ALA D 128 -9.28 10.82 37.46
C ALA D 128 -9.69 9.51 38.13
N ASP D 129 -10.74 8.90 37.60
CA ASP D 129 -11.19 7.59 38.03
C ASP D 129 -10.52 6.57 37.09
N PRO D 130 -9.61 5.76 37.64
CA PRO D 130 -8.79 4.83 36.85
C PRO D 130 -9.63 3.77 36.14
N ASN D 131 -10.88 3.61 36.55
CA ASN D 131 -11.78 2.67 35.89
C ASN D 131 -12.26 3.20 34.54
N TYR D 132 -12.07 4.51 34.31
CA TYR D 132 -12.64 5.15 33.13
C TYR D 132 -11.63 5.89 32.26
N VAL D 133 -10.37 5.88 32.67
CA VAL D 133 -9.32 6.47 31.86
C VAL D 133 -9.07 5.62 30.63
N GLY D 134 -8.48 6.21 29.60
CA GLY D 134 -8.06 5.46 28.43
C GLY D 134 -6.60 5.04 28.57
N LEU D 135 -6.31 3.78 28.25
CA LEU D 135 -4.94 3.28 28.27
C LEU D 135 -4.30 3.54 26.92
N LEU D 136 -3.29 4.41 26.90
CA LEU D 136 -2.70 4.86 25.64
C LEU D 136 -1.70 3.86 25.06
N PRO D 137 -1.67 3.72 23.73
CA PRO D 137 -0.73 2.82 23.06
C PRO D 137 0.70 3.32 23.24
N ASP D 138 1.64 2.41 23.46
CA ASP D 138 3.02 2.77 23.72
C ASP D 138 3.65 3.61 22.59
N LYS D 139 3.31 3.29 21.35
CA LYS D 139 4.06 3.85 20.20
C LYS D 139 3.52 5.14 19.60
N VAL D 140 2.48 5.73 20.19
CA VAL D 140 1.96 6.99 19.67
C VAL D 140 2.27 8.16 20.61
N GLY D 141 2.72 9.26 20.04
CA GLY D 141 3.05 10.44 20.83
C GLY D 141 1.84 11.01 21.53
N PHE D 142 2.07 11.75 22.61
CA PHE D 142 0.99 12.36 23.38
C PHE D 142 0.17 13.31 22.53
N VAL D 143 0.86 14.15 21.76
CA VAL D 143 0.19 15.15 20.93
C VAL D 143 -0.66 14.49 19.86
N GLU D 144 -0.11 13.50 19.19
CA GLU D 144 -0.79 12.80 18.11
C GLU D 144 -2.03 12.05 18.60
N ILE D 145 -1.97 11.54 19.82
CA ILE D 145 -3.00 10.63 20.34
C ILE D 145 -4.15 11.33 21.06
N ALA D 146 -3.94 12.57 21.48
CA ALA D 146 -4.94 13.27 22.27
C ALA D 146 -6.31 13.36 21.58
N PRO D 147 -6.33 13.76 20.30
CA PRO D 147 -7.61 13.92 19.58
C PRO D 147 -8.39 12.62 19.45
N ILE D 148 -7.73 11.48 19.60
CA ILE D 148 -8.41 10.20 19.50
C ILE D 148 -9.39 10.01 20.66
N LEU D 149 -9.11 10.66 21.79
CA LEU D 149 -9.99 10.58 22.95
C LEU D 149 -11.39 11.13 22.66
N CYS D 150 -11.49 11.99 21.65
CA CYS D 150 -12.75 12.66 21.36
C CYS D 150 -13.19 12.47 19.90
N ALA D 151 -12.46 13.08 18.97
CA ALA D 151 -12.77 12.96 17.55
C ALA D 151 -12.69 11.51 17.08
N GLY D 152 -11.67 10.80 17.53
CA GLY D 152 -11.44 9.43 17.11
C GLY D 152 -12.59 8.51 17.49
N VAL D 153 -12.85 8.42 18.79
CA VAL D 153 -13.88 7.50 19.29
C VAL D 153 -15.28 7.91 18.83
N THR D 154 -15.52 9.22 18.71
CA THR D 154 -16.81 9.70 18.21
C THR D 154 -17.10 9.18 16.82
N VAL D 155 -16.19 9.43 15.88
CA VAL D 155 -16.39 9.00 14.50
C VAL D 155 -16.33 7.48 14.35
N TYR D 156 -15.49 6.84 15.16
CA TYR D 156 -15.36 5.38 15.11
C TYR D 156 -16.65 4.69 15.54
N LYS D 157 -17.16 5.08 16.70
CA LYS D 157 -18.42 4.54 17.22
C LYS D 157 -19.57 4.92 16.29
N GLY D 158 -19.52 6.12 15.74
CA GLY D 158 -20.51 6.55 14.76
C GLY D 158 -20.56 5.62 13.57
N LEU D 159 -19.40 5.39 12.96
CA LEU D 159 -19.30 4.45 11.85
C LEU D 159 -19.78 3.05 12.25
N LYS D 160 -19.48 2.65 13.47
CA LYS D 160 -19.92 1.36 13.97
C LYS D 160 -21.45 1.24 13.95
N VAL D 161 -22.14 2.26 14.44
CA VAL D 161 -23.59 2.19 14.56
C VAL D 161 -24.35 2.46 13.25
N THR D 162 -23.62 2.75 12.18
CA THR D 162 -24.26 2.83 10.86
C THR D 162 -24.60 1.42 10.38
N ASP D 163 -24.16 0.43 11.13
CA ASP D 163 -24.43 -0.97 10.81
C ASP D 163 -24.04 -1.30 9.39
N THR D 164 -22.86 -0.82 8.99
CA THR D 164 -22.30 -1.13 7.69
C THR D 164 -21.24 -2.20 7.88
N ARG D 165 -20.81 -2.82 6.78
CA ARG D 165 -19.76 -3.81 6.84
C ARG D 165 -18.81 -3.64 5.65
N PRO D 166 -17.62 -4.24 5.73
CA PRO D 166 -16.61 -4.11 4.67
C PRO D 166 -17.19 -4.28 3.27
N GLY D 167 -16.74 -3.45 2.34
CA GLY D 167 -17.20 -3.51 0.97
C GLY D 167 -18.37 -2.60 0.70
N GLN D 168 -19.13 -2.29 1.75
CA GLN D 168 -20.30 -1.42 1.60
C GLN D 168 -19.89 0.05 1.51
N TRP D 169 -20.83 0.88 1.08
CA TRP D 169 -20.59 2.31 0.92
C TRP D 169 -20.96 3.10 2.18
N VAL D 170 -20.11 4.04 2.55
CA VAL D 170 -20.47 5.03 3.56
C VAL D 170 -20.15 6.42 3.04
N VAL D 171 -21.04 7.36 3.31
CA VAL D 171 -20.77 8.76 3.03
C VAL D 171 -20.26 9.41 4.31
N ILE D 172 -19.13 10.10 4.20
CA ILE D 172 -18.67 10.96 5.27
C ILE D 172 -19.08 12.39 4.93
N SER D 173 -20.06 12.91 5.66
CA SER D 173 -20.56 14.26 5.40
C SER D 173 -19.82 15.28 6.25
N GLY D 174 -19.02 16.11 5.60
CA GLY D 174 -18.18 17.07 6.29
C GLY D 174 -16.80 16.47 6.52
N ILE D 175 -15.81 17.03 5.84
CA ILE D 175 -14.44 16.54 5.98
C ILE D 175 -13.58 17.53 6.75
N GLY D 176 -14.00 17.86 7.96
CA GLY D 176 -13.27 18.80 8.80
C GLY D 176 -12.57 18.14 9.96
N GLY D 177 -12.68 18.75 11.13
CA GLY D 177 -12.04 18.23 12.33
C GLY D 177 -12.38 16.77 12.57
N LEU D 178 -13.67 16.45 12.55
CA LEU D 178 -14.11 15.08 12.73
C LEU D 178 -13.96 14.28 11.43
N GLY D 179 -14.51 14.82 10.35
CA GLY D 179 -14.61 14.11 9.09
C GLY D 179 -13.32 13.52 8.55
N HIS D 180 -12.22 14.28 8.62
CA HIS D 180 -10.97 13.82 8.05
C HIS D 180 -10.43 12.63 8.83
N VAL D 181 -10.80 12.54 10.10
CA VAL D 181 -10.45 11.36 10.90
C VAL D 181 -11.44 10.21 10.61
N ALA D 182 -12.71 10.55 10.42
CA ALA D 182 -13.71 9.57 10.05
C ALA D 182 -13.34 8.82 8.77
N VAL D 183 -12.93 9.58 7.75
CA VAL D 183 -12.52 8.98 6.49
C VAL D 183 -11.49 7.89 6.73
N GLN D 184 -10.56 8.14 7.64
CA GLN D 184 -9.48 7.21 7.91
C GLN D 184 -9.97 5.93 8.63
N TYR D 185 -10.82 6.10 9.63
CA TYR D 185 -11.41 4.94 10.30
C TYR D 185 -12.24 4.13 9.31
N ALA D 186 -13.03 4.83 8.50
CA ALA D 186 -13.88 4.17 7.51
C ALA D 186 -13.05 3.25 6.59
N ARG D 187 -11.94 3.75 6.09
CA ARG D 187 -11.09 2.93 5.22
C ARG D 187 -10.55 1.70 5.96
N ALA D 188 -10.07 1.90 7.18
CA ALA D 188 -9.54 0.80 7.97
C ALA D 188 -10.61 -0.22 8.31
N MET D 189 -11.87 0.21 8.26
CA MET D 189 -13.00 -0.68 8.52
C MET D 189 -13.51 -1.31 7.23
N GLY D 190 -12.73 -1.16 6.16
CA GLY D 190 -13.02 -1.80 4.89
C GLY D 190 -14.17 -1.20 4.12
N LEU D 191 -14.55 0.03 4.46
CA LEU D 191 -15.67 0.68 3.82
C LEU D 191 -15.24 1.50 2.59
N ARG D 192 -16.07 1.50 1.56
CA ARG D 192 -15.87 2.40 0.42
C ARG D 192 -16.45 3.76 0.79
N VAL D 193 -15.63 4.80 0.70
CA VAL D 193 -15.99 6.10 1.23
C VAL D 193 -16.37 7.12 0.17
N ALA D 194 -17.54 7.72 0.32
CA ALA D 194 -17.94 8.85 -0.50
C ALA D 194 -17.91 10.12 0.34
N ALA D 195 -17.04 11.05 -0.02
CA ALA D 195 -16.90 12.29 0.72
C ALA D 195 -17.87 13.36 0.21
N VAL D 196 -18.53 14.04 1.13
CA VAL D 196 -19.42 15.14 0.78
C VAL D 196 -19.12 16.36 1.64
N ASP D 197 -18.87 17.50 0.99
CA ASP D 197 -18.62 18.76 1.65
C ASP D 197 -18.89 19.87 0.65
N ILE D 198 -18.74 21.12 1.06
CA ILE D 198 -18.86 22.24 0.13
C ILE D 198 -17.51 22.94 -0.03
N ASP D 199 -16.55 22.53 0.78
CA ASP D 199 -15.20 23.09 0.75
C ASP D 199 -14.30 22.21 -0.12
N ASP D 200 -13.77 22.79 -1.19
CA ASP D 200 -12.96 22.03 -2.15
C ASP D 200 -11.66 21.48 -1.56
N ALA D 201 -11.04 22.26 -0.66
CA ALA D 201 -9.81 21.82 0.00
C ALA D 201 -10.07 20.58 0.84
N LYS D 202 -11.18 20.57 1.57
CA LYS D 202 -11.56 19.43 2.38
C LYS D 202 -11.83 18.22 1.49
N LEU D 203 -12.42 18.46 0.33
CA LEU D 203 -12.69 17.38 -0.61
C LEU D 203 -11.40 16.82 -1.21
N ASN D 204 -10.44 17.68 -1.49
CA ASN D 204 -9.12 17.23 -1.93
C ASN D 204 -8.46 16.38 -0.86
N LEU D 205 -8.57 16.81 0.40
CA LEU D 205 -8.03 16.07 1.52
C LEU D 205 -8.63 14.66 1.54
N ALA D 206 -9.96 14.60 1.48
CA ALA D 206 -10.65 13.33 1.50
C ALA D 206 -10.11 12.34 0.46
N ARG D 207 -9.91 12.81 -0.76
CA ARG D 207 -9.35 11.96 -1.81
C ARG D 207 -7.91 11.54 -1.50
N ARG D 208 -7.11 12.45 -0.94
CA ARG D 208 -5.76 12.09 -0.52
C ARG D 208 -5.82 11.01 0.54
N LEU D 209 -6.90 11.03 1.33
CA LEU D 209 -7.06 10.12 2.46
C LEU D 209 -7.65 8.78 2.04
N GLY D 210 -8.05 8.68 0.78
CA GLY D 210 -8.52 7.40 0.25
C GLY D 210 -9.98 7.34 -0.16
N ALA D 211 -10.67 8.47 -0.09
CA ALA D 211 -12.07 8.51 -0.54
C ALA D 211 -12.13 8.11 -2.01
N GLU D 212 -13.07 7.22 -2.34
CA GLU D 212 -13.20 6.75 -3.71
C GLU D 212 -13.99 7.75 -4.55
N VAL D 213 -14.85 8.51 -3.88
CA VAL D 213 -15.69 9.50 -4.54
C VAL D 213 -15.79 10.76 -3.70
N ALA D 214 -15.86 11.91 -4.36
CA ALA D 214 -15.98 13.19 -3.65
C ALA D 214 -16.95 14.11 -4.38
N VAL D 215 -18.01 14.52 -3.68
CA VAL D 215 -19.03 15.37 -4.27
C VAL D 215 -19.06 16.73 -3.58
N ASN D 216 -18.95 17.80 -4.36
CA ASN D 216 -19.12 19.14 -3.82
C ASN D 216 -20.59 19.55 -3.90
N ALA D 217 -21.21 19.71 -2.74
CA ALA D 217 -22.64 19.97 -2.66
C ALA D 217 -23.04 21.31 -3.26
N ARG D 218 -22.08 22.22 -3.38
CA ARG D 218 -22.32 23.51 -3.99
C ARG D 218 -22.63 23.35 -5.49
N ASP D 219 -21.90 22.47 -6.13
CA ASP D 219 -21.97 22.31 -7.58
C ASP D 219 -22.97 21.23 -7.99
N THR D 220 -23.14 20.21 -7.15
CA THR D 220 -23.99 19.08 -7.50
C THR D 220 -24.80 18.59 -6.32
N ASP D 221 -26.02 18.13 -6.60
CA ASP D 221 -26.89 17.58 -5.58
C ASP D 221 -26.44 16.17 -5.23
N PRO D 222 -25.73 16.03 -4.09
CA PRO D 222 -25.14 14.74 -3.72
C PRO D 222 -26.19 13.64 -3.61
N ALA D 223 -27.38 14.01 -3.15
CA ALA D 223 -28.48 13.05 -3.03
C ALA D 223 -28.80 12.43 -4.39
N ALA D 224 -29.06 13.29 -5.37
CA ALA D 224 -29.38 12.84 -6.72
C ALA D 224 -28.20 12.14 -7.36
N TRP D 225 -27.02 12.75 -7.25
CA TRP D 225 -25.82 12.19 -7.85
C TRP D 225 -25.50 10.80 -7.30
N LEU D 226 -25.44 10.68 -5.98
CA LEU D 226 -25.09 9.41 -5.33
C LEU D 226 -26.10 8.29 -5.61
N GLN D 227 -27.39 8.62 -5.58
CA GLN D 227 -28.41 7.63 -5.91
C GLN D 227 -28.20 7.12 -7.33
N LYS D 228 -27.88 8.04 -8.23
CA LYS D 228 -27.63 7.70 -9.62
C LYS D 228 -26.43 6.76 -9.74
N GLU D 229 -25.33 7.14 -9.09
CA GLU D 229 -24.06 6.44 -9.25
C GLU D 229 -24.02 5.08 -8.57
N ILE D 230 -24.51 5.02 -7.33
CA ILE D 230 -24.37 3.82 -6.51
C ILE D 230 -25.67 3.42 -5.81
N GLY D 231 -26.78 4.00 -6.25
CA GLY D 231 -28.07 3.69 -5.67
C GLY D 231 -28.15 4.01 -4.19
N GLY D 232 -27.24 4.85 -3.71
CA GLY D 232 -27.24 5.27 -2.32
C GLY D 232 -26.11 4.66 -1.52
N ALA D 233 -25.88 5.21 -0.33
CA ALA D 233 -24.86 4.69 0.57
C ALA D 233 -25.47 3.89 1.71
N HIS D 234 -24.90 2.71 1.97
CA HIS D 234 -25.40 1.85 3.03
C HIS D 234 -25.42 2.60 4.36
N GLY D 235 -24.50 3.54 4.51
CA GLY D 235 -24.44 4.36 5.71
C GLY D 235 -24.05 5.80 5.43
N VAL D 236 -24.51 6.70 6.29
CA VAL D 236 -24.12 8.10 6.22
C VAL D 236 -23.66 8.57 7.60
N LEU D 237 -22.41 9.02 7.71
CA LEU D 237 -21.95 9.65 8.93
C LEU D 237 -21.94 11.16 8.76
N VAL D 238 -22.81 11.83 9.50
CA VAL D 238 -22.92 13.28 9.43
C VAL D 238 -22.09 13.92 10.54
N THR D 239 -20.94 14.47 10.17
CA THR D 239 -20.01 15.02 11.16
C THR D 239 -20.25 16.50 11.43
N ALA D 240 -20.95 17.16 10.52
CA ALA D 240 -21.40 18.54 10.74
C ALA D 240 -22.92 18.55 10.69
N VAL D 241 -23.55 18.45 11.86
CA VAL D 241 -25.00 18.30 11.91
C VAL D 241 -25.75 19.61 11.76
N SER D 242 -26.36 19.79 10.59
CA SER D 242 -27.13 20.97 10.28
C SER D 242 -28.35 20.56 9.46
N PRO D 243 -29.33 21.46 9.31
CA PRO D 243 -30.53 21.15 8.53
C PRO D 243 -30.18 20.56 7.17
N LYS D 244 -29.41 21.29 6.38
CA LYS D 244 -29.04 20.83 5.05
C LYS D 244 -28.30 19.50 5.07
N ALA D 245 -27.32 19.39 5.96
CA ALA D 245 -26.57 18.14 6.11
C ALA D 245 -27.54 16.99 6.39
N PHE D 246 -28.43 17.21 7.34
CA PHE D 246 -29.40 16.20 7.75
C PHE D 246 -30.35 15.82 6.62
N SER D 247 -30.99 16.81 6.02
CA SER D 247 -31.91 16.57 4.91
C SER D 247 -31.21 15.81 3.79
N GLN D 248 -30.03 16.26 3.43
CA GLN D 248 -29.29 15.64 2.33
C GLN D 248 -28.89 14.20 2.64
N ALA D 249 -28.51 13.94 3.89
CA ALA D 249 -28.19 12.59 4.33
C ALA D 249 -29.38 11.65 4.10
N ILE D 250 -30.57 12.14 4.40
CA ILE D 250 -31.79 11.38 4.17
C ILE D 250 -31.89 11.01 2.70
N GLY D 251 -31.48 11.94 1.84
CA GLY D 251 -31.56 11.75 0.41
C GLY D 251 -30.41 10.94 -0.16
N MET D 252 -29.27 10.96 0.53
CA MET D 252 -28.09 10.23 0.08
C MET D 252 -28.12 8.78 0.52
N VAL D 253 -28.82 8.52 1.63
CA VAL D 253 -28.84 7.19 2.19
C VAL D 253 -29.59 6.22 1.29
N ARG D 254 -29.01 5.04 1.10
CA ARG D 254 -29.66 3.97 0.35
C ARG D 254 -30.89 3.51 1.12
N ARG D 255 -31.90 3.01 0.41
CA ARG D 255 -33.08 2.47 1.08
C ARG D 255 -32.65 1.41 2.08
N GLY D 256 -33.18 1.50 3.30
CA GLY D 256 -32.84 0.55 4.35
C GLY D 256 -31.50 0.87 5.00
N GLY D 257 -30.92 2.01 4.62
CA GLY D 257 -29.65 2.43 5.17
C GLY D 257 -29.78 3.16 6.50
N THR D 258 -28.63 3.47 7.10
CA THR D 258 -28.60 4.07 8.43
C THR D 258 -27.79 5.36 8.46
N ILE D 259 -28.38 6.42 9.02
CA ILE D 259 -27.71 7.70 9.17
C ILE D 259 -27.29 7.92 10.62
N ALA D 260 -26.00 8.16 10.84
CA ALA D 260 -25.49 8.43 12.17
C ALA D 260 -25.14 9.91 12.33
N LEU D 261 -25.68 10.53 13.37
CA LEU D 261 -25.45 11.94 13.63
C LEU D 261 -24.37 12.16 14.70
N ASN D 262 -23.25 12.76 14.30
CA ASN D 262 -22.13 13.04 15.20
C ASN D 262 -22.09 14.50 15.64
N GLY D 263 -23.12 14.97 16.32
CA GLY D 263 -23.14 16.36 16.76
C GLY D 263 -24.29 16.72 17.68
N LEU D 264 -24.15 17.86 18.35
CA LEU D 264 -25.18 18.33 19.28
C LEU D 264 -25.69 19.72 18.91
N PRO D 265 -26.34 19.84 17.75
CA PRO D 265 -26.80 21.13 17.21
C PRO D 265 -28.01 21.67 17.96
N PRO D 266 -28.29 22.97 17.80
CA PRO D 266 -29.48 23.59 18.39
C PRO D 266 -30.74 23.37 17.55
N GLY D 267 -31.89 23.35 18.21
CA GLY D 267 -33.17 23.37 17.53
C GLY D 267 -33.71 22.05 17.01
N ASP D 268 -34.96 22.08 16.56
CA ASP D 268 -35.60 20.94 15.93
C ASP D 268 -35.28 20.90 14.45
N PHE D 269 -34.93 19.73 13.94
CA PHE D 269 -34.70 19.57 12.52
C PHE D 269 -35.95 19.03 11.83
N GLY D 270 -36.14 19.42 10.57
CA GLY D 270 -37.29 18.98 9.80
C GLY D 270 -37.10 17.59 9.25
N THR D 271 -37.97 16.66 9.66
CA THR D 271 -37.83 15.26 9.30
C THR D 271 -39.01 14.77 8.46
N PRO D 272 -38.74 14.34 7.22
CA PRO D 272 -39.79 13.88 6.33
C PRO D 272 -40.21 12.46 6.67
N ILE D 273 -41.16 12.32 7.59
CA ILE D 273 -41.62 11.01 8.03
C ILE D 273 -41.90 10.08 6.85
N PHE D 274 -42.55 10.61 5.83
CA PHE D 274 -42.97 9.80 4.68
C PHE D 274 -41.80 9.08 4.01
N ASP D 275 -40.74 9.82 3.70
CA ASP D 275 -39.56 9.22 3.05
C ASP D 275 -38.86 8.23 3.98
N VAL D 276 -38.80 8.56 5.26
CA VAL D 276 -38.13 7.70 6.24
C VAL D 276 -38.82 6.34 6.35
N VAL D 277 -40.15 6.37 6.35
CA VAL D 277 -40.94 5.14 6.47
C VAL D 277 -40.91 4.31 5.18
N LEU D 278 -41.17 4.96 4.05
CA LEU D 278 -41.20 4.25 2.77
C LEU D 278 -39.82 3.73 2.36
N LYS D 279 -38.78 4.48 2.70
CA LYS D 279 -37.42 4.08 2.39
C LYS D 279 -36.84 3.15 3.45
N GLY D 280 -37.53 3.06 4.59
CA GLY D 280 -37.09 2.20 5.67
C GLY D 280 -35.78 2.66 6.30
N ILE D 281 -35.62 3.97 6.38
CA ILE D 281 -34.38 4.57 6.85
C ILE D 281 -34.24 4.56 8.37
N THR D 282 -33.02 4.35 8.85
CA THR D 282 -32.72 4.45 10.28
C THR D 282 -31.88 5.70 10.55
N ILE D 283 -32.30 6.49 11.53
CA ILE D 283 -31.54 7.65 11.96
C ILE D 283 -31.05 7.47 13.39
N ARG D 284 -29.77 7.78 13.62
CA ARG D 284 -29.12 7.50 14.90
C ARG D 284 -28.27 8.65 15.39
N GLY D 285 -28.32 8.89 16.70
CA GLY D 285 -27.42 9.84 17.32
C GLY D 285 -26.27 9.11 17.96
N SER D 286 -25.06 9.63 17.77
CA SER D 286 -23.87 9.01 18.34
C SER D 286 -22.80 10.05 18.60
N ILE D 287 -22.31 10.08 19.84
CA ILE D 287 -21.26 11.00 20.23
C ILE D 287 -20.34 10.29 21.21
N VAL D 288 -19.05 10.59 21.18
CA VAL D 288 -18.04 9.83 21.91
C VAL D 288 -18.30 8.33 21.84
N GLY D 289 -18.05 7.63 22.95
CA GLY D 289 -18.23 6.19 23.00
C GLY D 289 -17.80 5.61 24.33
N THR D 290 -18.04 4.31 24.50
CA THR D 290 -17.76 3.64 25.76
C THR D 290 -16.26 3.41 25.92
N ARG D 291 -15.88 2.80 27.04
CA ARG D 291 -14.48 2.50 27.29
C ARG D 291 -13.96 1.50 26.26
N SER D 292 -14.77 0.51 25.92
CA SER D 292 -14.40 -0.47 24.91
C SER D 292 -14.19 0.22 23.56
N ASP D 293 -15.14 1.09 23.20
CA ASP D 293 -15.05 1.87 21.96
C ASP D 293 -13.73 2.61 21.89
N LEU D 294 -13.38 3.26 22.99
CA LEU D 294 -12.19 4.10 23.06
C LEU D 294 -10.93 3.27 22.87
N GLN D 295 -10.85 2.14 23.57
CA GLN D 295 -9.71 1.24 23.41
C GLN D 295 -9.59 0.77 21.96
N GLU D 296 -10.72 0.45 21.35
CA GLU D 296 -10.73 0.02 19.96
C GLU D 296 -10.24 1.13 19.04
N SER D 297 -10.66 2.36 19.30
CA SER D 297 -10.27 3.49 18.46
C SER D 297 -8.80 3.83 18.66
N LEU D 298 -8.32 3.72 19.89
CA LEU D 298 -6.90 3.96 20.18
C LEU D 298 -6.02 2.97 19.42
N ASP D 299 -6.47 1.71 19.36
CA ASP D 299 -5.76 0.67 18.63
C ASP D 299 -5.53 1.00 17.15
N PHE D 300 -6.55 1.56 16.50
CA PHE D 300 -6.42 1.92 15.09
C PHE D 300 -5.33 2.96 14.88
N ALA D 301 -5.24 3.93 15.78
CA ALA D 301 -4.19 4.93 15.74
C ALA D 301 -2.83 4.28 15.95
N ALA D 302 -2.80 3.28 16.84
CA ALA D 302 -1.57 2.59 17.22
C ALA D 302 -0.97 1.82 16.05
N HIS D 303 -1.83 1.30 15.17
CA HIS D 303 -1.37 0.51 14.04
C HIS D 303 -1.10 1.37 12.81
N GLY D 304 -1.19 2.69 13.00
CA GLY D 304 -0.85 3.64 11.96
C GLY D 304 -1.92 3.85 10.90
N ASP D 305 -3.11 3.31 11.13
CA ASP D 305 -4.19 3.43 10.16
C ASP D 305 -4.88 4.79 10.25
N VAL D 306 -4.72 5.45 11.40
CA VAL D 306 -5.37 6.74 11.63
C VAL D 306 -4.41 7.77 12.20
N LYS D 307 -4.31 8.91 11.52
CA LYS D 307 -3.51 10.03 12.02
C LYS D 307 -4.29 11.33 11.85
N ALA D 308 -4.61 11.97 12.96
CA ALA D 308 -5.31 13.24 12.92
C ALA D 308 -4.33 14.34 12.54
N THR D 309 -4.79 15.30 11.73
CA THR D 309 -4.01 16.50 11.47
C THR D 309 -4.01 17.31 12.75
N VAL D 310 -2.82 17.62 13.27
CA VAL D 310 -2.72 18.32 14.55
C VAL D 310 -1.70 19.44 14.54
N SER D 311 -2.02 20.50 15.27
CA SER D 311 -1.09 21.59 15.55
C SER D 311 -1.05 21.82 17.05
N THR D 312 0.02 22.46 17.53
CA THR D 312 0.18 22.67 18.96
C THR D 312 0.05 24.13 19.38
N ALA D 313 -0.13 24.34 20.68
CA ALA D 313 -0.20 25.67 21.27
C ALA D 313 0.10 25.56 22.76
N LYS D 314 0.48 26.68 23.37
CA LYS D 314 0.76 26.68 24.80
C LYS D 314 -0.50 27.02 25.60
N LEU D 315 -0.47 26.69 26.89
CA LEU D 315 -1.62 26.95 27.76
C LEU D 315 -1.96 28.44 27.81
N ASP D 316 -0.94 29.27 27.99
CA ASP D 316 -1.14 30.71 28.08
C ASP D 316 -1.90 31.26 26.87
N ASP D 317 -1.92 30.49 25.78
CA ASP D 317 -2.52 30.95 24.53
C ASP D 317 -3.88 30.31 24.25
N VAL D 318 -4.47 29.68 25.25
CA VAL D 318 -5.71 28.95 25.04
C VAL D 318 -6.83 29.83 24.49
N ASN D 319 -6.87 31.09 24.94
CA ASN D 319 -7.86 32.04 24.44
C ASN D 319 -7.71 32.30 22.95
N ASP D 320 -6.47 32.43 22.51
CA ASP D 320 -6.18 32.60 21.09
C ASP D 320 -6.71 31.40 20.31
N VAL D 321 -6.42 30.20 20.84
CA VAL D 321 -6.90 28.98 20.22
C VAL D 321 -8.42 29.00 20.06
N PHE D 322 -9.12 29.33 21.14
CA PHE D 322 -10.58 29.47 21.08
C PHE D 322 -10.98 30.42 19.97
N GLY D 323 -10.19 31.47 19.78
CA GLY D 323 -10.45 32.45 18.75
C GLY D 323 -10.45 31.84 17.36
N ARG D 324 -9.36 31.17 17.01
CA ARG D 324 -9.27 30.53 15.69
C ARG D 324 -10.39 29.51 15.50
N LEU D 325 -10.68 28.76 16.54
CA LEU D 325 -11.78 27.79 16.52
C LEU D 325 -13.11 28.46 16.15
N ARG D 326 -13.49 29.49 16.91
CA ARG D 326 -14.75 30.19 16.66
C ARG D 326 -14.82 30.70 15.23
N GLU D 327 -13.74 31.33 14.78
CA GLU D 327 -13.69 31.91 13.44
C GLU D 327 -13.70 30.83 12.36
N GLY D 328 -13.30 29.62 12.74
CA GLY D 328 -13.23 28.51 11.81
C GLY D 328 -11.95 28.55 10.99
N LYS D 329 -10.86 28.96 11.63
CA LYS D 329 -9.57 29.09 10.93
C LYS D 329 -8.71 27.84 11.12
N VAL D 330 -9.23 26.87 11.88
CA VAL D 330 -8.45 25.70 12.24
C VAL D 330 -8.60 24.53 11.27
N GLU D 331 -7.47 24.07 10.75
CA GLU D 331 -7.44 22.84 9.97
C GLU D 331 -7.04 21.70 10.89
N GLY D 332 -7.89 20.68 10.97
CA GLY D 332 -7.62 19.54 11.83
C GLY D 332 -7.94 19.82 13.29
N ARG D 333 -7.06 19.40 14.18
CA ARG D 333 -7.27 19.56 15.61
C ARG D 333 -6.12 20.31 16.27
N VAL D 334 -6.45 21.11 17.27
CA VAL D 334 -5.43 21.83 18.04
C VAL D 334 -5.20 21.14 19.37
N VAL D 335 -3.94 20.99 19.75
CA VAL D 335 -3.58 20.29 20.97
C VAL D 335 -2.61 21.11 21.79
N LEU D 336 -2.98 21.38 23.04
CA LEU D 336 -2.11 22.08 23.96
C LEU D 336 -0.95 21.16 24.34
N ASP D 337 0.28 21.67 24.25
CA ASP D 337 1.46 20.88 24.55
C ASP D 337 2.11 21.33 25.86
N PHE D 338 2.18 20.42 26.82
CA PHE D 338 2.73 20.73 28.13
C PHE D 338 4.17 20.21 28.27
N SER D 339 4.72 19.68 27.19
CA SER D 339 6.04 19.06 27.25
C SER D 339 7.16 20.09 27.44
N ARG D 340 8.25 19.65 28.06
CA ARG D 340 9.41 20.50 28.29
C ARG D 340 9.98 21.02 26.97
N ALA E 1 66.28 16.08 18.09
CA ALA E 1 65.25 16.44 19.06
C ALA E 1 64.57 17.76 18.69
N MET E 2 65.35 18.68 18.13
CA MET E 2 64.79 19.96 17.69
C MET E 2 64.83 20.10 16.17
N MET E 3 64.10 21.08 15.65
CA MET E 3 64.03 21.33 14.22
C MET E 3 63.69 22.79 13.98
N LYS E 4 63.96 23.27 12.78
CA LYS E 4 63.49 24.58 12.37
C LYS E 4 62.06 24.45 11.86
N ALA E 5 61.23 25.44 12.17
CA ALA E 5 59.84 25.43 11.72
C ALA E 5 59.25 26.83 11.71
N ALA E 6 58.39 27.10 10.74
CA ALA E 6 57.69 28.38 10.64
C ALA E 6 56.38 28.29 11.39
N VAL E 7 56.40 28.70 12.66
CA VAL E 7 55.24 28.58 13.53
C VAL E 7 54.37 29.83 13.54
N VAL E 8 53.08 29.66 13.26
CA VAL E 8 52.12 30.74 13.42
C VAL E 8 51.59 30.71 14.85
N ARG E 9 51.90 31.75 15.61
CA ARG E 9 51.55 31.78 17.03
C ARG E 9 50.53 32.89 17.31
N ALA E 10 50.47 33.88 16.43
CA ALA E 10 49.48 34.94 16.51
C ALA E 10 48.74 35.03 15.18
N PHE E 11 47.41 35.07 15.25
CA PHE E 11 46.54 34.89 14.08
C PHE E 11 46.64 35.96 12.99
N GLY E 12 47.80 36.59 12.85
CA GLY E 12 47.97 37.62 11.84
C GLY E 12 49.36 38.24 11.80
N ALA E 13 50.13 38.02 12.85
CA ALA E 13 51.50 38.53 12.91
C ALA E 13 52.44 37.57 12.18
N PRO E 14 53.46 38.12 11.50
CA PRO E 14 54.42 37.32 10.73
C PRO E 14 54.79 36.02 11.43
N LEU E 15 55.11 35.00 10.64
CA LEU E 15 55.51 33.71 11.18
C LEU E 15 56.90 33.81 11.77
N THR E 16 57.13 33.11 12.87
CA THR E 16 58.45 33.05 13.49
C THR E 16 59.16 31.77 13.06
N ILE E 17 60.48 31.81 13.06
CA ILE E 17 61.29 30.63 12.75
C ILE E 17 62.02 30.17 14.00
N ASP E 18 61.49 29.15 14.67
CA ASP E 18 62.04 28.70 15.93
C ASP E 18 62.50 27.25 15.89
N GLU E 19 63.37 26.89 16.82
CA GLU E 19 63.67 25.49 17.06
C GLU E 19 62.55 24.91 17.90
N VAL E 20 61.83 23.94 17.33
CA VAL E 20 60.75 23.27 18.05
C VAL E 20 61.07 21.78 18.11
N PRO E 21 60.36 21.03 18.97
CA PRO E 21 60.63 19.60 19.05
C PRO E 21 60.23 18.87 17.78
N VAL E 22 60.98 17.82 17.44
CA VAL E 22 60.67 16.99 16.29
C VAL E 22 59.53 16.04 16.63
N PRO E 23 58.42 16.12 15.87
CA PRO E 23 57.27 15.25 16.15
C PRO E 23 57.62 13.79 15.91
N GLN E 24 57.31 12.94 16.86
CA GLN E 24 57.60 11.51 16.74
C GLN E 24 56.34 10.75 16.37
N PRO E 25 56.48 9.78 15.45
CA PRO E 25 55.31 9.02 15.00
C PRO E 25 54.89 8.02 16.06
N GLY E 26 53.58 7.96 16.34
CA GLY E 26 53.04 6.96 17.22
C GLY E 26 52.55 5.79 16.39
N PRO E 27 51.84 4.85 17.02
CA PRO E 27 51.23 3.72 16.31
C PRO E 27 50.35 4.18 15.15
N GLY E 28 50.53 3.56 13.99
CA GLY E 28 49.73 3.88 12.82
C GLY E 28 50.18 5.15 12.13
N GLN E 29 51.29 5.71 12.60
CA GLN E 29 51.80 6.97 12.05
C GLN E 29 53.18 6.80 11.42
N VAL E 30 53.58 7.77 10.61
CA VAL E 30 54.93 7.82 10.07
C VAL E 30 55.48 9.22 10.19
N GLN E 31 56.79 9.36 10.02
CA GLN E 31 57.46 10.65 10.09
C GLN E 31 58.07 10.96 8.74
N VAL E 32 57.94 12.21 8.32
CA VAL E 32 58.42 12.61 7.00
C VAL E 32 59.46 13.71 7.11
N LYS E 33 60.63 13.47 6.53
CA LYS E 33 61.70 14.45 6.50
C LYS E 33 61.55 15.31 5.25
N ILE E 34 61.20 16.57 5.45
CA ILE E 34 60.85 17.45 4.33
C ILE E 34 62.04 17.85 3.47
N GLU E 35 61.89 17.68 2.16
CA GLU E 35 62.89 18.13 1.20
C GLU E 35 62.43 19.41 0.52
N ALA E 36 61.12 19.51 0.30
CA ALA E 36 60.52 20.69 -0.30
C ALA E 36 59.10 20.85 0.21
N SER E 37 58.61 22.08 0.22
CA SER E 37 57.29 22.38 0.77
C SER E 37 56.63 23.52 0.01
N GLY E 38 55.63 23.20 -0.81
CA GLY E 38 54.98 24.18 -1.64
C GLY E 38 54.14 25.18 -0.87
N VAL E 39 54.09 26.41 -1.36
CA VAL E 39 53.27 27.44 -0.72
C VAL E 39 51.97 27.68 -1.50
N CYS E 40 50.85 27.55 -0.80
CA CYS E 40 49.54 27.73 -1.40
C CYS E 40 48.88 28.98 -0.84
N HIS E 41 47.95 29.55 -1.61
CA HIS E 41 47.22 30.73 -1.16
C HIS E 41 46.47 30.42 0.14
N THR E 42 46.07 29.17 0.30
CA THR E 42 45.38 28.73 1.51
C THR E 42 46.22 28.98 2.75
N ASP E 43 47.54 28.91 2.60
CA ASP E 43 48.45 29.17 3.72
C ASP E 43 48.26 30.60 4.25
N LEU E 44 48.03 31.54 3.34
CA LEU E 44 47.77 32.92 3.75
C LEU E 44 46.58 32.97 4.69
N HIS E 45 45.46 32.40 4.27
CA HIS E 45 44.23 32.41 5.07
C HIS E 45 44.38 31.62 6.37
N ALA E 46 45.35 30.73 6.43
CA ALA E 46 45.64 29.99 7.65
C ALA E 46 46.41 30.91 8.61
N ALA E 47 47.38 31.63 8.06
CA ALA E 47 48.14 32.60 8.84
C ALA E 47 47.25 33.75 9.28
N ASP E 48 46.46 34.26 8.35
CA ASP E 48 45.47 35.30 8.67
C ASP E 48 44.27 34.66 9.36
N GLY E 49 43.16 34.55 8.66
CA GLY E 49 41.97 33.92 9.20
C GLY E 49 40.71 34.32 8.48
N ASP E 50 40.78 34.39 7.15
CA ASP E 50 39.64 34.81 6.34
C ASP E 50 38.59 33.71 6.24
N TRP E 51 38.73 32.66 7.05
CA TRP E 51 37.87 31.50 6.95
C TRP E 51 37.02 31.27 8.20
N PRO E 52 35.76 30.87 8.00
CA PRO E 52 34.76 30.64 9.05
C PRO E 52 35.29 29.70 10.12
N VAL E 53 35.75 28.52 9.68
CA VAL E 53 36.41 27.59 10.58
C VAL E 53 37.91 27.88 10.59
N LYS E 54 38.44 28.16 11.78
CA LYS E 54 39.80 28.66 11.89
C LYS E 54 40.77 27.66 12.53
N PRO E 55 42.06 27.78 12.20
CA PRO E 55 43.13 26.99 12.80
C PRO E 55 43.25 27.21 14.30
N THR E 56 43.94 26.31 14.98
CA THR E 56 44.22 26.46 16.41
C THR E 56 45.67 26.90 16.60
N LEU E 57 45.87 27.93 17.42
CA LEU E 57 47.20 28.48 17.66
C LEU E 57 47.89 27.80 18.83
N PRO E 58 49.20 27.56 18.70
CA PRO E 58 49.97 27.85 17.49
C PRO E 58 50.13 26.60 16.62
N PHE E 59 50.33 26.79 15.33
CA PHE E 59 50.44 25.67 14.39
C PHE E 59 51.45 25.98 13.28
N ILE E 60 51.84 24.94 12.55
CA ILE E 60 52.74 25.07 11.41
C ILE E 60 51.98 24.80 10.12
N PRO E 61 51.88 25.80 9.24
CA PRO E 61 51.19 25.58 7.95
C PRO E 61 51.98 24.66 7.01
N GLY E 62 51.44 24.45 5.82
CA GLY E 62 52.11 23.64 4.81
C GLY E 62 51.42 22.31 4.53
N HIS E 63 50.72 22.24 3.42
CA HIS E 63 50.07 21.01 2.99
C HIS E 63 50.53 20.61 1.59
N GLU E 64 51.72 21.10 1.23
CA GLU E 64 52.38 20.70 0.00
C GLU E 64 53.81 20.26 0.33
N GLY E 65 53.95 19.59 1.47
CA GLY E 65 55.25 19.13 1.93
C GLY E 65 55.63 17.79 1.35
N VAL E 66 56.84 17.70 0.81
CA VAL E 66 57.32 16.46 0.19
C VAL E 66 58.71 16.08 0.71
N GLY E 67 58.92 14.79 0.92
CA GLY E 67 60.20 14.29 1.40
C GLY E 67 60.25 12.78 1.48
N TYR E 68 61.11 12.26 2.36
CA TYR E 68 61.22 10.82 2.56
C TYR E 68 60.66 10.42 3.93
N VAL E 69 60.11 9.21 4.00
CA VAL E 69 59.70 8.66 5.29
C VAL E 69 60.94 8.39 6.13
N SER E 70 61.04 9.07 7.26
CA SER E 70 62.23 9.01 8.11
C SER E 70 62.04 8.10 9.33
N ALA E 71 60.80 7.73 9.62
CA ALA E 71 60.51 6.83 10.74
C ALA E 71 59.08 6.31 10.67
N VAL E 72 58.83 5.18 11.34
CA VAL E 72 57.56 4.48 11.20
C VAL E 72 57.09 3.83 12.50
N GLY E 73 55.82 4.05 12.83
CA GLY E 73 55.22 3.40 13.98
C GLY E 73 54.75 2.00 13.63
N SER E 74 54.10 1.33 14.58
CA SER E 74 53.64 -0.03 14.33
C SER E 74 52.36 -0.04 13.51
N GLY E 75 52.08 -1.18 12.88
CA GLY E 75 50.83 -1.37 12.15
C GLY E 75 50.78 -0.70 10.78
N VAL E 76 51.93 -0.28 10.28
CA VAL E 76 51.99 0.42 9.00
C VAL E 76 52.46 -0.51 7.87
N SER E 77 51.67 -0.60 6.82
CA SER E 77 51.99 -1.51 5.72
C SER E 77 52.05 -0.80 4.38
N ARG E 78 51.50 0.41 4.32
CA ARG E 78 51.42 1.14 3.06
C ARG E 78 52.74 1.78 2.65
N VAL E 79 53.54 2.17 3.64
CA VAL E 79 54.84 2.80 3.38
C VAL E 79 55.93 2.30 4.33
N LYS E 80 57.17 2.38 3.87
CA LYS E 80 58.32 1.99 4.67
C LYS E 80 59.32 3.14 4.73
N GLU E 81 60.32 3.03 5.60
CA GLU E 81 61.31 4.08 5.72
C GLU E 81 62.02 4.28 4.38
N GLY E 82 62.26 5.53 4.01
CA GLY E 82 62.93 5.85 2.77
C GLY E 82 61.99 6.04 1.60
N ASP E 83 60.70 5.81 1.83
CA ASP E 83 59.70 6.02 0.78
C ASP E 83 59.52 7.50 0.48
N ARG E 84 59.30 7.81 -0.79
CA ARG E 84 59.16 9.18 -1.28
C ARG E 84 57.70 9.60 -1.22
N VAL E 85 57.37 10.51 -0.30
CA VAL E 85 55.96 10.84 -0.04
C VAL E 85 55.67 12.32 0.14
N GLY E 86 54.40 12.68 -0.03
CA GLY E 86 53.94 14.03 0.23
C GLY E 86 52.79 14.00 1.21
N VAL E 87 52.62 15.09 1.96
CA VAL E 87 51.53 15.18 2.93
C VAL E 87 50.59 16.31 2.52
N PRO E 88 49.46 15.96 1.88
CA PRO E 88 48.56 16.94 1.28
C PRO E 88 47.48 17.44 2.24
N TRP E 89 46.70 18.40 1.76
CA TRP E 89 45.62 19.00 2.53
C TRP E 89 44.79 18.01 3.34
N LEU E 90 44.34 16.93 2.68
CA LEU E 90 43.56 15.91 3.36
C LEU E 90 44.49 15.03 4.21
N TYR E 91 44.75 15.46 5.45
CA TYR E 91 45.65 14.75 6.33
C TYR E 91 45.16 13.34 6.64
N SER E 92 43.86 13.22 6.93
CA SER E 92 43.25 11.93 7.18
C SER E 92 41.72 12.02 7.08
N ALA E 93 41.09 10.86 7.03
CA ALA E 93 39.62 10.76 7.04
C ALA E 93 39.25 9.50 7.80
N CYS E 94 38.00 9.39 8.25
CA CYS E 94 37.61 8.26 9.09
C CYS E 94 37.60 6.95 8.31
N GLY E 95 37.40 7.03 6.99
CA GLY E 95 37.51 5.87 6.13
C GLY E 95 36.25 5.02 5.99
N TYR E 96 35.20 5.34 6.74
CA TYR E 96 34.02 4.48 6.73
C TYR E 96 32.68 5.22 6.82
N CYS E 97 32.68 6.55 6.81
CA CYS E 97 31.42 7.27 6.73
C CYS E 97 30.84 7.08 5.34
N GLU E 98 29.69 7.70 5.06
CA GLU E 98 29.08 7.56 3.75
C GLU E 98 29.94 8.20 2.66
N HIS E 99 30.55 9.33 2.97
CA HIS E 99 31.42 10.01 2.01
C HIS E 99 32.66 9.16 1.72
N CYS E 100 33.30 8.67 2.77
CA CYS E 100 34.52 7.88 2.60
C CYS E 100 34.28 6.57 1.83
N LEU E 101 33.22 5.85 2.19
CA LEU E 101 32.91 4.59 1.54
C LEU E 101 32.62 4.77 0.06
N GLN E 102 32.17 5.96 -0.33
CA GLN E 102 31.82 6.24 -1.71
C GLN E 102 32.94 6.95 -2.46
N GLY E 103 34.17 6.80 -1.96
CA GLY E 103 35.31 7.43 -2.58
C GLY E 103 35.22 8.93 -2.64
N TRP E 104 34.59 9.53 -1.63
CA TRP E 104 34.57 10.99 -1.49
C TRP E 104 35.10 11.40 -0.13
N GLU E 105 36.24 10.82 0.25
CA GLU E 105 36.90 11.10 1.51
C GLU E 105 37.18 12.59 1.70
N THR E 106 37.26 13.31 0.58
CA THR E 106 37.46 14.75 0.59
C THR E 106 36.35 15.48 1.33
N LEU E 107 35.22 14.81 1.50
CA LEU E 107 34.06 15.43 2.17
C LEU E 107 33.88 14.92 3.59
N CYS E 108 34.74 14.00 4.01
CA CYS E 108 34.66 13.43 5.35
C CYS E 108 34.55 14.51 6.43
N GLU E 109 33.48 14.44 7.21
CA GLU E 109 33.24 15.41 8.27
C GLU E 109 34.20 15.25 9.45
N LYS E 110 34.91 14.13 9.50
CA LYS E 110 35.88 13.88 10.57
C LYS E 110 37.30 14.07 10.07
N GLN E 111 37.47 14.67 8.90
CA GLN E 111 38.79 14.84 8.31
C GLN E 111 39.67 15.80 9.09
N GLN E 112 40.97 15.55 9.08
CA GLN E 112 41.95 16.50 9.57
C GLN E 112 42.67 17.08 8.38
N ASN E 113 43.10 18.34 8.48
CA ASN E 113 43.75 19.01 7.37
C ASN E 113 45.16 19.48 7.69
N THR E 114 46.10 19.11 6.82
CA THR E 114 47.52 19.37 7.05
C THR E 114 47.85 20.85 7.01
N GLY E 115 48.56 21.32 8.02
CA GLY E 115 48.94 22.72 8.10
C GLY E 115 47.74 23.61 8.35
N TYR E 116 46.77 23.11 9.08
CA TYR E 116 45.57 23.87 9.40
C TYR E 116 44.94 23.42 10.71
N SER E 117 44.56 22.15 10.77
CA SER E 117 44.01 21.57 12.00
C SER E 117 45.08 20.75 12.72
N VAL E 118 46.11 20.37 11.97
CA VAL E 118 47.30 19.72 12.53
C VAL E 118 48.53 20.34 11.86
N ASN E 119 49.70 20.14 12.47
CA ASN E 119 50.93 20.74 11.93
C ASN E 119 51.32 20.21 10.55
N GLY E 120 51.86 21.08 9.71
CA GLY E 120 52.19 20.73 8.35
C GLY E 120 53.66 20.80 7.97
N GLY E 121 53.91 21.09 6.70
CA GLY E 121 55.24 20.97 6.14
C GLY E 121 56.15 22.18 6.15
N TYR E 122 55.78 23.22 6.90
CA TYR E 122 56.68 24.36 7.07
C TYR E 122 57.69 24.07 8.18
N GLY E 123 57.99 22.79 8.34
CA GLY E 123 58.99 22.34 9.30
C GLY E 123 59.90 21.30 8.66
N GLU E 124 61.02 21.02 9.31
CA GLU E 124 61.98 20.07 8.76
C GLU E 124 61.45 18.64 8.84
N TYR E 125 60.50 18.41 9.74
CA TYR E 125 59.83 17.13 9.84
C TYR E 125 58.34 17.35 10.03
N VAL E 126 57.55 16.35 9.65
CA VAL E 126 56.12 16.36 9.93
C VAL E 126 55.63 14.93 10.07
N VAL E 127 54.75 14.71 11.05
CA VAL E 127 54.14 13.40 11.24
C VAL E 127 52.88 13.30 10.40
N ALA E 128 52.66 12.15 9.80
CA ALA E 128 51.53 11.98 8.89
C ALA E 128 50.83 10.65 9.07
N ASP E 129 49.61 10.57 8.55
CA ASP E 129 48.88 9.32 8.47
C ASP E 129 49.29 8.66 7.16
N PRO E 130 49.98 7.51 7.23
CA PRO E 130 50.54 6.89 6.03
C PRO E 130 49.46 6.43 5.05
N ASN E 131 48.22 6.37 5.51
CA ASN E 131 47.11 5.96 4.67
C ASN E 131 46.64 7.06 3.70
N TYR E 132 47.11 8.28 3.90
CA TYR E 132 46.62 9.41 3.11
C TYR E 132 47.73 10.25 2.49
N VAL E 133 48.98 9.85 2.69
CA VAL E 133 50.10 10.53 2.06
C VAL E 133 50.08 10.29 0.56
N GLY E 134 50.62 11.22 -0.21
CA GLY E 134 50.80 11.02 -1.63
C GLY E 134 52.05 10.18 -1.85
N LEU E 135 51.96 9.18 -2.72
CA LEU E 135 53.11 8.37 -3.05
C LEU E 135 53.77 8.96 -4.30
N LEU E 136 54.96 9.51 -4.12
CA LEU E 136 55.58 10.35 -5.15
C LEU E 136 56.46 9.54 -6.10
N PRO E 137 56.44 9.92 -7.39
CA PRO E 137 57.25 9.24 -8.42
C PRO E 137 58.71 9.65 -8.33
N ASP E 138 59.61 8.71 -8.58
CA ASP E 138 61.04 8.96 -8.49
C ASP E 138 61.48 10.04 -9.47
N LYS E 139 61.09 9.86 -10.73
CA LYS E 139 61.57 10.65 -11.86
C LYS E 139 61.30 12.15 -11.76
N VAL E 140 60.51 12.56 -10.77
CA VAL E 140 60.20 13.97 -10.59
C VAL E 140 60.81 14.50 -9.29
N GLY E 141 61.56 15.60 -9.40
CA GLY E 141 62.21 16.19 -8.25
C GLY E 141 61.24 16.73 -7.21
N PHE E 142 61.70 16.82 -5.97
CA PHE E 142 60.88 17.29 -4.86
C PHE E 142 60.27 18.67 -5.11
N VAL E 143 61.11 19.60 -5.58
CA VAL E 143 60.65 20.97 -5.83
C VAL E 143 59.58 21.04 -6.91
N GLU E 144 59.78 20.30 -7.99
CA GLU E 144 58.85 20.30 -9.11
C GLU E 144 57.52 19.61 -8.78
N ILE E 145 57.57 18.67 -7.85
CA ILE E 145 56.40 17.83 -7.57
C ILE E 145 55.50 18.39 -6.48
N ALA E 146 56.06 19.25 -5.63
CA ALA E 146 55.31 19.79 -4.49
C ALA E 146 53.95 20.38 -4.84
N PRO E 147 53.89 21.27 -5.86
CA PRO E 147 52.63 21.93 -6.21
C PRO E 147 51.53 20.97 -6.67
N ILE E 148 51.89 19.76 -7.07
CA ILE E 148 50.89 18.80 -7.51
C ILE E 148 50.06 18.32 -6.32
N LEU E 149 50.68 18.31 -5.14
CA LEU E 149 50.01 17.87 -3.92
C LEU E 149 48.77 18.69 -3.59
N CYS E 150 48.67 19.87 -4.19
CA CYS E 150 47.48 20.68 -4.01
C CYS E 150 46.98 21.34 -5.30
N ALA E 151 47.80 22.21 -5.86
CA ALA E 151 47.43 22.89 -7.10
C ALA E 151 47.08 21.87 -8.20
N GLY E 152 47.97 20.92 -8.41
CA GLY E 152 47.77 19.90 -9.43
C GLY E 152 46.49 19.11 -9.24
N VAL E 153 46.37 18.43 -8.11
CA VAL E 153 45.21 17.59 -7.83
C VAL E 153 43.92 18.41 -7.84
N THR E 154 43.99 19.65 -7.36
CA THR E 154 42.81 20.52 -7.31
C THR E 154 42.26 20.80 -8.70
N VAL E 155 43.13 21.20 -9.62
CA VAL E 155 42.71 21.53 -10.99
C VAL E 155 42.43 20.28 -11.83
N TYR E 156 43.09 19.18 -11.50
CA TYR E 156 42.84 17.93 -12.20
C TYR E 156 41.43 17.46 -11.88
N LYS E 157 41.13 17.31 -10.60
CA LYS E 157 39.79 16.92 -10.15
C LYS E 157 38.76 17.94 -10.62
N GLY E 158 39.13 19.22 -10.58
CA GLY E 158 38.26 20.28 -11.02
C GLY E 158 37.83 20.10 -12.47
N LEU E 159 38.79 19.78 -13.33
CA LEU E 159 38.52 19.56 -14.75
C LEU E 159 37.64 18.33 -14.97
N LYS E 160 37.86 17.30 -14.17
CA LYS E 160 37.06 16.09 -14.24
C LYS E 160 35.58 16.38 -13.99
N VAL E 161 35.30 17.20 -12.98
CA VAL E 161 33.90 17.46 -12.62
C VAL E 161 33.23 18.54 -13.47
N THR E 162 33.93 19.02 -14.50
CA THR E 162 33.30 19.89 -15.48
C THR E 162 32.51 19.04 -16.47
N ASP E 163 32.69 17.73 -16.37
CA ASP E 163 32.01 16.77 -17.23
C ASP E 163 32.20 17.06 -18.72
N THR E 164 33.35 17.66 -19.04
CA THR E 164 33.72 17.89 -20.43
C THR E 164 34.52 16.70 -20.94
N ARG E 165 34.40 16.38 -22.23
CA ARG E 165 35.11 15.24 -22.79
C ARG E 165 36.06 15.67 -23.92
N PRO E 166 36.97 14.78 -24.34
CA PRO E 166 37.96 15.15 -25.35
C PRO E 166 37.30 15.74 -26.58
N GLY E 167 37.87 16.83 -27.10
CA GLY E 167 37.33 17.50 -28.26
C GLY E 167 36.56 18.75 -27.90
N GLN E 168 36.02 18.78 -26.68
CA GLN E 168 35.24 19.92 -26.22
C GLN E 168 36.12 21.05 -25.68
N TRP E 169 35.52 22.23 -25.52
CA TRP E 169 36.23 23.41 -25.07
C TRP E 169 36.17 23.57 -23.56
N VAL E 170 37.32 23.78 -22.93
CA VAL E 170 37.35 24.20 -21.54
C VAL E 170 37.99 25.58 -21.41
N VAL E 171 37.39 26.43 -20.60
CA VAL E 171 37.97 27.72 -20.27
C VAL E 171 38.68 27.63 -18.93
N ILE E 172 39.93 28.06 -18.89
CA ILE E 172 40.62 28.22 -17.62
C ILE E 172 40.64 29.70 -17.26
N SER E 173 39.82 30.08 -16.29
CA SER E 173 39.76 31.45 -15.81
C SER E 173 40.82 31.68 -14.74
N GLY E 174 41.84 32.46 -15.09
CA GLY E 174 42.91 32.76 -14.16
C GLY E 174 44.08 31.79 -14.29
N ILE E 175 45.19 32.29 -14.83
CA ILE E 175 46.35 31.45 -15.10
C ILE E 175 47.46 31.65 -14.06
N GLY E 176 47.15 31.39 -12.80
CA GLY E 176 48.10 31.58 -11.73
C GLY E 176 48.77 30.29 -11.30
N GLY E 177 48.94 30.13 -9.99
CA GLY E 177 49.52 28.91 -9.45
C GLY E 177 48.73 27.70 -9.90
N LEU E 178 47.44 27.70 -9.60
CA LEU E 178 46.55 26.63 -10.05
C LEU E 178 46.35 26.69 -11.56
N GLY E 179 45.86 27.82 -12.04
CA GLY E 179 45.52 27.98 -13.43
C GLY E 179 46.52 27.42 -14.44
N HIS E 180 47.81 27.65 -14.19
CA HIS E 180 48.83 27.34 -15.20
C HIS E 180 49.12 25.84 -15.36
N VAL E 181 48.84 25.05 -14.32
CA VAL E 181 48.93 23.60 -14.48
C VAL E 181 47.60 23.06 -15.01
N ALA E 182 46.53 23.80 -14.74
CA ALA E 182 45.21 23.45 -15.25
C ALA E 182 45.23 23.37 -16.77
N VAL E 183 45.91 24.32 -17.39
CA VAL E 183 46.05 24.32 -18.85
C VAL E 183 46.68 23.02 -19.33
N GLN E 184 47.67 22.56 -18.57
CA GLN E 184 48.43 21.37 -18.96
C GLN E 184 47.63 20.08 -18.75
N TYR E 185 46.87 20.01 -17.66
CA TYR E 185 46.02 18.85 -17.39
C TYR E 185 44.92 18.75 -18.44
N ALA E 186 44.31 19.89 -18.74
CA ALA E 186 43.24 19.95 -19.73
C ALA E 186 43.68 19.42 -21.09
N ARG E 187 44.89 19.79 -21.52
CA ARG E 187 45.43 19.34 -22.78
C ARG E 187 45.68 17.84 -22.78
N ALA E 188 46.22 17.33 -21.67
CA ALA E 188 46.48 15.91 -21.52
C ALA E 188 45.18 15.11 -21.50
N MET E 189 44.09 15.78 -21.10
CA MET E 189 42.79 15.14 -21.05
C MET E 189 42.06 15.29 -22.38
N GLY E 190 42.78 15.80 -23.38
CA GLY E 190 42.27 15.88 -24.73
C GLY E 190 41.36 17.06 -25.00
N LEU E 191 41.37 18.03 -24.09
CA LEU E 191 40.48 19.18 -24.21
C LEU E 191 41.09 20.32 -25.02
N ARG E 192 40.23 21.10 -25.67
CA ARG E 192 40.64 22.35 -26.29
C ARG E 192 40.55 23.46 -25.25
N VAL E 193 41.60 24.27 -25.15
CA VAL E 193 41.72 25.19 -24.02
C VAL E 193 41.65 26.67 -24.38
N ALA E 194 40.82 27.39 -23.65
CA ALA E 194 40.75 28.85 -23.75
C ALA E 194 41.13 29.46 -22.40
N ALA E 195 42.03 30.42 -22.42
CA ALA E 195 42.50 31.05 -21.18
C ALA E 195 42.00 32.48 -21.06
N VAL E 196 41.79 32.92 -19.82
CA VAL E 196 41.34 34.29 -19.57
C VAL E 196 41.80 34.80 -18.21
N ASP E 197 42.66 35.82 -18.22
CA ASP E 197 43.17 36.42 -16.99
C ASP E 197 43.25 37.93 -17.15
N ILE E 198 43.52 38.62 -16.06
CA ILE E 198 43.66 40.08 -16.06
C ILE E 198 45.02 40.49 -16.60
N ASP E 199 45.95 39.54 -16.62
CA ASP E 199 47.34 39.81 -16.97
C ASP E 199 47.70 39.21 -18.34
N ASP E 200 48.06 40.08 -19.29
CA ASP E 200 48.31 39.64 -20.66
C ASP E 200 49.58 38.79 -20.80
N ALA E 201 50.44 38.86 -19.79
CA ALA E 201 51.64 38.02 -19.77
C ALA E 201 51.28 36.62 -19.28
N LYS E 202 50.33 36.57 -18.35
CA LYS E 202 49.80 35.29 -17.88
C LYS E 202 49.12 34.57 -19.03
N LEU E 203 48.56 35.35 -19.97
CA LEU E 203 47.90 34.79 -21.14
C LEU E 203 48.94 34.21 -22.09
N ASN E 204 50.14 34.78 -22.07
CA ASN E 204 51.24 34.26 -22.87
C ASN E 204 51.75 32.94 -22.31
N LEU E 205 51.70 32.81 -20.99
CA LEU E 205 52.06 31.57 -20.33
C LEU E 205 51.12 30.47 -20.80
N ALA E 206 49.82 30.75 -20.76
CA ALA E 206 48.80 29.80 -21.21
C ALA E 206 49.01 29.43 -22.66
N ARG E 207 49.32 30.42 -23.50
CA ARG E 207 49.57 30.17 -24.91
C ARG E 207 50.70 29.17 -25.09
N ARG E 208 51.82 29.42 -24.42
CA ARG E 208 52.95 28.49 -24.48
C ARG E 208 52.57 27.13 -23.91
N LEU E 209 51.78 27.13 -22.84
CA LEU E 209 51.41 25.90 -22.17
C LEU E 209 50.36 25.08 -22.91
N GLY E 210 49.88 25.58 -24.04
CA GLY E 210 49.01 24.79 -24.89
C GLY E 210 47.68 25.41 -25.30
N ALA E 211 47.21 26.40 -24.55
CA ALA E 211 45.95 27.06 -24.90
C ALA E 211 46.00 27.51 -26.35
N GLU E 212 44.88 27.38 -27.06
CA GLU E 212 44.82 27.88 -28.43
C GLU E 212 43.97 29.15 -28.53
N VAL E 213 43.54 29.65 -27.38
CA VAL E 213 42.75 30.88 -27.31
C VAL E 213 42.85 31.56 -25.95
N ALA E 214 43.01 32.87 -25.96
CA ALA E 214 43.04 33.65 -24.72
C ALA E 214 42.66 35.11 -24.96
N VAL E 215 41.89 35.67 -24.04
CA VAL E 215 41.50 37.07 -24.11
C VAL E 215 41.59 37.72 -22.74
N ASN E 216 41.90 39.02 -22.72
CA ASN E 216 42.07 39.74 -21.47
C ASN E 216 40.74 40.23 -20.90
N ALA E 217 40.52 39.95 -19.61
CA ALA E 217 39.29 40.37 -18.94
C ALA E 217 39.20 41.89 -18.82
N ARG E 218 40.32 42.52 -18.45
CA ARG E 218 40.36 43.96 -18.28
C ARG E 218 40.50 44.69 -19.61
N ASP E 219 39.98 44.07 -20.67
CA ASP E 219 39.99 44.67 -22.00
C ASP E 219 38.59 44.65 -22.61
N THR E 220 38.27 43.56 -23.31
CA THR E 220 36.93 43.34 -23.81
C THR E 220 36.13 42.58 -22.77
N ASP E 221 35.00 42.00 -23.17
CA ASP E 221 34.28 41.11 -22.26
C ASP E 221 34.52 39.66 -22.67
N PRO E 222 34.95 38.84 -21.70
CA PRO E 222 35.28 37.43 -21.93
C PRO E 222 34.08 36.68 -22.49
N ALA E 223 32.95 36.83 -21.81
CA ALA E 223 31.71 36.17 -22.23
C ALA E 223 31.43 36.44 -23.70
N ALA E 224 31.20 37.71 -24.03
CA ALA E 224 30.84 38.11 -25.39
C ALA E 224 31.81 37.60 -26.45
N TRP E 225 33.10 37.67 -26.16
CA TRP E 225 34.11 37.25 -27.13
C TRP E 225 34.11 35.74 -27.33
N LEU E 226 33.95 35.00 -26.23
CA LEU E 226 33.95 33.54 -26.29
C LEU E 226 32.69 33.01 -26.97
N GLN E 227 31.53 33.47 -26.52
CA GLN E 227 30.28 33.13 -27.19
C GLN E 227 30.41 33.44 -28.68
N LYS E 228 31.31 34.36 -28.99
CA LYS E 228 31.53 34.83 -30.35
C LYS E 228 32.49 33.91 -31.12
N GLU E 229 33.60 33.56 -30.48
CA GLU E 229 34.64 32.77 -31.15
C GLU E 229 34.35 31.28 -31.15
N ILE E 230 34.37 30.67 -29.97
CA ILE E 230 34.28 29.22 -29.86
C ILE E 230 32.84 28.71 -29.74
N GLY E 231 31.90 29.63 -29.56
CA GLY E 231 30.49 29.26 -29.41
C GLY E 231 30.17 28.97 -27.95
N GLY E 232 30.96 29.56 -27.05
CA GLY E 232 30.82 29.29 -25.64
C GLY E 232 31.53 28.00 -25.30
N ALA E 233 31.99 27.88 -24.05
CA ALA E 233 32.73 26.70 -23.63
C ALA E 233 31.81 25.65 -23.03
N HIS E 234 32.13 24.38 -23.25
CA HIS E 234 31.39 23.27 -22.67
C HIS E 234 31.64 23.23 -21.16
N GLY E 235 32.83 23.66 -20.77
CA GLY E 235 33.19 23.69 -19.37
C GLY E 235 34.04 24.90 -19.01
N VAL E 236 33.91 25.36 -17.78
CA VAL E 236 34.72 26.46 -17.28
C VAL E 236 35.34 26.04 -15.95
N LEU E 237 36.64 26.29 -15.80
CA LEU E 237 37.31 26.10 -14.54
C LEU E 237 37.73 27.46 -13.99
N VAL E 238 37.17 27.84 -12.84
CA VAL E 238 37.49 29.11 -12.24
C VAL E 238 38.51 28.94 -11.12
N THR E 239 39.73 29.42 -11.36
CA THR E 239 40.78 29.39 -10.35
C THR E 239 40.95 30.78 -9.77
N ALA E 240 40.40 31.77 -10.46
CA ALA E 240 40.60 33.18 -10.13
C ALA E 240 40.12 33.56 -8.72
N VAL E 241 41.07 33.96 -7.88
CA VAL E 241 40.80 34.31 -6.49
C VAL E 241 39.77 35.43 -6.31
N SER E 242 39.66 36.31 -7.30
CA SER E 242 38.78 37.48 -7.19
C SER E 242 37.30 37.10 -7.17
N PRO E 243 36.56 37.65 -6.18
CA PRO E 243 35.10 37.52 -6.02
C PRO E 243 34.33 37.66 -7.33
N LYS E 244 34.57 38.73 -8.08
CA LYS E 244 33.98 38.88 -9.39
C LYS E 244 34.58 37.82 -10.31
N ALA E 245 34.15 37.80 -11.57
CA ALA E 245 34.57 36.76 -12.51
C ALA E 245 33.90 35.43 -12.19
N PHE E 246 33.33 35.34 -11.00
CA PHE E 246 32.46 34.24 -10.64
C PHE E 246 31.08 34.58 -11.17
N SER E 247 31.05 35.44 -12.19
CA SER E 247 29.82 35.88 -12.81
C SER E 247 29.99 35.93 -14.32
N GLN E 248 31.12 36.46 -14.77
CA GLN E 248 31.44 36.46 -16.19
C GLN E 248 31.78 35.04 -16.63
N ALA E 249 31.92 34.15 -15.65
CA ALA E 249 32.14 32.73 -15.91
C ALA E 249 30.85 32.09 -16.37
N ILE E 250 29.73 32.51 -15.77
CA ILE E 250 28.41 32.01 -16.16
C ILE E 250 28.12 32.33 -17.62
N GLY E 251 28.74 33.39 -18.12
CA GLY E 251 28.46 33.87 -19.46
C GLY E 251 29.31 33.27 -20.56
N MET E 252 30.46 32.71 -20.18
CA MET E 252 31.38 32.12 -21.15
C MET E 252 31.03 30.66 -21.45
N VAL E 253 30.15 30.10 -20.63
CA VAL E 253 29.72 28.72 -20.80
C VAL E 253 28.57 28.69 -21.81
N ARG E 254 28.57 27.69 -22.69
CA ARG E 254 27.45 27.52 -23.61
C ARG E 254 26.32 26.79 -22.90
N ARG E 255 25.14 26.75 -23.50
CA ARG E 255 24.01 26.09 -22.87
C ARG E 255 24.34 24.64 -22.53
N GLY E 256 23.89 24.20 -21.35
CA GLY E 256 24.15 22.85 -20.90
C GLY E 256 25.54 22.64 -20.35
N GLY E 257 26.31 23.72 -20.23
CA GLY E 257 27.70 23.64 -19.79
C GLY E 257 27.85 23.61 -18.28
N THR E 258 29.07 23.34 -17.83
CA THR E 258 29.37 23.21 -16.41
C THR E 258 30.53 24.10 -15.99
N ILE E 259 30.34 24.83 -14.90
CA ILE E 259 31.40 25.63 -14.32
C ILE E 259 31.87 25.00 -13.00
N ALA E 260 33.13 24.62 -12.95
CA ALA E 260 33.73 24.12 -11.72
C ALA E 260 34.48 25.27 -11.05
N LEU E 261 34.37 25.37 -9.73
CA LEU E 261 34.97 26.48 -9.00
C LEU E 261 36.08 26.01 -8.07
N ASN E 262 37.28 26.56 -8.25
CA ASN E 262 38.41 26.23 -7.38
C ASN E 262 38.67 27.30 -6.33
N GLY E 263 38.26 28.53 -6.63
CA GLY E 263 38.57 29.66 -5.77
C GLY E 263 37.88 29.64 -4.43
N LEU E 264 38.49 30.30 -3.45
CA LEU E 264 37.90 30.44 -2.12
C LEU E 264 37.87 31.89 -1.64
N PRO E 265 37.33 32.80 -2.46
CA PRO E 265 37.19 34.20 -2.01
C PRO E 265 36.02 34.32 -1.05
N PRO E 266 35.90 35.48 -0.38
CA PRO E 266 34.84 35.65 0.61
C PRO E 266 33.59 36.26 -0.01
N GLY E 267 32.46 36.17 0.69
CA GLY E 267 31.25 36.86 0.29
C GLY E 267 30.45 36.17 -0.79
N ASP E 268 29.25 36.67 -1.04
CA ASP E 268 28.35 36.11 -2.03
C ASP E 268 28.54 36.76 -3.39
N PHE E 269 28.53 35.95 -4.45
CA PHE E 269 28.61 36.49 -5.80
C PHE E 269 27.25 36.43 -6.50
N GLY E 270 26.99 37.41 -7.36
CA GLY E 270 25.72 37.50 -8.06
C GLY E 270 25.56 36.40 -9.09
N THR E 271 24.55 35.56 -8.89
CA THR E 271 24.27 34.48 -9.83
C THR E 271 22.96 34.75 -10.56
N PRO E 272 23.05 34.94 -11.89
CA PRO E 272 21.88 35.22 -12.73
C PRO E 272 21.01 33.98 -12.83
N ILE E 273 20.25 33.69 -11.78
CA ILE E 273 19.45 32.47 -11.71
C ILE E 273 18.62 32.22 -12.96
N PHE E 274 17.95 33.27 -13.46
CA PHE E 274 17.10 33.12 -14.63
C PHE E 274 17.85 32.45 -15.77
N ASP E 275 19.07 32.93 -16.04
CA ASP E 275 19.87 32.42 -17.14
C ASP E 275 20.44 31.04 -16.87
N VAL E 276 20.80 30.78 -15.61
CA VAL E 276 21.30 29.47 -15.22
C VAL E 276 20.25 28.40 -15.50
N VAL E 277 19.03 28.66 -15.04
CA VAL E 277 17.93 27.73 -15.21
C VAL E 277 17.54 27.55 -16.68
N LEU E 278 17.41 28.65 -17.41
CA LEU E 278 16.99 28.59 -18.80
C LEU E 278 18.05 27.97 -19.71
N LYS E 279 19.32 28.24 -19.42
CA LYS E 279 20.41 27.70 -20.23
C LYS E 279 20.86 26.33 -19.72
N GLY E 280 20.16 25.81 -18.72
CA GLY E 280 20.45 24.50 -18.16
C GLY E 280 21.89 24.39 -17.65
N ILE E 281 22.35 25.46 -17.01
CA ILE E 281 23.74 25.56 -16.56
C ILE E 281 23.98 24.90 -15.21
N THR E 282 25.14 24.27 -15.06
CA THR E 282 25.51 23.65 -13.80
C THR E 282 26.68 24.39 -13.15
N ILE E 283 26.54 24.68 -11.86
CA ILE E 283 27.61 25.29 -11.09
C ILE E 283 28.05 24.33 -9.98
N ARG E 284 29.35 24.07 -9.90
CA ARG E 284 29.85 23.01 -9.04
C ARG E 284 31.17 23.39 -8.39
N GLY E 285 31.25 23.22 -7.06
CA GLY E 285 32.49 23.44 -6.34
C GLY E 285 33.29 22.17 -6.22
N SER E 286 34.61 22.28 -6.30
CA SER E 286 35.46 21.10 -6.29
C SER E 286 36.57 21.23 -5.25
N ILE E 287 36.59 20.33 -4.27
CA ILE E 287 37.54 20.40 -3.17
C ILE E 287 38.76 19.50 -3.37
N VAL E 288 39.90 20.12 -3.68
CA VAL E 288 41.14 19.38 -3.93
C VAL E 288 40.85 18.06 -4.63
N GLY E 289 41.24 16.95 -4.03
CA GLY E 289 40.99 15.65 -4.64
C GLY E 289 41.16 14.48 -3.70
N THR E 290 40.52 13.36 -4.03
CA THR E 290 40.67 12.13 -3.26
C THR E 290 42.08 11.58 -3.42
N ARG E 291 42.38 10.50 -2.71
CA ARG E 291 43.68 9.86 -2.81
C ARG E 291 43.91 9.32 -4.23
N SER E 292 42.83 8.86 -4.87
CA SER E 292 42.94 8.38 -6.25
C SER E 292 43.16 9.55 -7.22
N ASP E 293 42.42 10.62 -7.03
CA ASP E 293 42.61 11.82 -7.84
C ASP E 293 44.08 12.26 -7.75
N LEU E 294 44.61 12.27 -6.54
CA LEU E 294 45.98 12.68 -6.30
C LEU E 294 46.98 11.80 -7.04
N GLN E 295 46.82 10.49 -6.90
CA GLN E 295 47.72 9.55 -7.56
C GLN E 295 47.66 9.71 -9.07
N GLU E 296 46.45 9.86 -9.60
CA GLU E 296 46.28 10.08 -11.03
C GLU E 296 46.99 11.36 -11.44
N SER E 297 46.84 12.40 -10.63
CA SER E 297 47.41 13.70 -10.97
C SER E 297 48.93 13.70 -10.88
N LEU E 298 49.48 12.86 -10.00
CA LEU E 298 50.93 12.69 -9.93
C LEU E 298 51.45 11.90 -11.12
N ASP E 299 50.64 10.95 -11.60
CA ASP E 299 51.02 10.16 -12.77
C ASP E 299 51.23 11.03 -14.00
N PHE E 300 50.35 12.01 -14.18
CA PHE E 300 50.46 12.94 -15.31
C PHE E 300 51.77 13.71 -15.24
N ALA E 301 52.24 13.99 -14.03
CA ALA E 301 53.52 14.69 -13.84
C ALA E 301 54.68 13.76 -14.16
N ALA E 302 54.59 12.51 -13.70
CA ALA E 302 55.62 11.52 -13.98
C ALA E 302 55.83 11.36 -15.48
N HIS E 303 54.74 11.32 -16.23
CA HIS E 303 54.80 11.07 -17.67
C HIS E 303 55.27 12.29 -18.46
N GLY E 304 55.35 13.45 -17.81
CA GLY E 304 55.85 14.65 -18.45
C GLY E 304 54.76 15.50 -19.07
N ASP E 305 53.51 15.07 -18.91
CA ASP E 305 52.38 15.81 -19.44
C ASP E 305 52.17 17.12 -18.68
N VAL E 306 52.53 17.12 -17.40
CA VAL E 306 52.36 18.28 -16.55
C VAL E 306 53.66 18.66 -15.85
N LYS E 307 53.93 19.96 -15.77
CA LYS E 307 55.15 20.46 -15.18
C LYS E 307 54.87 21.84 -14.60
N ALA E 308 54.96 21.95 -13.28
CA ALA E 308 54.67 23.21 -12.60
C ALA E 308 55.76 24.24 -12.85
N THR E 309 55.35 25.49 -13.01
CA THR E 309 56.28 26.61 -13.06
C THR E 309 56.54 27.06 -11.64
N VAL E 310 57.78 27.01 -11.20
CA VAL E 310 58.07 27.18 -9.78
C VAL E 310 59.23 28.12 -9.43
N SER E 311 58.97 29.00 -8.47
CA SER E 311 59.98 29.84 -7.88
C SER E 311 60.45 29.19 -6.57
N THR E 312 61.76 29.06 -6.41
CA THR E 312 62.32 28.49 -5.19
C THR E 312 62.55 29.57 -4.14
N ALA E 313 62.49 29.18 -2.87
CA ALA E 313 62.74 30.09 -1.76
C ALA E 313 63.12 29.33 -0.49
N LYS E 314 63.65 30.05 0.49
CA LYS E 314 64.14 29.43 1.72
C LYS E 314 63.18 29.58 2.89
N LEU E 315 63.10 28.56 3.73
CA LEU E 315 62.20 28.53 4.87
C LEU E 315 62.21 29.87 5.62
N ASP E 316 63.40 30.42 5.80
CA ASP E 316 63.55 31.64 6.60
C ASP E 316 62.96 32.88 5.93
N ASP E 317 62.68 32.77 4.63
CA ASP E 317 62.12 33.89 3.89
C ASP E 317 60.62 33.75 3.69
N VAL E 318 59.98 32.94 4.54
CA VAL E 318 58.55 32.67 4.40
C VAL E 318 57.69 33.93 4.34
N ASN E 319 57.97 34.88 5.22
CA ASN E 319 57.19 36.13 5.27
C ASN E 319 57.37 36.98 4.03
N ASP E 320 58.56 36.95 3.45
CA ASP E 320 58.81 37.62 2.18
C ASP E 320 57.91 37.01 1.12
N VAL E 321 57.80 35.68 1.13
CA VAL E 321 56.99 34.95 0.16
C VAL E 321 55.53 35.37 0.25
N PHE E 322 54.99 35.38 1.47
CA PHE E 322 53.60 35.78 1.67
C PHE E 322 53.35 37.18 1.12
N GLY E 323 54.32 38.07 1.30
CA GLY E 323 54.21 39.43 0.82
C GLY E 323 53.92 39.50 -0.67
N ARG E 324 54.89 39.08 -1.48
CA ARG E 324 54.75 39.14 -2.93
C ARG E 324 53.67 38.21 -3.45
N LEU E 325 53.27 37.26 -2.62
CA LEU E 325 52.22 36.31 -2.97
C LEU E 325 50.87 37.03 -3.03
N ARG E 326 50.64 37.90 -2.05
CA ARG E 326 49.41 38.68 -2.00
C ARG E 326 49.37 39.69 -3.14
N GLU E 327 50.48 40.38 -3.36
CA GLU E 327 50.54 41.42 -4.38
C GLU E 327 50.54 40.83 -5.79
N GLY E 328 50.18 39.56 -5.89
CA GLY E 328 50.05 38.89 -7.17
C GLY E 328 51.28 39.02 -8.06
N LYS E 329 52.45 39.18 -7.44
CA LYS E 329 53.69 39.27 -8.20
C LYS E 329 54.41 37.92 -8.27
N VAL E 330 53.69 36.85 -7.96
CA VAL E 330 54.24 35.51 -8.05
C VAL E 330 53.80 34.85 -9.35
N GLU E 331 54.77 34.51 -10.20
CA GLU E 331 54.49 33.71 -11.38
C GLU E 331 54.48 32.23 -11.01
N GLY E 332 53.48 31.50 -11.49
CA GLY E 332 53.36 30.09 -11.16
C GLY E 332 53.28 29.87 -9.67
N ARG E 333 54.10 28.95 -9.16
CA ARG E 333 54.08 28.61 -7.74
C ARG E 333 55.40 28.92 -7.05
N VAL E 334 55.33 29.03 -5.72
CA VAL E 334 56.51 29.19 -4.89
C VAL E 334 56.69 27.96 -4.01
N VAL E 335 57.90 27.41 -4.01
CA VAL E 335 58.19 26.21 -3.24
C VAL E 335 59.38 26.43 -2.32
N LEU E 336 59.17 26.23 -1.04
CA LEU E 336 60.25 26.32 -0.07
C LEU E 336 61.19 25.15 -0.26
N ASP E 337 62.47 25.43 -0.45
CA ASP E 337 63.47 24.39 -0.66
C ASP E 337 64.30 24.18 0.60
N PHE E 338 64.24 22.97 1.15
CA PHE E 338 64.94 22.66 2.39
C PHE E 338 66.33 22.07 2.12
N SER E 339 66.73 22.04 0.86
CA SER E 339 68.00 21.41 0.49
C SER E 339 69.19 22.13 1.09
N ARG E 340 70.09 21.37 1.71
CA ARG E 340 71.31 21.93 2.27
C ARG E 340 72.49 21.72 1.33
N ALA F 1 -66.61 -12.84 -17.77
CA ALA F 1 -66.19 -11.71 -18.60
C ALA F 1 -66.25 -10.40 -17.83
N MET F 2 -67.38 -10.17 -17.16
CA MET F 2 -67.57 -8.93 -16.43
C MET F 2 -67.62 -9.16 -14.91
N MET F 3 -67.21 -8.15 -14.17
CA MET F 3 -67.24 -8.20 -12.72
C MET F 3 -67.60 -6.83 -12.16
N LYS F 4 -68.01 -6.82 -10.90
CA LYS F 4 -68.26 -5.59 -10.18
C LYS F 4 -66.97 -5.14 -9.53
N ALA F 5 -66.66 -3.85 -9.63
CA ALA F 5 -65.43 -3.32 -9.04
C ALA F 5 -65.59 -1.85 -8.67
N ALA F 6 -64.87 -1.42 -7.64
CA ALA F 6 -64.85 -0.03 -7.24
C ALA F 6 -63.67 0.68 -7.91
N VAL F 7 -63.93 1.28 -9.07
CA VAL F 7 -62.88 1.89 -9.86
C VAL F 7 -62.71 3.38 -9.57
N VAL F 8 -61.45 3.78 -9.37
CA VAL F 8 -61.11 5.20 -9.29
C VAL F 8 -60.80 5.69 -10.70
N ARG F 9 -61.47 6.75 -11.13
CA ARG F 9 -61.24 7.29 -12.47
C ARG F 9 -60.83 8.75 -12.42
N ALA F 10 -61.10 9.39 -11.28
CA ALA F 10 -60.64 10.75 -11.03
C ALA F 10 -60.14 10.85 -9.58
N PHE F 11 -59.04 11.57 -9.39
CA PHE F 11 -58.29 11.55 -8.12
C PHE F 11 -58.92 12.29 -6.95
N GLY F 12 -60.22 12.12 -6.72
CA GLY F 12 -60.86 12.77 -5.60
C GLY F 12 -62.36 12.60 -5.58
N ALA F 13 -62.93 12.31 -6.73
CA ALA F 13 -64.35 12.02 -6.82
C ALA F 13 -64.58 10.58 -6.36
N PRO F 14 -65.62 10.36 -5.56
CA PRO F 14 -65.98 9.01 -5.09
C PRO F 14 -65.77 7.96 -6.17
N LEU F 15 -65.48 6.74 -5.75
CA LEU F 15 -65.28 5.64 -6.69
C LEU F 15 -66.59 5.30 -7.39
N THR F 16 -66.49 4.68 -8.56
CA THR F 16 -67.65 4.26 -9.31
C THR F 16 -67.73 2.74 -9.33
N ILE F 17 -68.90 2.20 -9.00
CA ILE F 17 -69.11 0.76 -9.03
C ILE F 17 -69.50 0.34 -10.44
N ASP F 18 -68.49 0.06 -11.26
CA ASP F 18 -68.71 -0.31 -12.65
C ASP F 18 -68.64 -1.81 -12.87
N GLU F 19 -69.23 -2.26 -13.96
CA GLU F 19 -69.04 -3.62 -14.43
C GLU F 19 -67.85 -3.63 -15.38
N VAL F 20 -66.65 -3.60 -14.82
CA VAL F 20 -65.43 -3.69 -15.59
C VAL F 20 -65.20 -5.16 -15.95
N PRO F 21 -64.24 -5.43 -16.85
CA PRO F 21 -63.96 -6.82 -17.22
C PRO F 21 -63.14 -7.59 -16.18
N VAL F 22 -63.11 -8.91 -16.33
CA VAL F 22 -62.40 -9.81 -15.42
C VAL F 22 -60.97 -10.07 -15.90
N PRO F 23 -59.98 -9.71 -15.08
CA PRO F 23 -58.57 -9.91 -15.46
C PRO F 23 -58.25 -11.40 -15.62
N GLN F 24 -57.56 -11.73 -16.71
CA GLN F 24 -57.18 -13.11 -16.98
C GLN F 24 -55.69 -13.33 -16.74
N PRO F 25 -55.33 -14.42 -16.06
CA PRO F 25 -53.93 -14.68 -15.72
C PRO F 25 -53.13 -15.09 -16.95
N GLY F 26 -52.01 -14.43 -17.17
CA GLY F 26 -51.08 -14.85 -18.21
C GLY F 26 -50.08 -15.81 -17.63
N PRO F 27 -49.10 -16.23 -18.45
CA PRO F 27 -47.98 -17.05 -17.97
C PRO F 27 -47.37 -16.49 -16.70
N GLY F 28 -47.14 -17.36 -15.72
CA GLY F 28 -46.52 -16.95 -14.47
C GLY F 28 -47.46 -16.20 -13.53
N GLN F 29 -48.73 -16.11 -13.91
CA GLN F 29 -49.72 -15.39 -13.11
C GLN F 29 -50.83 -16.30 -12.61
N VAL F 30 -51.55 -15.84 -11.59
CA VAL F 30 -52.74 -16.55 -11.14
C VAL F 30 -53.88 -15.56 -10.96
N GLN F 31 -55.09 -16.10 -10.89
CA GLN F 31 -56.28 -15.29 -10.69
C GLN F 31 -56.87 -15.61 -9.33
N VAL F 32 -57.36 -14.59 -8.64
CA VAL F 32 -57.91 -14.77 -7.31
C VAL F 32 -59.35 -14.28 -7.24
N LYS F 33 -60.25 -15.15 -6.82
CA LYS F 33 -61.64 -14.74 -6.59
C LYS F 33 -61.76 -14.23 -5.15
N ILE F 34 -62.10 -12.96 -5.03
CA ILE F 34 -62.10 -12.27 -3.74
C ILE F 34 -63.28 -12.65 -2.84
N GLU F 35 -62.98 -13.04 -1.61
CA GLU F 35 -64.01 -13.35 -0.62
C GLU F 35 -64.17 -12.22 0.38
N ALA F 36 -63.07 -11.51 0.64
CA ALA F 36 -63.08 -10.36 1.53
C ALA F 36 -61.95 -9.41 1.15
N SER F 37 -62.08 -8.15 1.53
CA SER F 37 -61.11 -7.15 1.12
C SER F 37 -61.01 -6.02 2.15
N GLY F 38 -59.92 -6.01 2.90
CA GLY F 38 -59.73 -5.03 3.96
C GLY F 38 -59.54 -3.62 3.44
N VAL F 39 -60.02 -2.65 4.21
CA VAL F 39 -59.86 -1.24 3.83
C VAL F 39 -58.79 -0.56 4.67
N CYS F 40 -57.79 -0.01 3.99
CA CYS F 40 -56.68 0.62 4.68
C CYS F 40 -56.66 2.12 4.45
N HIS F 41 -56.09 2.86 5.39
CA HIS F 41 -55.97 4.30 5.26
C HIS F 41 -55.20 4.66 3.99
N THR F 42 -54.36 3.73 3.54
CA THR F 42 -53.58 3.93 2.32
C THR F 42 -54.48 4.01 1.08
N ASP F 43 -55.61 3.32 1.12
CA ASP F 43 -56.56 3.36 0.02
C ASP F 43 -57.07 4.78 -0.19
N LEU F 44 -57.23 5.52 0.91
CA LEU F 44 -57.65 6.92 0.84
C LEU F 44 -56.70 7.70 -0.06
N HIS F 45 -55.41 7.63 0.24
CA HIS F 45 -54.40 8.42 -0.44
C HIS F 45 -54.23 8.01 -1.89
N ALA F 46 -54.58 6.77 -2.19
CA ALA F 46 -54.59 6.30 -3.57
C ALA F 46 -55.68 7.05 -4.34
N ALA F 47 -56.91 6.98 -3.81
CA ALA F 47 -58.06 7.64 -4.43
C ALA F 47 -57.88 9.15 -4.47
N ASP F 48 -57.22 9.71 -3.48
CA ASP F 48 -56.88 11.13 -3.46
C ASP F 48 -55.52 11.35 -4.12
N GLY F 49 -54.51 11.51 -3.28
CA GLY F 49 -53.15 11.66 -3.76
C GLY F 49 -52.26 12.49 -2.85
N ASP F 50 -52.20 12.10 -1.57
CA ASP F 50 -51.36 12.82 -0.61
C ASP F 50 -49.88 12.52 -0.87
N TRP F 51 -49.61 11.70 -1.88
CA TRP F 51 -48.29 11.10 -2.03
C TRP F 51 -47.52 11.55 -3.28
N PRO F 52 -46.20 11.77 -3.12
CA PRO F 52 -45.28 12.23 -4.15
C PRO F 52 -45.42 11.42 -5.44
N VAL F 53 -45.38 10.10 -5.30
CA VAL F 53 -45.62 9.22 -6.42
C VAL F 53 -47.08 8.78 -6.38
N LYS F 54 -47.82 9.06 -7.45
CA LYS F 54 -49.24 8.76 -7.47
C LYS F 54 -49.56 7.56 -8.35
N PRO F 55 -50.73 6.94 -8.11
CA PRO F 55 -51.21 5.88 -9.01
C PRO F 55 -51.60 6.47 -10.35
N THR F 56 -51.78 5.62 -11.36
CA THR F 56 -52.21 6.10 -12.66
C THR F 56 -53.67 5.72 -12.91
N LEU F 57 -54.45 6.67 -13.42
CA LEU F 57 -55.88 6.50 -13.60
C LEU F 57 -56.21 5.83 -14.92
N PRO F 58 -57.26 4.98 -14.91
CA PRO F 58 -58.01 4.65 -13.70
C PRO F 58 -57.52 3.33 -13.10
N PHE F 59 -57.83 3.09 -11.84
CA PHE F 59 -57.37 1.87 -11.18
C PHE F 59 -58.30 1.44 -10.04
N ILE F 60 -58.20 0.17 -9.67
CA ILE F 60 -58.96 -0.39 -8.56
C ILE F 60 -58.05 -0.49 -7.34
N PRO F 61 -58.51 0.03 -6.19
CA PRO F 61 -57.68 -0.02 -4.98
C PRO F 61 -57.82 -1.36 -4.25
N GLY F 62 -57.16 -1.46 -3.10
CA GLY F 62 -57.29 -2.65 -2.26
C GLY F 62 -56.07 -3.55 -2.29
N HIS F 63 -55.33 -3.56 -1.19
CA HIS F 63 -54.16 -4.43 -1.05
C HIS F 63 -54.34 -5.37 0.13
N GLU F 64 -55.59 -5.61 0.48
CA GLU F 64 -55.95 -6.50 1.58
C GLU F 64 -57.04 -7.47 1.15
N GLY F 65 -57.03 -7.82 -0.13
CA GLY F 65 -58.01 -8.74 -0.67
C GLY F 65 -57.62 -10.18 -0.39
N VAL F 66 -58.59 -10.97 0.06
CA VAL F 66 -58.36 -12.38 0.32
C VAL F 66 -59.44 -13.22 -0.35
N GLY F 67 -59.06 -14.41 -0.81
CA GLY F 67 -59.99 -15.28 -1.49
C GLY F 67 -59.36 -16.59 -1.91
N TYR F 68 -59.89 -17.18 -2.98
CA TYR F 68 -59.38 -18.45 -3.49
C TYR F 68 -58.74 -18.26 -4.86
N VAL F 69 -57.72 -19.06 -5.16
CA VAL F 69 -57.14 -19.05 -6.49
C VAL F 69 -58.14 -19.66 -7.46
N SER F 70 -58.53 -18.88 -8.47
CA SER F 70 -59.58 -19.28 -9.40
C SER F 70 -59.04 -19.75 -10.75
N ALA F 71 -57.83 -19.32 -11.10
CA ALA F 71 -57.21 -19.73 -12.35
C ALA F 71 -55.68 -19.61 -12.26
N VAL F 72 -54.98 -20.34 -13.13
CA VAL F 72 -53.53 -20.41 -13.06
C VAL F 72 -52.87 -20.45 -14.44
N GLY F 73 -51.93 -19.54 -14.68
CA GLY F 73 -51.15 -19.55 -15.90
C GLY F 73 -50.02 -20.56 -15.78
N SER F 74 -49.23 -20.69 -16.84
CA SER F 74 -48.16 -21.70 -16.88
C SER F 74 -46.99 -21.33 -15.97
N GLY F 75 -46.18 -22.33 -15.64
CA GLY F 75 -44.96 -22.13 -14.89
C GLY F 75 -45.17 -21.71 -13.45
N VAL F 76 -46.30 -22.11 -12.87
CA VAL F 76 -46.62 -21.74 -11.48
C VAL F 76 -46.58 -22.96 -10.56
N SER F 77 -45.78 -22.88 -9.50
CA SER F 77 -45.61 -24.03 -8.61
C SER F 77 -45.90 -23.74 -7.13
N ARG F 78 -45.98 -22.46 -6.77
CA ARG F 78 -46.20 -22.11 -5.37
C ARG F 78 -47.65 -22.29 -4.94
N VAL F 79 -48.58 -22.17 -5.88
CA VAL F 79 -50.01 -22.29 -5.56
C VAL F 79 -50.81 -22.99 -6.67
N LYS F 80 -51.94 -23.57 -6.29
CA LYS F 80 -52.83 -24.23 -7.24
C LYS F 80 -54.26 -23.72 -7.07
N GLU F 81 -55.11 -24.02 -8.05
CA GLU F 81 -56.52 -23.63 -7.96
C GLU F 81 -57.10 -24.12 -6.64
N GLY F 82 -57.88 -23.27 -5.98
CA GLY F 82 -58.49 -23.62 -4.71
C GLY F 82 -57.67 -23.17 -3.51
N ASP F 83 -56.42 -22.80 -3.75
CA ASP F 83 -55.55 -22.31 -2.68
C ASP F 83 -56.11 -21.02 -2.06
N ARG F 84 -55.97 -20.93 -0.74
CA ARG F 84 -56.48 -19.81 0.04
C ARG F 84 -55.41 -18.73 0.14
N VAL F 85 -55.59 -17.62 -0.57
CA VAL F 85 -54.53 -16.62 -0.65
C VAL F 85 -54.96 -15.16 -0.48
N GLY F 86 -53.97 -14.31 -0.21
CA GLY F 86 -54.19 -12.87 -0.12
C GLY F 86 -53.20 -12.17 -1.03
N VAL F 87 -53.59 -11.00 -1.54
CA VAL F 87 -52.73 -10.23 -2.43
C VAL F 87 -52.38 -8.90 -1.76
N PRO F 88 -51.25 -8.86 -1.05
CA PRO F 88 -50.91 -7.70 -0.21
C PRO F 88 -50.22 -6.58 -0.98
N TRP F 89 -49.94 -5.49 -0.27
CA TRP F 89 -49.29 -4.30 -0.82
C TRP F 89 -48.13 -4.62 -1.78
N LEU F 90 -47.18 -5.43 -1.33
CA LEU F 90 -46.08 -5.84 -2.19
C LEU F 90 -46.59 -6.83 -3.21
N TYR F 91 -47.03 -6.30 -4.36
CA TYR F 91 -47.55 -7.15 -5.43
C TYR F 91 -46.45 -8.02 -6.02
N SER F 92 -45.29 -7.42 -6.24
CA SER F 92 -44.14 -8.16 -6.77
C SER F 92 -42.84 -7.41 -6.54
N ALA F 93 -41.73 -8.13 -6.68
CA ALA F 93 -40.41 -7.53 -6.68
C ALA F 93 -39.53 -8.31 -7.65
N CYS F 94 -38.39 -7.73 -8.03
CA CYS F 94 -37.55 -8.34 -9.07
C CYS F 94 -36.93 -9.67 -8.63
N GLY F 95 -36.68 -9.80 -7.33
CA GLY F 95 -36.19 -11.04 -6.77
C GLY F 95 -34.69 -11.21 -6.75
N TYR F 96 -33.96 -10.25 -7.31
CA TYR F 96 -32.51 -10.43 -7.44
C TYR F 96 -31.66 -9.16 -7.27
N CYS F 97 -32.29 -8.03 -6.95
CA CYS F 97 -31.51 -6.83 -6.63
C CYS F 97 -30.86 -7.03 -5.27
N GLU F 98 -30.11 -6.02 -4.81
CA GLU F 98 -29.45 -6.14 -3.51
C GLU F 98 -30.45 -6.23 -2.35
N HIS F 99 -31.55 -5.48 -2.44
CA HIS F 99 -32.57 -5.52 -1.42
C HIS F 99 -33.28 -6.87 -1.38
N CYS F 100 -33.69 -7.34 -2.56
CA CYS F 100 -34.36 -8.63 -2.66
C CYS F 100 -33.49 -9.79 -2.19
N LEU F 101 -32.24 -9.81 -2.66
CA LEU F 101 -31.34 -10.92 -2.34
C LEU F 101 -31.09 -11.05 -0.86
N GLN F 102 -31.14 -9.92 -0.15
CA GLN F 102 -30.88 -9.91 1.30
C GLN F 102 -32.17 -9.94 2.10
N GLY F 103 -33.23 -10.47 1.48
CA GLY F 103 -34.51 -10.60 2.15
C GLY F 103 -35.12 -9.30 2.61
N TRP F 104 -34.93 -8.24 1.81
CA TRP F 104 -35.58 -6.96 2.05
C TRP F 104 -36.33 -6.54 0.78
N GLU F 105 -37.13 -7.46 0.24
CA GLU F 105 -37.84 -7.21 -1.01
C GLU F 105 -38.80 -6.01 -0.91
N THR F 106 -39.14 -5.64 0.31
CA THR F 106 -40.04 -4.51 0.56
C THR F 106 -39.41 -3.20 0.10
N LEU F 107 -38.11 -3.23 -0.15
CA LEU F 107 -37.40 -2.02 -0.56
C LEU F 107 -37.04 -2.05 -2.05
N CYS F 108 -37.39 -3.15 -2.71
CA CYS F 108 -37.13 -3.29 -4.14
C CYS F 108 -37.60 -2.07 -4.92
N GLU F 109 -36.66 -1.45 -5.62
CA GLU F 109 -36.95 -0.28 -6.45
C GLU F 109 -37.80 -0.65 -7.66
N LYS F 110 -37.90 -1.95 -7.95
CA LYS F 110 -38.68 -2.41 -9.09
C LYS F 110 -40.05 -2.96 -8.68
N GLN F 111 -40.43 -2.77 -7.42
CA GLN F 111 -41.66 -3.37 -6.92
C GLN F 111 -42.89 -2.75 -7.59
N GLN F 112 -43.96 -3.54 -7.64
CA GLN F 112 -45.28 -3.05 -7.99
C GLN F 112 -46.14 -3.16 -6.73
N ASN F 113 -47.10 -2.26 -6.57
CA ASN F 113 -47.91 -2.23 -5.36
C ASN F 113 -49.39 -2.45 -5.66
N THR F 114 -49.96 -3.47 -5.03
CA THR F 114 -51.36 -3.85 -5.23
C THR F 114 -52.32 -2.72 -4.85
N GLY F 115 -53.26 -2.43 -5.74
CA GLY F 115 -54.24 -1.39 -5.49
C GLY F 115 -53.60 -0.02 -5.51
N TYR F 116 -52.52 0.12 -6.27
CA TYR F 116 -51.84 1.41 -6.40
C TYR F 116 -51.22 1.57 -7.78
N SER F 117 -50.23 0.73 -8.09
CA SER F 117 -49.57 0.77 -9.39
C SER F 117 -50.18 -0.26 -10.34
N VAL F 118 -50.87 -1.24 -9.77
CA VAL F 118 -51.66 -2.20 -10.53
C VAL F 118 -52.98 -2.40 -9.79
N ASN F 119 -53.99 -2.93 -10.48
CA ASN F 119 -55.30 -3.11 -9.87
C ASN F 119 -55.30 -4.04 -8.66
N GLY F 120 -56.19 -3.76 -7.70
CA GLY F 120 -56.22 -4.49 -6.44
C GLY F 120 -57.52 -5.21 -6.12
N GLY F 121 -57.79 -5.36 -4.83
CA GLY F 121 -58.85 -6.22 -4.35
C GLY F 121 -60.24 -5.62 -4.18
N TYR F 122 -60.43 -4.38 -4.63
CA TYR F 122 -61.78 -3.78 -4.61
C TYR F 122 -62.57 -4.27 -5.82
N GLY F 123 -62.41 -5.55 -6.13
CA GLY F 123 -63.10 -6.16 -7.26
C GLY F 123 -63.35 -7.63 -7.00
N GLU F 124 -64.27 -8.21 -7.74
CA GLU F 124 -64.64 -9.61 -7.54
C GLU F 124 -63.47 -10.54 -7.86
N TYR F 125 -62.60 -10.08 -8.75
CA TYR F 125 -61.38 -10.82 -9.08
C TYR F 125 -60.19 -9.87 -9.16
N VAL F 126 -59.01 -10.42 -8.92
CA VAL F 126 -57.76 -9.71 -9.16
C VAL F 126 -56.71 -10.71 -9.60
N VAL F 127 -55.85 -10.29 -10.51
CA VAL F 127 -54.73 -11.12 -10.97
C VAL F 127 -53.53 -10.83 -10.09
N ALA F 128 -52.78 -11.87 -9.72
CA ALA F 128 -51.67 -11.71 -8.79
C ALA F 128 -50.41 -12.43 -9.25
N ASP F 129 -49.28 -12.04 -8.68
CA ASP F 129 -48.04 -12.76 -8.84
C ASP F 129 -47.98 -13.82 -7.74
N PRO F 130 -48.10 -15.10 -8.13
CA PRO F 130 -48.22 -16.19 -7.14
C PRO F 130 -46.98 -16.32 -6.26
N ASN F 131 -45.90 -15.64 -6.65
CA ASN F 131 -44.67 -15.68 -5.86
C ASN F 131 -44.72 -14.75 -4.66
N TYR F 132 -45.72 -13.89 -4.60
CA TYR F 132 -45.79 -12.87 -3.55
C TYR F 132 -47.14 -12.81 -2.82
N VAL F 133 -48.05 -13.71 -3.16
CA VAL F 133 -49.32 -13.78 -2.45
C VAL F 133 -49.10 -14.34 -1.05
N GLY F 134 -49.94 -13.93 -0.11
CA GLY F 134 -49.91 -14.51 1.22
C GLY F 134 -50.71 -15.80 1.24
N LEU F 135 -50.10 -16.86 1.74
CA LEU F 135 -50.78 -18.14 1.88
C LEU F 135 -51.53 -18.14 3.21
N LEU F 136 -52.86 -18.13 3.14
CA LEU F 136 -53.70 -17.92 4.30
C LEU F 136 -54.00 -19.21 5.06
N PRO F 137 -54.05 -19.13 6.40
CA PRO F 137 -54.43 -20.26 7.24
C PRO F 137 -55.92 -20.55 7.13
N ASP F 138 -56.28 -21.82 7.06
CA ASP F 138 -57.67 -22.21 6.92
C ASP F 138 -58.51 -21.83 8.14
N LYS F 139 -57.95 -22.00 9.33
CA LYS F 139 -58.71 -21.82 10.58
C LYS F 139 -59.22 -20.40 10.82
N VAL F 140 -58.73 -19.43 10.04
CA VAL F 140 -59.20 -18.06 10.17
C VAL F 140 -60.04 -17.62 8.98
N GLY F 141 -61.19 -17.01 9.26
CA GLY F 141 -62.09 -16.56 8.20
C GLY F 141 -61.48 -15.46 7.36
N PHE F 142 -62.02 -15.28 6.15
CA PHE F 142 -61.52 -14.26 5.23
C PHE F 142 -61.68 -12.85 5.80
N VAL F 143 -62.85 -12.58 6.37
CA VAL F 143 -63.12 -11.28 6.97
C VAL F 143 -62.12 -10.97 8.08
N GLU F 144 -61.93 -11.94 8.98
CA GLU F 144 -61.03 -11.79 10.12
C GLU F 144 -59.54 -11.73 9.75
N ILE F 145 -59.18 -12.38 8.65
CA ILE F 145 -57.78 -12.49 8.28
C ILE F 145 -57.29 -11.33 7.41
N ALA F 146 -58.21 -10.71 6.67
CA ALA F 146 -57.84 -9.65 5.72
C ALA F 146 -56.90 -8.58 6.28
N PRO F 147 -57.20 -8.02 7.46
CA PRO F 147 -56.37 -6.94 8.04
C PRO F 147 -54.92 -7.36 8.28
N ILE F 148 -54.67 -8.65 8.45
CA ILE F 148 -53.33 -9.15 8.69
C ILE F 148 -52.43 -8.89 7.47
N LEU F 149 -53.05 -8.89 6.30
CA LEU F 149 -52.32 -8.69 5.04
C LEU F 149 -51.62 -7.34 4.97
N CYS F 150 -52.06 -6.40 5.79
CA CYS F 150 -51.35 -5.12 5.85
C CYS F 150 -51.17 -4.62 7.27
N ALA F 151 -52.27 -4.33 7.95
CA ALA F 151 -52.20 -3.88 9.34
C ALA F 151 -51.34 -4.83 10.17
N GLY F 152 -51.62 -6.13 10.04
CA GLY F 152 -50.90 -7.14 10.81
C GLY F 152 -49.41 -7.16 10.55
N VAL F 153 -49.02 -7.52 9.33
CA VAL F 153 -47.61 -7.58 8.97
C VAL F 153 -46.87 -6.28 9.28
N THR F 154 -47.55 -5.15 9.07
CA THR F 154 -46.94 -3.85 9.29
C THR F 154 -46.52 -3.61 10.73
N VAL F 155 -47.43 -3.86 11.68
CA VAL F 155 -47.13 -3.63 13.09
C VAL F 155 -46.23 -4.74 13.65
N TYR F 156 -46.39 -5.94 13.12
CA TYR F 156 -45.54 -7.05 13.51
C TYR F 156 -44.09 -6.75 13.16
N LYS F 157 -43.87 -6.40 11.89
CA LYS F 157 -42.54 -6.02 11.44
C LYS F 157 -42.04 -4.81 12.22
N GLY F 158 -42.93 -3.84 12.42
CA GLY F 158 -42.60 -2.65 13.19
C GLY F 158 -42.05 -3.03 14.56
N LEU F 159 -42.77 -3.89 15.26
CA LEU F 159 -42.34 -4.35 16.58
C LEU F 159 -40.96 -5.02 16.53
N LYS F 160 -40.74 -5.83 15.50
CA LYS F 160 -39.46 -6.50 15.34
C LYS F 160 -38.30 -5.51 15.23
N VAL F 161 -38.52 -4.40 14.55
CA VAL F 161 -37.44 -3.45 14.31
C VAL F 161 -37.30 -2.36 15.39
N THR F 162 -38.08 -2.47 16.46
CA THR F 162 -37.84 -1.61 17.62
C THR F 162 -36.70 -2.19 18.44
N ASP F 163 -36.30 -3.41 18.08
CA ASP F 163 -35.18 -4.10 18.72
C ASP F 163 -35.38 -4.29 20.22
N THR F 164 -36.63 -4.41 20.63
CA THR F 164 -36.95 -4.72 22.01
C THR F 164 -36.99 -6.23 22.19
N ARG F 165 -36.87 -6.70 23.43
CA ARG F 165 -36.94 -8.13 23.70
C ARG F 165 -37.90 -8.46 24.84
N PRO F 166 -38.28 -9.74 24.98
CA PRO F 166 -39.25 -10.15 26.00
C PRO F 166 -38.89 -9.62 27.38
N GLY F 167 -39.86 -8.99 28.05
CA GLY F 167 -39.61 -8.41 29.36
C GLY F 167 -39.51 -6.91 29.31
N GLN F 168 -39.15 -6.37 28.15
CA GLN F 168 -38.97 -4.93 28.00
C GLN F 168 -40.29 -4.23 27.64
N TRP F 169 -40.30 -2.90 27.79
CA TRP F 169 -41.48 -2.11 27.52
C TRP F 169 -41.53 -1.63 26.07
N VAL F 170 -42.69 -1.76 25.46
CA VAL F 170 -42.96 -1.09 24.19
C VAL F 170 -44.19 -0.20 24.34
N VAL F 171 -44.14 0.96 23.72
CA VAL F 171 -45.30 1.84 23.66
C VAL F 171 -45.97 1.69 22.31
N ILE F 172 -47.28 1.49 22.31
CA ILE F 172 -48.05 1.55 21.08
C ILE F 172 -48.76 2.91 21.04
N SER F 173 -48.26 3.80 20.20
CA SER F 173 -48.86 5.12 20.05
C SER F 173 -49.91 5.13 18.95
N GLY F 174 -51.18 5.17 19.34
CA GLY F 174 -52.27 5.22 18.39
C GLY F 174 -53.00 3.89 18.27
N ILE F 175 -53.87 3.60 19.23
CA ILE F 175 -54.60 2.34 19.27
C ILE F 175 -55.74 2.32 18.26
N GLY F 176 -55.40 2.41 16.97
CA GLY F 176 -56.40 2.43 15.92
C GLY F 176 -56.42 1.14 15.12
N GLY F 177 -56.55 1.26 13.81
CA GLY F 177 -56.54 0.11 12.94
C GLY F 177 -55.32 -0.76 13.18
N LEU F 178 -54.16 -0.23 12.83
CA LEU F 178 -52.91 -0.95 13.06
C LEU F 178 -52.71 -1.14 14.57
N GLY F 179 -52.76 -0.03 15.31
CA GLY F 179 -52.50 -0.03 16.73
C GLY F 179 -53.11 -1.16 17.54
N HIS F 180 -54.38 -1.46 17.33
CA HIS F 180 -55.08 -2.41 18.18
C HIS F 180 -54.64 -3.86 17.96
N VAL F 181 -54.08 -4.14 16.80
CA VAL F 181 -53.49 -5.46 16.56
C VAL F 181 -52.02 -5.45 16.99
N ALA F 182 -51.41 -4.27 16.98
CA ALA F 182 -50.04 -4.12 17.46
C ALA F 182 -49.95 -4.58 18.92
N VAL F 183 -50.93 -4.16 19.73
CA VAL F 183 -50.97 -4.53 21.13
C VAL F 183 -50.92 -6.05 21.29
N GLN F 184 -51.60 -6.75 20.39
CA GLN F 184 -51.68 -8.20 20.46
C GLN F 184 -50.38 -8.88 20.03
N TYR F 185 -49.73 -8.35 19.00
CA TYR F 185 -48.45 -8.90 18.56
C TYR F 185 -47.40 -8.69 19.64
N ALA F 186 -47.38 -7.49 20.21
CA ALA F 186 -46.39 -7.15 21.23
C ALA F 186 -46.48 -8.06 22.45
N ARG F 187 -47.70 -8.39 22.86
CA ARG F 187 -47.90 -9.30 23.98
C ARG F 187 -47.48 -10.71 23.59
N ALA F 188 -47.78 -11.10 22.36
CA ALA F 188 -47.41 -12.42 21.85
C ALA F 188 -45.89 -12.55 21.74
N MET F 189 -45.23 -11.41 21.55
CA MET F 189 -43.77 -11.38 21.46
C MET F 189 -43.14 -11.18 22.84
N GLY F 190 -43.97 -11.27 23.88
CA GLY F 190 -43.52 -11.26 25.25
C GLY F 190 -43.19 -9.88 25.81
N LEU F 191 -43.69 -8.84 25.15
CA LEU F 191 -43.40 -7.47 25.58
C LEU F 191 -44.41 -6.94 26.58
N ARG F 192 -43.97 -6.01 27.41
CA ARG F 192 -44.88 -5.27 28.28
C ARG F 192 -45.38 -4.07 27.49
N VAL F 193 -46.70 -3.87 27.47
CA VAL F 193 -47.29 -2.87 26.60
C VAL F 193 -47.85 -1.65 27.31
N ALA F 194 -47.50 -0.47 26.79
CA ALA F 194 -48.11 0.79 27.21
C ALA F 194 -48.80 1.40 26.00
N ALA F 195 -49.99 1.94 26.20
CA ALA F 195 -50.77 2.51 25.10
C ALA F 195 -50.89 4.03 25.21
N VAL F 196 -50.93 4.69 24.06
CA VAL F 196 -51.09 6.14 24.01
C VAL F 196 -51.98 6.53 22.84
N ASP F 197 -53.07 7.26 23.13
CA ASP F 197 -53.97 7.71 22.08
C ASP F 197 -54.62 9.03 22.49
N ILE F 198 -55.59 9.47 21.69
CA ILE F 198 -56.34 10.68 21.97
C ILE F 198 -57.76 10.34 22.41
N ASP F 199 -58.08 9.05 22.36
CA ASP F 199 -59.44 8.57 22.63
C ASP F 199 -59.47 7.67 23.86
N ASP F 200 -60.05 8.17 24.94
CA ASP F 200 -60.11 7.44 26.20
C ASP F 200 -60.73 6.05 26.09
N ALA F 201 -61.56 5.86 25.06
CA ALA F 201 -62.17 4.56 24.83
C ALA F 201 -61.20 3.64 24.11
N LYS F 202 -60.51 4.16 23.11
CA LYS F 202 -59.48 3.42 22.39
C LYS F 202 -58.46 2.84 23.37
N LEU F 203 -58.26 3.53 24.49
CA LEU F 203 -57.31 3.09 25.51
C LEU F 203 -57.88 1.92 26.29
N ASN F 204 -59.18 1.94 26.53
CA ASN F 204 -59.86 0.84 27.22
C ASN F 204 -59.78 -0.43 26.39
N LEU F 205 -59.76 -0.28 25.08
CA LEU F 205 -59.57 -1.40 24.17
C LEU F 205 -58.20 -2.02 24.44
N ALA F 206 -57.16 -1.21 24.31
CA ALA F 206 -55.79 -1.67 24.55
C ALA F 206 -55.69 -2.42 25.87
N ARG F 207 -56.23 -1.82 26.93
CA ARG F 207 -56.22 -2.44 28.24
C ARG F 207 -56.87 -3.82 28.20
N ARG F 208 -57.94 -3.94 27.42
CA ARG F 208 -58.61 -5.23 27.25
C ARG F 208 -57.73 -6.17 26.44
N LEU F 209 -57.03 -5.63 25.45
CA LEU F 209 -56.19 -6.43 24.57
C LEU F 209 -54.81 -6.72 25.16
N GLY F 210 -54.65 -6.47 26.46
CA GLY F 210 -53.44 -6.87 27.16
C GLY F 210 -52.56 -5.75 27.68
N ALA F 211 -52.72 -4.55 27.14
CA ALA F 211 -51.87 -3.42 27.52
C ALA F 211 -51.86 -3.20 29.03
N GLU F 212 -50.68 -2.98 29.58
CA GLU F 212 -50.54 -2.76 31.02
C GLU F 212 -50.97 -1.36 31.44
N VAL F 213 -50.53 -0.35 30.70
CA VAL F 213 -50.83 1.04 31.04
C VAL F 213 -51.25 1.83 29.81
N ALA F 214 -51.97 2.93 30.03
CA ALA F 214 -52.44 3.78 28.94
C ALA F 214 -52.48 5.24 29.35
N VAL F 215 -52.48 6.13 28.36
CA VAL F 215 -52.45 7.57 28.61
C VAL F 215 -53.23 8.32 27.55
N ASN F 216 -53.85 9.42 27.93
CA ASN F 216 -54.44 10.32 26.95
C ASN F 216 -53.53 11.53 26.73
N ALA F 217 -52.94 11.61 25.53
CA ALA F 217 -52.04 12.70 25.20
C ALA F 217 -52.75 14.05 25.31
N ARG F 218 -54.06 14.04 25.15
CA ARG F 218 -54.85 15.26 25.25
C ARG F 218 -55.28 15.54 26.68
N ASP F 219 -54.70 14.80 27.62
CA ASP F 219 -54.91 15.03 29.04
C ASP F 219 -53.63 15.51 29.70
N THR F 220 -52.79 14.57 30.11
CA THR F 220 -51.50 14.90 30.70
C THR F 220 -50.41 14.89 29.63
N ASP F 221 -49.16 15.02 30.07
CA ASP F 221 -48.04 14.88 29.15
C ASP F 221 -47.66 13.41 29.07
N PRO F 222 -47.76 12.82 27.87
CA PRO F 222 -47.46 11.39 27.71
C PRO F 222 -46.00 11.09 28.04
N ALA F 223 -45.11 11.98 27.58
CA ALA F 223 -43.69 11.83 27.85
C ALA F 223 -43.41 11.67 29.34
N ALA F 224 -43.57 12.74 30.10
CA ALA F 224 -43.30 12.74 31.53
C ALA F 224 -44.15 11.72 32.27
N TRP F 225 -45.33 11.45 31.73
CA TRP F 225 -46.22 10.41 32.23
C TRP F 225 -45.46 9.09 32.29
N LEU F 226 -44.89 8.72 31.14
CA LEU F 226 -44.24 7.43 30.97
C LEU F 226 -42.86 7.35 31.62
N GLN F 227 -42.03 8.36 31.39
CA GLN F 227 -40.74 8.43 32.05
C GLN F 227 -40.92 8.30 33.55
N LYS F 228 -42.11 8.68 34.02
CA LYS F 228 -42.48 8.57 35.42
C LYS F 228 -42.82 7.14 35.81
N GLU F 229 -43.89 6.60 35.24
CA GLU F 229 -44.39 5.29 35.64
C GLU F 229 -43.46 4.14 35.27
N ILE F 230 -43.21 3.95 33.98
CA ILE F 230 -42.41 2.81 33.53
C ILE F 230 -40.91 3.12 33.43
N GLY F 231 -40.56 4.40 33.42
CA GLY F 231 -39.18 4.82 33.35
C GLY F 231 -38.70 5.00 31.92
N GLY F 232 -39.63 5.33 31.03
CA GLY F 232 -39.33 5.44 29.62
C GLY F 232 -39.38 4.06 28.99
N ALA F 233 -39.81 3.99 27.73
CA ALA F 233 -39.97 2.72 27.05
C ALA F 233 -38.70 2.32 26.31
N HIS F 234 -38.48 1.02 26.21
CA HIS F 234 -37.34 0.49 25.46
C HIS F 234 -37.57 0.70 23.96
N GLY F 235 -38.82 0.58 23.55
CA GLY F 235 -39.19 0.80 22.17
C GLY F 235 -40.53 1.50 22.03
N VAL F 236 -40.69 2.24 20.95
CA VAL F 236 -41.99 2.84 20.65
C VAL F 236 -42.41 2.48 19.24
N LEU F 237 -43.66 2.08 19.09
CA LEU F 237 -44.27 1.88 17.79
C LEU F 237 -45.30 2.99 17.55
N VAL F 238 -45.04 3.82 16.56
CA VAL F 238 -45.95 4.93 16.26
C VAL F 238 -46.83 4.58 15.07
N THR F 239 -48.10 4.28 15.36
CA THR F 239 -49.04 3.88 14.32
C THR F 239 -49.91 5.06 13.90
N ALA F 240 -49.76 6.18 14.62
CA ALA F 240 -50.61 7.36 14.43
C ALA F 240 -50.62 7.90 12.99
N VAL F 241 -51.55 8.80 12.74
CA VAL F 241 -51.65 9.48 11.45
C VAL F 241 -51.38 10.97 11.61
N SER F 242 -50.81 11.33 12.75
CA SER F 242 -50.48 12.72 13.05
C SER F 242 -49.01 12.99 12.80
N PRO F 243 -48.69 14.04 12.02
CA PRO F 243 -47.29 14.45 11.87
C PRO F 243 -46.70 14.85 13.23
N LYS F 244 -47.59 15.11 14.19
CA LYS F 244 -47.20 15.26 15.59
C LYS F 244 -47.41 13.88 16.24
N ALA F 245 -47.11 13.78 17.52
CA ALA F 245 -47.10 12.49 18.21
C ALA F 245 -45.83 11.75 17.82
N PHE F 246 -45.42 11.94 16.57
CA PHE F 246 -44.12 11.49 16.11
C PHE F 246 -43.10 12.44 16.73
N SER F 247 -43.49 13.08 17.82
CA SER F 247 -42.66 14.06 18.49
C SER F 247 -42.64 13.82 19.99
N GLN F 248 -43.78 13.38 20.53
CA GLN F 248 -43.84 12.99 21.94
C GLN F 248 -43.21 11.63 22.12
N ALA F 249 -43.13 10.88 21.02
CA ALA F 249 -42.54 9.55 21.03
C ALA F 249 -41.07 9.61 21.45
N ILE F 250 -40.37 10.62 20.95
CA ILE F 250 -38.95 10.80 21.27
C ILE F 250 -38.77 10.97 22.77
N GLY F 251 -39.79 11.52 23.42
CA GLY F 251 -39.72 11.78 24.85
C GLY F 251 -40.15 10.59 25.69
N MET F 252 -40.68 9.57 25.03
CA MET F 252 -41.20 8.41 25.75
C MET F 252 -40.21 7.25 25.88
N VAL F 253 -39.22 7.22 24.99
CA VAL F 253 -38.21 6.16 25.04
C VAL F 253 -37.16 6.41 26.11
N ARG F 254 -36.55 5.32 26.59
CA ARG F 254 -35.39 5.44 27.45
C ARG F 254 -34.21 5.88 26.62
N ARG F 255 -33.12 6.23 27.28
CA ARG F 255 -31.87 6.39 26.55
C ARG F 255 -31.58 5.05 25.90
N GLY F 256 -31.03 5.08 24.69
CA GLY F 256 -30.71 3.86 23.97
C GLY F 256 -31.90 3.19 23.29
N GLY F 257 -33.11 3.71 23.53
CA GLY F 257 -34.32 3.14 22.97
C GLY F 257 -34.49 3.40 21.48
N THR F 258 -35.46 2.70 20.89
CA THR F 258 -35.73 2.78 19.45
C THR F 258 -37.18 3.14 19.16
N ILE F 259 -37.39 4.06 18.21
CA ILE F 259 -38.72 4.41 17.78
C ILE F 259 -38.97 3.95 16.35
N ALA F 260 -39.92 3.03 16.18
CA ALA F 260 -40.33 2.59 14.84
C ALA F 260 -41.56 3.39 14.42
N LEU F 261 -41.59 3.79 13.16
CA LEU F 261 -42.67 4.64 12.67
C LEU F 261 -43.49 3.94 11.58
N ASN F 262 -44.79 3.83 11.81
CA ASN F 262 -45.69 3.18 10.86
C ASN F 262 -46.47 4.18 9.99
N GLY F 263 -46.80 5.32 10.57
CA GLY F 263 -47.66 6.29 9.92
C GLY F 263 -47.04 6.96 8.72
N LEU F 264 -47.89 7.33 7.75
CA LEU F 264 -47.44 8.03 6.56
C LEU F 264 -48.08 9.41 6.41
N PRO F 265 -47.98 10.26 7.45
CA PRO F 265 -48.52 11.61 7.32
C PRO F 265 -47.51 12.50 6.62
N PRO F 266 -47.95 13.28 5.62
CA PRO F 266 -47.07 14.22 4.93
C PRO F 266 -46.51 15.29 5.86
N GLY F 267 -45.51 16.03 5.38
CA GLY F 267 -44.91 17.11 6.15
C GLY F 267 -43.70 16.67 6.97
N ASP F 268 -42.92 17.66 7.41
CA ASP F 268 -41.75 17.39 8.24
C ASP F 268 -42.09 17.56 9.71
N PHE F 269 -41.64 16.62 10.55
CA PHE F 269 -41.89 16.73 11.98
C PHE F 269 -40.63 17.19 12.75
N GLY F 270 -40.86 17.96 13.81
CA GLY F 270 -39.77 18.54 14.57
C GLY F 270 -39.01 17.50 15.38
N THR F 271 -37.73 17.35 15.07
CA THR F 271 -36.89 16.35 15.73
C THR F 271 -35.75 17.00 16.51
N PRO F 272 -35.79 16.90 17.84
CA PRO F 272 -34.78 17.49 18.73
C PRO F 272 -33.46 16.74 18.64
N ILE F 273 -32.68 17.03 17.60
CA ILE F 273 -31.43 16.31 17.34
C ILE F 273 -30.54 16.22 18.57
N PHE F 274 -30.43 17.33 19.30
CA PHE F 274 -29.56 17.36 20.48
C PHE F 274 -29.86 16.18 21.40
N ASP F 275 -31.14 15.98 21.70
CA ASP F 275 -31.57 14.91 22.59
C ASP F 275 -31.40 13.52 21.99
N VAL F 276 -31.66 13.41 20.68
CA VAL F 276 -31.51 12.14 19.98
C VAL F 276 -30.08 11.64 20.07
N VAL F 277 -29.14 12.53 19.77
CA VAL F 277 -27.73 12.22 19.83
C VAL F 277 -27.28 11.93 21.26
N LEU F 278 -27.57 12.86 22.16
CA LEU F 278 -27.16 12.74 23.56
C LEU F 278 -27.71 11.47 24.21
N LYS F 279 -28.92 11.08 23.83
CA LYS F 279 -29.56 9.91 24.44
C LYS F 279 -29.42 8.64 23.61
N GLY F 280 -28.58 8.68 22.57
CA GLY F 280 -28.37 7.53 21.72
C GLY F 280 -29.68 6.88 21.27
N ILE F 281 -30.64 7.73 20.89
CA ILE F 281 -31.94 7.26 20.44
C ILE F 281 -31.90 6.88 18.96
N THR F 282 -32.67 5.86 18.60
CA THR F 282 -32.76 5.43 17.22
C THR F 282 -34.17 5.67 16.68
N ILE F 283 -34.24 6.26 15.49
CA ILE F 283 -35.52 6.50 14.83
C ILE F 283 -35.56 5.73 13.52
N ARG F 284 -36.54 4.84 13.39
CA ARG F 284 -36.56 3.89 12.29
C ARG F 284 -37.91 3.83 11.59
N GLY F 285 -37.88 3.93 10.26
CA GLY F 285 -39.09 3.84 9.47
C GLY F 285 -39.41 2.40 9.10
N SER F 286 -40.68 2.04 9.18
CA SER F 286 -41.09 0.67 8.90
C SER F 286 -42.57 0.58 8.52
N ILE F 287 -42.84 0.08 7.33
CA ILE F 287 -44.21 -0.23 6.93
C ILE F 287 -44.28 -1.56 6.15
N VAL F 288 -45.40 -2.25 6.31
CA VAL F 288 -45.58 -3.62 5.83
C VAL F 288 -44.36 -4.48 6.13
N GLY F 289 -44.22 -5.59 5.41
CA GLY F 289 -43.12 -6.50 5.64
C GLY F 289 -42.89 -7.47 4.51
N THR F 290 -41.76 -8.16 4.58
CA THR F 290 -41.40 -9.15 3.57
C THR F 290 -42.38 -10.31 3.59
N ARG F 291 -42.21 -11.23 2.65
CA ARG F 291 -43.05 -12.42 2.57
C ARG F 291 -42.91 -13.29 3.82
N SER F 292 -41.70 -13.37 4.36
CA SER F 292 -41.49 -14.12 5.60
C SER F 292 -42.16 -13.42 6.78
N ASP F 293 -42.05 -12.10 6.84
CA ASP F 293 -42.73 -11.32 7.86
C ASP F 293 -44.24 -11.60 7.83
N LEU F 294 -44.79 -11.64 6.62
CA LEU F 294 -46.21 -11.82 6.43
C LEU F 294 -46.65 -13.22 6.88
N GLN F 295 -45.90 -14.22 6.44
CA GLN F 295 -46.16 -15.60 6.85
C GLN F 295 -46.15 -15.72 8.37
N GLU F 296 -45.15 -15.10 8.99
CA GLU F 296 -45.04 -15.14 10.46
C GLU F 296 -46.24 -14.47 11.11
N SER F 297 -46.63 -13.31 10.59
CA SER F 297 -47.72 -12.54 11.17
C SER F 297 -49.05 -13.27 10.98
N LEU F 298 -49.18 -13.98 9.87
CA LEU F 298 -50.36 -14.81 9.64
C LEU F 298 -50.39 -15.96 10.63
N ASP F 299 -49.22 -16.50 10.94
CA ASP F 299 -49.12 -17.60 11.89
C ASP F 299 -49.64 -17.24 13.27
N PHE F 300 -49.29 -16.05 13.75
CA PHE F 300 -49.79 -15.57 15.04
C PHE F 300 -51.32 -15.51 15.04
N ALA F 301 -51.90 -15.15 13.91
CA ALA F 301 -53.36 -15.11 13.79
C ALA F 301 -53.95 -16.52 13.82
N ALA F 302 -53.26 -17.44 13.16
CA ALA F 302 -53.68 -18.84 13.13
C ALA F 302 -53.76 -19.41 14.54
N HIS F 303 -52.73 -19.14 15.34
CA HIS F 303 -52.64 -19.72 16.68
C HIS F 303 -53.54 -19.06 17.72
N GLY F 304 -54.16 -17.94 17.35
CA GLY F 304 -55.12 -17.29 18.23
C GLY F 304 -54.58 -16.14 19.04
N ASP F 305 -53.28 -15.87 18.89
CA ASP F 305 -52.65 -14.78 19.63
C ASP F 305 -53.10 -13.43 19.11
N VAL F 306 -53.53 -13.39 17.86
CA VAL F 306 -53.92 -12.13 17.24
C VAL F 306 -55.28 -12.24 16.57
N LYS F 307 -56.11 -11.24 16.78
CA LYS F 307 -57.49 -11.25 16.31
C LYS F 307 -57.90 -9.82 16.01
N ALA F 308 -58.06 -9.49 14.74
CA ALA F 308 -58.44 -8.14 14.35
C ALA F 308 -59.87 -7.83 14.79
N THR F 309 -60.10 -6.59 15.18
CA THR F 309 -61.45 -6.10 15.45
C THR F 309 -61.99 -5.57 14.14
N VAL F 310 -62.96 -6.27 13.56
CA VAL F 310 -63.43 -5.92 12.22
C VAL F 310 -64.91 -5.56 12.12
N SER F 311 -65.20 -4.59 11.25
CA SER F 311 -66.56 -4.24 10.90
C SER F 311 -66.70 -4.45 9.40
N THR F 312 -67.66 -5.28 9.00
CA THR F 312 -67.84 -5.58 7.58
C THR F 312 -68.62 -4.47 6.89
N ALA F 313 -68.61 -4.51 5.56
CA ALA F 313 -69.35 -3.54 4.75
C ALA F 313 -69.41 -4.03 3.31
N LYS F 314 -70.36 -3.51 2.55
CA LYS F 314 -70.56 -3.94 1.16
C LYS F 314 -69.69 -3.15 0.18
N LEU F 315 -69.25 -3.83 -0.87
CA LEU F 315 -68.45 -3.21 -1.92
C LEU F 315 -69.10 -1.93 -2.40
N ASP F 316 -70.44 -1.96 -2.50
CA ASP F 316 -71.20 -0.81 -3.00
C ASP F 316 -71.18 0.36 -2.03
N ASP F 317 -70.88 0.09 -0.77
CA ASP F 317 -70.89 1.12 0.28
C ASP F 317 -69.50 1.70 0.52
N VAL F 318 -68.56 1.39 -0.36
CA VAL F 318 -67.15 1.74 -0.13
C VAL F 318 -66.92 3.24 0.07
N ASN F 319 -67.70 4.07 -0.62
CA ASN F 319 -67.58 5.51 -0.45
C ASN F 319 -68.02 5.97 0.94
N ASP F 320 -69.09 5.35 1.45
CA ASP F 320 -69.51 5.58 2.82
C ASP F 320 -68.36 5.23 3.75
N VAL F 321 -67.64 4.17 3.40
CA VAL F 321 -66.54 3.68 4.21
C VAL F 321 -65.45 4.75 4.35
N PHE F 322 -65.02 5.32 3.24
CA PHE F 322 -64.01 6.37 3.26
C PHE F 322 -64.48 7.53 4.13
N GLY F 323 -65.79 7.72 4.21
CA GLY F 323 -66.36 8.76 5.05
C GLY F 323 -65.94 8.64 6.49
N ARG F 324 -66.48 7.64 7.18
CA ARG F 324 -66.23 7.46 8.61
C ARG F 324 -64.76 7.26 8.95
N LEU F 325 -64.03 6.56 8.08
CA LEU F 325 -62.63 6.28 8.32
C LEU F 325 -61.81 7.55 8.48
N ARG F 326 -62.04 8.50 7.57
CA ARG F 326 -61.29 9.77 7.57
C ARG F 326 -61.58 10.58 8.83
N GLU F 327 -62.86 10.67 9.19
CA GLU F 327 -63.27 11.42 10.39
C GLU F 327 -63.13 10.57 11.65
N GLY F 328 -62.29 9.53 11.57
CA GLY F 328 -61.95 8.71 12.71
C GLY F 328 -63.09 8.05 13.44
N LYS F 329 -64.16 7.72 12.71
CA LYS F 329 -65.32 7.08 13.31
C LYS F 329 -65.30 5.56 13.17
N VAL F 330 -64.10 5.00 13.00
CA VAL F 330 -63.95 3.56 12.81
C VAL F 330 -63.31 2.89 14.03
N GLU F 331 -63.88 1.77 14.46
CA GLU F 331 -63.27 0.96 15.51
C GLU F 331 -62.52 -0.21 14.89
N GLY F 332 -61.22 -0.26 15.12
CA GLY F 332 -60.40 -1.29 14.51
C GLY F 332 -60.39 -1.13 12.99
N ARG F 333 -60.70 -2.20 12.28
CA ARG F 333 -60.64 -2.19 10.82
C ARG F 333 -62.01 -2.39 10.18
N VAL F 334 -62.13 -1.93 8.93
CA VAL F 334 -63.30 -2.20 8.12
C VAL F 334 -62.92 -3.16 6.99
N VAL F 335 -63.70 -4.21 6.81
CA VAL F 335 -63.43 -5.18 5.76
C VAL F 335 -64.62 -5.35 4.83
N LEU F 336 -64.40 -5.12 3.54
CA LEU F 336 -65.45 -5.34 2.56
C LEU F 336 -65.75 -6.84 2.48
N ASP F 337 -67.03 -7.17 2.52
CA ASP F 337 -67.45 -8.57 2.49
C ASP F 337 -68.14 -8.89 1.17
N PHE F 338 -67.52 -9.76 0.37
CA PHE F 338 -68.05 -10.12 -0.93
C PHE F 338 -68.94 -11.38 -0.86
N SER F 339 -69.24 -11.82 0.36
CA SER F 339 -70.01 -13.05 0.51
C SER F 339 -71.48 -12.87 0.10
N ARG F 340 -72.10 -13.96 -0.33
CA ARG F 340 -73.48 -13.94 -0.78
C ARG F 340 -74.45 -14.25 0.34
N ALA G 1 -17.65 -15.22 66.29
CA ALA G 1 -18.86 -15.98 66.03
C ALA G 1 -18.56 -17.24 65.22
N MET G 2 -19.31 -18.30 65.51
CA MET G 2 -19.19 -19.54 64.75
C MET G 2 -20.48 -19.79 63.97
N MET G 3 -20.43 -20.71 63.01
CA MET G 3 -21.60 -21.04 62.22
C MET G 3 -21.51 -22.46 61.70
N LYS G 4 -22.65 -23.03 61.34
CA LYS G 4 -22.68 -24.33 60.69
C LYS G 4 -22.49 -24.15 59.19
N ALA G 5 -21.77 -25.09 58.57
CA ALA G 5 -21.53 -25.04 57.14
C ALA G 5 -21.19 -26.42 56.61
N ALA G 6 -21.64 -26.72 55.40
CA ALA G 6 -21.28 -27.96 54.73
C ALA G 6 -19.97 -27.75 54.00
N VAL G 7 -18.99 -28.63 54.27
CA VAL G 7 -17.64 -28.45 53.76
C VAL G 7 -17.18 -29.64 52.93
N VAL G 8 -16.53 -29.35 51.80
CA VAL G 8 -15.89 -30.38 51.00
C VAL G 8 -14.41 -30.44 51.35
N ARG G 9 -13.97 -31.56 51.91
CA ARG G 9 -12.58 -31.69 52.33
C ARG G 9 -11.81 -32.68 51.47
N ALA G 10 -12.55 -33.54 50.77
CA ALA G 10 -11.95 -34.49 49.84
C ALA G 10 -12.94 -34.84 48.73
N PHE G 11 -12.48 -34.82 47.49
CA PHE G 11 -13.33 -35.10 46.35
C PHE G 11 -13.94 -36.51 46.45
N GLY G 12 -15.24 -36.60 46.25
CA GLY G 12 -15.93 -37.89 46.27
C GLY G 12 -16.32 -38.32 47.67
N ALA G 13 -15.79 -37.65 48.68
CA ALA G 13 -16.13 -37.96 50.06
C ALA G 13 -17.36 -37.19 50.51
N PRO G 14 -18.17 -37.81 51.38
CA PRO G 14 -19.35 -37.11 51.92
C PRO G 14 -18.94 -35.78 52.53
N LEU G 15 -19.77 -34.76 52.34
CA LEU G 15 -19.53 -33.48 52.97
C LEU G 15 -19.70 -33.62 54.48
N THR G 16 -19.01 -32.79 55.25
CA THR G 16 -19.20 -32.77 56.68
C THR G 16 -19.80 -31.45 57.11
N ILE G 17 -20.68 -31.50 58.10
CA ILE G 17 -21.28 -30.30 58.66
C ILE G 17 -20.43 -29.83 59.83
N ASP G 18 -19.58 -28.83 59.59
CA ASP G 18 -18.62 -28.39 60.58
C ASP G 18 -18.99 -27.06 61.22
N GLU G 19 -18.43 -26.81 62.39
CA GLU G 19 -18.52 -25.49 63.02
C GLU G 19 -17.34 -24.66 62.52
N VAL G 20 -17.65 -23.60 61.79
CA VAL G 20 -16.62 -22.79 61.16
C VAL G 20 -16.77 -21.31 61.51
N PRO G 21 -15.66 -20.56 61.44
CA PRO G 21 -15.69 -19.12 61.72
C PRO G 21 -16.62 -18.38 60.76
N VAL G 22 -17.42 -17.47 61.31
CA VAL G 22 -18.25 -16.61 60.50
C VAL G 22 -17.35 -15.68 59.71
N PRO G 23 -17.51 -15.69 58.37
CA PRO G 23 -16.68 -14.81 57.52
C PRO G 23 -17.09 -13.35 57.70
N GLN G 24 -16.10 -12.48 57.90
CA GLN G 24 -16.35 -11.06 58.15
C GLN G 24 -16.11 -10.22 56.90
N PRO G 25 -16.95 -9.20 56.69
CA PRO G 25 -16.82 -8.36 55.50
C PRO G 25 -15.73 -7.31 55.65
N GLY G 26 -14.69 -7.43 54.82
CA GLY G 26 -13.64 -6.42 54.78
C GLY G 26 -14.05 -5.27 53.89
N PRO G 27 -13.13 -4.32 53.67
CA PRO G 27 -13.38 -3.14 52.85
C PRO G 27 -13.95 -3.50 51.49
N GLY G 28 -15.09 -2.92 51.13
CA GLY G 28 -15.71 -3.14 49.83
C GLY G 28 -16.58 -4.37 49.78
N GLN G 29 -16.56 -5.17 50.85
CA GLN G 29 -17.33 -6.40 50.90
C GLN G 29 -18.59 -6.24 51.75
N VAL G 30 -19.53 -7.15 51.57
CA VAL G 30 -20.69 -7.23 52.45
C VAL G 30 -20.82 -8.65 52.96
N GLN G 31 -21.59 -8.82 54.03
CA GLN G 31 -21.85 -10.13 54.59
C GLN G 31 -23.31 -10.44 54.41
N VAL G 32 -23.62 -11.68 54.07
CA VAL G 32 -25.01 -12.08 53.84
C VAL G 32 -25.43 -13.20 54.79
N LYS G 33 -26.46 -12.94 55.59
CA LYS G 33 -27.05 -13.97 56.42
C LYS G 33 -28.03 -14.79 55.57
N ILE G 34 -27.67 -16.05 55.34
CA ILE G 34 -28.38 -16.92 54.41
C ILE G 34 -29.73 -17.40 54.95
N GLU G 35 -30.77 -17.24 54.14
CA GLU G 35 -32.12 -17.70 54.46
C GLU G 35 -32.44 -19.00 53.72
N ALA G 36 -31.91 -19.11 52.50
CA ALA G 36 -32.12 -20.29 51.67
C ALA G 36 -30.98 -20.40 50.68
N SER G 37 -30.70 -21.62 50.23
CA SER G 37 -29.56 -21.87 49.38
C SER G 37 -29.81 -23.04 48.43
N GLY G 38 -29.98 -22.74 47.15
CA GLY G 38 -30.28 -23.77 46.17
C GLY G 38 -29.13 -24.75 45.97
N VAL G 39 -29.49 -26.01 45.74
CA VAL G 39 -28.51 -27.04 45.44
C VAL G 39 -28.43 -27.24 43.93
N CYS G 40 -27.34 -26.76 43.34
CA CYS G 40 -27.11 -26.89 41.91
C CYS G 40 -26.31 -28.15 41.62
N HIS G 41 -26.47 -28.73 40.42
CA HIS G 41 -25.71 -29.92 40.09
C HIS G 41 -24.22 -29.59 39.97
N THR G 42 -23.90 -28.33 39.70
CA THR G 42 -22.52 -27.86 39.72
C THR G 42 -21.86 -28.20 41.06
N ASP G 43 -22.67 -28.19 42.12
CA ASP G 43 -22.16 -28.51 43.45
C ASP G 43 -21.65 -29.94 43.52
N LEU G 44 -22.29 -30.85 42.81
CA LEU G 44 -21.84 -32.24 42.73
C LEU G 44 -20.56 -32.36 41.89
N HIS G 45 -20.55 -31.65 40.76
CA HIS G 45 -19.36 -31.59 39.92
C HIS G 45 -18.17 -31.10 40.72
N ALA G 46 -18.42 -30.12 41.58
CA ALA G 46 -17.36 -29.51 42.39
C ALA G 46 -16.88 -30.46 43.50
N ALA G 47 -17.83 -30.97 44.27
CA ALA G 47 -17.51 -31.88 45.38
C ALA G 47 -16.82 -33.14 44.86
N ASP G 48 -17.28 -33.65 43.72
CA ASP G 48 -16.66 -34.83 43.11
C ASP G 48 -15.37 -34.45 42.41
N GLY G 49 -15.20 -33.15 42.17
CA GLY G 49 -14.03 -32.64 41.48
C GLY G 49 -13.82 -33.30 40.13
N ASP G 50 -14.85 -33.32 39.29
CA ASP G 50 -14.71 -33.96 37.99
C ASP G 50 -14.43 -33.01 36.82
N TRP G 51 -14.14 -31.75 37.13
CA TRP G 51 -13.77 -30.77 36.10
C TRP G 51 -12.25 -30.64 35.99
N PRO G 52 -11.76 -30.25 34.80
CA PRO G 52 -10.31 -30.14 34.56
C PRO G 52 -9.64 -29.16 35.53
N VAL G 53 -10.40 -28.15 35.96
CA VAL G 53 -9.90 -27.18 36.91
C VAL G 53 -10.63 -27.36 38.23
N LYS G 54 -9.91 -27.87 39.23
CA LYS G 54 -10.51 -28.21 40.51
C LYS G 54 -10.75 -26.99 41.38
N PRO G 55 -11.67 -27.11 42.35
CA PRO G 55 -11.85 -26.07 43.36
C PRO G 55 -10.87 -26.32 44.49
N THR G 56 -10.40 -25.25 45.12
CA THR G 56 -9.44 -25.38 46.22
C THR G 56 -10.08 -26.06 47.42
N LEU G 57 -9.42 -27.08 47.95
CA LEU G 57 -9.89 -27.78 49.13
C LEU G 57 -9.23 -27.19 50.38
N PRO G 58 -10.00 -27.07 51.47
CA PRO G 58 -11.44 -27.33 51.51
C PRO G 58 -12.24 -26.10 51.10
N PHE G 59 -13.54 -26.27 50.88
CA PHE G 59 -14.40 -25.15 50.50
C PHE G 59 -15.86 -25.44 50.81
N ILE G 60 -16.63 -24.37 50.99
CA ILE G 60 -18.07 -24.49 51.19
C ILE G 60 -18.77 -24.17 49.88
N PRO G 61 -19.53 -25.13 49.34
CA PRO G 61 -20.25 -24.92 48.08
C PRO G 61 -21.47 -24.04 48.28
N GLY G 62 -22.19 -23.77 47.20
CA GLY G 62 -23.40 -22.98 47.28
C GLY G 62 -23.29 -21.65 46.57
N HIS G 63 -23.91 -21.56 45.39
CA HIS G 63 -23.94 -20.31 44.63
C HIS G 63 -25.38 -19.99 44.24
N GLU G 64 -26.32 -20.45 45.06
CA GLU G 64 -27.71 -20.05 44.95
C GLU G 64 -28.18 -19.62 46.33
N GLY G 65 -27.26 -19.10 47.11
CA GLY G 65 -27.57 -18.60 48.44
C GLY G 65 -28.21 -17.23 48.39
N VAL G 66 -29.28 -17.06 49.15
CA VAL G 66 -29.97 -15.78 49.23
C VAL G 66 -30.33 -15.48 50.68
N GLY G 67 -30.45 -14.20 51.01
CA GLY G 67 -30.81 -13.81 52.35
C GLY G 67 -30.74 -12.30 52.54
N TYR G 68 -30.40 -11.89 53.75
CA TYR G 68 -30.31 -10.47 54.08
C TYR G 68 -28.86 -10.05 54.26
N VAL G 69 -28.54 -8.83 53.84
CA VAL G 69 -27.26 -8.23 54.17
C VAL G 69 -27.23 -8.04 55.68
N SER G 70 -26.24 -8.64 56.33
CA SER G 70 -26.17 -8.65 57.79
C SER G 70 -25.03 -7.79 58.32
N ALA G 71 -24.17 -7.35 57.41
CA ALA G 71 -23.03 -6.52 57.78
C ALA G 71 -22.39 -5.92 56.53
N VAL G 72 -21.96 -4.67 56.63
CA VAL G 72 -21.38 -3.99 55.49
C VAL G 72 -19.94 -3.56 55.78
N GLY G 73 -19.04 -3.92 54.88
CA GLY G 73 -17.66 -3.47 54.97
C GLY G 73 -17.58 -2.01 54.59
N SER G 74 -16.45 -1.38 54.87
CA SER G 74 -16.29 0.04 54.59
C SER G 74 -16.32 0.32 53.09
N GLY G 75 -16.90 1.46 52.72
CA GLY G 75 -16.88 1.91 51.34
C GLY G 75 -17.94 1.34 50.43
N VAL G 76 -18.93 0.65 50.99
CA VAL G 76 -19.99 0.07 50.18
C VAL G 76 -21.16 1.04 50.01
N SER G 77 -21.64 1.18 48.79
CA SER G 77 -22.72 2.10 48.49
C SER G 77 -23.90 1.40 47.81
N ARG G 78 -23.60 0.38 47.01
CA ARG G 78 -24.62 -0.28 46.21
C ARG G 78 -25.74 -0.90 47.04
N VAL G 79 -25.38 -1.50 48.17
CA VAL G 79 -26.37 -2.14 49.03
C VAL G 79 -26.19 -1.74 50.49
N LYS G 80 -27.24 -1.96 51.29
CA LYS G 80 -27.20 -1.62 52.71
C LYS G 80 -27.70 -2.77 53.57
N GLU G 81 -27.40 -2.72 54.85
CA GLU G 81 -27.88 -3.72 55.80
C GLU G 81 -29.38 -3.86 55.67
N GLY G 82 -29.87 -5.10 55.67
CA GLY G 82 -31.28 -5.37 55.55
C GLY G 82 -31.70 -5.74 54.14
N ASP G 83 -30.90 -5.35 53.16
CA ASP G 83 -31.20 -5.63 51.76
C ASP G 83 -31.28 -7.13 51.50
N ARG G 84 -32.21 -7.53 50.64
CA ARG G 84 -32.36 -8.91 50.23
C ARG G 84 -31.54 -9.15 48.97
N VAL G 85 -30.56 -10.05 49.05
CA VAL G 85 -29.65 -10.31 47.94
C VAL G 85 -29.30 -11.78 47.82
N GLY G 86 -28.75 -12.16 46.67
CA GLY G 86 -28.24 -13.49 46.45
C GLY G 86 -26.83 -13.41 45.92
N VAL G 87 -26.06 -14.47 46.15
CA VAL G 87 -24.68 -14.51 45.69
C VAL G 87 -24.53 -15.61 44.63
N PRO G 88 -24.48 -15.22 43.36
CA PRO G 88 -24.50 -16.17 42.24
C PRO G 88 -23.13 -16.76 41.96
N TRP G 89 -23.07 -17.65 40.96
CA TRP G 89 -21.83 -18.27 40.53
C TRP G 89 -20.74 -17.23 40.27
N LEU G 90 -21.09 -16.16 39.55
CA LEU G 90 -20.13 -15.08 39.28
C LEU G 90 -19.99 -14.18 40.51
N TYR G 91 -19.09 -14.56 41.41
CA TYR G 91 -18.85 -13.82 42.64
C TYR G 91 -18.30 -12.41 42.33
N SER G 92 -17.35 -12.35 41.41
CA SER G 92 -16.78 -11.07 41.00
C SER G 92 -16.05 -11.21 39.67
N ALA G 93 -15.75 -10.07 39.06
CA ALA G 93 -14.98 -10.01 37.82
C ALA G 93 -14.11 -8.76 37.91
N CYS G 94 -13.08 -8.66 37.08
CA CYS G 94 -12.13 -7.55 37.23
C CYS G 94 -12.75 -6.19 36.90
N GLY G 95 -13.71 -6.17 35.97
CA GLY G 95 -14.45 -4.97 35.68
C GLY G 95 -13.88 -4.08 34.58
N TYR G 96 -12.68 -4.38 34.12
CA TYR G 96 -12.05 -3.53 33.10
C TYR G 96 -11.36 -4.26 31.96
N CYS G 97 -11.40 -5.60 31.94
CA CYS G 97 -10.88 -6.34 30.80
C CYS G 97 -11.82 -6.18 29.62
N GLU G 98 -11.39 -6.63 28.44
CA GLU G 98 -12.20 -6.51 27.22
C GLU G 98 -13.60 -7.09 27.41
N HIS G 99 -13.67 -8.28 28.00
CA HIS G 99 -14.97 -8.92 28.23
C HIS G 99 -15.84 -8.05 29.13
N CYS G 100 -15.27 -7.58 30.23
CA CYS G 100 -16.02 -6.77 31.18
C CYS G 100 -16.50 -5.44 30.60
N LEU G 101 -15.67 -4.81 29.75
CA LEU G 101 -16.05 -3.53 29.15
C LEU G 101 -17.14 -3.69 28.09
N GLN G 102 -17.38 -4.92 27.66
CA GLN G 102 -18.38 -5.18 26.63
C GLN G 102 -19.60 -5.89 27.21
N GLY G 103 -19.76 -5.79 28.53
CA GLY G 103 -20.88 -6.40 29.21
C GLY G 103 -20.91 -7.90 29.08
N TRP G 104 -19.73 -8.51 29.07
CA TRP G 104 -19.62 -9.97 29.12
C TRP G 104 -18.73 -10.39 30.29
N GLU G 105 -19.03 -9.88 31.49
CA GLU G 105 -18.23 -10.18 32.67
C GLU G 105 -18.19 -11.68 32.99
N THR G 106 -19.11 -12.43 32.40
CA THR G 106 -19.15 -13.87 32.64
C THR G 106 -17.93 -14.56 32.03
N LEU G 107 -17.24 -13.85 31.15
CA LEU G 107 -16.06 -14.40 30.50
C LEU G 107 -14.77 -13.93 31.18
N CYS G 108 -14.90 -13.06 32.17
CA CYS G 108 -13.72 -12.50 32.82
C CYS G 108 -12.79 -13.60 33.31
N GLU G 109 -11.56 -13.59 32.79
CA GLU G 109 -10.56 -14.57 33.17
C GLU G 109 -10.05 -14.40 34.60
N LYS G 110 -10.34 -13.25 35.20
CA LYS G 110 -9.94 -12.98 36.58
C LYS G 110 -11.11 -13.19 37.55
N GLN G 111 -12.23 -13.69 37.04
CA GLN G 111 -13.42 -13.84 37.87
C GLN G 111 -13.20 -14.83 39.01
N GLN G 112 -13.98 -14.67 40.07
CA GLN G 112 -14.02 -15.65 41.15
C GLN G 112 -15.38 -16.32 41.11
N ASN G 113 -15.48 -17.52 41.64
CA ASN G 113 -16.74 -18.26 41.63
C ASN G 113 -17.21 -18.71 43.01
N THR G 114 -18.41 -18.30 43.37
CA THR G 114 -19.01 -18.59 44.66
C THR G 114 -19.19 -20.10 44.84
N GLY G 115 -18.69 -20.62 45.96
CA GLY G 115 -18.82 -22.03 46.26
C GLY G 115 -17.92 -22.89 45.38
N TYR G 116 -16.80 -22.31 44.96
CA TYR G 116 -15.84 -23.03 44.12
C TYR G 116 -14.43 -22.48 44.33
N SER G 117 -14.24 -21.22 43.93
CA SER G 117 -12.94 -20.57 44.12
C SER G 117 -12.92 -19.82 45.45
N VAL G 118 -14.11 -19.40 45.89
CA VAL G 118 -14.30 -18.85 47.23
C VAL G 118 -15.48 -19.55 47.88
N ASN G 119 -15.60 -19.43 49.20
CA ASN G 119 -16.67 -20.11 49.92
C ASN G 119 -18.07 -19.61 49.57
N GLY G 120 -19.04 -20.52 49.61
CA GLY G 120 -20.40 -20.21 49.16
C GLY G 120 -21.48 -20.30 50.23
N GLY G 121 -22.70 -20.60 49.79
CA GLY G 121 -23.87 -20.48 50.64
C GLY G 121 -24.37 -21.71 51.39
N TYR G 122 -23.64 -22.83 51.32
CA TYR G 122 -23.98 -23.98 52.15
C TYR G 122 -23.57 -23.69 53.58
N GLY G 123 -24.06 -22.59 54.12
CA GLY G 123 -23.70 -22.16 55.46
C GLY G 123 -24.59 -21.03 55.92
N GLU G 124 -24.39 -20.59 57.16
CA GLU G 124 -25.27 -19.58 57.75
C GLU G 124 -24.95 -18.17 57.26
N TYR G 125 -23.68 -17.93 56.98
CA TYR G 125 -23.25 -16.63 56.44
C TYR G 125 -22.29 -16.80 55.28
N VAL G 126 -22.29 -15.82 54.39
CA VAL G 126 -21.33 -15.78 53.29
C VAL G 126 -20.95 -14.33 53.05
N VAL G 127 -19.69 -14.10 52.69
CA VAL G 127 -19.21 -12.78 52.34
C VAL G 127 -19.27 -12.63 50.82
N ALA G 128 -19.74 -11.48 50.34
CA ALA G 128 -19.95 -11.29 48.91
C ALA G 128 -19.47 -9.92 48.42
N ASP G 129 -19.14 -9.85 47.13
CA ASP G 129 -18.86 -8.58 46.47
C ASP G 129 -20.18 -7.94 46.09
N PRO G 130 -20.50 -6.78 46.71
CA PRO G 130 -21.82 -6.16 46.58
C PRO G 130 -22.12 -5.72 45.16
N ASN G 131 -21.07 -5.55 44.35
CA ASN G 131 -21.24 -5.12 42.98
C ASN G 131 -21.77 -6.21 42.07
N TYR G 132 -21.72 -7.46 42.54
CA TYR G 132 -22.09 -8.59 41.69
C TYR G 132 -23.23 -9.44 42.26
N VAL G 133 -23.71 -9.07 43.44
CA VAL G 133 -24.82 -9.80 44.03
C VAL G 133 -26.11 -9.59 43.24
N GLY G 134 -27.04 -10.52 43.39
CA GLY G 134 -28.36 -10.35 42.83
C GLY G 134 -29.21 -9.56 43.79
N LEU G 135 -29.91 -8.55 43.27
CA LEU G 135 -30.83 -7.75 44.06
C LEU G 135 -32.22 -8.35 43.93
N LEU G 136 -32.71 -8.93 45.02
CA LEU G 136 -33.91 -9.75 44.97
C LEU G 136 -35.19 -8.91 44.99
N PRO G 137 -36.24 -9.41 44.32
CA PRO G 137 -37.55 -8.75 44.32
C PRO G 137 -38.31 -9.00 45.63
N ASP G 138 -38.92 -7.94 46.17
CA ASP G 138 -39.72 -8.06 47.39
C ASP G 138 -40.81 -9.11 47.22
N LYS G 139 -41.41 -9.15 46.03
CA LYS G 139 -42.57 -9.99 45.75
C LYS G 139 -42.35 -11.49 46.02
N VAL G 140 -41.10 -11.95 45.92
CA VAL G 140 -40.84 -13.39 45.92
C VAL G 140 -40.08 -13.88 47.16
N GLY G 141 -40.47 -15.05 47.65
CA GLY G 141 -39.84 -15.63 48.83
C GLY G 141 -38.45 -16.16 48.57
N PHE G 142 -37.65 -16.27 49.63
CA PHE G 142 -36.27 -16.72 49.51
C PHE G 142 -36.16 -18.10 48.91
N VAL G 143 -37.00 -19.03 49.36
CA VAL G 143 -36.96 -20.40 48.88
C VAL G 143 -37.25 -20.48 47.39
N GLU G 144 -38.24 -19.72 46.94
CA GLU G 144 -38.64 -19.74 45.54
C GLU G 144 -37.64 -19.00 44.63
N ILE G 145 -37.05 -17.93 45.14
CA ILE G 145 -36.17 -17.10 44.33
C ILE G 145 -34.76 -17.69 44.19
N ALA G 146 -34.36 -18.49 45.19
CA ALA G 146 -33.02 -19.05 45.23
C ALA G 146 -32.56 -19.72 43.92
N PRO G 147 -33.40 -20.56 43.32
CA PRO G 147 -32.97 -21.24 42.09
C PRO G 147 -32.73 -20.29 40.92
N ILE G 148 -33.28 -19.09 40.99
CA ILE G 148 -33.10 -18.11 39.92
C ILE G 148 -31.66 -17.58 39.89
N LEU G 149 -30.95 -17.71 41.00
CA LEU G 149 -29.58 -17.21 41.12
C LEU G 149 -28.60 -17.98 40.24
N CYS G 150 -28.99 -19.18 39.81
CA CYS G 150 -28.18 -19.90 38.82
C CYS G 150 -29.02 -20.58 37.77
N ALA G 151 -29.91 -21.47 38.18
CA ALA G 151 -30.80 -22.15 37.25
C ALA G 151 -31.51 -21.15 36.34
N GLY G 152 -32.20 -20.19 36.96
CA GLY G 152 -32.97 -19.21 36.21
C GLY G 152 -32.16 -18.33 35.29
N VAL G 153 -31.12 -17.70 35.83
CA VAL G 153 -30.29 -16.83 35.01
C VAL G 153 -29.53 -17.59 33.93
N THR G 154 -29.10 -18.80 34.23
CA THR G 154 -28.34 -19.60 33.26
C THR G 154 -29.17 -19.94 32.01
N VAL G 155 -30.36 -20.50 32.23
CA VAL G 155 -31.22 -20.89 31.10
C VAL G 155 -31.82 -19.70 30.40
N TYR G 156 -31.95 -18.58 31.10
CA TYR G 156 -32.44 -17.35 30.50
C TYR G 156 -31.42 -16.81 29.50
N LYS G 157 -30.18 -16.67 29.94
CA LYS G 157 -29.10 -16.27 29.05
C LYS G 157 -28.96 -17.27 27.91
N GLY G 158 -29.00 -18.56 28.25
CA GLY G 158 -28.88 -19.63 27.28
C GLY G 158 -29.94 -19.55 26.20
N LEU G 159 -31.18 -19.31 26.61
CA LEU G 159 -32.28 -19.13 25.66
C LEU G 159 -32.04 -17.91 24.79
N LYS G 160 -31.45 -16.87 25.37
CA LYS G 160 -31.14 -15.67 24.61
C LYS G 160 -30.14 -15.94 23.50
N VAL G 161 -29.16 -16.81 23.77
CA VAL G 161 -28.11 -17.06 22.78
C VAL G 161 -28.45 -18.17 21.78
N THR G 162 -29.67 -18.72 21.88
CA THR G 162 -30.15 -19.64 20.86
C THR G 162 -30.59 -18.85 19.63
N ASP G 163 -30.70 -17.53 19.79
CA ASP G 163 -31.07 -16.65 18.69
C ASP G 163 -32.40 -17.04 18.06
N THR G 164 -33.31 -17.52 18.89
CA THR G 164 -34.67 -17.82 18.45
C THR G 164 -35.54 -16.60 18.71
N ARG G 165 -36.71 -16.55 18.11
CA ARG G 165 -37.63 -15.45 18.36
C ARG G 165 -39.06 -15.94 18.50
N PRO G 166 -39.95 -15.09 19.05
CA PRO G 166 -41.33 -15.51 19.33
C PRO G 166 -41.97 -16.25 18.16
N GLY G 167 -42.58 -17.39 18.45
CA GLY G 167 -43.24 -18.18 17.42
C GLY G 167 -42.42 -19.35 16.95
N GLN G 168 -41.13 -19.34 17.24
CA GLN G 168 -40.25 -20.42 16.81
C GLN G 168 -40.16 -21.53 17.84
N TRP G 169 -39.72 -22.71 17.42
CA TRP G 169 -39.58 -23.85 18.31
C TRP G 169 -38.22 -23.84 19.02
N VAL G 170 -38.24 -24.12 20.32
CA VAL G 170 -37.01 -24.38 21.06
C VAL G 170 -37.15 -25.73 21.77
N VAL G 171 -36.09 -26.52 21.75
CA VAL G 171 -36.07 -27.77 22.49
C VAL G 171 -35.30 -27.60 23.80
N ILE G 172 -35.93 -28.00 24.91
CA ILE G 172 -35.23 -28.07 26.17
C ILE G 172 -34.86 -29.52 26.42
N SER G 173 -33.56 -29.79 26.51
CA SER G 173 -33.08 -31.13 26.78
C SER G 173 -32.64 -31.24 28.24
N GLY G 174 -33.31 -32.12 28.98
CA GLY G 174 -33.07 -32.24 30.39
C GLY G 174 -33.95 -31.29 31.18
N ILE G 175 -35.01 -31.83 31.78
CA ILE G 175 -35.93 -31.02 32.56
C ILE G 175 -35.63 -31.19 34.04
N GLY G 176 -34.45 -30.76 34.46
CA GLY G 176 -34.06 -30.84 35.86
C GLY G 176 -34.14 -29.47 36.50
N GLY G 177 -33.17 -29.15 37.35
CA GLY G 177 -33.12 -27.87 38.00
C GLY G 177 -33.14 -26.72 37.01
N LEU G 178 -32.26 -26.78 36.03
CA LEU G 178 -32.19 -25.75 35.00
C LEU G 178 -33.34 -25.87 34.00
N GLY G 179 -33.53 -27.06 33.46
CA GLY G 179 -34.48 -27.29 32.39
C GLY G 179 -35.93 -27.00 32.70
N HIS G 180 -36.35 -27.20 33.95
CA HIS G 180 -37.75 -27.01 34.30
C HIS G 180 -38.13 -25.52 34.38
N VAL G 181 -37.17 -24.67 34.71
CA VAL G 181 -37.42 -23.23 34.66
C VAL G 181 -37.17 -22.71 33.25
N ALA G 182 -36.32 -23.39 32.50
CA ALA G 182 -36.07 -23.03 31.10
C ALA G 182 -37.36 -23.11 30.28
N VAL G 183 -38.16 -24.13 30.55
CA VAL G 183 -39.45 -24.28 29.90
C VAL G 183 -40.31 -23.04 30.11
N GLN G 184 -40.23 -22.47 31.31
CA GLN G 184 -41.06 -21.31 31.66
C GLN G 184 -40.51 -20.02 31.06
N TYR G 185 -39.19 -19.85 31.09
CA TYR G 185 -38.57 -18.69 30.46
C TYR G 185 -38.86 -18.71 28.97
N ALA G 186 -38.72 -19.88 28.36
CA ALA G 186 -39.00 -20.06 26.93
C ALA G 186 -40.41 -19.61 26.58
N ARG G 187 -41.40 -20.13 27.30
CA ARG G 187 -42.77 -19.71 27.09
C ARG G 187 -42.93 -18.20 27.30
N ALA G 188 -42.29 -17.68 28.34
CA ALA G 188 -42.36 -16.26 28.64
C ALA G 188 -41.74 -15.44 27.52
N MET G 189 -40.81 -16.04 26.78
CA MET G 189 -40.16 -15.39 25.66
C MET G 189 -40.89 -15.69 24.35
N GLY G 190 -42.08 -16.27 24.49
CA GLY G 190 -42.97 -16.48 23.35
C GLY G 190 -42.61 -17.63 22.45
N LEU G 191 -41.83 -18.59 22.96
CA LEU G 191 -41.40 -19.72 22.15
C LEU G 191 -42.35 -20.92 22.30
N ARG G 192 -42.40 -21.75 21.26
CA ARG G 192 -43.05 -23.06 21.36
C ARG G 192 -42.00 -24.02 21.90
N VAL G 193 -42.35 -24.73 22.97
CA VAL G 193 -41.36 -25.53 23.69
C VAL G 193 -41.53 -27.03 23.49
N ALA G 194 -40.43 -27.71 23.17
CA ALA G 194 -40.41 -29.16 23.11
C ALA G 194 -39.47 -29.68 24.19
N ALA G 195 -39.91 -30.71 24.92
CA ALA G 195 -39.14 -31.21 26.05
C ALA G 195 -38.51 -32.58 25.78
N VAL G 196 -37.27 -32.75 26.23
CA VAL G 196 -36.58 -34.02 26.11
C VAL G 196 -35.90 -34.41 27.41
N ASP G 197 -36.14 -35.64 27.87
CA ASP G 197 -35.45 -36.18 29.02
C ASP G 197 -35.43 -37.70 28.91
N ILE G 198 -35.03 -38.37 30.00
CA ILE G 198 -34.92 -39.82 29.98
C ILE G 198 -35.84 -40.42 31.03
N ASP G 199 -36.74 -39.58 31.54
CA ASP G 199 -37.59 -39.93 32.66
C ASP G 199 -38.96 -39.30 32.46
N ASP G 200 -39.99 -40.13 32.35
CA ASP G 200 -41.35 -39.65 32.07
C ASP G 200 -41.83 -38.62 33.08
N ALA G 201 -41.37 -38.75 34.33
CA ALA G 201 -41.79 -37.82 35.39
C ALA G 201 -41.32 -36.40 35.11
N LYS G 202 -40.09 -36.26 34.61
CA LYS G 202 -39.55 -34.96 34.25
C LYS G 202 -40.34 -34.41 33.08
N LEU G 203 -40.67 -35.31 32.15
CA LEU G 203 -41.44 -34.95 30.97
C LEU G 203 -42.84 -34.49 31.35
N ASN G 204 -43.47 -35.22 32.26
CA ASN G 204 -44.78 -34.81 32.76
C ASN G 204 -44.67 -33.44 33.43
N LEU G 205 -43.60 -33.24 34.19
CA LEU G 205 -43.35 -31.94 34.81
C LEU G 205 -43.28 -30.85 33.74
N ALA G 206 -42.57 -31.13 32.66
CA ALA G 206 -42.42 -30.18 31.56
C ALA G 206 -43.77 -29.89 30.89
N ARG G 207 -44.60 -30.92 30.77
CA ARG G 207 -45.92 -30.75 30.17
C ARG G 207 -46.77 -29.77 30.99
N ARG G 208 -46.72 -29.91 32.30
CA ARG G 208 -47.46 -29.03 33.18
C ARG G 208 -46.94 -27.60 33.10
N LEU G 209 -45.65 -27.47 32.80
CA LEU G 209 -44.99 -26.15 32.83
C LEU G 209 -45.05 -25.40 31.50
N GLY G 210 -45.67 -26.01 30.49
CA GLY G 210 -45.91 -25.31 29.24
C GLY G 210 -45.31 -25.93 27.98
N ALA G 211 -44.73 -27.11 28.10
CA ALA G 211 -44.19 -27.79 26.92
C ALA G 211 -45.32 -28.26 26.01
N GLU G 212 -45.27 -27.87 24.74
CA GLU G 212 -46.30 -28.24 23.78
C GLU G 212 -46.17 -29.71 23.35
N VAL G 213 -44.94 -30.18 23.30
CA VAL G 213 -44.65 -31.56 22.90
C VAL G 213 -43.46 -32.07 23.71
N ALA G 214 -43.43 -33.38 23.96
CA ALA G 214 -42.39 -33.96 24.82
C ALA G 214 -42.05 -35.39 24.41
N VAL G 215 -40.81 -35.80 24.63
CA VAL G 215 -40.39 -37.13 24.22
C VAL G 215 -39.30 -37.73 25.12
N ASN G 216 -39.41 -39.02 25.40
CA ASN G 216 -38.47 -39.74 26.25
C ASN G 216 -37.33 -40.34 25.41
N ALA G 217 -36.13 -39.82 25.60
CA ALA G 217 -34.97 -40.23 24.81
C ALA G 217 -34.69 -41.74 24.93
N ARG G 218 -35.10 -42.35 26.03
CA ARG G 218 -34.87 -43.77 26.25
C ARG G 218 -35.82 -44.65 25.45
N ASP G 219 -36.95 -44.07 25.04
CA ASP G 219 -37.99 -44.85 24.37
C ASP G 219 -37.93 -44.81 22.84
N THR G 220 -37.49 -43.68 22.30
CA THR G 220 -37.16 -43.58 20.88
C THR G 220 -36.00 -42.63 20.65
N ASP G 221 -35.59 -42.50 19.40
CA ASP G 221 -34.57 -41.52 19.02
C ASP G 221 -35.21 -40.14 19.02
N PRO G 222 -34.77 -39.27 19.94
CA PRO G 222 -35.40 -37.96 20.13
C PRO G 222 -35.25 -37.04 18.91
N ALA G 223 -34.08 -37.04 18.30
CA ALA G 223 -33.83 -36.18 17.14
C ALA G 223 -34.79 -36.52 15.99
N ALA G 224 -34.86 -37.80 15.64
CA ALA G 224 -35.75 -38.25 14.58
C ALA G 224 -37.21 -37.95 14.92
N TRP G 225 -37.58 -38.21 16.17
CA TRP G 225 -38.95 -37.97 16.62
C TRP G 225 -39.32 -36.50 16.47
N LEU G 226 -38.39 -35.62 16.84
CA LEU G 226 -38.63 -34.19 16.74
C LEU G 226 -38.65 -33.71 15.29
N GLN G 227 -37.79 -34.30 14.47
CA GLN G 227 -37.77 -33.97 13.04
C GLN G 227 -39.15 -34.18 12.40
N LYS G 228 -39.79 -35.29 12.76
CA LYS G 228 -41.11 -35.60 12.21
C LYS G 228 -42.19 -34.75 12.88
N GLU G 229 -42.17 -34.74 14.21
CA GLU G 229 -43.22 -34.08 15.00
C GLU G 229 -43.33 -32.59 14.75
N ILE G 230 -42.20 -31.90 14.69
CA ILE G 230 -42.19 -30.44 14.59
C ILE G 230 -41.32 -29.91 13.45
N GLY G 231 -40.68 -30.82 12.72
CA GLY G 231 -39.85 -30.44 11.59
C GLY G 231 -38.47 -29.96 12.00
N GLY G 232 -38.01 -30.40 13.16
CA GLY G 232 -36.76 -29.91 13.71
C GLY G 232 -36.98 -28.56 14.34
N ALA G 233 -36.28 -28.29 15.44
CA ALA G 233 -36.45 -27.01 16.14
C ALA G 233 -35.53 -25.94 15.61
N HIS G 234 -35.91 -24.68 15.81
CA HIS G 234 -35.06 -23.55 15.43
C HIS G 234 -33.93 -23.41 16.43
N GLY G 235 -34.14 -23.90 17.64
CA GLY G 235 -33.13 -23.83 18.69
C GLY G 235 -33.22 -24.95 19.68
N VAL G 236 -32.12 -25.20 20.40
CA VAL G 236 -32.09 -26.21 21.44
C VAL G 236 -31.25 -25.70 22.59
N LEU G 237 -31.71 -25.92 23.82
CA LEU G 237 -30.92 -25.60 25.00
C LEU G 237 -30.63 -26.90 25.74
N VAL G 238 -29.34 -27.19 25.91
CA VAL G 238 -28.94 -28.45 26.51
C VAL G 238 -28.55 -28.25 27.97
N THR G 239 -29.39 -28.73 28.88
CA THR G 239 -29.11 -28.61 30.30
C THR G 239 -28.92 -30.00 30.91
N ALA G 240 -28.78 -31.00 30.05
CA ALA G 240 -28.63 -32.39 30.49
C ALA G 240 -27.24 -32.64 31.07
N VAL G 241 -27.14 -33.65 31.92
CA VAL G 241 -25.86 -34.03 32.52
C VAL G 241 -25.31 -35.31 31.89
N SER G 242 -25.58 -35.50 30.59
CA SER G 242 -25.03 -36.62 29.85
C SER G 242 -24.45 -36.14 28.52
N PRO G 243 -23.18 -36.45 28.26
CA PRO G 243 -22.55 -36.06 26.99
C PRO G 243 -23.37 -36.53 25.79
N LYS G 244 -24.02 -37.68 25.92
CA LYS G 244 -24.78 -38.25 24.80
C LYS G 244 -25.94 -37.35 24.37
N ALA G 245 -26.56 -36.67 25.33
CA ALA G 245 -27.66 -35.76 25.01
C ALA G 245 -27.16 -34.60 24.15
N PHE G 246 -25.90 -34.23 24.35
CA PHE G 246 -25.27 -33.16 23.58
C PHE G 246 -25.21 -33.53 22.10
N SER G 247 -24.74 -34.74 21.83
CA SER G 247 -24.63 -35.22 20.45
C SER G 247 -26.01 -35.28 19.80
N GLN G 248 -27.00 -35.75 20.56
CA GLN G 248 -28.35 -35.94 20.03
C GLN G 248 -29.06 -34.62 19.69
N ALA G 249 -28.78 -33.58 20.46
CA ALA G 249 -29.41 -32.28 20.24
C ALA G 249 -29.06 -31.74 18.86
N ILE G 250 -27.82 -31.97 18.44
CA ILE G 250 -27.33 -31.53 17.14
C ILE G 250 -28.20 -32.03 16.00
N GLY G 251 -28.90 -33.14 16.22
CA GLY G 251 -29.80 -33.68 15.22
C GLY G 251 -31.25 -33.25 15.41
N MET G 252 -31.48 -32.34 16.35
CA MET G 252 -32.84 -31.90 16.67
C MET G 252 -33.24 -30.62 15.95
N VAL G 253 -32.24 -29.84 15.54
CA VAL G 253 -32.51 -28.56 14.90
C VAL G 253 -32.81 -28.74 13.41
N ARG G 254 -33.56 -27.80 12.84
CA ARG G 254 -33.69 -27.77 11.39
C ARG G 254 -32.45 -27.07 10.87
N ARG G 255 -32.23 -27.10 9.56
CA ARG G 255 -31.05 -26.44 9.00
C ARG G 255 -31.00 -24.99 9.47
N GLY G 256 -29.81 -24.49 9.73
CA GLY G 256 -29.63 -23.13 10.19
C GLY G 256 -29.86 -22.93 11.68
N GLY G 257 -30.29 -23.99 12.37
CA GLY G 257 -30.63 -23.90 13.77
C GLY G 257 -29.44 -23.72 14.71
N THR G 258 -29.73 -23.37 15.95
CA THR G 258 -28.69 -23.13 16.94
C THR G 258 -28.88 -24.00 18.19
N ILE G 259 -27.82 -24.69 18.60
CA ILE G 259 -27.82 -25.42 19.86
C ILE G 259 -26.98 -24.70 20.91
N ALA G 260 -27.60 -24.36 22.03
CA ALA G 260 -26.89 -23.72 23.14
C ALA G 260 -26.67 -24.72 24.28
N LEU G 261 -25.51 -24.64 24.91
CA LEU G 261 -25.09 -25.67 25.87
C LEU G 261 -24.87 -25.08 27.26
N ASN G 262 -25.63 -25.57 28.23
CA ASN G 262 -25.44 -25.20 29.62
C ASN G 262 -24.85 -26.33 30.44
N GLY G 263 -25.25 -27.56 30.12
CA GLY G 263 -24.81 -28.73 30.86
C GLY G 263 -23.30 -28.82 30.93
N LEU G 264 -22.80 -29.39 32.03
CA LEU G 264 -21.34 -29.45 32.24
C LEU G 264 -20.83 -30.80 32.73
N PRO G 265 -21.28 -31.90 32.10
CA PRO G 265 -20.68 -33.18 32.48
C PRO G 265 -19.27 -33.28 31.92
N PRO G 266 -18.37 -33.97 32.62
CA PRO G 266 -16.99 -34.07 32.12
C PRO G 266 -16.94 -34.82 30.80
N GLY G 267 -15.91 -34.56 30.00
CA GLY G 267 -15.70 -35.32 28.77
C GLY G 267 -16.06 -34.59 27.48
N ASP G 268 -16.01 -35.33 26.38
CA ASP G 268 -16.32 -34.81 25.06
C ASP G 268 -17.70 -35.23 24.60
N PHE G 269 -18.15 -34.63 23.50
CA PHE G 269 -19.32 -35.11 22.78
C PHE G 269 -19.00 -35.15 21.29
N GLY G 270 -19.85 -35.82 20.52
CA GLY G 270 -19.57 -36.03 19.11
C GLY G 270 -20.21 -35.03 18.19
N THR G 271 -19.38 -34.16 17.60
CA THR G 271 -19.87 -33.20 16.61
C THR G 271 -19.79 -33.81 15.21
N PRO G 272 -20.95 -34.00 14.57
CA PRO G 272 -21.01 -34.50 13.19
C PRO G 272 -20.61 -33.38 12.23
N ILE G 273 -19.32 -33.10 12.14
CA ILE G 273 -18.81 -31.97 11.36
C ILE G 273 -19.53 -31.84 10.02
N PHE G 274 -19.66 -32.95 9.31
CA PHE G 274 -20.24 -32.92 7.97
C PHE G 274 -21.64 -32.31 7.97
N ASP G 275 -22.51 -32.81 8.84
CA ASP G 275 -23.87 -32.31 8.92
C ASP G 275 -23.92 -30.88 9.46
N VAL G 276 -23.01 -30.56 10.37
CA VAL G 276 -22.97 -29.21 10.95
C VAL G 276 -22.63 -28.18 9.87
N VAL G 277 -21.66 -28.51 9.02
CA VAL G 277 -21.28 -27.61 7.93
C VAL G 277 -22.36 -27.54 6.85
N LEU G 278 -22.78 -28.71 6.37
CA LEU G 278 -23.76 -28.77 5.30
C LEU G 278 -25.06 -28.06 5.68
N LYS G 279 -25.47 -28.24 6.93
CA LYS G 279 -26.76 -27.71 7.39
C LYS G 279 -26.63 -26.34 8.07
N GLY G 280 -25.42 -25.80 8.08
CA GLY G 280 -25.17 -24.48 8.63
C GLY G 280 -25.62 -24.35 10.08
N ILE G 281 -25.25 -25.34 10.89
CA ILE G 281 -25.67 -25.38 12.30
C ILE G 281 -24.69 -24.60 13.18
N THR G 282 -25.22 -23.95 14.21
CA THR G 282 -24.42 -23.26 15.19
C THR G 282 -24.48 -23.98 16.53
N ILE G 283 -23.32 -24.23 17.13
CA ILE G 283 -23.25 -24.83 18.46
C ILE G 283 -22.58 -23.84 19.38
N ARG G 284 -23.21 -23.56 20.51
CA ARG G 284 -22.81 -22.42 21.32
C ARG G 284 -22.77 -22.70 22.82
N GLY G 285 -21.64 -22.41 23.44
CA GLY G 285 -21.52 -22.53 24.89
C GLY G 285 -22.09 -21.31 25.56
N SER G 286 -22.81 -21.53 26.67
CA SER G 286 -23.42 -20.44 27.40
C SER G 286 -23.20 -20.61 28.90
N ILE G 287 -22.51 -19.64 29.50
CA ILE G 287 -22.07 -19.77 30.87
C ILE G 287 -22.78 -18.78 31.80
N VAL G 288 -23.60 -19.31 32.70
CA VAL G 288 -24.44 -18.51 33.60
C VAL G 288 -24.98 -17.25 32.94
N GLY G 289 -24.81 -16.11 33.61
CA GLY G 289 -25.31 -14.86 33.07
C GLY G 289 -24.67 -13.65 33.73
N THR G 290 -24.74 -12.51 33.04
CA THR G 290 -24.19 -11.27 33.54
C THR G 290 -25.12 -10.65 34.57
N ARG G 291 -24.67 -9.59 35.24
CA ARG G 291 -25.51 -8.88 36.19
C ARG G 291 -26.79 -8.40 35.53
N SER G 292 -26.69 -8.02 34.26
CA SER G 292 -27.88 -7.62 33.51
C SER G 292 -28.80 -8.82 33.29
N ASP G 293 -28.23 -9.93 32.82
CA ASP G 293 -28.98 -11.16 32.63
C ASP G 293 -29.71 -11.52 33.91
N LEU G 294 -28.99 -11.45 35.02
CA LEU G 294 -29.53 -11.84 36.33
C LEU G 294 -30.70 -10.94 36.75
N GLN G 295 -30.56 -9.64 36.57
CA GLN G 295 -31.62 -8.71 36.93
C GLN G 295 -32.89 -9.01 36.12
N GLU G 296 -32.71 -9.19 34.81
CA GLU G 296 -33.83 -9.51 33.94
C GLU G 296 -34.49 -10.84 34.32
N SER G 297 -33.68 -11.83 34.66
CA SER G 297 -34.22 -13.15 34.97
C SER G 297 -34.98 -13.16 36.30
N LEU G 298 -34.56 -12.30 37.22
CA LEU G 298 -35.28 -12.10 38.47
C LEU G 298 -36.62 -11.41 38.23
N ASP G 299 -36.65 -10.52 37.25
CA ASP G 299 -37.87 -9.78 36.93
C ASP G 299 -38.97 -10.69 36.39
N PHE G 300 -38.57 -11.73 35.66
CA PHE G 300 -39.51 -12.72 35.17
C PHE G 300 -40.12 -13.50 36.33
N ALA G 301 -39.33 -13.68 37.38
CA ALA G 301 -39.79 -14.37 38.58
C ALA G 301 -40.75 -13.48 39.37
N ALA G 302 -40.43 -12.19 39.45
CA ALA G 302 -41.25 -11.24 40.19
C ALA G 302 -42.60 -11.04 39.51
N HIS G 303 -42.62 -11.16 38.18
CA HIS G 303 -43.84 -10.95 37.40
C HIS G 303 -44.73 -12.19 37.39
N GLY G 304 -44.22 -13.30 37.93
CA GLY G 304 -45.00 -14.52 38.02
C GLY G 304 -44.96 -15.39 36.78
N ASP G 305 -44.07 -15.05 35.85
CA ASP G 305 -43.92 -15.81 34.61
C ASP G 305 -43.16 -17.10 34.86
N VAL G 306 -42.29 -17.07 35.86
CA VAL G 306 -41.43 -18.20 36.18
C VAL G 306 -41.49 -18.49 37.67
N LYS G 307 -41.68 -19.76 38.00
CA LYS G 307 -41.74 -20.19 39.38
C LYS G 307 -41.05 -21.54 39.50
N ALA G 308 -39.94 -21.58 40.23
CA ALA G 308 -39.22 -22.82 40.43
C ALA G 308 -40.11 -23.83 41.14
N THR G 309 -40.03 -25.08 40.71
CA THR G 309 -40.60 -26.18 41.48
C THR G 309 -39.55 -26.55 42.52
N VAL G 310 -39.92 -26.45 43.80
CA VAL G 310 -38.95 -26.58 44.88
C VAL G 310 -39.39 -27.53 45.98
N SER G 311 -38.41 -28.19 46.59
CA SER G 311 -38.61 -28.90 47.85
C SER G 311 -37.43 -28.56 48.76
N THR G 312 -37.71 -28.33 50.04
CA THR G 312 -36.68 -27.91 50.97
C THR G 312 -35.99 -29.08 51.67
N ALA G 313 -34.82 -28.80 52.24
CA ALA G 313 -34.10 -29.75 53.04
C ALA G 313 -33.28 -28.97 54.06
N LYS G 314 -32.79 -29.66 55.09
CA LYS G 314 -31.99 -29.01 56.11
C LYS G 314 -30.51 -29.17 55.79
N LEU G 315 -29.70 -28.23 56.27
CA LEU G 315 -28.26 -28.28 56.07
C LEU G 315 -27.74 -29.68 56.37
N ASP G 316 -28.24 -30.26 57.46
CA ASP G 316 -27.80 -31.57 57.94
C ASP G 316 -27.91 -32.70 56.91
N ASP G 317 -28.82 -32.57 55.97
CA ASP G 317 -29.10 -33.67 55.04
C ASP G 317 -28.47 -33.51 53.66
N VAL G 318 -27.54 -32.57 53.53
CA VAL G 318 -26.94 -32.26 52.24
C VAL G 318 -26.44 -33.50 51.48
N ASN G 319 -25.96 -34.49 52.23
CA ASN G 319 -25.43 -35.70 51.61
C ASN G 319 -26.52 -36.58 50.99
N ASP G 320 -27.67 -36.64 51.65
CA ASP G 320 -28.81 -37.39 51.13
C ASP G 320 -29.38 -36.67 49.91
N VAL G 321 -29.30 -35.34 49.93
CA VAL G 321 -29.74 -34.54 48.80
C VAL G 321 -28.85 -34.78 47.59
N PHE G 322 -27.54 -34.73 47.81
CA PHE G 322 -26.58 -35.00 46.75
C PHE G 322 -26.85 -36.36 46.12
N GLY G 323 -26.99 -37.38 46.97
CA GLY G 323 -27.26 -38.73 46.52
C GLY G 323 -28.49 -38.82 45.62
N ARG G 324 -29.58 -38.20 46.05
CA ARG G 324 -30.82 -38.24 45.29
C ARG G 324 -30.67 -37.52 43.95
N LEU G 325 -29.97 -36.41 43.96
CA LEU G 325 -29.75 -35.64 42.73
C LEU G 325 -28.89 -36.42 41.75
N ARG G 326 -27.95 -37.19 42.30
CA ARG G 326 -27.08 -38.03 41.49
C ARG G 326 -27.88 -39.10 40.76
N GLU G 327 -28.88 -39.67 41.44
CA GLU G 327 -29.65 -40.77 40.88
C GLU G 327 -30.93 -40.32 40.19
N GLY G 328 -30.98 -39.05 39.82
CA GLY G 328 -32.09 -38.50 39.05
C GLY G 328 -33.39 -38.48 39.83
N LYS G 329 -33.28 -38.59 41.14
CA LYS G 329 -34.44 -38.77 42.02
C LYS G 329 -35.05 -37.44 42.48
N VAL G 330 -34.62 -36.34 41.88
CA VAL G 330 -35.09 -35.01 42.27
C VAL G 330 -35.98 -34.36 41.21
N GLU G 331 -37.11 -33.81 41.64
CA GLU G 331 -37.98 -33.06 40.74
C GLU G 331 -37.83 -31.57 40.97
N GLY G 332 -37.35 -30.87 39.95
CA GLY G 332 -37.08 -29.44 40.07
C GLY G 332 -35.81 -29.19 40.86
N ARG G 333 -35.91 -28.34 41.87
CA ARG G 333 -34.75 -27.95 42.68
C ARG G 333 -34.92 -28.36 44.14
N VAL G 334 -33.80 -28.69 44.78
CA VAL G 334 -33.77 -28.80 46.24
C VAL G 334 -33.13 -27.55 46.80
N VAL G 335 -33.85 -26.86 47.68
CA VAL G 335 -33.36 -25.62 48.28
C VAL G 335 -33.14 -25.79 49.78
N LEU G 336 -31.91 -25.57 50.22
CA LEU G 336 -31.57 -25.63 51.64
C LEU G 336 -32.28 -24.51 52.40
N ASP G 337 -33.00 -24.87 53.45
CA ASP G 337 -33.78 -23.91 54.23
C ASP G 337 -33.10 -23.59 55.55
N PHE G 338 -32.65 -22.34 55.70
CA PHE G 338 -32.00 -21.88 56.92
C PHE G 338 -32.94 -21.01 57.74
N SER G 339 -34.19 -20.90 57.30
CA SER G 339 -35.15 -20.01 57.97
C SER G 339 -35.50 -20.51 59.36
N ARG G 340 -35.95 -19.59 60.22
CA ARG G 340 -36.31 -19.94 61.58
C ARG G 340 -37.60 -20.76 61.61
N ALA H 1 21.16 10.09 -67.04
CA ALA H 1 20.06 9.18 -66.71
C ALA H 1 20.60 7.87 -66.14
N MET H 2 21.80 7.50 -66.58
CA MET H 2 22.40 6.24 -66.19
C MET H 2 23.77 6.45 -65.54
N MET H 3 24.21 5.47 -64.76
CA MET H 3 25.48 5.55 -64.05
C MET H 3 26.09 4.17 -63.87
N LYS H 4 27.39 4.13 -63.59
CA LYS H 4 28.06 2.89 -63.26
C LYS H 4 27.93 2.62 -61.77
N ALA H 5 27.50 1.42 -61.41
CA ALA H 5 27.40 1.03 -60.02
C ALA H 5 27.77 -0.44 -59.83
N ALA H 6 28.42 -0.75 -58.72
CA ALA H 6 28.76 -2.14 -58.40
C ALA H 6 27.58 -2.77 -57.67
N VAL H 7 27.15 -3.93 -58.14
CA VAL H 7 25.91 -4.54 -57.66
C VAL H 7 26.10 -5.98 -57.17
N VAL H 8 25.52 -6.28 -56.01
CA VAL H 8 25.44 -7.64 -55.52
C VAL H 8 24.10 -8.24 -55.89
N ARG H 9 24.13 -9.35 -56.62
CA ARG H 9 22.90 -9.99 -57.08
C ARG H 9 22.77 -11.41 -56.54
N ALA H 10 23.85 -11.91 -55.94
CA ALA H 10 23.84 -13.23 -55.33
C ALA H 10 24.89 -13.30 -54.24
N PHE H 11 24.49 -13.80 -53.06
CA PHE H 11 25.40 -13.90 -51.92
C PHE H 11 26.56 -14.84 -52.23
N GLY H 12 27.77 -14.30 -52.23
CA GLY H 12 28.95 -15.11 -52.49
C GLY H 12 29.46 -14.95 -53.91
N ALA H 13 28.57 -14.52 -54.80
CA ALA H 13 28.94 -14.28 -56.20
C ALA H 13 29.68 -12.97 -56.31
N PRO H 14 30.61 -12.88 -57.28
CA PRO H 14 31.34 -11.63 -57.51
C PRO H 14 30.39 -10.51 -57.93
N LEU H 15 30.70 -9.28 -57.51
CA LEU H 15 29.88 -8.14 -57.89
C LEU H 15 30.04 -7.86 -59.38
N THR H 16 29.07 -7.14 -59.95
CA THR H 16 29.18 -6.73 -61.34
C THR H 16 29.01 -5.21 -61.44
N ILE H 17 29.79 -4.59 -62.32
CA ILE H 17 29.70 -3.16 -62.54
C ILE H 17 28.69 -2.89 -63.63
N ASP H 18 27.46 -2.60 -63.23
CA ASP H 18 26.36 -2.48 -64.16
C ASP H 18 26.01 -1.05 -64.50
N GLU H 19 25.30 -0.88 -65.61
CA GLU H 19 24.73 0.41 -65.98
C GLU H 19 23.35 0.49 -65.34
N VAL H 20 23.19 1.38 -64.37
CA VAL H 20 21.93 1.49 -63.65
C VAL H 20 21.39 2.91 -63.74
N PRO H 21 20.07 3.09 -63.52
CA PRO H 21 19.52 4.44 -63.58
C PRO H 21 19.96 5.27 -62.39
N VAL H 22 20.18 6.55 -62.62
CA VAL H 22 20.56 7.48 -61.56
C VAL H 22 19.37 7.71 -60.64
N PRO H 23 19.56 7.45 -59.33
CA PRO H 23 18.48 7.66 -58.37
C PRO H 23 18.20 9.14 -58.19
N GLN H 24 16.93 9.53 -58.20
CA GLN H 24 16.55 10.93 -58.09
C GLN H 24 15.90 11.21 -56.74
N PRO H 25 16.16 12.41 -56.19
CA PRO H 25 15.68 12.76 -54.85
C PRO H 25 14.23 13.23 -54.84
N GLY H 26 13.37 12.48 -54.16
CA GLY H 26 12.00 12.90 -53.96
C GLY H 26 11.90 13.95 -52.88
N PRO H 27 10.67 14.27 -52.45
CA PRO H 27 10.45 15.21 -51.36
C PRO H 27 11.25 14.82 -50.12
N GLY H 28 12.00 15.77 -49.57
CA GLY H 28 12.76 15.53 -48.35
C GLY H 28 14.08 14.82 -48.56
N GLN H 29 14.34 14.38 -49.78
CA GLN H 29 15.56 13.64 -50.09
C GLN H 29 16.58 14.52 -50.82
N VAL H 30 17.84 14.10 -50.76
CA VAL H 30 18.89 14.77 -51.52
C VAL H 30 19.59 13.76 -52.41
N GLN H 31 20.21 14.26 -53.47
CA GLN H 31 21.04 13.42 -54.33
C GLN H 31 22.49 13.79 -54.05
N VAL H 32 23.37 12.79 -54.03
CA VAL H 32 24.77 13.05 -53.77
C VAL H 32 25.64 12.51 -54.89
N LYS H 33 26.48 13.37 -55.46
CA LYS H 33 27.43 12.94 -56.47
C LYS H 33 28.71 12.46 -55.81
N ILE H 34 28.93 11.15 -55.84
CA ILE H 34 30.02 10.52 -55.12
C ILE H 34 31.40 10.85 -55.69
N GLU H 35 32.28 11.34 -54.84
CA GLU H 35 33.67 11.62 -55.21
C GLU H 35 34.60 10.54 -54.66
N ALA H 36 34.20 9.92 -53.56
CA ALA H 36 34.98 8.83 -52.96
C ALA H 36 34.08 7.92 -52.14
N SER H 37 34.49 6.67 -51.98
CA SER H 37 33.65 5.68 -51.31
C SER H 37 34.48 4.61 -50.60
N GLY H 38 34.46 4.64 -49.27
CA GLY H 38 35.23 3.70 -48.47
C GLY H 38 34.71 2.28 -48.53
N VAL H 39 35.63 1.32 -48.52
CA VAL H 39 35.29 -0.09 -48.50
C VAL H 39 35.38 -0.62 -47.07
N CYS H 40 34.22 -0.82 -46.45
CA CYS H 40 34.13 -1.35 -45.10
C CYS H 40 34.00 -2.87 -45.16
N HIS H 41 34.50 -3.57 -44.16
CA HIS H 41 34.41 -5.03 -44.16
C HIS H 41 32.94 -5.46 -44.10
N THR H 42 32.09 -4.61 -43.55
CA THR H 42 30.65 -4.85 -43.55
C THR H 42 30.16 -5.12 -44.96
N ASP H 43 30.82 -4.49 -45.94
CA ASP H 43 30.45 -4.67 -47.34
C ASP H 43 30.64 -6.12 -47.77
N LEU H 44 31.64 -6.79 -47.19
CA LEU H 44 31.86 -8.22 -47.46
C LEU H 44 30.83 -9.07 -46.73
N HIS H 45 30.57 -8.75 -45.47
CA HIS H 45 29.56 -9.45 -44.69
C HIS H 45 28.23 -9.38 -45.42
N ALA H 46 27.99 -8.25 -46.08
CA ALA H 46 26.74 -8.01 -46.79
C ALA H 46 26.66 -8.80 -48.10
N ALA H 47 27.71 -8.70 -48.91
CA ALA H 47 27.76 -9.40 -50.20
C ALA H 47 27.74 -10.91 -50.00
N ASP H 48 28.29 -11.37 -48.89
CA ASP H 48 28.35 -12.80 -48.59
C ASP H 48 27.09 -13.30 -47.90
N GLY H 49 26.31 -12.37 -47.34
CA GLY H 49 25.13 -12.73 -46.59
C GLY H 49 25.49 -13.46 -45.30
N ASP H 50 26.54 -12.96 -44.63
CA ASP H 50 27.02 -13.57 -43.38
C ASP H 50 26.03 -13.45 -42.23
N TRP H 51 25.20 -12.41 -42.26
CA TRP H 51 24.40 -12.04 -41.10
C TRP H 51 23.00 -12.66 -41.09
N PRO H 52 22.49 -12.96 -39.88
CA PRO H 52 21.15 -13.52 -39.71
C PRO H 52 20.08 -12.72 -40.44
N VAL H 53 20.27 -11.40 -40.54
CA VAL H 53 19.37 -10.55 -41.30
C VAL H 53 20.04 -10.11 -42.60
N LYS H 54 19.57 -10.65 -43.71
CA LYS H 54 20.19 -10.41 -45.01
C LYS H 54 19.78 -9.08 -45.62
N PRO H 55 20.62 -8.53 -46.51
CA PRO H 55 20.22 -7.38 -47.31
C PRO H 55 19.40 -7.87 -48.49
N THR H 56 18.44 -7.07 -48.93
CA THR H 56 17.59 -7.46 -50.05
C THR H 56 18.36 -7.43 -51.36
N LEU H 57 18.25 -8.50 -52.13
CA LEU H 57 18.92 -8.58 -53.42
C LEU H 57 17.99 -8.09 -54.53
N PRO H 58 18.56 -7.35 -55.50
CA PRO H 58 19.96 -6.95 -55.48
C PRO H 58 20.14 -5.59 -54.79
N PHE H 59 21.37 -5.20 -54.51
CA PHE H 59 21.65 -3.92 -53.88
C PHE H 59 23.04 -3.40 -54.20
N ILE H 60 23.21 -2.09 -54.07
CA ILE H 60 24.52 -1.45 -54.22
C ILE H 60 25.06 -1.15 -52.83
N PRO H 61 26.21 -1.76 -52.48
CA PRO H 61 26.76 -1.56 -51.14
C PRO H 61 27.46 -0.22 -51.01
N GLY H 62 28.00 0.07 -49.84
CA GLY H 62 28.78 1.28 -49.64
C GLY H 62 28.13 2.28 -48.70
N HIS H 63 28.64 2.37 -47.48
CA HIS H 63 28.16 3.35 -46.51
C HIS H 63 29.28 4.28 -46.05
N GLU H 64 30.27 4.47 -46.91
CA GLU H 64 31.31 5.47 -46.67
C GLU H 64 31.45 6.33 -47.91
N GLY H 65 30.32 6.55 -48.59
CA GLY H 65 30.29 7.39 -49.77
C GLY H 65 30.25 8.86 -49.42
N VAL H 66 31.13 9.63 -50.05
CA VAL H 66 31.20 11.07 -49.82
C VAL H 66 31.30 11.80 -51.15
N GLY H 67 30.74 13.01 -51.20
CA GLY H 67 30.77 13.81 -52.41
C GLY H 67 30.04 15.14 -52.26
N TYR H 68 29.42 15.60 -53.35
CA TYR H 68 28.69 16.86 -53.36
C TYR H 68 27.20 16.61 -53.51
N VAL H 69 26.39 17.43 -52.84
CA VAL H 69 24.95 17.42 -53.11
C VAL H 69 24.72 17.93 -54.53
N SER H 70 24.24 17.05 -55.39
CA SER H 70 24.09 17.36 -56.81
C SER H 70 22.65 17.73 -57.15
N ALA H 71 21.74 17.42 -56.24
CA ALA H 71 20.34 17.72 -56.43
C ALA H 71 19.60 17.64 -55.11
N VAL H 72 18.60 18.50 -54.93
CA VAL H 72 17.82 18.51 -53.71
C VAL H 72 16.34 18.35 -54.03
N GLY H 73 15.66 17.49 -53.26
CA GLY H 73 14.25 17.26 -53.46
C GLY H 73 13.40 18.32 -52.81
N SER H 74 12.10 18.24 -53.03
CA SER H 74 11.15 19.19 -52.45
C SER H 74 11.40 19.44 -50.97
N GLY H 75 11.40 20.71 -50.60
CA GLY H 75 11.39 21.14 -49.20
C GLY H 75 12.46 20.61 -48.26
N VAL H 76 13.72 20.61 -48.71
CA VAL H 76 14.84 20.25 -47.84
C VAL H 76 15.58 21.49 -47.34
N SER H 77 15.82 21.55 -46.04
CA SER H 77 16.41 22.73 -45.43
C SER H 77 17.86 22.55 -44.93
N ARG H 78 18.18 21.35 -44.46
CA ARG H 78 19.46 21.12 -43.79
C ARG H 78 20.68 21.31 -44.69
N VAL H 79 20.55 20.97 -45.97
CA VAL H 79 21.68 21.11 -46.90
C VAL H 79 21.26 21.67 -48.25
N LYS H 80 22.25 22.04 -49.06
CA LYS H 80 22.01 22.63 -50.37
C LYS H 80 22.96 22.06 -51.42
N GLU H 81 22.57 22.18 -52.69
CA GLU H 81 23.43 21.79 -53.79
C GLU H 81 24.82 22.38 -53.58
N GLY H 82 25.85 21.56 -53.78
CA GLY H 82 27.22 22.03 -53.62
C GLY H 82 27.82 21.69 -52.27
N ASP H 83 26.99 21.30 -51.32
CA ASP H 83 27.48 20.94 -49.99
C ASP H 83 28.25 19.62 -50.01
N ARG H 84 29.27 19.53 -49.17
CA ARG H 84 30.06 18.30 -49.06
C ARG H 84 29.51 17.44 -47.94
N VAL H 85 29.02 16.25 -48.29
CA VAL H 85 28.38 15.37 -47.34
C VAL H 85 28.78 13.91 -47.53
N GLY H 86 28.52 13.09 -46.51
CA GLY H 86 28.73 11.66 -46.61
C GLY H 86 27.48 10.94 -46.16
N VAL H 87 27.27 9.73 -46.69
CA VAL H 87 26.10 8.95 -46.31
C VAL H 87 26.51 7.70 -45.55
N PRO H 88 26.37 7.72 -44.22
CA PRO H 88 26.88 6.64 -43.37
C PRO H 88 25.92 5.46 -43.27
N TRP H 89 26.33 4.46 -42.50
CA TRP H 89 25.52 3.28 -42.22
C TRP H 89 24.09 3.67 -41.83
N LEU H 90 23.97 4.53 -40.83
CA LEU H 90 22.65 4.98 -40.38
C LEU H 90 22.03 5.92 -41.41
N TYR H 91 21.35 5.35 -42.40
CA TYR H 91 20.77 6.14 -43.47
C TYR H 91 19.66 7.05 -42.95
N SER H 92 18.82 6.52 -42.10
CA SER H 92 17.73 7.27 -41.49
C SER H 92 17.22 6.56 -40.24
N ALA H 93 16.48 7.29 -39.42
CA ALA H 93 15.84 6.73 -38.23
C ALA H 93 14.51 7.44 -38.07
N CYS H 94 13.58 6.87 -37.31
CA CYS H 94 12.22 7.40 -37.26
C CYS H 94 12.15 8.78 -36.57
N GLY H 95 13.03 9.02 -35.61
CA GLY H 95 13.13 10.32 -34.98
C GLY H 95 12.27 10.55 -33.75
N TYR H 96 11.39 9.60 -33.42
CA TYR H 96 10.48 9.81 -32.31
C TYR H 96 10.25 8.60 -31.40
N CYS H 97 10.90 7.48 -31.69
CA CYS H 97 10.82 6.34 -30.77
C CYS H 97 11.65 6.65 -29.52
N GLU H 98 11.61 5.74 -28.54
CA GLU H 98 12.34 5.93 -27.30
C GLU H 98 13.82 6.15 -27.55
N HIS H 99 14.40 5.32 -28.42
CA HIS H 99 15.83 5.40 -28.72
C HIS H 99 16.20 6.72 -29.38
N CYS H 100 15.39 7.15 -30.35
CA CYS H 100 15.66 8.40 -31.06
C CYS H 100 15.52 9.63 -30.18
N LEU H 101 14.53 9.63 -29.31
CA LEU H 101 14.29 10.77 -28.42
C LEU H 101 15.41 10.95 -27.40
N GLN H 102 16.14 9.87 -27.13
CA GLN H 102 17.21 9.91 -26.14
C GLN H 102 18.59 10.01 -26.76
N GLY H 103 18.64 10.39 -28.03
CA GLY H 103 19.91 10.55 -28.72
C GLY H 103 20.62 9.24 -28.95
N TRP H 104 19.85 8.17 -29.12
CA TRP H 104 20.39 6.86 -29.48
C TRP H 104 19.73 6.38 -30.77
N GLU H 105 19.72 7.22 -31.80
CA GLU H 105 19.08 6.86 -33.05
C GLU H 105 19.70 5.61 -33.69
N THR H 106 20.92 5.27 -33.29
CA THR H 106 21.59 4.09 -33.81
C THR H 106 20.89 2.80 -33.39
N LEU H 107 19.94 2.91 -32.48
CA LEU H 107 19.23 1.75 -31.97
C LEU H 107 17.82 1.69 -32.55
N CYS H 108 17.44 2.73 -33.28
CA CYS H 108 16.10 2.80 -33.87
C CYS H 108 15.72 1.55 -34.65
N GLU H 109 14.65 0.89 -34.22
CA GLU H 109 14.22 -0.36 -34.86
C GLU H 109 13.63 -0.13 -36.25
N LYS H 110 13.40 1.14 -36.59
CA LYS H 110 12.84 1.49 -37.89
C LYS H 110 13.91 2.12 -38.78
N GLN H 111 15.17 2.02 -38.37
CA GLN H 111 16.25 2.61 -39.16
C GLN H 111 16.42 1.91 -40.49
N GLN H 112 16.98 2.62 -41.45
CA GLN H 112 17.41 2.03 -42.71
C GLN H 112 18.92 2.11 -42.75
N ASN H 113 19.54 1.22 -43.51
CA ASN H 113 20.99 1.18 -43.58
C ASN H 113 21.53 1.32 -45.01
N THR H 114 22.41 2.28 -45.21
CA THR H 114 22.98 2.58 -46.51
C THR H 114 23.86 1.43 -47.00
N GLY H 115 23.61 0.98 -48.22
CA GLY H 115 24.37 -0.13 -48.78
C GLY H 115 23.99 -1.45 -48.15
N TYR H 116 22.75 -1.54 -47.67
CA TYR H 116 22.24 -2.77 -47.09
C TYR H 116 20.73 -2.92 -47.30
N SER H 117 19.95 -2.03 -46.68
CA SER H 117 18.50 -2.06 -46.86
C SER H 117 18.08 -1.06 -47.94
N VAL H 118 18.97 -0.12 -48.22
CA VAL H 118 18.83 0.78 -49.36
C VAL H 118 20.17 0.88 -50.08
N ASN H 119 20.16 1.39 -51.31
CA ASN H 119 21.37 1.47 -52.11
C ASN H 119 22.40 2.47 -51.58
N GLY H 120 23.67 2.07 -51.63
CA GLY H 120 24.76 2.88 -51.09
C GLY H 120 25.67 3.52 -52.12
N GLY H 121 26.94 3.69 -51.74
CA GLY H 121 27.87 4.50 -52.50
C GLY H 121 28.83 3.83 -53.47
N TYR H 122 28.67 2.54 -53.72
CA TYR H 122 29.45 1.88 -54.77
C TYR H 122 28.88 2.27 -56.13
N GLY H 123 28.65 3.56 -56.31
CA GLY H 123 28.06 4.07 -57.53
C GLY H 123 28.31 5.56 -57.68
N GLU H 124 27.99 6.10 -58.85
CA GLU H 124 28.30 7.50 -59.14
C GLU H 124 27.38 8.45 -58.39
N TYR H 125 26.16 8.00 -58.10
CA TYR H 125 25.19 8.82 -57.40
C TYR H 125 24.47 8.00 -56.33
N VAL H 126 24.05 8.68 -55.26
CA VAL H 126 23.28 8.05 -54.20
C VAL H 126 22.29 9.06 -53.63
N VAL H 127 21.05 8.61 -53.39
CA VAL H 127 20.04 9.42 -52.75
C VAL H 127 20.13 9.25 -51.24
N ALA H 128 19.96 10.33 -50.49
CA ALA H 128 20.17 10.31 -49.04
C ALA H 128 19.14 11.11 -48.28
N ASP H 129 18.92 10.74 -47.01
CA ASP H 129 18.14 11.53 -46.08
C ASP H 129 19.04 12.63 -45.54
N PRO H 130 18.76 13.89 -45.89
CA PRO H 130 19.64 14.99 -45.52
C PRO H 130 19.76 15.17 -44.02
N ASN H 131 18.76 14.69 -43.28
CA ASN H 131 18.76 14.81 -41.83
C ASN H 131 19.80 13.92 -41.15
N TYR H 132 20.37 12.99 -41.91
CA TYR H 132 21.26 11.99 -41.31
C TYR H 132 22.64 11.91 -41.95
N VAL H 133 22.86 12.67 -43.02
CA VAL H 133 24.15 12.64 -43.69
C VAL H 133 25.22 13.30 -42.81
N GLY H 134 26.47 13.05 -43.14
CA GLY H 134 27.57 13.69 -42.46
C GLY H 134 27.92 15.01 -43.13
N LEU H 135 28.10 16.05 -42.33
CA LEU H 135 28.53 17.33 -42.85
C LEU H 135 30.05 17.35 -42.81
N LEU H 136 30.67 17.28 -43.98
CA LEU H 136 32.11 17.13 -44.08
C LEU H 136 32.84 18.44 -43.83
N PRO H 137 34.03 18.38 -43.21
CA PRO H 137 34.84 19.57 -43.01
C PRO H 137 35.57 19.96 -44.29
N ASP H 138 35.65 21.26 -44.56
CA ASP H 138 36.35 21.76 -45.74
C ASP H 138 37.80 21.32 -45.75
N LYS H 139 38.44 21.45 -44.59
CA LYS H 139 39.86 21.19 -44.42
C LYS H 139 40.35 19.88 -45.04
N VAL H 140 39.46 18.90 -45.15
CA VAL H 140 39.88 17.54 -45.51
C VAL H 140 39.33 17.04 -46.84
N GLY H 141 40.16 16.30 -47.58
CA GLY H 141 39.78 15.78 -48.89
C GLY H 141 38.86 14.56 -48.82
N PHE H 142 38.13 14.32 -49.90
CA PHE H 142 37.16 13.24 -49.95
C PHE H 142 37.74 11.86 -49.65
N VAL H 143 38.89 11.56 -50.25
CA VAL H 143 39.50 10.25 -50.08
C VAL H 143 39.86 10.00 -48.62
N GLU H 144 40.53 10.96 -47.99
CA GLU H 144 40.94 10.80 -46.59
C GLU H 144 39.75 10.79 -45.62
N ILE H 145 38.71 11.55 -45.93
CA ILE H 145 37.59 11.69 -45.01
C ILE H 145 36.63 10.51 -45.06
N ALA H 146 36.54 9.86 -46.23
CA ALA H 146 35.58 8.77 -46.43
C ALA H 146 35.52 7.76 -45.28
N PRO H 147 36.68 7.27 -44.82
CA PRO H 147 36.68 6.26 -43.75
C PRO H 147 36.05 6.74 -42.44
N ILE H 148 36.03 8.05 -42.21
CA ILE H 148 35.46 8.58 -40.97
C ILE H 148 33.94 8.37 -40.91
N LEU H 149 33.32 8.14 -42.07
CA LEU H 149 31.87 7.97 -42.16
C LEU H 149 31.41 6.65 -41.56
N CYS H 150 32.34 5.71 -41.39
CA CYS H 150 32.01 4.49 -40.67
C CYS H 150 33.14 4.07 -39.73
N ALA H 151 34.32 3.85 -40.28
CA ALA H 151 35.48 3.45 -39.48
C ALA H 151 35.72 4.44 -38.34
N GLY H 152 35.79 5.73 -38.67
CA GLY H 152 36.05 6.74 -37.67
C GLY H 152 34.96 6.87 -36.62
N VAL H 153 33.72 7.07 -37.06
CA VAL H 153 32.61 7.24 -36.13
C VAL H 153 32.39 6.03 -35.24
N THR H 154 32.49 4.83 -35.83
CA THR H 154 32.28 3.60 -35.09
C THR H 154 33.23 3.45 -33.91
N VAL H 155 34.53 3.54 -34.20
CA VAL H 155 35.55 3.31 -33.17
C VAL H 155 35.61 4.46 -32.18
N TYR H 156 35.17 5.64 -32.59
CA TYR H 156 35.10 6.77 -31.69
C TYR H 156 34.01 6.57 -30.65
N LYS H 157 32.82 6.15 -31.12
CA LYS H 157 31.73 5.79 -30.22
C LYS H 157 32.14 4.62 -29.33
N GLY H 158 32.69 3.57 -29.94
CA GLY H 158 33.15 2.41 -29.20
C GLY H 158 34.11 2.79 -28.09
N LEU H 159 35.07 3.63 -28.41
CA LEU H 159 36.04 4.12 -27.43
C LEU H 159 35.35 4.91 -26.32
N LYS H 160 34.26 5.58 -26.67
CA LYS H 160 33.51 6.33 -25.68
C LYS H 160 32.80 5.39 -24.70
N VAL H 161 32.28 4.28 -25.22
CA VAL H 161 31.53 3.35 -24.38
C VAL H 161 32.40 2.31 -23.68
N THR H 162 33.72 2.43 -23.81
CA THR H 162 34.63 1.62 -23.00
C THR H 162 34.74 2.25 -21.61
N ASP H 163 34.27 3.49 -21.50
CA ASP H 163 34.25 4.23 -20.24
C ASP H 163 35.64 4.40 -19.64
N THR H 164 36.64 4.52 -20.49
CA THR H 164 38.00 4.78 -20.05
C THR H 164 38.21 6.30 -19.95
N ARG H 165 39.24 6.70 -19.21
CA ARG H 165 39.50 8.13 -19.00
C ARG H 165 40.96 8.45 -19.28
N PRO H 166 41.26 9.71 -19.61
CA PRO H 166 42.65 10.08 -19.92
C PRO H 166 43.65 9.48 -18.93
N GLY H 167 44.69 8.86 -19.46
CA GLY H 167 45.72 8.27 -18.62
C GLY H 167 45.54 6.77 -18.44
N GLN H 168 44.36 6.27 -18.78
CA GLN H 168 44.08 4.84 -18.60
C GLN H 168 44.49 4.05 -19.84
N TRP H 169 44.69 2.74 -19.66
CA TRP H 169 45.07 1.88 -20.76
C TRP H 169 43.86 1.42 -21.55
N VAL H 170 44.02 1.35 -22.88
CA VAL H 170 43.00 0.79 -23.75
C VAL H 170 43.66 -0.11 -24.78
N VAL H 171 43.05 -1.25 -25.04
CA VAL H 171 43.54 -2.17 -26.05
C VAL H 171 42.67 -2.08 -27.29
N ILE H 172 43.31 -1.91 -28.45
CA ILE H 172 42.61 -2.08 -29.72
C ILE H 172 42.96 -3.45 -30.26
N SER H 173 41.96 -4.29 -30.46
CA SER H 173 42.16 -5.61 -31.04
C SER H 173 41.71 -5.59 -32.49
N GLY H 174 42.66 -5.86 -33.40
CA GLY H 174 42.40 -5.75 -34.82
C GLY H 174 42.74 -4.37 -35.34
N ILE H 175 43.89 -4.26 -36.00
CA ILE H 175 44.34 -2.98 -36.52
C ILE H 175 44.10 -2.87 -38.02
N GLY H 176 42.84 -2.96 -38.41
CA GLY H 176 42.45 -2.84 -39.81
C GLY H 176 41.83 -1.48 -40.10
N GLY H 177 40.83 -1.47 -40.96
CA GLY H 177 40.15 -0.23 -41.32
C GLY H 177 39.68 0.52 -40.10
N LEU H 178 39.03 -0.19 -39.17
CA LEU H 178 38.55 0.44 -37.95
C LEU H 178 39.68 0.66 -36.95
N GLY H 179 40.46 -0.37 -36.71
CA GLY H 179 41.47 -0.34 -35.65
C GLY H 179 42.54 0.72 -35.80
N HIS H 180 42.99 0.99 -37.03
CA HIS H 180 44.11 1.91 -37.21
C HIS H 180 43.71 3.37 -36.97
N VAL H 181 42.45 3.70 -37.19
CA VAL H 181 41.96 5.02 -36.77
C VAL H 181 41.58 5.01 -35.29
N ALA H 182 41.19 3.84 -34.79
CA ALA H 182 40.86 3.67 -33.38
C ALA H 182 42.05 4.02 -32.50
N VAL H 183 43.24 3.59 -32.93
CA VAL H 183 44.48 3.91 -32.23
C VAL H 183 44.63 5.42 -32.07
N GLN H 184 44.26 6.16 -33.13
CA GLN H 184 44.47 7.60 -33.17
C GLN H 184 43.43 8.37 -32.37
N TYR H 185 42.19 7.90 -32.37
CA TYR H 185 41.14 8.51 -31.56
C TYR H 185 41.48 8.29 -30.09
N ALA H 186 42.00 7.11 -29.78
CA ALA H 186 42.43 6.78 -28.44
C ALA H 186 43.50 7.75 -27.93
N ARG H 187 44.52 7.97 -28.76
CA ARG H 187 45.58 8.92 -28.40
C ARG H 187 44.99 10.30 -28.20
N ALA H 188 44.08 10.69 -29.10
CA ALA H 188 43.44 12.00 -29.03
C ALA H 188 42.55 12.13 -27.80
N MET H 189 42.10 10.98 -27.28
CA MET H 189 41.27 10.98 -26.09
C MET H 189 42.11 10.77 -24.83
N GLY H 190 43.43 10.91 -25.00
CA GLY H 190 44.35 10.87 -23.87
C GLY H 190 44.64 9.49 -23.32
N LEU H 191 44.25 8.47 -24.07
CA LEU H 191 44.44 7.09 -23.62
C LEU H 191 45.81 6.55 -23.98
N ARG H 192 46.32 5.63 -23.18
CA ARG H 192 47.51 4.87 -23.52
C ARG H 192 47.07 3.63 -24.30
N VAL H 193 47.72 3.36 -25.41
CA VAL H 193 47.22 2.36 -26.35
C VAL H 193 48.09 1.11 -26.48
N ALA H 194 47.44 -0.04 -26.38
CA ALA H 194 48.07 -1.33 -26.66
C ALA H 194 47.41 -1.90 -27.92
N ALA H 195 48.21 -2.50 -28.79
CA ALA H 195 47.68 -3.03 -30.03
C ALA H 195 47.77 -4.56 -30.09
N VAL H 196 46.70 -5.18 -30.58
CA VAL H 196 46.69 -6.62 -30.80
C VAL H 196 46.21 -6.94 -32.20
N ASP H 197 46.90 -7.85 -32.87
CA ASP H 197 46.48 -8.34 -34.17
C ASP H 197 47.22 -9.65 -34.45
N ILE H 198 47.08 -10.18 -35.66
CA ILE H 198 47.69 -11.46 -36.02
C ILE H 198 48.70 -11.28 -37.14
N ASP H 199 49.06 -10.04 -37.41
CA ASP H 199 49.96 -9.71 -38.51
C ASP H 199 50.87 -8.56 -38.07
N ASP H 200 52.17 -8.82 -38.06
CA ASP H 200 53.14 -7.83 -37.57
C ASP H 200 53.05 -6.52 -38.37
N ALA H 201 52.82 -6.63 -39.67
CA ALA H 201 52.68 -5.45 -40.52
C ALA H 201 51.65 -4.49 -39.93
N LYS H 202 50.55 -5.05 -39.46
CA LYS H 202 49.46 -4.26 -38.90
C LYS H 202 49.83 -3.71 -37.52
N LEU H 203 50.63 -4.47 -36.78
CA LEU H 203 51.11 -4.00 -35.49
C LEU H 203 52.13 -2.88 -35.68
N ASN H 204 52.97 -3.02 -36.70
CA ASN H 204 53.92 -1.97 -37.05
C ASN H 204 53.18 -0.69 -37.42
N LEU H 205 52.08 -0.84 -38.15
CA LEU H 205 51.22 0.30 -38.49
C LEU H 205 50.69 0.97 -37.23
N ALA H 206 50.14 0.18 -36.32
CA ALA H 206 49.63 0.69 -35.06
C ALA H 206 50.72 1.40 -34.26
N ARG H 207 51.92 0.83 -34.27
CA ARG H 207 53.05 1.43 -33.56
C ARG H 207 53.33 2.84 -34.09
N ARG H 208 53.30 2.99 -35.41
CA ARG H 208 53.51 4.28 -36.03
C ARG H 208 52.40 5.25 -35.66
N LEU H 209 51.20 4.71 -35.47
CA LEU H 209 50.02 5.54 -35.24
C LEU H 209 49.83 5.92 -33.77
N GLY H 210 50.71 5.44 -32.91
CA GLY H 210 50.73 5.90 -31.52
C GLY H 210 50.56 4.85 -30.44
N ALA H 211 50.57 3.58 -30.82
CA ALA H 211 50.47 2.50 -29.84
C ALA H 211 51.75 2.41 -29.00
N GLU H 212 51.60 2.31 -27.69
CA GLU H 212 52.75 2.24 -26.78
C GLU H 212 53.32 0.83 -26.72
N VAL H 213 52.44 -0.17 -26.72
CA VAL H 213 52.87 -1.57 -26.85
C VAL H 213 51.98 -2.31 -27.85
N ALA H 214 52.44 -3.48 -28.28
CA ALA H 214 51.73 -4.26 -29.29
C ALA H 214 52.11 -5.73 -29.20
N VAL H 215 51.17 -6.61 -29.53
CA VAL H 215 51.45 -8.04 -29.53
C VAL H 215 50.75 -8.78 -30.66
N ASN H 216 51.45 -9.75 -31.23
CA ASN H 216 50.90 -10.62 -32.27
C ASN H 216 50.30 -11.86 -31.63
N ALA H 217 48.98 -11.99 -31.72
CA ALA H 217 48.26 -13.06 -31.04
C ALA H 217 48.61 -14.45 -31.55
N ARG H 218 49.23 -14.52 -32.72
CA ARG H 218 49.64 -15.80 -33.29
C ARG H 218 50.99 -16.27 -32.73
N ASP H 219 51.72 -15.35 -32.10
CA ASP H 219 53.05 -15.67 -31.57
C ASP H 219 53.03 -15.95 -30.07
N THR H 220 52.03 -15.39 -29.38
CA THR H 220 51.92 -15.56 -27.94
C THR H 220 50.48 -15.36 -27.51
N ASP H 221 50.19 -15.71 -26.26
CA ASP H 221 48.87 -15.44 -25.69
C ASP H 221 48.76 -13.94 -25.42
N PRO H 222 47.87 -13.26 -26.15
CA PRO H 222 47.72 -11.80 -26.02
C PRO H 222 47.22 -11.40 -24.63
N ALA H 223 46.27 -12.14 -24.09
CA ALA H 223 45.70 -11.83 -22.79
C ALA H 223 46.75 -11.92 -21.68
N ALA H 224 47.50 -13.02 -21.68
CA ALA H 224 48.56 -13.21 -20.70
C ALA H 224 49.65 -12.15 -20.85
N TRP H 225 50.09 -11.93 -22.08
CA TRP H 225 51.15 -10.96 -22.36
C TRP H 225 50.76 -9.57 -21.85
N LEU H 226 49.54 -9.15 -22.14
CA LEU H 226 49.07 -7.85 -21.73
C LEU H 226 48.93 -7.73 -20.21
N GLN H 227 48.52 -8.81 -19.56
CA GLN H 227 48.45 -8.81 -18.10
C GLN H 227 49.82 -8.50 -17.49
N LYS H 228 50.85 -9.19 -17.97
CA LYS H 228 52.21 -8.94 -17.50
C LYS H 228 52.70 -7.54 -17.87
N GLU H 229 52.51 -7.18 -19.14
CA GLU H 229 53.11 -5.95 -19.68
C GLU H 229 52.53 -4.67 -19.08
N ILE H 230 51.21 -4.60 -18.97
CA ILE H 230 50.55 -3.37 -18.54
C ILE H 230 49.62 -3.59 -17.35
N GLY H 231 49.58 -4.82 -16.84
CA GLY H 231 48.75 -5.16 -15.70
C GLY H 231 47.28 -5.25 -16.03
N GLY H 232 46.97 -5.65 -17.27
CA GLY H 232 45.60 -5.69 -17.73
C GLY H 232 45.11 -4.29 -18.05
N ALA H 233 44.35 -4.16 -19.13
CA ALA H 233 43.88 -2.83 -19.55
C ALA H 233 42.57 -2.45 -18.89
N HIS H 234 42.30 -1.14 -18.84
CA HIS H 234 41.05 -0.64 -18.30
C HIS H 234 39.92 -0.84 -19.30
N GLY H 235 40.26 -0.86 -20.58
CA GLY H 235 39.27 -1.02 -21.62
C GLY H 235 39.83 -1.69 -22.86
N VAL H 236 38.95 -2.33 -23.63
CA VAL H 236 39.34 -2.95 -24.89
C VAL H 236 38.27 -2.67 -25.95
N LEU H 237 38.71 -2.34 -27.16
CA LEU H 237 37.81 -2.23 -28.30
C LEU H 237 38.15 -3.35 -29.27
N VAL H 238 37.15 -4.19 -29.57
CA VAL H 238 37.35 -5.31 -30.46
C VAL H 238 36.83 -4.98 -31.85
N THR H 239 37.74 -4.82 -32.80
CA THR H 239 37.35 -4.56 -34.18
C THR H 239 37.66 -5.76 -35.06
N ALA H 240 38.26 -6.78 -34.46
CA ALA H 240 38.68 -7.97 -35.20
C ALA H 240 37.51 -8.70 -35.87
N VAL H 241 37.78 -9.31 -37.02
CA VAL H 241 36.78 -10.09 -37.73
C VAL H 241 36.90 -11.57 -37.41
N SER H 242 37.48 -11.87 -36.24
CA SER H 242 37.61 -13.24 -35.77
C SER H 242 36.95 -13.41 -34.41
N PRO H 243 35.98 -14.33 -34.30
CA PRO H 243 35.30 -14.55 -33.02
C PRO H 243 36.24 -14.92 -31.87
N LYS H 244 37.36 -15.57 -32.16
CA LYS H 244 38.30 -15.94 -31.10
C LYS H 244 38.89 -14.71 -30.43
N ALA H 245 39.06 -13.63 -31.20
CA ALA H 245 39.60 -12.39 -30.65
C ALA H 245 38.64 -11.81 -29.61
N PHE H 246 37.34 -12.00 -29.84
CA PHE H 246 36.34 -11.57 -28.87
C PHE H 246 36.58 -12.28 -27.54
N SER H 247 36.78 -13.59 -27.60
CA SER H 247 37.07 -14.37 -26.40
C SER H 247 38.29 -13.83 -25.67
N GLN H 248 39.39 -13.68 -26.40
CA GLN H 248 40.67 -13.30 -25.81
C GLN H 248 40.66 -11.92 -25.16
N ALA H 249 39.84 -11.01 -25.69
CA ALA H 249 39.75 -9.67 -25.16
C ALA H 249 39.30 -9.65 -23.71
N ILE H 250 38.38 -10.56 -23.36
CA ILE H 250 37.86 -10.62 -22.00
C ILE H 250 38.98 -10.94 -21.00
N GLY H 251 40.07 -11.51 -21.49
CA GLY H 251 41.19 -11.83 -20.63
C GLY H 251 42.23 -10.73 -20.58
N MET H 252 41.99 -9.66 -21.34
CA MET H 252 42.96 -8.57 -21.45
C MET H 252 42.73 -7.46 -20.43
N VAL H 253 41.52 -7.37 -19.90
CA VAL H 253 41.17 -6.30 -18.99
C VAL H 253 41.57 -6.63 -17.56
N ARG H 254 41.83 -5.60 -16.76
CA ARG H 254 42.00 -5.79 -15.33
C ARG H 254 40.61 -5.81 -14.73
N ARG H 255 40.52 -6.22 -13.46
CA ARG H 255 39.23 -6.28 -12.79
C ARG H 255 38.46 -4.97 -12.94
N GLY H 256 37.16 -5.07 -13.21
CA GLY H 256 36.32 -3.90 -13.38
C GLY H 256 36.44 -3.24 -14.75
N GLY H 257 37.17 -3.88 -15.65
CA GLY H 257 37.38 -3.32 -16.99
C GLY H 257 36.19 -3.51 -17.91
N THR H 258 36.24 -2.85 -19.07
CA THR H 258 35.16 -2.95 -20.05
C THR H 258 35.70 -3.37 -21.42
N ILE H 259 35.02 -4.33 -22.04
CA ILE H 259 35.30 -4.69 -23.43
C ILE H 259 34.16 -4.20 -24.33
N ALA H 260 34.49 -3.33 -25.27
CA ALA H 260 33.51 -2.86 -26.25
C ALA H 260 33.73 -3.60 -27.56
N LEU H 261 32.64 -3.87 -28.29
CA LEU H 261 32.71 -4.73 -29.45
C LEU H 261 32.16 -4.04 -30.69
N ASN H 262 33.00 -3.86 -31.70
CA ASN H 262 32.59 -3.27 -32.97
C ASN H 262 32.48 -4.30 -34.08
N GLY H 263 33.30 -5.34 -34.01
CA GLY H 263 33.38 -6.36 -35.04
C GLY H 263 32.09 -7.16 -35.19
N LEU H 264 31.85 -7.65 -36.40
CA LEU H 264 30.61 -8.36 -36.71
C LEU H 264 30.79 -9.64 -37.52
N PRO H 265 31.71 -10.52 -37.10
CA PRO H 265 31.78 -11.82 -37.77
C PRO H 265 30.62 -12.69 -37.28
N PRO H 266 30.16 -13.62 -38.13
CA PRO H 266 29.04 -14.49 -37.74
C PRO H 266 29.40 -15.38 -36.56
N GLY H 267 28.38 -15.87 -35.85
CA GLY H 267 28.59 -16.88 -34.83
C GLY H 267 28.72 -16.36 -33.41
N ASP H 268 29.01 -17.26 -32.49
CA ASP H 268 29.16 -16.95 -31.08
C ASP H 268 30.63 -16.73 -30.71
N PHE H 269 30.85 -16.28 -29.48
CA PHE H 269 32.16 -16.28 -28.89
C PHE H 269 32.02 -16.74 -27.44
N GLY H 270 33.11 -17.21 -26.85
CA GLY H 270 33.06 -17.76 -25.50
C GLY H 270 33.11 -16.71 -24.41
N THR H 271 32.03 -16.60 -23.64
CA THR H 271 32.02 -15.71 -22.48
C THR H 271 32.24 -16.54 -21.21
N PRO H 272 33.40 -16.35 -20.57
CA PRO H 272 33.75 -17.03 -19.32
C PRO H 272 32.99 -16.46 -18.14
N ILE H 273 31.73 -16.84 -18.01
CA ILE H 273 30.83 -16.26 -17.01
C ILE H 273 31.47 -16.09 -15.63
N PHE H 274 32.15 -17.14 -15.17
CA PHE H 274 32.73 -17.14 -13.82
C PHE H 274 33.68 -15.97 -13.58
N ASP H 275 34.62 -15.75 -14.49
CA ASP H 275 35.56 -14.65 -14.35
C ASP H 275 34.87 -13.30 -14.55
N VAL H 276 33.96 -13.24 -15.52
CA VAL H 276 33.24 -12.00 -15.78
C VAL H 276 32.50 -11.53 -14.53
N VAL H 277 31.92 -12.47 -13.80
CA VAL H 277 31.18 -12.14 -12.58
C VAL H 277 32.12 -11.83 -11.41
N LEU H 278 33.09 -12.71 -11.17
CA LEU H 278 34.04 -12.49 -10.08
C LEU H 278 34.86 -11.22 -10.25
N LYS H 279 35.27 -10.92 -11.48
CA LYS H 279 36.13 -9.77 -11.75
C LYS H 279 35.33 -8.52 -12.13
N GLY H 280 34.01 -8.63 -12.12
CA GLY H 280 33.13 -7.50 -12.39
C GLY H 280 33.34 -6.89 -13.76
N ILE H 281 33.50 -7.73 -14.77
CA ILE H 281 33.81 -7.29 -16.11
C ILE H 281 32.55 -6.89 -16.88
N THR H 282 32.66 -5.83 -17.67
CA THR H 282 31.58 -5.39 -18.54
C THR H 282 31.89 -5.69 -20.00
N ILE H 283 30.92 -6.25 -20.70
CA ILE H 283 31.04 -6.52 -22.14
C ILE H 283 29.92 -5.77 -22.83
N ARG H 284 30.27 -5.03 -23.88
CA ARG H 284 29.32 -4.08 -24.43
C ARG H 284 29.36 -3.93 -25.96
N GLY H 285 28.24 -4.22 -26.60
CA GLY H 285 28.12 -4.03 -28.04
C GLY H 285 28.04 -2.54 -28.37
N SER H 286 28.75 -2.14 -29.42
CA SER H 286 28.72 -0.75 -29.87
C SER H 286 28.51 -0.68 -31.38
N ILE H 287 27.43 -0.03 -31.77
CA ILE H 287 27.01 0.00 -33.17
C ILE H 287 27.14 1.39 -33.80
N VAL H 288 28.04 1.51 -34.77
CA VAL H 288 28.36 2.78 -35.41
C VAL H 288 28.27 3.98 -34.46
N GLY H 289 27.59 5.03 -34.87
CA GLY H 289 27.44 6.20 -34.03
C GLY H 289 26.28 7.10 -34.43
N THR H 290 25.81 7.89 -33.48
CA THR H 290 24.74 8.85 -33.74
C THR H 290 25.26 9.99 -34.59
N ARG H 291 24.35 10.85 -35.04
CA ARG H 291 24.75 12.01 -35.81
C ARG H 291 25.69 12.90 -35.00
N SER H 292 25.45 13.01 -33.70
CA SER H 292 26.35 13.73 -32.81
C SER H 292 27.75 13.10 -32.84
N ASP H 293 27.79 11.79 -32.63
CA ASP H 293 29.06 11.06 -32.66
C ASP H 293 29.81 11.33 -33.95
N LEU H 294 29.07 11.28 -35.06
CA LEU H 294 29.65 11.44 -36.38
C LEU H 294 30.27 12.83 -36.58
N GLN H 295 29.56 13.86 -36.14
CA GLN H 295 30.08 15.22 -36.25
C GLN H 295 31.35 15.35 -35.42
N GLU H 296 31.33 14.81 -34.21
CA GLU H 296 32.51 14.85 -33.35
C GLU H 296 33.67 14.07 -33.97
N SER H 297 33.38 12.92 -34.57
CA SER H 297 34.43 12.10 -35.17
C SER H 297 35.08 12.82 -36.34
N LEU H 298 34.27 13.53 -37.13
CA LEU H 298 34.77 14.33 -38.24
C LEU H 298 35.60 15.52 -37.76
N ASP H 299 35.24 16.07 -36.61
CA ASP H 299 35.96 17.21 -36.06
C ASP H 299 37.41 16.84 -35.72
N PHE H 300 37.61 15.62 -35.22
CA PHE H 300 38.94 15.12 -34.92
C PHE H 300 39.80 15.02 -36.18
N ALA H 301 39.18 14.62 -37.29
CA ALA H 301 39.88 14.52 -38.56
C ALA H 301 40.23 15.92 -39.06
N ALA H 302 39.30 16.84 -38.91
CA ALA H 302 39.49 18.22 -39.35
C ALA H 302 40.63 18.89 -38.58
N HIS H 303 40.82 18.48 -37.33
CA HIS H 303 41.84 19.06 -36.47
C HIS H 303 43.21 18.45 -36.72
N GLY H 304 43.24 17.29 -37.37
CA GLY H 304 44.49 16.64 -37.72
C GLY H 304 44.95 15.60 -36.72
N ASP H 305 44.10 15.31 -35.75
CA ASP H 305 44.40 14.30 -34.73
C ASP H 305 44.22 12.90 -35.32
N VAL H 306 43.40 12.82 -36.36
CA VAL H 306 43.07 11.54 -36.97
C VAL H 306 43.22 11.59 -38.48
N LYS H 307 44.00 10.66 -39.01
CA LYS H 307 44.18 10.55 -40.45
C LYS H 307 44.14 9.09 -40.87
N ALA H 308 43.14 8.74 -41.67
CA ALA H 308 43.03 7.40 -42.18
C ALA H 308 44.23 7.09 -43.07
N THR H 309 44.71 5.85 -43.00
CA THR H 309 45.69 5.38 -43.96
C THR H 309 44.91 4.78 -45.11
N VAL H 310 45.04 5.38 -46.29
CA VAL H 310 44.19 5.02 -47.42
C VAL H 310 44.98 4.66 -48.69
N SER H 311 44.42 3.74 -49.45
CA SER H 311 44.87 3.47 -50.81
C SER H 311 43.64 3.51 -51.69
N THR H 312 43.79 4.01 -52.92
CA THR H 312 42.65 4.15 -53.82
C THR H 312 42.54 2.98 -54.80
N ALA H 313 41.34 2.82 -55.35
CA ALA H 313 41.07 1.80 -56.34
C ALA H 313 39.90 2.27 -57.21
N LYS H 314 39.82 1.75 -58.42
CA LYS H 314 38.71 2.12 -59.30
C LYS H 314 37.50 1.26 -59.01
N LEU H 315 36.32 1.77 -59.35
CA LEU H 315 35.08 1.04 -59.17
C LEU H 315 35.20 -0.35 -59.78
N ASP H 316 35.86 -0.41 -60.94
CA ASP H 316 35.94 -1.63 -61.73
C ASP H 316 36.73 -2.75 -61.05
N ASP H 317 37.52 -2.39 -60.03
CA ASP H 317 38.37 -3.37 -59.36
C ASP H 317 37.83 -3.76 -57.98
N VAL H 318 36.58 -3.40 -57.71
CA VAL H 318 35.99 -3.69 -56.41
C VAL H 318 36.17 -5.16 -56.03
N ASN H 319 36.11 -6.04 -57.02
CA ASN H 319 36.22 -7.47 -56.76
C ASN H 319 37.61 -7.91 -56.30
N ASP H 320 38.65 -7.25 -56.80
CA ASP H 320 40.01 -7.51 -56.33
C ASP H 320 40.19 -6.92 -54.94
N VAL H 321 39.51 -5.81 -54.69
CA VAL H 321 39.56 -5.17 -53.38
C VAL H 321 38.95 -6.07 -52.32
N PHE H 322 37.81 -6.67 -52.64
CA PHE H 322 37.14 -7.58 -51.72
C PHE H 322 38.04 -8.78 -51.40
N GLY H 323 38.66 -9.33 -52.43
CA GLY H 323 39.55 -10.47 -52.25
C GLY H 323 40.71 -10.18 -51.32
N ARG H 324 41.33 -9.02 -51.50
CA ARG H 324 42.47 -8.63 -50.68
C ARG H 324 42.06 -8.33 -49.24
N LEU H 325 40.94 -7.65 -49.07
CA LEU H 325 40.40 -7.37 -47.73
C LEU H 325 40.12 -8.69 -47.02
N ARG H 326 39.52 -9.61 -47.74
CA ARG H 326 39.17 -10.93 -47.21
C ARG H 326 40.42 -11.69 -46.77
N GLU H 327 41.53 -11.44 -47.46
CA GLU H 327 42.77 -12.17 -47.20
C GLU H 327 43.70 -11.47 -46.23
N GLY H 328 43.32 -10.27 -45.81
CA GLY H 328 44.10 -9.51 -44.84
C GLY H 328 45.27 -8.76 -45.44
N LYS H 329 45.23 -8.54 -46.74
CA LYS H 329 46.33 -7.89 -47.45
C LYS H 329 46.12 -6.38 -47.56
N VAL H 330 45.07 -5.88 -46.91
CA VAL H 330 44.78 -4.45 -46.92
C VAL H 330 45.45 -3.73 -45.74
N GLU H 331 46.18 -2.66 -46.04
CA GLU H 331 46.70 -1.82 -44.98
C GLU H 331 45.80 -0.60 -44.81
N GLY H 332 45.27 -0.43 -43.60
CA GLY H 332 44.33 0.65 -43.33
C GLY H 332 43.03 0.42 -44.09
N ARG H 333 42.68 1.39 -44.94
CA ARG H 333 41.40 1.35 -45.66
C ARG H 333 41.61 1.45 -47.16
N VAL H 334 40.78 0.72 -47.90
CA VAL H 334 40.70 0.94 -49.35
C VAL H 334 39.53 1.87 -49.65
N VAL H 335 39.77 2.88 -50.48
CA VAL H 335 38.75 3.86 -50.81
C VAL H 335 38.56 3.95 -52.31
N LEU H 336 37.33 3.71 -52.77
CA LEU H 336 37.01 3.84 -54.19
C LEU H 336 37.07 5.30 -54.59
N ASP H 337 37.86 5.60 -55.62
CA ASP H 337 38.00 6.96 -56.11
C ASP H 337 37.13 7.15 -57.34
N PHE H 338 36.34 8.22 -57.35
CA PHE H 338 35.45 8.47 -58.47
C PHE H 338 35.87 9.68 -59.30
N SER H 339 37.13 9.68 -59.74
CA SER H 339 37.61 10.68 -60.68
C SER H 339 37.42 12.08 -60.10
N ARG H 340 37.61 13.14 -60.89
CA ARG H 340 37.97 13.07 -62.29
C ARG H 340 39.39 12.54 -62.51
#